data_2EX3
#
_entry.id   2EX3
#
_cell.length_a   304.933
_cell.length_b   220.281
_cell.length_c   217.165
_cell.angle_alpha   90.00
_cell.angle_beta   45.40
_cell.angle_gamma   90.00
#
_symmetry.space_group_name_H-M   'C 1 2 1'
#
loop_
_entity.id
_entity.type
_entity.pdbx_description
1 polymer 'DNA polymerase'
2 polymer 'DNA terminal protein'
3 non-polymer 'LEAD (II) ION'
#
loop_
_entity_poly.entity_id
_entity_poly.type
_entity_poly.pdbx_seq_one_letter_code
_entity_poly.pdbx_strand_id
1 'polypeptide(L)'
;MKHMPRKMYSCAFETTTKVEDCRVWAYGYMNIEDHSEYKIGNSLDEFMAWVLKVQADLYFHNLKFAGAFIINWLERNGFK
WSADGLPNTYNTIISRMGQWYMIDICLGYKGKRKIHTVIYDSLKKLPFPVKKIAKDFKLTVLKGDIDYHKERPVGYKITP
EEYAYIKNDIQIIAEALLIQFKQGLDRMTAGSDSLKGFKDIITTKKFKKVFPTLSLGLDKEVRYAYRGGFTWLNDRFKEK
EIGEGMVFDVNSLYPAQMYSRLLPYGEPIVFEGKYVWDEDYPLHIQHIRCEFELKEGYIPTIQIKRSRFYKGNEYLKSSG
GEIADLWLSNVDLELMKEHYDLYNVEYISGLKFKATTGLFKDFIDKWTYIKTTSEGAIKQLAKLMLNSLYGKFASNPDVT
GKVPYLKENGALGFRLGEEETKDPVYTPMGVFITAWARYTTITAAQACYDRIIYCDTDSIHLTGTEIPDVIKDIVDPKKL
GYWAHESTFKRAKYLRQKTYIQDIYMKEVDGKLVEGSPDDYTDIKFSVKCAGMTDKIKKEVTFENFKVGFSRKMKPKPVQ
VPGGVVLVDDTFTIK
;
A,C,E,G,I,K
2 'polypeptide(L)'
;(UNK)(UNK)(UNK)(UNK)(UNK)(UNK)(UNK)(UNK)(UNK)(UNK)(UNK)(UNK)(UNK)(UNK)(UNK)(UNK)
(UNK)(UNK)(UNK)(UNK)(UNK)(UNK)(UNK)(UNK)(UNK)(UNK)(UNK)(UNK)(UNK)(UNK)(UNK)(UNK)
(UNK)(UNK)ANMRYQFEKNAYGVVASKAKIAEIERNTKEVQRLVDEKIKAMKDKEYYAGGKPQGTIEQRIAMTSPAHVT
GINRPHDFDFSKVRSYSRLRTLEESMEMRTDPQYYEKKMIQLQLNFIKSVEGSFNSFDAADELIEELKKIPPDDFYELFL
RISEISFEEFDSEGNTVENVEGNVYKILSYLEQYRRGDFDLSLKGF
;
B,D,F,H,J,L
#
loop_
_chem_comp.id
_chem_comp.type
_chem_comp.name
_chem_comp.formula
PB non-polymer 'LEAD (II) ION' 'Pb 2'
#
# COMPACT_ATOMS: atom_id res chain seq x y z
N ARG A 6 -4.85 17.06 1.32
CA ARG A 6 -4.48 16.46 2.64
C ARG A 6 -3.55 15.28 2.49
N LYS A 7 -2.29 15.50 2.83
CA LYS A 7 -1.27 14.47 2.76
C LYS A 7 -1.31 13.60 4.02
N MET A 8 -0.81 12.38 3.92
CA MET A 8 -0.80 11.44 5.04
C MET A 8 0.60 10.91 5.28
N TYR A 9 1.01 10.84 6.54
CA TYR A 9 2.36 10.41 6.88
C TYR A 9 2.41 9.30 7.92
N SER A 10 3.35 8.38 7.73
CA SER A 10 3.68 7.36 8.71
C SER A 10 4.87 7.85 9.51
N CYS A 11 4.77 7.81 10.84
CA CYS A 11 5.75 8.42 11.75
C CYS A 11 6.25 7.53 12.88
N ALA A 12 7.45 7.82 13.37
CA ALA A 12 8.06 7.05 14.47
C ALA A 12 9.07 7.84 15.29
N PHE A 13 9.11 7.58 16.59
CA PHE A 13 10.13 8.14 17.46
C PHE A 13 11.05 7.06 17.99
N GLU A 14 12.23 7.45 18.40
CA GLU A 14 13.11 6.58 19.17
C GLU A 14 13.53 7.41 20.36
N THR A 15 13.32 6.87 21.55
CA THR A 15 13.46 7.64 22.78
C THR A 15 14.44 7.02 23.77
N THR A 16 14.78 7.78 24.81
CA THR A 16 15.71 7.31 25.84
C THR A 16 14.95 6.66 26.99
N THR A 17 15.62 5.82 27.76
CA THR A 17 14.95 4.98 28.77
C THR A 17 15.19 5.42 30.22
N LYS A 18 15.87 6.55 30.41
CA LYS A 18 16.18 7.03 31.77
C LYS A 18 15.03 7.85 32.32
N VAL A 19 14.72 7.62 33.59
CA VAL A 19 13.70 8.39 34.30
C VAL A 19 14.04 9.89 34.29
N GLU A 20 15.29 10.20 34.59
CA GLU A 20 15.78 11.58 34.73
C GLU A 20 16.02 12.27 33.38
N ASP A 21 16.38 11.49 32.37
CA ASP A 21 16.67 12.01 31.04
C ASP A 21 15.85 11.27 29.99
N CYS A 22 14.63 11.74 29.77
CA CYS A 22 13.69 11.10 28.87
C CYS A 22 13.32 12.02 27.72
N ARG A 23 13.77 11.66 26.50
CA ARG A 23 13.62 12.51 25.32
C ARG A 23 13.71 11.72 23.99
N VAL A 24 13.20 12.33 22.93
CA VAL A 24 13.32 11.80 21.58
C VAL A 24 14.75 12.01 21.09
N TRP A 25 15.42 10.92 20.67
CA TRP A 25 16.73 11.05 20.03
C TRP A 25 16.69 10.90 18.50
N ALA A 26 15.56 10.42 17.98
CA ALA A 26 15.37 10.26 16.52
C ALA A 26 13.89 10.26 16.12
N TYR A 27 13.61 10.87 14.98
CA TYR A 27 12.26 10.84 14.41
C TYR A 27 12.34 10.45 12.94
N GLY A 28 11.21 10.00 12.40
CA GLY A 28 11.08 9.73 10.98
C GLY A 28 9.65 9.91 10.54
N TYR A 29 9.46 10.53 9.38
CA TYR A 29 8.16 10.59 8.75
C TYR A 29 8.28 10.22 7.27
N MET A 30 7.28 9.53 6.75
CA MET A 30 7.27 9.13 5.34
C MET A 30 5.87 9.29 4.78
N ASN A 31 5.76 9.93 3.62
CA ASN A 31 4.49 10.06 2.92
C ASN A 31 3.90 8.69 2.58
N ILE A 32 2.66 8.45 3.01
CA ILE A 32 2.02 7.15 2.80
C ILE A 32 1.73 6.91 1.33
N GLU A 33 1.44 7.98 0.59
CA GLU A 33 1.08 7.91 -0.82
C GLU A 33 2.29 8.03 -1.73
N ASP A 34 3.42 8.46 -1.17
CA ASP A 34 4.68 8.50 -1.90
C ASP A 34 5.87 8.23 -0.98
N HIS A 35 6.31 6.98 -0.99
CA HIS A 35 7.36 6.52 -0.08
C HIS A 35 8.75 7.08 -0.37
N SER A 36 8.89 7.83 -1.47
CA SER A 36 10.18 8.46 -1.77
C SER A 36 10.32 9.77 -1.01
N GLU A 37 9.20 10.32 -0.54
CA GLU A 37 9.21 11.52 0.29
C GLU A 37 9.23 11.11 1.75
N TYR A 38 10.40 11.25 2.37
CA TYR A 38 10.58 10.87 3.77
C TYR A 38 11.73 11.68 4.38
N LYS A 39 11.76 11.75 5.71
CA LYS A 39 12.82 12.45 6.42
C LYS A 39 13.11 11.75 7.74
N ILE A 40 14.39 11.68 8.07
CA ILE A 40 14.83 11.15 9.36
C ILE A 40 15.79 12.14 10.02
N GLY A 41 15.46 12.55 11.25
CA GLY A 41 16.27 13.51 11.98
C GLY A 41 16.50 13.11 13.41
N ASN A 42 17.21 13.95 14.15
CA ASN A 42 17.55 13.65 15.54
C ASN A 42 17.02 14.65 16.55
N SER A 43 16.13 15.53 16.12
CA SER A 43 15.63 16.60 16.98
C SER A 43 14.10 16.69 16.96
N LEU A 44 13.50 16.53 18.13
CA LEU A 44 12.05 16.67 18.28
C LEU A 44 11.56 18.08 17.89
N ASP A 45 12.35 19.09 18.22
CA ASP A 45 12.04 20.48 17.87
C ASP A 45 11.93 20.63 16.35
N GLU A 46 12.91 20.05 15.64
CA GLU A 46 12.92 20.06 14.18
C GLU A 46 11.64 19.40 13.61
N PHE A 47 11.26 18.26 14.19
CA PHE A 47 10.08 17.51 13.79
C PHE A 47 8.78 18.27 14.07
N MET A 48 8.70 18.86 15.26
CA MET A 48 7.51 19.57 15.69
C MET A 48 7.27 20.83 14.87
N ALA A 49 8.36 21.46 14.43
CA ALA A 49 8.27 22.62 13.55
C ALA A 49 7.62 22.20 12.23
N TRP A 50 7.97 21.00 11.77
CA TRP A 50 7.39 20.41 10.57
C TRP A 50 5.92 20.06 10.81
N VAL A 51 5.63 19.41 11.93
CA VAL A 51 4.26 19.10 12.34
C VAL A 51 3.31 20.30 12.17
N LEU A 52 3.77 21.48 12.58
CA LEU A 52 2.93 22.67 12.56
C LEU A 52 2.73 23.24 11.16
N LYS A 53 3.61 22.91 10.23
CA LYS A 53 3.54 23.44 8.86
C LYS A 53 2.76 22.57 7.87
N VAL A 54 2.89 21.24 7.99
CA VAL A 54 2.37 20.30 7.00
C VAL A 54 0.87 20.35 6.73
N GLN A 55 0.11 20.71 7.76
CA GLN A 55 -1.36 20.65 7.70
C GLN A 55 -1.79 19.30 7.10
N ALA A 56 -1.32 18.23 7.73
CA ALA A 56 -1.51 16.88 7.23
C ALA A 56 -2.06 15.96 8.32
N ASP A 57 -2.42 14.74 7.93
CA ASP A 57 -2.81 13.70 8.87
C ASP A 57 -1.60 12.81 9.07
N LEU A 58 -1.18 12.66 10.32
CA LEU A 58 0.01 11.89 10.65
C LEU A 58 -0.39 10.67 11.46
N TYR A 59 0.33 9.57 11.28
CA TYR A 59 0.05 8.33 11.98
C TYR A 59 1.26 7.83 12.73
N PHE A 60 1.06 7.44 13.98
CA PHE A 60 2.10 6.81 14.77
C PHE A 60 1.60 5.42 15.11
N HIS A 61 2.49 4.45 15.13
CA HIS A 61 2.07 3.11 15.53
C HIS A 61 2.20 2.96 17.04
N ASN A 62 1.05 2.99 17.70
CA ASN A 62 0.96 3.06 19.15
C ASN A 62 1.22 4.47 19.66
N LEU A 63 0.19 5.31 19.51
CA LEU A 63 0.25 6.72 19.85
C LEU A 63 0.43 6.94 21.35
N LYS A 64 -0.16 6.05 22.15
CA LYS A 64 -0.09 6.12 23.62
C LYS A 64 1.30 6.48 24.12
N PHE A 65 2.30 5.91 23.48
CA PHE A 65 3.70 6.15 23.84
C PHE A 65 4.19 7.45 23.19
N ALA A 66 4.18 7.51 21.86
CA ALA A 66 4.67 8.66 21.13
C ALA A 66 3.95 9.95 21.50
N GLY A 67 2.63 9.85 21.69
CA GLY A 67 1.79 11.00 22.02
C GLY A 67 2.18 11.73 23.29
N ALA A 68 2.68 10.99 24.28
CA ALA A 68 3.13 11.58 25.53
C ALA A 68 4.30 12.54 25.32
N PHE A 69 5.14 12.24 24.33
CA PHE A 69 6.28 13.10 24.00
C PHE A 69 5.85 14.38 23.29
N ILE A 70 4.82 14.26 22.45
CA ILE A 70 4.29 15.40 21.69
C ILE A 70 3.56 16.40 22.59
N ILE A 71 2.63 15.91 23.41
CA ILE A 71 1.88 16.73 24.37
C ILE A 71 2.85 17.48 25.28
N ASN A 72 3.84 16.76 25.79
CA ASN A 72 4.92 17.34 26.57
C ASN A 72 5.60 18.53 25.87
N TRP A 73 5.77 18.43 24.55
CA TRP A 73 6.34 19.51 23.77
C TRP A 73 5.34 20.66 23.61
N LEU A 74 4.11 20.32 23.22
CA LEU A 74 3.04 21.32 23.01
C LEU A 74 2.81 22.23 24.24
N GLU A 75 2.65 21.62 25.41
CA GLU A 75 2.46 22.36 26.66
C GLU A 75 3.63 23.26 27.02
N ARG A 76 4.83 22.90 26.55
CA ARG A 76 6.04 23.69 26.79
C ARG A 76 6.29 24.73 25.69
N ASN A 77 5.47 24.69 24.65
CA ASN A 77 5.62 25.63 23.54
C ASN A 77 4.35 26.41 23.23
N GLY A 78 3.65 26.80 24.30
CA GLY A 78 2.53 27.72 24.20
C GLY A 78 1.27 27.15 23.60
N PHE A 79 1.04 25.85 23.80
CA PHE A 79 -0.25 25.25 23.47
C PHE A 79 -1.01 24.84 24.72
N LYS A 80 -2.33 24.98 24.68
CA LYS A 80 -3.20 24.54 25.76
C LYS A 80 -4.23 23.56 25.23
N TRP A 81 -4.77 22.73 26.11
CA TRP A 81 -5.81 21.79 25.71
C TRP A 81 -7.15 22.48 25.64
N SER A 82 -7.82 22.36 24.50
CA SER A 82 -9.21 22.83 24.38
C SER A 82 -9.98 21.97 23.41
N ALA A 83 -11.23 21.68 23.78
CA ALA A 83 -12.13 20.88 22.95
C ALA A 83 -12.75 21.69 21.82
N ASP A 84 -12.71 23.02 21.95
CA ASP A 84 -13.37 23.92 21.00
C ASP A 84 -12.64 24.15 19.67
N GLY A 85 -11.37 23.76 19.61
CA GLY A 85 -10.55 24.01 18.43
C GLY A 85 -10.20 25.47 18.24
N LEU A 86 -9.72 26.11 19.29
CA LEU A 86 -9.30 27.50 19.28
C LEU A 86 -7.86 27.63 18.76
N PRO A 87 -7.48 28.81 18.23
CA PRO A 87 -6.09 29.02 17.79
C PRO A 87 -5.10 28.76 18.91
N ASN A 88 -3.96 28.16 18.56
CA ASN A 88 -2.93 27.79 19.53
C ASN A 88 -3.36 26.80 20.61
N THR A 89 -4.32 25.95 20.29
CA THR A 89 -4.73 24.87 21.19
C THR A 89 -4.64 23.49 20.52
N TYR A 90 -4.77 22.45 21.32
CA TYR A 90 -4.87 21.09 20.80
C TYR A 90 -6.05 20.35 21.43
N ASN A 91 -6.60 19.41 20.67
CA ASN A 91 -7.66 18.54 21.15
C ASN A 91 -7.19 17.09 21.17
N THR A 92 -7.84 16.25 21.97
CA THR A 92 -7.45 14.85 22.06
C THR A 92 -8.66 13.92 22.10
N ILE A 93 -8.46 12.66 21.71
CA ILE A 93 -9.40 11.59 22.07
C ILE A 93 -8.62 10.55 22.87
N ILE A 94 -8.85 10.54 24.18
CA ILE A 94 -8.21 9.55 25.04
C ILE A 94 -9.29 8.93 25.91
N SER A 95 -9.50 7.64 25.75
CA SER A 95 -10.63 6.97 26.40
C SER A 95 -10.41 6.74 27.89
N ARG A 96 -11.48 6.33 28.57
CA ARG A 96 -11.43 5.91 29.96
C ARG A 96 -10.36 4.85 30.20
N MET A 97 -10.16 3.99 29.20
CA MET A 97 -9.19 2.90 29.28
C MET A 97 -7.77 3.39 29.01
N GLY A 98 -7.64 4.66 28.67
CA GLY A 98 -6.33 5.24 28.41
C GLY A 98 -5.79 4.93 27.03
N GLN A 99 -6.68 4.51 26.12
CA GLN A 99 -6.31 4.32 24.72
C GLN A 99 -6.30 5.67 24.01
N TRP A 100 -5.24 5.94 23.26
CA TRP A 100 -5.12 7.20 22.51
C TRP A 100 -5.65 7.00 21.10
N TYR A 101 -6.44 7.96 20.62
CA TYR A 101 -7.01 7.86 19.28
C TYR A 101 -6.61 9.01 18.35
N MET A 102 -6.43 10.20 18.91
CA MET A 102 -6.24 11.40 18.11
C MET A 102 -5.75 12.60 18.90
N ILE A 103 -4.69 13.24 18.39
CA ILE A 103 -4.28 14.56 18.85
C ILE A 103 -4.51 15.54 17.69
N ASP A 104 -5.34 16.55 17.91
CA ASP A 104 -5.63 17.53 16.87
C ASP A 104 -5.06 18.90 17.22
N ILE A 105 -3.97 19.27 16.55
CA ILE A 105 -3.25 20.49 16.85
C ILE A 105 -3.74 21.65 15.98
N CYS A 106 -4.38 22.62 16.63
CA CYS A 106 -4.98 23.76 15.93
C CYS A 106 -4.11 25.02 15.98
N LEU A 107 -3.89 25.61 14.81
CA LEU A 107 -3.05 26.79 14.68
C LEU A 107 -3.85 28.07 14.54
N GLY A 108 -4.95 27.99 13.78
CA GLY A 108 -5.80 29.13 13.53
C GLY A 108 -6.75 28.89 12.36
N TYR A 109 -7.18 29.99 11.73
CA TYR A 109 -8.18 29.92 10.67
C TYR A 109 -7.88 30.91 9.55
N LYS A 110 -7.98 30.42 8.32
CA LYS A 110 -7.97 31.28 7.14
C LYS A 110 -9.33 31.15 6.45
N GLY A 111 -10.09 32.24 6.45
CA GLY A 111 -11.50 32.19 6.08
C GLY A 111 -12.22 31.38 7.15
N LYS A 112 -12.93 30.36 6.73
CA LYS A 112 -13.58 29.44 7.67
C LYS A 112 -12.82 28.12 7.74
N ARG A 113 -11.85 27.95 6.84
CA ARG A 113 -11.06 26.73 6.72
C ARG A 113 -10.05 26.61 7.87
N LYS A 114 -10.20 25.55 8.67
CA LYS A 114 -9.36 25.32 9.84
C LYS A 114 -7.94 24.89 9.43
N ILE A 115 -6.94 25.58 10.00
CA ILE A 115 -5.53 25.24 9.76
C ILE A 115 -5.03 24.36 10.89
N HIS A 116 -4.84 23.07 10.59
CA HIS A 116 -4.52 22.08 11.62
C HIS A 116 -3.77 20.86 11.12
N THR A 117 -3.11 20.19 12.04
CA THR A 117 -2.47 18.91 11.79
C THR A 117 -3.05 17.94 12.82
N VAL A 118 -3.47 16.77 12.36
CA VAL A 118 -4.13 15.77 13.19
C VAL A 118 -3.26 14.53 13.29
N ILE A 119 -3.07 14.03 14.50
CA ILE A 119 -2.28 12.82 14.69
C ILE A 119 -3.18 11.65 15.12
N TYR A 120 -3.05 10.53 14.40
CA TYR A 120 -3.83 9.32 14.66
C TYR A 120 -2.93 8.16 15.08
N ASP A 121 -3.56 7.16 15.69
CA ASP A 121 -2.87 5.93 16.05
C ASP A 121 -3.14 4.87 14.98
N SER A 122 -2.13 4.52 14.21
CA SER A 122 -2.28 3.52 13.16
C SER A 122 -2.57 2.11 13.71
N LEU A 123 -2.35 1.95 15.02
CA LEU A 123 -2.64 0.69 15.71
C LEU A 123 -4.13 0.39 15.82
N LYS A 124 -4.97 1.40 15.62
CA LYS A 124 -6.42 1.23 15.61
C LYS A 124 -6.90 0.82 14.22
N LYS A 125 -6.13 1.22 13.21
CA LYS A 125 -6.34 0.77 11.84
C LYS A 125 -5.81 -0.66 11.63
N LEU A 126 -4.63 -0.92 12.22
CA LEU A 126 -3.93 -2.19 12.02
C LEU A 126 -3.47 -2.75 13.37
N PRO A 127 -4.36 -3.49 14.06
CA PRO A 127 -4.14 -3.90 15.45
C PRO A 127 -3.11 -5.02 15.62
N PHE A 128 -1.87 -4.77 15.22
CA PHE A 128 -0.79 -5.74 15.32
C PHE A 128 0.53 -4.99 15.54
N PRO A 129 1.54 -5.67 16.12
CA PRO A 129 2.91 -5.14 16.17
C PRO A 129 3.49 -4.96 14.78
N VAL A 130 4.46 -4.06 14.62
CA VAL A 130 5.08 -3.78 13.32
C VAL A 130 5.66 -5.03 12.63
N LYS A 131 6.39 -5.85 13.38
CA LYS A 131 6.99 -7.06 12.81
C LYS A 131 5.92 -8.01 12.32
N LYS A 132 4.88 -8.18 13.12
CA LYS A 132 3.75 -9.05 12.81
C LYS A 132 3.06 -8.61 11.53
N ILE A 133 2.98 -7.30 11.33
CA ILE A 133 2.40 -6.72 10.12
C ILE A 133 3.30 -7.07 8.94
N ALA A 134 4.58 -6.73 9.05
CA ALA A 134 5.55 -6.99 8.01
C ALA A 134 5.49 -8.44 7.54
N LYS A 135 5.51 -9.37 8.49
CA LYS A 135 5.47 -10.79 8.18
C LYS A 135 4.21 -11.16 7.39
N ASP A 136 3.03 -10.75 7.89
CA ASP A 136 1.73 -11.14 7.31
C ASP A 136 1.40 -10.47 6.00
N PHE A 137 1.71 -9.17 5.88
CA PHE A 137 1.45 -8.40 4.67
C PHE A 137 2.50 -8.67 3.60
N LYS A 138 3.49 -9.49 3.95
CA LYS A 138 4.61 -9.82 3.07
C LYS A 138 5.37 -8.56 2.67
N LEU A 139 5.86 -7.84 3.66
CA LEU A 139 6.62 -6.60 3.43
C LEU A 139 8.04 -6.75 3.94
N THR A 140 8.98 -6.03 3.31
CA THR A 140 10.39 -6.09 3.69
C THR A 140 10.63 -5.62 5.12
N VAL A 141 11.23 -6.51 5.91
CA VAL A 141 11.51 -6.26 7.32
C VAL A 141 12.95 -6.64 7.65
N LEU A 142 13.70 -5.70 8.21
CA LEU A 142 15.09 -5.91 8.57
C LEU A 142 15.21 -6.78 9.81
N LYS A 143 16.24 -7.63 9.83
CA LYS A 143 16.48 -8.46 10.99
C LYS A 143 17.17 -7.64 12.07
N GLY A 144 16.84 -7.94 13.33
CA GLY A 144 17.48 -7.28 14.44
C GLY A 144 16.75 -6.02 14.87
N ASP A 145 17.46 -5.21 15.64
CA ASP A 145 16.87 -4.04 16.27
C ASP A 145 17.95 -3.03 16.66
N ILE A 146 17.52 -1.81 16.93
CA ILE A 146 18.37 -0.75 17.46
C ILE A 146 18.83 -1.13 18.88
N ASP A 147 20.11 -0.93 19.16
CA ASP A 147 20.68 -1.22 20.48
C ASP A 147 20.24 -0.19 21.53
N TYR A 148 19.27 -0.56 22.36
CA TYR A 148 18.74 0.38 23.37
C TYR A 148 19.63 0.58 24.60
N HIS A 149 20.61 -0.31 24.78
CA HIS A 149 21.59 -0.17 25.86
C HIS A 149 22.81 0.62 25.37
N LYS A 150 22.56 1.79 24.78
CA LYS A 150 23.63 2.61 24.22
C LYS A 150 23.41 4.07 24.56
N GLU A 151 24.46 4.72 25.07
CA GLU A 151 24.34 6.11 25.49
C GLU A 151 24.35 7.06 24.30
N ARG A 152 23.31 7.89 24.24
CA ARG A 152 23.16 8.87 23.19
C ARG A 152 22.90 10.23 23.80
N PRO A 153 23.95 11.06 23.92
CA PRO A 153 23.75 12.42 24.42
C PRO A 153 22.92 13.27 23.45
N VAL A 154 22.53 14.47 23.87
CA VAL A 154 21.80 15.39 23.00
C VAL A 154 22.67 15.72 21.78
N GLY A 155 22.07 15.67 20.59
CA GLY A 155 22.78 15.99 19.36
C GLY A 155 23.46 14.79 18.72
N TYR A 156 23.29 13.63 19.35
CA TYR A 156 23.82 12.35 18.86
C TYR A 156 23.46 12.12 17.39
N LYS A 157 24.46 11.84 16.57
CA LYS A 157 24.23 11.55 15.15
C LYS A 157 23.86 10.10 14.91
N ILE A 158 22.73 9.91 14.24
CA ILE A 158 22.19 8.59 13.91
C ILE A 158 23.13 7.84 12.96
N THR A 159 23.51 6.61 13.32
CA THR A 159 24.35 5.76 12.45
C THR A 159 23.52 5.26 11.27
N PRO A 160 24.18 4.84 10.16
CA PRO A 160 23.43 4.45 8.96
C PRO A 160 22.53 3.22 9.16
N GLU A 161 22.90 2.33 10.07
CA GLU A 161 22.10 1.13 10.37
C GLU A 161 20.85 1.51 11.16
N GLU A 162 21.00 2.37 12.18
CA GLU A 162 19.86 2.88 12.94
C GLU A 162 18.90 3.60 11.99
N TYR A 163 19.47 4.40 11.09
CA TYR A 163 18.75 5.13 10.07
C TYR A 163 17.92 4.17 9.21
N ALA A 164 18.54 3.04 8.85
CA ALA A 164 17.86 1.99 8.09
C ALA A 164 16.66 1.40 8.84
N TYR A 165 16.84 1.16 10.13
CA TYR A 165 15.82 0.56 10.96
C TYR A 165 14.62 1.48 11.11
N ILE A 166 14.90 2.75 11.39
CA ILE A 166 13.85 3.75 11.55
C ILE A 166 13.04 3.83 10.26
N LYS A 167 13.73 3.99 9.13
CA LYS A 167 13.10 4.03 7.82
C LYS A 167 12.23 2.80 7.59
N ASN A 168 12.74 1.64 7.98
CA ASN A 168 12.00 0.41 7.78
C ASN A 168 10.68 0.41 8.55
N ASP A 169 10.71 0.92 9.78
CA ASP A 169 9.52 0.94 10.62
C ASP A 169 8.43 1.78 10.02
N ILE A 170 8.78 3.00 9.65
CA ILE A 170 7.78 3.91 9.11
C ILE A 170 7.28 3.39 7.76
N GLN A 171 8.17 2.76 7.01
CA GLN A 171 7.84 2.24 5.69
C GLN A 171 6.89 1.03 5.75
N ILE A 172 7.13 0.09 6.66
CA ILE A 172 6.24 -1.07 6.79
C ILE A 172 4.79 -0.58 7.01
N ILE A 173 4.64 0.40 7.90
CA ILE A 173 3.35 0.99 8.19
C ILE A 173 2.85 1.83 7.01
N ALA A 174 3.75 2.53 6.33
CA ALA A 174 3.38 3.27 5.13
C ALA A 174 2.82 2.32 4.07
N GLU A 175 3.50 1.20 3.86
CA GLU A 175 3.09 0.23 2.85
C GLU A 175 1.77 -0.44 3.17
N ALA A 176 1.54 -0.74 4.45
CA ALA A 176 0.31 -1.41 4.86
C ALA A 176 -0.89 -0.46 4.81
N LEU A 177 -0.71 0.75 5.33
CA LEU A 177 -1.79 1.76 5.31
C LEU A 177 -2.22 2.13 3.89
N LEU A 178 -1.24 2.33 2.99
CA LEU A 178 -1.55 2.63 1.60
C LEU A 178 -2.41 1.55 0.96
N ILE A 179 -2.04 0.29 1.15
CA ILE A 179 -2.80 -0.85 0.62
C ILE A 179 -4.25 -0.81 1.13
N GLN A 180 -4.40 -0.36 2.37
CA GLN A 180 -5.71 -0.24 2.99
C GLN A 180 -6.52 0.92 2.43
N PHE A 181 -5.90 2.10 2.33
CA PHE A 181 -6.57 3.29 1.77
C PHE A 181 -7.01 3.07 0.34
N LYS A 182 -6.26 2.23 -0.38
CA LYS A 182 -6.54 1.89 -1.77
C LYS A 182 -7.73 0.95 -1.93
N GLN A 183 -8.09 0.23 -0.86
CA GLN A 183 -9.35 -0.52 -0.85
C GLN A 183 -10.49 0.43 -0.50
N GLY A 184 -10.17 1.69 -0.22
CA GLY A 184 -11.17 2.67 0.19
C GLY A 184 -11.50 2.62 1.67
N LEU A 185 -10.61 1.99 2.45
CA LEU A 185 -10.82 1.87 3.89
C LEU A 185 -10.08 3.02 4.58
N ASP A 186 -10.81 4.11 4.85
CA ASP A 186 -10.19 5.37 5.26
C ASP A 186 -10.57 5.89 6.65
N ARG A 187 -11.45 5.18 7.33
CA ARG A 187 -11.93 5.61 8.65
C ARG A 187 -10.88 5.45 9.75
N MET A 188 -11.09 6.12 10.88
CA MET A 188 -10.13 6.14 11.98
C MET A 188 -9.78 4.76 12.58
N THR A 189 -10.76 3.85 12.64
CA THR A 189 -10.55 2.52 13.22
C THR A 189 -10.94 1.39 12.27
N ALA A 190 -10.42 0.20 12.54
CA ALA A 190 -10.74 -1.00 11.79
C ALA A 190 -12.26 -1.25 11.79
N GLY A 191 -12.87 -1.11 12.96
CA GLY A 191 -14.31 -1.33 13.11
C GLY A 191 -15.16 -0.36 12.32
N SER A 192 -14.73 0.89 12.25
CA SER A 192 -15.40 1.92 11.46
C SER A 192 -15.35 1.61 9.97
N ASP A 193 -14.18 1.19 9.50
CA ASP A 193 -14.01 0.72 8.13
C ASP A 193 -14.98 -0.41 7.84
N SER A 194 -15.08 -1.32 8.80
CA SER A 194 -15.93 -2.49 8.70
C SER A 194 -17.39 -2.10 8.62
N LEU A 195 -17.81 -1.19 9.50
CA LEU A 195 -19.17 -0.68 9.50
C LEU A 195 -19.49 0.06 8.20
N LYS A 196 -18.56 0.89 7.75
CA LYS A 196 -18.72 1.68 6.52
C LYS A 196 -18.93 0.78 5.31
N GLY A 197 -18.11 -0.28 5.22
CA GLY A 197 -18.20 -1.25 4.14
C GLY A 197 -19.54 -1.96 4.12
N PHE A 198 -20.04 -2.31 5.30
CA PHE A 198 -21.35 -2.95 5.45
C PHE A 198 -22.47 -2.02 4.99
N LYS A 199 -22.40 -0.79 5.47
CA LYS A 199 -23.38 0.25 5.17
C LYS A 199 -23.47 0.50 3.67
N ASP A 200 -22.31 0.53 3.01
CA ASP A 200 -22.24 0.70 1.56
C ASP A 200 -23.09 -0.33 0.83
N ILE A 201 -22.92 -1.60 1.19
CA ILE A 201 -23.67 -2.71 0.59
C ILE A 201 -25.18 -2.61 0.85
N ILE A 202 -25.55 -2.45 2.12
CA ILE A 202 -26.97 -2.40 2.52
C ILE A 202 -27.69 -1.14 1.98
N THR A 203 -26.96 -0.03 1.87
CA THR A 203 -27.48 1.30 1.54
C THR A 203 -27.84 2.07 2.81
N THR A 204 -27.39 3.31 2.92
CA THR A 204 -27.75 4.20 4.02
C THR A 204 -29.27 4.26 4.23
N LYS A 205 -30.02 4.38 3.13
CA LYS A 205 -31.47 4.44 3.17
C LYS A 205 -32.10 3.24 3.88
N LYS A 206 -31.63 2.04 3.52
CA LYS A 206 -32.13 0.80 4.11
C LYS A 206 -31.57 0.59 5.51
N PHE A 207 -30.29 0.91 5.70
CA PHE A 207 -29.62 0.81 6.99
C PHE A 207 -30.39 1.55 8.06
N LYS A 208 -30.78 2.78 7.75
CA LYS A 208 -31.52 3.62 8.68
C LYS A 208 -32.89 3.01 9.00
N LYS A 209 -33.42 2.26 8.04
CA LYS A 209 -34.73 1.63 8.23
C LYS A 209 -34.66 0.35 9.05
N VAL A 210 -33.64 -0.49 8.81
CA VAL A 210 -33.51 -1.74 9.57
C VAL A 210 -32.89 -1.54 10.96
N PHE A 211 -32.00 -0.57 11.10
CA PHE A 211 -31.35 -0.31 12.39
C PHE A 211 -31.65 1.08 12.94
N PRO A 212 -32.93 1.35 13.31
CA PRO A 212 -33.23 2.72 13.73
C PRO A 212 -32.57 3.03 15.08
N THR A 213 -32.43 4.30 15.41
CA THR A 213 -31.93 4.66 16.73
C THR A 213 -33.10 4.66 17.72
N LEU A 214 -33.02 3.77 18.70
CA LEU A 214 -34.02 3.65 19.75
C LEU A 214 -33.75 4.69 20.83
N SER A 215 -34.76 5.00 21.62
CA SER A 215 -34.61 5.94 22.75
C SER A 215 -33.63 5.41 23.78
N LEU A 216 -32.99 6.33 24.51
CA LEU A 216 -32.03 5.98 25.56
C LEU A 216 -32.61 5.00 26.57
N GLY A 217 -33.90 5.17 26.89
CA GLY A 217 -34.64 4.29 27.78
C GLY A 217 -34.76 2.84 27.34
N LEU A 218 -35.18 2.62 26.09
CA LEU A 218 -35.25 1.26 25.52
C LEU A 218 -33.88 0.63 25.48
N ASP A 219 -32.93 1.40 24.94
CA ASP A 219 -31.56 0.98 24.78
C ASP A 219 -31.01 0.46 26.10
N LYS A 220 -31.30 1.18 27.19
CA LYS A 220 -30.90 0.78 28.55
C LYS A 220 -31.43 -0.61 28.93
N GLU A 221 -32.70 -0.86 28.63
CA GLU A 221 -33.33 -2.15 28.90
C GLU A 221 -32.84 -3.28 28.00
N VAL A 222 -32.62 -2.96 26.72
CA VAL A 222 -32.08 -3.96 25.79
C VAL A 222 -30.73 -4.43 26.29
N ARG A 223 -29.89 -3.52 26.79
CA ARG A 223 -28.54 -3.93 27.20
C ARG A 223 -28.51 -4.73 28.52
N TYR A 224 -29.61 -4.73 29.28
CA TYR A 224 -29.74 -5.63 30.44
C TYR A 224 -29.67 -7.09 30.04
N ALA A 225 -29.94 -7.36 28.77
CA ALA A 225 -29.96 -8.72 28.25
C ALA A 225 -28.62 -9.13 27.66
N TYR A 226 -27.69 -8.18 27.58
CA TYR A 226 -26.36 -8.46 27.07
C TYR A 226 -25.57 -9.29 28.07
N ARG A 227 -24.89 -10.32 27.59
CA ARG A 227 -24.16 -11.23 28.49
C ARG A 227 -22.68 -11.45 28.14
N GLY A 228 -22.35 -11.54 26.85
CA GLY A 228 -20.95 -11.65 26.45
C GLY A 228 -20.58 -13.01 25.91
N GLY A 229 -19.68 -13.70 26.57
CA GLY A 229 -19.22 -14.99 26.08
C GLY A 229 -19.21 -16.03 27.17
N PHE A 230 -19.52 -17.27 26.82
CA PHE A 230 -19.56 -18.31 27.82
C PHE A 230 -18.15 -18.74 28.25
N THR A 231 -17.77 -18.36 29.47
CA THR A 231 -16.48 -18.73 30.05
C THR A 231 -16.69 -19.45 31.36
N TRP A 232 -16.41 -20.74 31.38
CA TRP A 232 -16.73 -21.60 32.50
C TRP A 232 -15.70 -22.72 32.66
N LEU A 233 -15.29 -22.97 33.89
CA LEU A 233 -14.43 -24.10 34.21
C LEU A 233 -15.20 -25.09 35.07
N ASN A 234 -15.20 -26.36 34.66
CA ASN A 234 -15.83 -27.42 35.43
C ASN A 234 -15.11 -27.59 36.77
N ASP A 235 -15.86 -27.42 37.86
CA ASP A 235 -15.29 -27.51 39.22
C ASP A 235 -14.53 -28.81 39.41
N ARG A 236 -15.01 -29.86 38.75
CA ARG A 236 -14.39 -31.18 38.77
C ARG A 236 -12.89 -31.15 38.46
N PHE A 237 -12.44 -30.16 37.67
CA PHE A 237 -11.05 -30.10 37.20
C PHE A 237 -10.22 -28.98 37.83
N LYS A 238 -10.87 -28.17 38.65
CA LYS A 238 -10.24 -27.01 39.28
C LYS A 238 -8.96 -27.36 40.03
N GLU A 239 -7.87 -26.70 39.66
CA GLU A 239 -6.57 -26.83 40.31
C GLU A 239 -6.12 -28.28 40.48
N LYS A 240 -6.19 -29.03 39.38
CA LYS A 240 -5.73 -30.40 39.34
C LYS A 240 -4.96 -30.67 38.06
N GLU A 241 -3.78 -31.29 38.20
CA GLU A 241 -3.01 -31.71 37.03
C GLU A 241 -3.72 -32.88 36.39
N ILE A 242 -4.19 -32.67 35.17
CA ILE A 242 -4.94 -33.70 34.43
C ILE A 242 -4.16 -34.25 33.25
N GLY A 243 -4.64 -35.36 32.70
CA GLY A 243 -3.92 -36.08 31.64
C GLY A 243 -4.20 -35.53 30.26
N GLU A 244 -4.37 -36.44 29.31
CA GLU A 244 -4.58 -36.07 27.91
C GLU A 244 -5.93 -35.43 27.69
N GLY A 245 -5.96 -34.46 26.79
CA GLY A 245 -7.18 -33.80 26.37
C GLY A 245 -6.99 -33.07 25.06
N MET A 246 -8.08 -32.56 24.52
CA MET A 246 -8.04 -31.84 23.24
C MET A 246 -8.86 -30.54 23.29
N VAL A 247 -8.67 -29.68 22.28
CA VAL A 247 -9.35 -28.39 22.20
C VAL A 247 -10.02 -28.20 20.85
N PHE A 248 -11.28 -27.75 20.87
CA PHE A 248 -12.00 -27.36 19.66
C PHE A 248 -12.28 -25.85 19.61
N ASP A 249 -12.28 -25.30 18.40
CA ASP A 249 -12.46 -23.86 18.17
C ASP A 249 -13.47 -23.65 17.06
N VAL A 250 -14.43 -22.75 17.26
CA VAL A 250 -15.39 -22.44 16.20
C VAL A 250 -14.75 -21.55 15.16
N ASN A 251 -14.90 -21.91 13.89
CA ASN A 251 -14.41 -21.08 12.80
C ASN A 251 -15.24 -19.81 12.66
N SER A 252 -14.66 -18.70 13.10
CA SER A 252 -15.28 -17.37 13.05
C SER A 252 -16.65 -17.33 13.74
N LEU A 253 -16.66 -17.59 15.05
CA LEU A 253 -17.89 -17.71 15.83
C LEU A 253 -18.92 -16.61 15.56
N TYR A 254 -18.48 -15.35 15.57
CA TYR A 254 -19.43 -14.24 15.41
C TYR A 254 -19.90 -14.02 13.98
N PRO A 255 -18.97 -13.90 13.00
CA PRO A 255 -19.48 -13.85 11.62
C PRO A 255 -20.39 -15.04 11.31
N ALA A 256 -20.10 -16.20 11.91
CA ALA A 256 -20.93 -17.39 11.72
C ALA A 256 -22.38 -17.20 12.20
N GLN A 257 -22.57 -16.50 13.31
CA GLN A 257 -23.92 -16.22 13.81
C GLN A 257 -24.57 -15.20 12.88
N MET A 258 -23.80 -14.18 12.52
CA MET A 258 -24.28 -13.09 11.66
C MET A 258 -24.73 -13.58 10.31
N TYR A 259 -24.09 -14.65 9.85
CA TYR A 259 -24.37 -15.18 8.53
C TYR A 259 -25.64 -16.01 8.41
N SER A 260 -25.96 -16.81 9.43
CA SER A 260 -27.05 -17.81 9.28
C SER A 260 -28.17 -17.75 10.32
N ARG A 261 -27.88 -17.19 11.50
CA ARG A 261 -28.88 -17.12 12.57
C ARG A 261 -29.97 -16.08 12.31
N LEU A 262 -31.14 -16.34 12.90
CA LEU A 262 -32.25 -15.40 12.94
C LEU A 262 -31.91 -14.25 13.90
N LEU A 263 -31.86 -13.03 13.36
CA LEU A 263 -31.44 -11.85 14.14
C LEU A 263 -32.49 -10.73 14.05
N PRO A 264 -32.49 -9.81 15.03
CA PRO A 264 -33.53 -8.77 15.05
C PRO A 264 -33.25 -7.58 14.15
N TYR A 265 -34.30 -6.91 13.70
CA TYR A 265 -34.18 -5.64 13.00
C TYR A 265 -35.43 -4.78 13.25
N GLY A 266 -35.33 -3.49 12.91
CA GLY A 266 -36.47 -2.58 12.99
C GLY A 266 -36.80 -2.09 14.39
N GLU A 267 -37.91 -1.36 14.50
CA GLU A 267 -38.42 -0.85 15.77
C GLU A 267 -39.01 -2.00 16.60
N PRO A 268 -38.59 -2.13 17.88
CA PRO A 268 -39.22 -3.12 18.74
C PRO A 268 -40.63 -2.74 19.17
N ILE A 269 -41.43 -3.74 19.52
CA ILE A 269 -42.76 -3.50 20.07
C ILE A 269 -42.78 -3.92 21.55
N VAL A 270 -43.18 -2.99 22.42
CA VAL A 270 -43.15 -3.19 23.87
C VAL A 270 -44.40 -3.93 24.33
N PHE A 271 -44.22 -4.98 25.13
CA PHE A 271 -45.37 -5.68 25.69
C PHE A 271 -45.31 -5.84 27.21
N GLU A 272 -46.48 -5.95 27.83
CA GLU A 272 -46.59 -6.23 29.25
C GLU A 272 -46.84 -7.72 29.48
N GLY A 273 -46.24 -8.26 30.52
CA GLY A 273 -46.49 -9.64 30.90
C GLY A 273 -45.68 -10.59 30.05
N LYS A 274 -46.12 -11.83 30.00
CA LYS A 274 -45.41 -12.88 29.26
C LYS A 274 -45.63 -12.74 27.76
N TYR A 275 -44.54 -12.90 27.01
CA TYR A 275 -44.56 -12.92 25.54
C TYR A 275 -45.47 -14.04 25.02
N VAL A 276 -46.30 -13.73 24.02
CA VAL A 276 -47.00 -14.76 23.23
C VAL A 276 -46.45 -14.78 21.82
N TRP A 277 -46.27 -15.99 21.29
CA TRP A 277 -45.72 -16.19 19.94
C TRP A 277 -46.39 -15.32 18.88
N ASP A 278 -45.59 -14.47 18.25
CA ASP A 278 -46.02 -13.66 17.12
C ASP A 278 -45.03 -13.94 16.01
N GLU A 279 -45.51 -14.53 14.90
CA GLU A 279 -44.60 -14.92 13.83
C GLU A 279 -43.98 -13.73 13.11
N ASP A 280 -44.67 -12.59 13.13
CA ASP A 280 -44.15 -11.34 12.60
C ASP A 280 -43.06 -10.75 13.48
N TYR A 281 -43.10 -11.10 14.77
CA TYR A 281 -42.12 -10.63 15.75
C TYR A 281 -41.58 -11.83 16.55
N PRO A 282 -40.80 -12.72 15.90
CA PRO A 282 -40.45 -14.01 16.52
C PRO A 282 -39.35 -13.96 17.58
N LEU A 283 -38.53 -12.91 17.57
CA LEU A 283 -37.53 -12.74 18.62
C LEU A 283 -38.01 -11.78 19.70
N HIS A 284 -37.65 -12.06 20.94
CA HIS A 284 -38.04 -11.19 22.03
C HIS A 284 -37.05 -11.24 23.19
N ILE A 285 -37.09 -10.20 24.01
CA ILE A 285 -36.38 -10.13 25.27
C ILE A 285 -37.44 -10.08 26.38
N GLN A 286 -37.30 -10.96 27.36
CA GLN A 286 -38.26 -11.00 28.47
C GLN A 286 -37.65 -10.60 29.81
N HIS A 287 -38.26 -9.63 30.48
CA HIS A 287 -37.91 -9.30 31.85
C HIS A 287 -38.65 -10.25 32.78
N ILE A 288 -37.89 -11.18 33.36
CA ILE A 288 -38.44 -12.26 34.16
C ILE A 288 -37.97 -12.11 35.60
N ARG A 289 -38.68 -12.77 36.50
CA ARG A 289 -38.31 -12.79 37.91
C ARG A 289 -38.67 -14.15 38.47
N CYS A 290 -37.76 -14.76 39.24
CA CYS A 290 -37.97 -16.14 39.68
C CYS A 290 -36.85 -16.74 40.54
N GLU A 291 -37.11 -17.96 40.99
CA GLU A 291 -36.10 -18.82 41.63
C GLU A 291 -35.78 -19.97 40.68
N PHE A 292 -34.63 -20.61 40.88
CA PHE A 292 -34.23 -21.74 40.03
C PHE A 292 -33.25 -22.69 40.71
N GLU A 293 -33.23 -23.94 40.24
CA GLU A 293 -32.19 -24.92 40.57
C GLU A 293 -31.67 -25.57 39.29
N LEU A 294 -30.35 -25.62 39.15
CA LEU A 294 -29.71 -26.29 38.02
C LEU A 294 -30.09 -27.76 38.02
N LYS A 295 -30.44 -28.30 36.85
CA LYS A 295 -30.77 -29.71 36.71
C LYS A 295 -29.52 -30.57 36.82
N GLU A 296 -29.70 -31.83 37.20
CA GLU A 296 -28.56 -32.74 37.30
C GLU A 296 -27.97 -33.11 35.93
N GLY A 297 -26.65 -33.11 35.86
CA GLY A 297 -25.93 -33.44 34.63
C GLY A 297 -25.87 -32.31 33.61
N TYR A 298 -26.34 -31.13 34.01
CA TYR A 298 -26.37 -29.98 33.12
C TYR A 298 -25.38 -28.89 33.48
N ILE A 299 -24.91 -28.17 32.48
CA ILE A 299 -23.96 -27.08 32.65
C ILE A 299 -24.71 -25.82 33.10
N PRO A 300 -24.14 -25.08 34.07
CA PRO A 300 -24.68 -23.79 34.52
C PRO A 300 -24.71 -22.77 33.38
N THR A 301 -25.75 -21.95 33.35
CA THR A 301 -25.97 -21.03 32.23
C THR A 301 -26.15 -19.59 32.67
N ILE A 302 -26.75 -19.40 33.84
CA ILE A 302 -27.15 -18.07 34.30
C ILE A 302 -26.09 -17.39 35.14
N GLN A 303 -25.89 -16.13 34.83
CA GLN A 303 -24.97 -15.28 35.56
C GLN A 303 -25.73 -14.02 35.89
N ILE A 304 -25.70 -13.61 37.16
CA ILE A 304 -26.45 -12.41 37.54
C ILE A 304 -25.54 -11.24 37.83
N LYS A 305 -25.68 -10.22 36.97
CA LYS A 305 -24.71 -9.14 36.86
C LYS A 305 -24.76 -8.13 38.01
N ARG A 306 -25.83 -7.34 38.10
CA ARG A 306 -25.86 -6.34 39.16
C ARG A 306 -26.95 -6.56 40.21
N SER A 307 -26.60 -7.37 41.21
CA SER A 307 -27.53 -7.76 42.25
C SER A 307 -26.89 -7.69 43.62
N ARG A 308 -27.74 -7.51 44.63
CA ARG A 308 -27.32 -7.53 46.02
C ARG A 308 -26.73 -8.89 46.41
N PHE A 309 -27.35 -9.97 45.93
CA PHE A 309 -27.04 -11.32 46.43
C PHE A 309 -25.93 -12.04 45.70
N TYR A 310 -25.98 -12.03 44.37
CA TYR A 310 -25.15 -12.95 43.59
C TYR A 310 -23.72 -12.46 43.31
N LYS A 311 -22.83 -13.40 43.00
CA LYS A 311 -21.50 -13.06 42.54
C LYS A 311 -21.56 -12.94 41.03
N GLY A 312 -21.18 -11.77 40.52
CA GLY A 312 -21.32 -11.48 39.09
C GLY A 312 -20.57 -12.38 38.12
N ASN A 313 -19.57 -13.09 38.63
CA ASN A 313 -18.68 -13.86 37.76
C ASN A 313 -18.96 -15.35 37.64
N GLU A 314 -19.62 -15.92 38.63
CA GLU A 314 -19.86 -17.36 38.64
C GLU A 314 -21.22 -17.70 38.06
N TYR A 315 -21.25 -18.77 37.27
CA TYR A 315 -22.50 -19.28 36.73
C TYR A 315 -23.22 -20.04 37.84
N LEU A 316 -24.48 -19.67 38.06
CA LEU A 316 -25.19 -20.05 39.28
C LEU A 316 -25.88 -21.40 39.20
N LYS A 317 -25.66 -22.19 40.24
CA LYS A 317 -26.24 -23.51 40.38
C LYS A 317 -27.66 -23.40 40.93
N SER A 318 -27.93 -22.25 41.55
CA SER A 318 -29.15 -22.05 42.32
C SER A 318 -29.37 -20.55 42.50
N SER A 319 -30.62 -20.17 42.74
CA SER A 319 -30.97 -18.78 43.07
C SER A 319 -30.72 -18.44 44.55
N GLY A 320 -30.29 -19.44 45.33
CA GLY A 320 -29.76 -19.20 46.67
C GLY A 320 -30.78 -18.82 47.71
N GLY A 321 -32.05 -18.89 47.37
CA GLY A 321 -33.12 -18.56 48.32
C GLY A 321 -33.59 -17.13 48.24
N GLU A 322 -32.95 -16.34 47.38
CA GLU A 322 -33.44 -15.02 47.06
C GLU A 322 -33.96 -15.07 45.62
N ILE A 323 -34.67 -14.03 45.21
CA ILE A 323 -35.33 -14.00 43.91
C ILE A 323 -34.45 -13.34 42.83
N ALA A 324 -34.26 -14.05 41.73
CA ALA A 324 -33.45 -13.56 40.62
C ALA A 324 -34.28 -12.69 39.66
N ASP A 325 -33.73 -11.55 39.29
CA ASP A 325 -34.40 -10.61 38.40
C ASP A 325 -33.59 -10.41 37.13
N LEU A 326 -34.00 -11.02 36.02
CA LEU A 326 -33.19 -10.99 34.79
C LEU A 326 -33.95 -10.64 33.51
N TRP A 327 -33.22 -10.06 32.56
CA TRP A 327 -33.70 -9.75 31.22
C TRP A 327 -33.02 -10.68 30.24
N LEU A 328 -33.79 -11.52 29.56
CA LEU A 328 -33.23 -12.58 28.70
C LEU A 328 -33.73 -12.53 27.25
N SER A 329 -32.81 -12.75 26.30
CA SER A 329 -33.20 -13.01 24.92
C SER A 329 -33.92 -14.35 24.91
N ASN A 330 -34.76 -14.59 23.92
CA ASN A 330 -35.50 -15.84 23.89
C ASN A 330 -34.57 -17.05 23.75
N VAL A 331 -33.44 -16.82 23.10
CA VAL A 331 -32.40 -17.82 22.94
C VAL A 331 -31.85 -18.26 24.30
N ASP A 332 -31.56 -17.28 25.15
CA ASP A 332 -31.09 -17.53 26.52
C ASP A 332 -32.16 -18.20 27.38
N LEU A 333 -33.38 -17.68 27.28
CA LEU A 333 -34.50 -18.18 28.06
C LEU A 333 -34.80 -19.65 27.76
N GLU A 334 -34.78 -20.02 26.49
CA GLU A 334 -35.02 -21.41 26.08
C GLU A 334 -33.94 -22.30 26.68
N LEU A 335 -32.71 -21.81 26.69
CA LEU A 335 -31.56 -22.55 27.19
C LEU A 335 -31.65 -22.72 28.70
N MET A 336 -32.11 -21.67 29.38
CA MET A 336 -32.27 -21.68 30.81
C MET A 336 -33.29 -22.72 31.23
N LYS A 337 -34.40 -22.76 30.49
CA LYS A 337 -35.53 -23.65 30.80
C LYS A 337 -35.13 -25.11 30.70
N GLU A 338 -34.14 -25.39 29.86
CA GLU A 338 -33.68 -26.74 29.62
C GLU A 338 -32.67 -27.19 30.67
N HIS A 339 -31.93 -26.22 31.22
CA HIS A 339 -30.83 -26.50 32.14
C HIS A 339 -31.24 -26.34 33.61
N TYR A 340 -32.36 -25.67 33.84
CA TYR A 340 -32.81 -25.36 35.20
C TYR A 340 -34.24 -25.77 35.45
N ASP A 341 -34.54 -26.17 36.68
CA ASP A 341 -35.91 -26.15 37.19
C ASP A 341 -36.17 -24.70 37.58
N LEU A 342 -37.18 -24.08 37.01
CA LEU A 342 -37.57 -22.74 37.42
C LEU A 342 -38.74 -22.81 38.40
N TYR A 343 -38.78 -21.89 39.35
CA TYR A 343 -39.84 -21.81 40.35
C TYR A 343 -40.34 -20.37 40.43
N ASN A 344 -41.63 -20.22 40.73
CA ASN A 344 -42.28 -18.92 40.94
C ASN A 344 -41.95 -17.89 39.87
N VAL A 345 -42.14 -18.27 38.62
CA VAL A 345 -41.77 -17.42 37.50
C VAL A 345 -42.77 -16.29 37.36
N GLU A 346 -42.27 -15.07 37.39
CA GLU A 346 -43.07 -13.88 37.25
C GLU A 346 -42.64 -13.18 35.96
N TYR A 347 -43.60 -13.01 35.04
CA TYR A 347 -43.34 -12.38 33.75
C TYR A 347 -43.74 -10.90 33.78
N ILE A 348 -42.77 -10.01 33.90
CA ILE A 348 -43.03 -8.57 34.06
C ILE A 348 -43.39 -7.86 32.75
N SER A 349 -42.49 -7.87 31.78
CA SER A 349 -42.68 -7.17 30.51
C SER A 349 -41.64 -7.66 29.52
N GLY A 350 -41.56 -7.02 28.37
CA GLY A 350 -40.58 -7.41 27.36
C GLY A 350 -40.64 -6.61 26.09
N LEU A 351 -39.76 -6.94 25.16
CA LEU A 351 -39.69 -6.30 23.84
C LEU A 351 -39.65 -7.37 22.77
N LYS A 352 -40.45 -7.22 21.73
CA LYS A 352 -40.37 -8.16 20.59
C LYS A 352 -39.88 -7.49 19.31
N PHE A 353 -39.21 -8.25 18.46
CA PHE A 353 -38.54 -7.74 17.28
C PHE A 353 -38.90 -8.51 16.01
N LYS A 354 -38.99 -7.79 14.89
CA LYS A 354 -39.00 -8.43 13.58
C LYS A 354 -37.64 -9.10 13.40
N ALA A 355 -37.62 -10.27 12.76
CA ALA A 355 -36.39 -11.03 12.59
C ALA A 355 -36.14 -11.53 11.17
N THR A 356 -34.87 -11.55 10.77
CA THR A 356 -34.48 -12.12 9.48
C THR A 356 -33.14 -12.83 9.61
N THR A 357 -32.73 -13.51 8.54
CA THR A 357 -31.43 -14.20 8.49
C THR A 357 -30.55 -13.63 7.38
N GLY A 358 -31.12 -12.76 6.55
CA GLY A 358 -30.42 -12.23 5.38
C GLY A 358 -29.42 -11.09 5.58
N LEU A 359 -29.49 -10.41 6.72
CA LEU A 359 -28.89 -9.08 6.86
C LEU A 359 -27.39 -8.96 6.57
N PHE A 360 -26.65 -10.04 6.78
CA PHE A 360 -25.20 -9.96 6.72
C PHE A 360 -24.55 -10.76 5.60
N LYS A 361 -25.35 -11.53 4.86
CA LYS A 361 -24.83 -12.44 3.83
C LYS A 361 -23.96 -11.76 2.77
N ASP A 362 -24.49 -10.71 2.15
CA ASP A 362 -23.77 -9.98 1.10
C ASP A 362 -22.40 -9.47 1.54
N PHE A 363 -22.33 -8.90 2.74
CA PHE A 363 -21.08 -8.37 3.27
C PHE A 363 -20.05 -9.46 3.55
N ILE A 364 -20.50 -10.55 4.17
CA ILE A 364 -19.63 -11.67 4.50
C ILE A 364 -19.15 -12.38 3.24
N ASP A 365 -20.07 -12.65 2.31
CA ASP A 365 -19.74 -13.27 1.02
C ASP A 365 -18.67 -12.48 0.28
N LYS A 366 -18.87 -11.17 0.16
CA LYS A 366 -17.90 -10.29 -0.49
C LYS A 366 -16.49 -10.49 0.05
N TRP A 367 -16.36 -10.40 1.38
CA TRP A 367 -15.05 -10.44 2.00
C TRP A 367 -14.51 -11.84 2.24
N THR A 368 -15.41 -12.82 2.37
CA THR A 368 -14.98 -14.21 2.45
C THR A 368 -14.37 -14.59 1.11
N TYR A 369 -15.00 -14.13 0.02
CA TYR A 369 -14.48 -14.35 -1.32
C TYR A 369 -13.04 -13.83 -1.42
N ILE A 370 -12.88 -12.53 -1.22
CA ILE A 370 -11.58 -11.87 -1.27
C ILE A 370 -10.53 -12.61 -0.44
N LYS A 371 -10.93 -13.09 0.74
CA LYS A 371 -10.04 -13.79 1.66
C LYS A 371 -9.43 -15.05 1.05
N THR A 372 -10.28 -15.96 0.58
CA THR A 372 -9.81 -17.22 -0.03
C THR A 372 -9.12 -17.00 -1.37
N THR A 373 -9.70 -16.11 -2.19
CA THR A 373 -9.13 -15.65 -3.46
C THR A 373 -7.72 -15.07 -3.32
N SER A 374 -7.43 -14.52 -2.16
CA SER A 374 -6.27 -13.67 -2.03
C SER A 374 -5.15 -14.29 -1.20
N GLU A 375 -4.07 -13.53 -1.07
CA GLU A 375 -2.96 -13.86 -0.19
C GLU A 375 -2.29 -12.56 0.27
N GLY A 376 -1.56 -12.63 1.38
CA GLY A 376 -0.78 -11.52 1.89
C GLY A 376 -1.62 -10.42 2.52
N ALA A 377 -1.25 -9.19 2.19
CA ALA A 377 -1.87 -7.99 2.75
C ALA A 377 -3.37 -7.97 2.54
N ILE A 378 -3.79 -8.22 1.31
CA ILE A 378 -5.21 -8.18 0.95
C ILE A 378 -5.99 -9.24 1.73
N LYS A 379 -5.36 -10.39 1.97
CA LYS A 379 -5.98 -11.46 2.75
C LYS A 379 -6.19 -10.99 4.19
N GLN A 380 -5.19 -10.33 4.74
CA GLN A 380 -5.24 -9.83 6.11
C GLN A 380 -6.34 -8.79 6.30
N LEU A 381 -6.47 -7.90 5.33
CA LEU A 381 -7.51 -6.86 5.34
C LEU A 381 -8.92 -7.43 5.20
N ALA A 382 -9.06 -8.50 4.45
CA ALA A 382 -10.35 -9.20 4.35
C ALA A 382 -10.74 -9.76 5.72
N LYS A 383 -9.77 -10.33 6.42
CA LYS A 383 -9.99 -10.90 7.75
C LYS A 383 -10.44 -9.83 8.73
N LEU A 384 -9.74 -8.69 8.72
CA LEU A 384 -10.12 -7.52 9.52
C LEU A 384 -11.54 -7.06 9.28
N MET A 385 -11.95 -6.98 8.01
CA MET A 385 -13.29 -6.56 7.67
C MET A 385 -14.34 -7.50 8.25
N LEU A 386 -14.09 -8.81 8.18
CA LEU A 386 -15.04 -9.77 8.71
C LEU A 386 -15.03 -9.77 10.24
N ASN A 387 -13.87 -9.58 10.84
CA ASN A 387 -13.73 -9.71 12.28
C ASN A 387 -13.94 -8.45 13.09
N SER A 388 -14.06 -7.31 12.41
CA SER A 388 -14.17 -6.02 13.09
C SER A 388 -15.58 -5.46 13.18
N LEU A 389 -16.49 -5.99 12.35
CA LEU A 389 -17.84 -5.47 12.23
C LEU A 389 -18.67 -5.71 13.47
N TYR A 390 -18.69 -6.95 13.97
CA TYR A 390 -19.50 -7.31 15.13
C TYR A 390 -19.33 -6.33 16.30
N GLY A 391 -18.09 -5.99 16.62
CA GLY A 391 -17.78 -5.07 17.73
C GLY A 391 -18.58 -3.78 17.73
N LYS A 392 -18.89 -3.28 16.54
CA LYS A 392 -19.64 -2.04 16.37
C LYS A 392 -21.09 -2.11 16.85
N PHE A 393 -21.66 -3.30 16.90
CA PHE A 393 -23.02 -3.51 17.41
C PHE A 393 -23.08 -3.75 18.91
N ALA A 394 -21.92 -3.98 19.51
CA ALA A 394 -21.84 -4.36 20.92
C ALA A 394 -20.97 -3.41 21.73
N SER A 395 -21.22 -2.11 21.62
CA SER A 395 -20.48 -1.13 22.44
C SER A 395 -21.43 -0.22 23.22
N ASN A 396 -21.00 0.16 24.43
CA ASN A 396 -21.80 1.03 25.29
C ASN A 396 -21.68 2.48 24.81
N PRO A 397 -22.61 3.35 25.26
CA PRO A 397 -22.69 4.68 24.67
C PRO A 397 -21.73 5.70 25.29
N ASP A 398 -21.01 5.29 26.35
CA ASP A 398 -20.10 6.17 27.07
C ASP A 398 -18.83 6.46 26.28
N VAL A 399 -18.64 7.73 25.91
CA VAL A 399 -17.46 8.14 25.16
C VAL A 399 -16.73 9.24 25.93
N THR A 400 -16.81 9.17 27.26
CA THR A 400 -16.17 10.12 28.15
C THR A 400 -14.66 9.95 28.03
N GLY A 401 -13.96 11.09 27.94
CA GLY A 401 -12.53 11.07 27.71
C GLY A 401 -11.67 11.57 28.87
N LYS A 402 -10.36 11.35 28.75
CA LYS A 402 -9.38 11.90 29.69
C LYS A 402 -8.77 13.17 29.12
N VAL A 403 -8.63 14.18 29.97
CA VAL A 403 -8.06 15.46 29.56
C VAL A 403 -6.64 15.59 30.12
N PRO A 404 -5.63 15.71 29.23
CA PRO A 404 -4.27 15.84 29.70
C PRO A 404 -4.00 17.22 30.29
N TYR A 405 -3.06 17.29 31.22
CA TYR A 405 -2.56 18.57 31.72
C TYR A 405 -1.10 18.40 32.11
N LEU A 406 -0.36 19.51 32.07
CA LEU A 406 1.05 19.47 32.46
C LEU A 406 1.16 19.59 33.97
N LYS A 407 1.68 18.53 34.58
CA LYS A 407 1.68 18.36 36.01
C LYS A 407 2.60 19.36 36.69
N GLU A 408 2.42 19.50 38.00
CA GLU A 408 3.19 20.40 38.84
C GLU A 408 4.71 20.20 38.66
N ASN A 409 5.11 18.94 38.51
CA ASN A 409 6.53 18.58 38.39
C ASN A 409 7.04 18.32 36.97
N GLY A 410 6.26 18.72 35.96
CA GLY A 410 6.70 18.62 34.56
C GLY A 410 6.32 17.36 33.81
N ALA A 411 5.75 16.39 34.51
CA ALA A 411 5.22 15.18 33.87
C ALA A 411 3.79 15.41 33.38
N LEU A 412 3.16 14.37 32.84
CA LEU A 412 1.79 14.49 32.38
C LEU A 412 0.79 13.89 33.35
N GLY A 413 -0.31 14.59 33.54
CA GLY A 413 -1.44 14.06 34.29
C GLY A 413 -2.67 14.00 33.43
N PHE A 414 -3.65 13.20 33.86
CA PHE A 414 -4.92 13.08 33.16
C PHE A 414 -6.11 13.17 34.13
N ARG A 415 -7.05 14.06 33.82
CA ARG A 415 -8.29 14.16 34.58
C ARG A 415 -9.46 13.80 33.66
N LEU A 416 -10.45 13.10 34.22
CA LEU A 416 -11.70 12.81 33.49
C LEU A 416 -12.37 14.08 33.03
N GLY A 417 -12.83 14.09 31.79
CA GLY A 417 -13.52 15.24 31.22
C GLY A 417 -15.02 15.18 31.42
N GLU A 418 -15.75 15.94 30.61
CA GLU A 418 -17.20 15.94 30.61
C GLU A 418 -17.76 14.56 30.33
N GLU A 419 -18.85 14.22 31.02
CA GLU A 419 -19.63 13.06 30.67
C GLU A 419 -20.18 13.28 29.26
N GLU A 420 -19.98 12.30 28.38
CA GLU A 420 -20.59 12.36 27.03
C GLU A 420 -21.02 11.02 26.41
N THR A 421 -22.15 11.09 25.70
CA THR A 421 -22.83 9.92 25.18
C THR A 421 -22.86 9.93 23.64
N LYS A 422 -22.49 8.80 23.05
CA LYS A 422 -22.65 8.56 21.62
C LYS A 422 -23.83 7.62 21.36
N ASP A 423 -24.64 7.95 20.36
CA ASP A 423 -25.76 7.07 19.95
C ASP A 423 -25.25 5.68 19.59
N PRO A 424 -25.99 4.63 20.00
CA PRO A 424 -25.61 3.24 19.72
C PRO A 424 -26.06 2.84 18.32
N VAL A 425 -25.35 1.91 17.69
CA VAL A 425 -25.69 1.50 16.31
C VAL A 425 -27.04 0.78 16.27
N TYR A 426 -27.18 -0.24 17.12
CA TYR A 426 -28.41 -1.03 17.25
C TYR A 426 -28.12 -2.17 18.21
N THR A 427 -28.39 -1.93 19.50
CA THR A 427 -28.00 -2.86 20.56
C THR A 427 -28.65 -4.25 20.52
N PRO A 428 -29.91 -4.37 20.05
CA PRO A 428 -30.52 -5.70 20.01
C PRO A 428 -29.71 -6.69 19.18
N MET A 429 -29.02 -6.19 18.16
CA MET A 429 -28.18 -7.01 17.31
C MET A 429 -27.00 -7.54 18.12
N GLY A 430 -26.41 -6.68 18.94
CA GLY A 430 -25.37 -7.10 19.86
C GLY A 430 -25.86 -8.24 20.75
N VAL A 431 -27.06 -8.08 21.30
CA VAL A 431 -27.64 -9.05 22.23
C VAL A 431 -27.81 -10.43 21.60
N PHE A 432 -28.38 -10.46 20.41
CA PHE A 432 -28.69 -11.73 19.77
C PHE A 432 -27.47 -12.45 19.13
N ILE A 433 -26.55 -11.69 18.56
CA ILE A 433 -25.34 -12.30 18.03
C ILE A 433 -24.62 -13.05 19.15
N THR A 434 -24.44 -12.41 20.30
CA THR A 434 -23.79 -13.08 21.43
C THR A 434 -24.60 -14.23 22.02
N ALA A 435 -25.92 -14.08 22.13
CA ALA A 435 -26.75 -15.18 22.61
C ALA A 435 -26.63 -16.42 21.71
N TRP A 436 -26.68 -16.20 20.41
CA TRP A 436 -26.51 -17.29 19.48
C TRP A 436 -25.10 -17.90 19.63
N ALA A 437 -24.11 -17.03 19.79
CA ALA A 437 -22.75 -17.49 20.04
C ALA A 437 -22.75 -18.41 21.27
N ARG A 438 -23.31 -17.92 22.38
CA ARG A 438 -23.43 -18.71 23.61
C ARG A 438 -24.07 -20.05 23.35
N TYR A 439 -25.18 -20.04 22.61
CA TYR A 439 -25.93 -21.25 22.29
C TYR A 439 -25.06 -22.27 21.57
N THR A 440 -24.29 -21.79 20.61
CA THR A 440 -23.39 -22.65 19.85
C THR A 440 -22.43 -23.39 20.78
N THR A 441 -21.80 -22.65 21.68
CA THR A 441 -20.80 -23.20 22.58
C THR A 441 -21.40 -24.10 23.66
N ILE A 442 -22.38 -23.57 24.39
CA ILE A 442 -23.04 -24.30 25.48
C ILE A 442 -23.60 -25.63 24.97
N THR A 443 -24.25 -25.56 23.82
CA THR A 443 -24.86 -26.72 23.17
C THR A 443 -23.85 -27.85 22.99
N ALA A 444 -22.70 -27.51 22.42
CA ALA A 444 -21.66 -28.49 22.15
C ALA A 444 -21.08 -29.01 23.45
N ALA A 445 -20.78 -28.09 24.36
CA ALA A 445 -20.20 -28.46 25.65
C ALA A 445 -21.13 -29.42 26.39
N GLN A 446 -22.43 -29.17 26.32
CA GLN A 446 -23.41 -30.01 26.98
C GLN A 446 -23.40 -31.41 26.40
N ALA A 447 -23.39 -31.49 25.08
CA ALA A 447 -23.37 -32.76 24.37
C ALA A 447 -22.14 -33.61 24.73
N CYS A 448 -21.14 -32.96 25.34
CA CYS A 448 -19.92 -33.59 25.76
C CYS A 448 -19.76 -33.48 27.26
N TYR A 449 -20.87 -33.41 27.97
CA TYR A 449 -20.86 -33.16 29.41
C TYR A 449 -19.88 -34.04 30.16
N ASP A 450 -19.77 -35.30 29.77
CA ASP A 450 -18.93 -36.27 30.47
C ASP A 450 -17.43 -36.08 30.24
N ARG A 451 -17.06 -35.17 29.33
CA ARG A 451 -15.65 -34.93 28.99
C ARG A 451 -15.26 -33.46 29.08
N ILE A 452 -16.26 -32.58 29.21
CA ILE A 452 -16.03 -31.14 29.23
C ILE A 452 -15.17 -30.69 30.40
N ILE A 453 -14.14 -29.90 30.10
CA ILE A 453 -13.22 -29.38 31.09
C ILE A 453 -13.49 -27.90 31.29
N TYR A 454 -13.56 -27.18 30.18
CA TYR A 454 -13.49 -25.72 30.18
C TYR A 454 -14.09 -25.15 28.89
N CYS A 455 -14.74 -24.00 29.02
CA CYS A 455 -15.24 -23.25 27.85
C CYS A 455 -14.74 -21.82 27.88
N ASP A 456 -14.44 -21.27 26.71
CA ASP A 456 -14.09 -19.86 26.62
C ASP A 456 -14.60 -19.29 25.32
N THR A 457 -15.81 -18.73 25.39
CA THR A 457 -16.46 -18.08 24.26
C THR A 457 -16.64 -18.98 23.04
N ASP A 458 -15.55 -19.22 22.31
CA ASP A 458 -15.62 -20.00 21.07
C ASP A 458 -14.80 -21.28 21.09
N SER A 459 -14.29 -21.67 22.25
CA SER A 459 -13.53 -22.90 22.34
C SER A 459 -14.04 -23.83 23.43
N ILE A 460 -13.89 -25.13 23.16
CA ILE A 460 -14.24 -26.18 24.09
C ILE A 460 -13.01 -27.01 24.40
N HIS A 461 -12.75 -27.27 25.68
CA HIS A 461 -11.63 -28.10 26.10
C HIS A 461 -12.18 -29.43 26.63
N LEU A 462 -11.66 -30.54 26.12
CA LEU A 462 -12.20 -31.85 26.49
C LEU A 462 -11.16 -32.84 27.00
N THR A 463 -11.63 -33.77 27.83
CA THR A 463 -10.89 -34.94 28.26
C THR A 463 -10.67 -35.89 27.07
N GLY A 464 -9.55 -36.61 27.06
CA GLY A 464 -9.31 -37.62 26.04
C GLY A 464 -8.82 -37.05 24.72
N THR A 465 -8.49 -37.94 23.77
CA THR A 465 -7.90 -37.52 22.51
C THR A 465 -8.75 -37.84 21.26
N GLU A 466 -9.83 -38.59 21.44
CA GLU A 466 -10.74 -38.94 20.34
C GLU A 466 -11.84 -37.89 20.17
N ILE A 467 -12.22 -37.58 18.93
CA ILE A 467 -13.37 -36.71 18.68
C ILE A 467 -14.66 -37.42 19.08
N PRO A 468 -15.46 -36.82 19.99
CA PRO A 468 -16.74 -37.41 20.42
C PRO A 468 -17.73 -37.58 19.26
N ASP A 469 -18.36 -38.76 19.18
CA ASP A 469 -19.32 -39.08 18.11
C ASP A 469 -20.35 -37.96 17.94
N VAL A 470 -20.88 -37.51 19.08
CA VAL A 470 -21.95 -36.52 19.12
C VAL A 470 -21.62 -35.17 18.48
N ILE A 471 -20.34 -34.92 18.19
CA ILE A 471 -19.96 -33.69 17.48
C ILE A 471 -19.15 -33.93 16.20
N LYS A 472 -18.88 -35.20 15.87
CA LYS A 472 -18.12 -35.53 14.66
C LYS A 472 -18.73 -34.90 13.43
N ASP A 473 -20.07 -34.84 13.39
CA ASP A 473 -20.79 -34.29 12.25
C ASP A 473 -20.65 -32.78 12.09
N ILE A 474 -20.20 -32.10 13.15
CA ILE A 474 -20.08 -30.64 13.11
C ILE A 474 -18.62 -30.18 13.31
N VAL A 475 -17.69 -31.10 13.12
CA VAL A 475 -16.26 -30.78 13.19
C VAL A 475 -15.68 -30.67 11.79
N ASP A 476 -15.08 -29.51 11.51
CA ASP A 476 -14.45 -29.25 10.22
C ASP A 476 -13.27 -28.29 10.41
N PRO A 477 -12.16 -28.55 9.70
CA PRO A 477 -11.00 -27.65 9.79
C PRO A 477 -11.27 -26.23 9.30
N LYS A 478 -12.14 -26.06 8.31
CA LYS A 478 -12.31 -24.75 7.67
C LYS A 478 -13.72 -24.18 7.57
N LYS A 479 -14.73 -25.03 7.39
CA LYS A 479 -16.11 -24.55 7.23
C LYS A 479 -16.51 -23.55 8.31
N LEU A 480 -17.09 -22.43 7.88
CA LEU A 480 -17.60 -21.37 8.75
C LEU A 480 -18.58 -21.87 9.80
N GLY A 481 -18.36 -21.48 11.04
CA GLY A 481 -19.26 -21.83 12.13
C GLY A 481 -19.16 -23.25 12.64
N TYR A 482 -18.31 -24.06 12.00
CA TYR A 482 -18.03 -25.41 12.47
C TYR A 482 -16.97 -25.41 13.55
N TRP A 483 -16.88 -26.52 14.28
CA TRP A 483 -15.81 -26.71 15.25
C TRP A 483 -14.59 -27.31 14.57
N ALA A 484 -13.45 -26.68 14.77
CA ALA A 484 -12.19 -27.18 14.25
C ALA A 484 -11.39 -27.83 15.36
N HIS A 485 -10.90 -29.04 15.11
CA HIS A 485 -10.02 -29.71 16.06
C HIS A 485 -8.72 -28.92 16.08
N GLU A 486 -8.53 -28.18 17.16
CA GLU A 486 -7.50 -27.14 17.25
C GLU A 486 -6.15 -27.70 17.69
N SER A 487 -6.12 -28.38 18.83
CA SER A 487 -4.90 -28.95 19.39
C SER A 487 -5.19 -30.06 20.38
N THR A 488 -4.14 -30.79 20.77
CA THR A 488 -4.25 -31.89 21.69
C THR A 488 -3.12 -31.77 22.69
N PHE A 489 -3.43 -31.90 23.98
CA PHE A 489 -2.42 -31.77 25.03
C PHE A 489 -2.17 -33.05 25.84
N LYS A 490 -0.92 -33.26 26.21
CA LYS A 490 -0.46 -34.39 27.04
C LYS A 490 -0.92 -34.24 28.48
N ARG A 491 -0.82 -33.03 29.01
CA ARG A 491 -1.28 -32.70 30.36
C ARG A 491 -1.60 -31.21 30.46
N ALA A 492 -2.44 -30.86 31.44
CA ALA A 492 -2.83 -29.46 31.67
C ALA A 492 -3.18 -29.21 33.14
N LYS A 493 -3.30 -27.93 33.50
CA LYS A 493 -3.73 -27.53 34.84
C LYS A 493 -4.49 -26.21 34.75
N TYR A 494 -5.71 -26.21 35.27
CA TYR A 494 -6.56 -25.02 35.26
C TYR A 494 -6.74 -24.47 36.68
N LEU A 495 -6.32 -23.24 36.89
CA LEU A 495 -6.49 -22.58 38.20
C LEU A 495 -7.89 -22.03 38.35
N ARG A 496 -8.38 -21.42 37.26
CA ARG A 496 -9.75 -20.89 37.19
C ARG A 496 -10.01 -20.33 35.77
N GLN A 497 -11.21 -19.82 35.53
CA GLN A 497 -11.52 -19.14 34.28
C GLN A 497 -10.33 -18.33 33.78
N LYS A 498 -9.97 -18.55 32.52
CA LYS A 498 -8.89 -17.80 31.83
C LYS A 498 -7.53 -17.90 32.50
N THR A 499 -7.33 -18.89 33.36
CA THR A 499 -6.03 -19.09 34.03
C THR A 499 -5.59 -20.56 34.03
N TYR A 500 -4.77 -20.92 33.05
CA TYR A 500 -4.36 -22.32 32.85
C TYR A 500 -3.11 -22.49 32.01
N ILE A 501 -2.54 -23.70 32.07
CA ILE A 501 -1.37 -24.08 31.29
C ILE A 501 -1.57 -25.44 30.62
N GLN A 502 -0.87 -25.66 29.52
CA GLN A 502 -1.01 -26.87 28.70
C GLN A 502 0.31 -27.33 28.10
N ASP A 503 0.45 -28.65 27.91
CA ASP A 503 1.54 -29.23 27.15
C ASP A 503 1.01 -29.76 25.82
N ILE A 504 1.14 -28.97 24.75
CA ILE A 504 0.58 -29.28 23.43
C ILE A 504 1.53 -30.14 22.58
N TYR A 505 0.98 -31.18 21.96
CA TYR A 505 1.76 -32.02 21.04
C TYR A 505 2.11 -31.27 19.77
N MET A 506 3.40 -31.23 19.43
CA MET A 506 3.87 -30.56 18.22
C MET A 506 4.58 -31.50 17.23
N LYS A 507 4.47 -31.17 15.95
CA LYS A 507 4.99 -31.96 14.86
C LYS A 507 5.68 -31.04 13.85
N GLU A 508 6.87 -31.41 13.40
CA GLU A 508 7.58 -30.60 12.40
C GLU A 508 7.11 -30.92 10.98
N VAL A 509 6.74 -29.86 10.24
CA VAL A 509 6.34 -29.98 8.83
C VAL A 509 7.09 -28.91 8.03
N ASP A 510 8.24 -29.27 7.46
CA ASP A 510 9.13 -28.34 6.73
C ASP A 510 9.66 -27.24 7.65
N GLY A 511 10.72 -27.53 8.41
CA GLY A 511 11.32 -26.55 9.32
C GLY A 511 10.38 -26.01 10.41
N LYS A 512 9.22 -25.50 10.00
CA LYS A 512 8.22 -24.97 10.92
C LYS A 512 7.56 -26.05 11.79
N LEU A 513 6.94 -25.64 12.88
CA LEU A 513 6.37 -26.55 13.87
C LEU A 513 4.86 -26.33 13.97
N VAL A 514 4.08 -27.41 13.83
CA VAL A 514 2.62 -27.34 13.91
C VAL A 514 2.03 -28.37 14.88
N GLU A 515 0.73 -28.27 15.12
CA GLU A 515 0.03 -29.11 16.09
C GLU A 515 -0.05 -30.56 15.63
N GLY A 516 0.39 -31.48 16.48
CA GLY A 516 0.38 -32.90 16.17
C GLY A 516 -0.55 -33.72 17.07
N SER A 517 -0.65 -35.01 16.78
CA SER A 517 -1.47 -35.94 17.56
C SER A 517 -0.57 -36.76 18.50
N PRO A 518 -1.18 -37.49 19.47
CA PRO A 518 -0.40 -38.29 20.42
C PRO A 518 0.48 -39.39 19.81
N ASP A 519 0.17 -39.82 18.59
CA ASP A 519 1.00 -40.79 17.88
C ASP A 519 2.01 -40.08 16.99
N ASP A 520 1.53 -39.05 16.31
CA ASP A 520 2.32 -38.28 15.35
C ASP A 520 2.77 -36.96 15.98
N TYR A 521 3.93 -36.98 16.63
CA TYR A 521 4.50 -35.79 17.25
C TYR A 521 5.99 -35.93 17.54
N THR A 522 6.67 -34.78 17.59
CA THR A 522 8.12 -34.73 17.85
C THR A 522 8.49 -33.79 19.00
N ASP A 523 7.57 -32.91 19.36
CA ASP A 523 7.85 -31.85 20.35
C ASP A 523 6.68 -31.54 21.26
N ILE A 524 6.99 -30.87 22.38
CA ILE A 524 5.97 -30.37 23.31
C ILE A 524 6.04 -28.84 23.38
N LYS A 525 4.97 -28.18 23.00
CA LYS A 525 4.86 -26.72 23.15
C LYS A 525 4.15 -26.40 24.46
N PHE A 526 4.82 -25.64 25.32
CA PHE A 526 4.24 -25.21 26.58
C PHE A 526 3.48 -23.90 26.36
N SER A 527 2.21 -23.86 26.76
CA SER A 527 1.36 -22.68 26.56
C SER A 527 0.74 -22.20 27.87
N VAL A 528 0.82 -20.88 28.11
CA VAL A 528 0.30 -20.26 29.33
C VAL A 528 -0.77 -19.23 28.99
N LYS A 529 -1.93 -19.34 29.64
CA LYS A 529 -2.97 -18.31 29.55
C LYS A 529 -3.30 -17.79 30.95
N CYS A 530 -3.07 -16.49 31.16
CA CYS A 530 -3.24 -15.87 32.47
C CYS A 530 -3.36 -14.37 32.32
N ALA A 531 -4.48 -13.80 32.77
CA ALA A 531 -4.77 -12.39 32.58
C ALA A 531 -3.67 -11.48 33.12
N GLY A 532 -3.20 -10.56 32.27
CA GLY A 532 -2.20 -9.56 32.67
C GLY A 532 -0.75 -10.00 32.59
N MET A 533 -0.52 -11.28 32.27
CA MET A 533 0.84 -11.85 32.22
C MET A 533 1.50 -11.64 30.86
N THR A 534 2.68 -11.03 30.87
CA THR A 534 3.43 -10.73 29.65
C THR A 534 4.10 -11.97 29.07
N ASP A 535 4.41 -11.91 27.77
CA ASP A 535 5.09 -12.99 27.06
C ASP A 535 6.42 -13.36 27.71
N LYS A 536 7.12 -12.35 28.22
CA LYS A 536 8.39 -12.54 28.91
C LYS A 536 8.21 -13.36 30.19
N ILE A 537 7.17 -13.04 30.97
CA ILE A 537 6.90 -13.73 32.24
C ILE A 537 6.41 -15.17 32.04
N LYS A 538 5.58 -15.39 31.02
CA LYS A 538 5.09 -16.73 30.69
C LYS A 538 6.22 -17.75 30.55
N LYS A 539 7.32 -17.33 29.94
CA LYS A 539 8.50 -18.19 29.76
C LYS A 539 9.10 -18.67 31.08
N GLU A 540 8.77 -17.98 32.17
CA GLU A 540 9.25 -18.33 33.50
C GLU A 540 8.35 -19.35 34.19
N VAL A 541 7.13 -19.49 33.68
CA VAL A 541 6.17 -20.42 34.27
C VAL A 541 6.49 -21.85 33.89
N THR A 542 6.39 -22.75 34.86
CA THR A 542 6.48 -24.19 34.64
C THR A 542 5.25 -24.83 35.28
N PHE A 543 5.18 -26.17 35.23
CA PHE A 543 4.08 -26.89 35.84
C PHE A 543 4.10 -26.85 37.36
N GLU A 544 5.31 -26.81 37.91
CA GLU A 544 5.51 -26.85 39.36
C GLU A 544 5.19 -25.51 40.02
N ASN A 545 5.56 -24.40 39.36
CA ASN A 545 5.40 -23.07 39.94
C ASN A 545 4.06 -22.38 39.66
N PHE A 546 3.31 -22.88 38.67
CA PHE A 546 2.06 -22.25 38.24
C PHE A 546 0.97 -22.39 39.30
N LYS A 547 0.99 -21.46 40.26
CA LYS A 547 0.11 -21.49 41.41
C LYS A 547 -0.30 -20.08 41.81
N VAL A 548 -1.38 -19.96 42.57
CA VAL A 548 -1.77 -18.69 43.14
C VAL A 548 -0.62 -18.22 44.03
N GLY A 549 -0.07 -17.06 43.69
CA GLY A 549 1.05 -16.51 44.45
C GLY A 549 2.34 -16.39 43.65
N PHE A 550 2.38 -17.06 42.50
CA PHE A 550 3.50 -16.95 41.57
C PHE A 550 3.73 -15.49 41.26
N SER A 551 4.97 -15.04 41.45
CA SER A 551 5.30 -13.63 41.33
C SER A 551 6.63 -13.42 40.62
N ARG A 552 6.63 -12.46 39.69
CA ARG A 552 7.86 -12.00 39.03
C ARG A 552 7.85 -10.48 38.92
N LYS A 553 9.01 -9.87 39.14
CA LYS A 553 9.15 -8.43 38.97
C LYS A 553 9.73 -8.12 37.58
N MET A 554 8.96 -8.42 36.55
CA MET A 554 9.39 -8.15 35.17
C MET A 554 8.22 -7.75 34.25
N LYS A 555 7.23 -7.08 34.83
CA LYS A 555 6.17 -6.48 34.04
C LYS A 555 6.45 -4.99 33.86
N PRO A 556 6.62 -4.55 32.60
CA PRO A 556 6.74 -3.12 32.31
C PRO A 556 5.50 -2.34 32.74
N LYS A 557 5.70 -1.28 33.53
CA LYS A 557 4.65 -0.30 33.77
C LYS A 557 5.06 1.05 33.19
N PRO A 558 4.11 1.78 32.58
CA PRO A 558 4.37 3.11 32.03
C PRO A 558 4.44 4.17 33.13
N VAL A 559 5.48 4.99 33.10
CA VAL A 559 5.66 6.07 34.09
C VAL A 559 5.82 7.40 33.36
N GLN A 560 4.89 8.32 33.61
CA GLN A 560 4.99 9.65 33.05
C GLN A 560 6.09 10.40 33.80
N VAL A 561 7.07 10.90 33.05
CA VAL A 561 8.12 11.72 33.64
C VAL A 561 8.24 13.00 32.81
N PRO A 562 9.02 14.00 33.29
CA PRO A 562 9.22 15.18 32.46
C PRO A 562 9.80 14.80 31.10
N GLY A 563 9.08 15.14 30.03
CA GLY A 563 9.55 14.89 28.66
C GLY A 563 8.74 13.86 27.91
N GLY A 564 8.34 12.80 28.59
CA GLY A 564 7.57 11.71 27.96
C GLY A 564 7.24 10.58 28.91
N VAL A 565 7.23 9.36 28.37
CA VAL A 565 6.94 8.15 29.14
C VAL A 565 8.15 7.22 29.14
N VAL A 566 8.39 6.59 30.28
CA VAL A 566 9.42 5.57 30.38
C VAL A 566 8.79 4.29 30.93
N LEU A 567 9.27 3.14 30.46
CA LEU A 567 8.84 1.85 30.99
C LEU A 567 9.71 1.42 32.18
N VAL A 568 9.06 0.96 33.25
CA VAL A 568 9.76 0.53 34.46
C VAL A 568 9.26 -0.86 34.87
N ASP A 569 10.15 -1.66 35.47
CA ASP A 569 9.78 -2.99 35.94
C ASP A 569 8.87 -2.95 37.15
N ASP A 570 7.83 -3.80 37.14
CA ASP A 570 6.85 -3.89 38.21
C ASP A 570 6.61 -5.35 38.58
N THR A 571 6.29 -5.58 39.84
CA THR A 571 5.92 -6.91 40.33
C THR A 571 4.52 -7.30 39.83
N PHE A 572 4.46 -8.44 39.15
CA PHE A 572 3.20 -9.06 38.77
C PHE A 572 3.00 -10.34 39.55
N THR A 573 1.79 -10.53 40.08
CA THR A 573 1.47 -11.70 40.89
C THR A 573 0.14 -12.32 40.44
N ILE A 574 0.06 -13.65 40.46
CA ILE A 574 -1.19 -14.34 40.22
C ILE A 574 -2.05 -14.26 41.48
N LYS A 575 -3.14 -13.52 41.41
CA LYS A 575 -4.12 -13.44 42.50
C LYS A 575 -5.10 -14.61 42.40
N UNK B 1 -32.79 -48.52 81.67
CA UNK B 1 -33.73 -47.72 82.44
C UNK B 1 -34.34 -46.57 81.62
N UNK B 2 -33.53 -45.94 80.78
CA UNK B 2 -33.96 -44.81 79.95
C UNK B 2 -34.24 -45.17 78.48
N UNK B 3 -34.11 -46.45 78.14
CA UNK B 3 -34.47 -46.96 76.81
C UNK B 3 -35.93 -47.43 76.74
N UNK B 4 -36.69 -47.09 77.79
CA UNK B 4 -38.13 -47.40 77.85
C UNK B 4 -38.94 -46.29 77.17
N UNK B 5 -38.73 -45.05 77.61
CA UNK B 5 -39.41 -43.88 77.03
C UNK B 5 -38.83 -43.50 75.67
N UNK B 6 -37.59 -43.91 75.41
CA UNK B 6 -36.92 -43.66 74.13
C UNK B 6 -37.53 -44.50 72.99
N UNK B 7 -38.20 -45.59 73.34
CA UNK B 7 -38.83 -46.48 72.36
C UNK B 7 -40.33 -46.21 72.16
N UNK B 8 -41.00 -45.74 73.22
CA UNK B 8 -42.42 -45.37 73.14
C UNK B 8 -42.63 -44.12 72.26
N UNK B 9 -41.59 -43.29 72.15
CA UNK B 9 -41.60 -42.11 71.30
C UNK B 9 -41.51 -42.49 69.82
N UNK B 10 -40.49 -43.28 69.47
CA UNK B 10 -40.23 -43.68 68.08
C UNK B 10 -41.37 -44.47 67.41
N UNK B 11 -42.43 -44.70 68.17
CA UNK B 11 -43.65 -45.35 67.65
C UNK B 11 -44.83 -44.37 67.56
N UNK B 12 -44.84 -43.35 68.42
CA UNK B 12 -45.92 -42.36 68.43
C UNK B 12 -45.82 -41.40 67.25
N UNK B 13 -39.38 -56.99 75.89
CA UNK B 13 -38.75 -56.06 74.97
C UNK B 13 -39.78 -55.46 74.01
N UNK B 14 -39.57 -54.20 73.65
CA UNK B 14 -40.42 -53.49 72.69
C UNK B 14 -39.75 -53.39 71.32
N UNK B 15 -38.86 -54.35 71.04
CA UNK B 15 -38.14 -54.43 69.77
C UNK B 15 -39.04 -54.81 68.58
N UNK B 16 -40.28 -55.19 68.87
CA UNK B 16 -41.27 -55.54 67.86
C UNK B 16 -41.91 -54.29 67.23
N UNK B 17 -42.34 -53.35 68.08
CA UNK B 17 -42.95 -52.10 67.62
C UNK B 17 -41.92 -51.13 67.05
N UNK B 18 -40.68 -51.21 67.54
CA UNK B 18 -39.56 -50.41 67.04
C UNK B 18 -39.04 -50.90 65.69
N UNK B 19 -39.03 -52.22 65.50
CA UNK B 19 -38.61 -52.83 64.23
C UNK B 19 -39.65 -52.64 63.12
N UNK B 20 -40.93 -52.52 63.51
CA UNK B 20 -42.03 -52.32 62.57
C UNK B 20 -41.98 -50.95 61.90
N UNK B 21 -41.66 -49.91 62.67
CA UNK B 21 -41.49 -48.57 62.12
C UNK B 21 -40.17 -48.43 61.36
N UNK B 22 -39.13 -49.13 61.84
CA UNK B 22 -37.81 -49.10 61.21
C UNK B 22 -37.79 -49.74 59.82
N UNK B 23 -38.83 -50.53 59.52
CA UNK B 23 -38.95 -51.21 58.22
C UNK B 23 -40.05 -50.61 57.34
N UNK B 24 -41.19 -50.28 57.93
CA UNK B 24 -42.30 -49.66 57.21
C UNK B 24 -41.90 -48.29 56.65
N UNK B 25 -41.12 -47.53 57.43
CA UNK B 25 -40.61 -46.22 57.01
C UNK B 25 -39.41 -46.34 56.07
N UNK B 26 -38.84 -47.55 55.99
CA UNK B 26 -37.73 -47.83 55.08
C UNK B 26 -38.22 -48.25 53.69
N UNK B 27 -39.51 -48.63 53.61
CA UNK B 27 -40.10 -49.16 52.37
C UNK B 27 -41.04 -48.17 51.68
N UNK B 28 -41.77 -47.38 52.45
CA UNK B 28 -42.69 -46.40 51.89
C UNK B 28 -41.99 -45.08 51.56
N UNK B 29 -41.21 -44.58 52.51
CA UNK B 29 -40.55 -43.28 52.38
C UNK B 29 -39.05 -43.40 52.14
N UNK B 30 -38.49 -44.58 52.44
CA UNK B 30 -37.05 -44.89 52.28
C UNK B 30 -36.10 -44.06 53.17
N UNK B 31 -35.99 -44.47 54.44
CA UNK B 31 -35.12 -43.80 55.42
C UNK B 31 -34.56 -44.77 56.47
N UNK B 32 -33.43 -44.39 57.08
CA UNK B 32 -32.66 -45.24 58.00
C UNK B 32 -33.33 -45.53 59.36
N UNK B 33 -32.72 -46.45 60.12
CA UNK B 33 -33.28 -46.95 61.38
C UNK B 33 -32.44 -46.58 62.62
N UNK B 34 -33.05 -45.78 63.50
CA UNK B 34 -32.49 -45.37 64.81
C UNK B 34 -31.17 -44.60 64.77
N ALA B 35 -47.86 -39.25 65.79
CA ALA B 35 -47.89 -38.17 66.81
C ALA B 35 -46.54 -37.46 66.98
N ASN B 36 -45.47 -38.23 67.16
CA ASN B 36 -44.09 -37.71 67.13
C ASN B 36 -43.70 -37.41 65.68
N MET B 37 -43.90 -36.16 65.27
CA MET B 37 -43.75 -35.79 63.86
C MET B 37 -42.31 -35.64 63.36
N ARG B 38 -41.35 -36.09 64.17
CA ARG B 38 -39.96 -36.20 63.75
C ARG B 38 -39.80 -37.44 62.88
N TYR B 39 -40.66 -38.43 63.11
CA TYR B 39 -40.65 -39.70 62.40
C TYR B 39 -41.97 -39.96 61.67
N GLN B 40 -42.63 -38.88 61.26
CA GLN B 40 -43.77 -38.94 60.35
C GLN B 40 -43.30 -38.25 59.08
N PHE B 41 -43.39 -38.96 57.96
CA PHE B 41 -42.80 -38.46 56.72
C PHE B 41 -43.83 -38.11 55.66
N GLU B 42 -43.35 -37.55 54.55
CA GLU B 42 -44.23 -37.12 53.47
C GLU B 42 -43.50 -37.24 52.13
N LYS B 43 -44.10 -37.96 51.21
CA LYS B 43 -43.55 -38.16 49.88
C LYS B 43 -44.21 -37.21 48.88
N ASN B 44 -43.38 -36.51 48.11
CA ASN B 44 -43.83 -35.55 47.11
C ASN B 44 -44.44 -36.22 45.88
N ALA B 45 -45.16 -35.44 45.09
CA ALA B 45 -45.57 -35.86 43.75
C ALA B 45 -44.34 -36.03 42.85
N TYR B 46 -43.20 -35.49 43.29
CA TYR B 46 -41.93 -35.56 42.57
C TYR B 46 -40.96 -36.51 43.27
N GLY B 47 -41.48 -37.25 44.25
CA GLY B 47 -40.71 -38.25 44.96
C GLY B 47 -39.71 -37.70 45.97
N VAL B 48 -39.93 -36.47 46.42
CA VAL B 48 -39.10 -35.85 47.46
C VAL B 48 -39.67 -36.19 48.83
N VAL B 49 -38.81 -36.71 49.72
CA VAL B 49 -39.24 -37.11 51.05
C VAL B 49 -38.65 -36.17 52.11
N ALA B 50 -39.53 -35.66 52.98
CA ALA B 50 -39.14 -34.84 54.11
C ALA B 50 -40.00 -35.23 55.32
N SER B 51 -39.43 -35.18 56.52
CA SER B 51 -40.23 -35.43 57.73
C SER B 51 -41.19 -34.27 57.96
N LYS B 52 -42.30 -34.56 58.65
CA LYS B 52 -43.31 -33.54 58.92
C LYS B 52 -42.83 -32.46 59.88
N ALA B 53 -41.92 -32.81 60.77
CA ALA B 53 -41.24 -31.84 61.63
C ALA B 53 -40.47 -30.82 60.78
N LYS B 54 -39.62 -31.32 59.88
CA LYS B 54 -38.78 -30.49 59.00
C LYS B 54 -39.61 -29.56 58.15
N ILE B 55 -40.76 -30.04 57.69
CA ILE B 55 -41.67 -29.24 56.86
C ILE B 55 -42.21 -28.05 57.65
N ALA B 56 -42.69 -28.31 58.86
CA ALA B 56 -43.20 -27.27 59.75
C ALA B 56 -42.12 -26.23 60.12
N GLU B 57 -40.89 -26.69 60.35
CA GLU B 57 -39.77 -25.79 60.62
C GLU B 57 -39.63 -24.80 59.48
N ILE B 58 -39.62 -25.30 58.24
CA ILE B 58 -39.47 -24.47 57.06
C ILE B 58 -40.65 -23.52 56.92
N GLU B 59 -41.86 -24.03 57.19
CA GLU B 59 -43.06 -23.20 57.14
C GLU B 59 -42.93 -22.00 58.07
N ARG B 60 -42.49 -22.28 59.30
CA ARG B 60 -42.37 -21.26 60.34
C ARG B 60 -41.35 -20.20 59.97
N ASN B 61 -40.17 -20.63 59.53
CA ASN B 61 -39.14 -19.69 59.09
C ASN B 61 -39.60 -18.82 57.93
N THR B 62 -40.34 -19.41 56.99
CA THR B 62 -40.89 -18.67 55.85
C THR B 62 -41.82 -17.56 56.35
N LYS B 63 -42.74 -17.92 57.25
CA LYS B 63 -43.60 -16.95 57.95
C LYS B 63 -42.80 -15.83 58.60
N GLU B 64 -41.72 -16.20 59.30
CA GLU B 64 -40.86 -15.26 60.00
C GLU B 64 -40.14 -14.30 59.06
N VAL B 65 -39.71 -14.80 57.91
CA VAL B 65 -39.03 -13.94 56.92
C VAL B 65 -40.04 -12.96 56.36
N GLN B 66 -41.25 -13.44 56.12
CA GLN B 66 -42.34 -12.58 55.67
C GLN B 66 -42.58 -11.45 56.67
N ARG B 67 -42.63 -11.79 57.96
CA ARG B 67 -42.76 -10.80 59.04
C ARG B 67 -41.66 -9.75 59.01
N LEU B 68 -40.41 -10.18 58.85
CA LEU B 68 -39.27 -9.26 58.86
C LEU B 68 -39.26 -8.34 57.65
N VAL B 69 -39.61 -8.89 56.49
CA VAL B 69 -39.66 -8.13 55.25
C VAL B 69 -40.76 -7.08 55.35
N ASP B 70 -41.91 -7.48 55.87
CA ASP B 70 -43.01 -6.57 56.11
C ASP B 70 -42.62 -5.43 57.05
N GLU B 71 -41.97 -5.75 58.16
CA GLU B 71 -41.48 -4.73 59.11
C GLU B 71 -40.54 -3.74 58.45
N LYS B 72 -39.60 -4.28 57.67
CA LYS B 72 -38.57 -3.48 57.03
C LYS B 72 -39.16 -2.49 56.02
N ILE B 73 -40.14 -2.96 55.25
CA ILE B 73 -40.81 -2.13 54.26
C ILE B 73 -41.53 -0.97 54.95
N LYS B 74 -42.31 -1.32 55.97
CA LYS B 74 -43.05 -0.34 56.77
C LYS B 74 -42.11 0.72 57.35
N ALA B 75 -41.00 0.27 57.92
CA ALA B 75 -40.01 1.16 58.49
C ALA B 75 -39.40 2.15 57.48
N MET B 76 -39.29 1.73 56.22
CA MET B 76 -38.68 2.57 55.19
C MET B 76 -39.64 3.63 54.66
N LYS B 77 -40.94 3.30 54.64
CA LYS B 77 -41.96 4.23 54.20
C LYS B 77 -41.93 5.51 55.02
N ASP B 78 -42.43 6.58 54.43
CA ASP B 78 -42.65 7.85 55.12
C ASP B 78 -41.38 8.52 55.62
N LYS B 79 -40.25 8.27 54.98
CA LYS B 79 -39.00 8.81 55.51
C LYS B 79 -38.49 10.08 54.84
N GLU B 80 -38.92 10.33 53.61
CA GLU B 80 -38.59 11.57 52.91
C GLU B 80 -39.46 12.71 53.45
N TYR B 81 -40.62 12.33 53.97
CA TYR B 81 -41.63 13.26 54.42
C TYR B 81 -41.42 13.64 55.88
N TYR B 82 -40.94 12.68 56.68
CA TYR B 82 -40.67 12.96 58.09
C TYR B 82 -39.21 13.30 58.38
N ALA B 83 -38.28 12.42 57.98
CA ALA B 83 -36.85 12.64 58.20
C ALA B 83 -36.28 13.71 57.27
N THR B 104 -35.18 -2.22 44.42
CA THR B 104 -34.73 -2.73 45.70
C THR B 104 -34.88 -4.23 45.69
N GLY B 105 -33.97 -4.92 46.37
CA GLY B 105 -33.99 -6.38 46.44
C GLY B 105 -34.67 -6.92 47.68
N ILE B 106 -35.68 -6.20 48.16
CA ILE B 106 -36.46 -6.66 49.31
C ILE B 106 -37.60 -7.55 48.84
N ASN B 107 -37.40 -8.87 48.96
CA ASN B 107 -38.32 -9.83 48.41
C ASN B 107 -39.08 -10.56 49.49
N ARG B 108 -40.40 -10.46 49.45
CA ARG B 108 -41.26 -11.20 50.35
C ARG B 108 -41.49 -12.60 49.78
N PRO B 109 -40.97 -13.65 50.45
CA PRO B 109 -41.09 -15.02 49.94
C PRO B 109 -42.53 -15.53 49.94
N HIS B 110 -42.83 -16.48 49.06
CA HIS B 110 -44.15 -17.08 49.00
C HIS B 110 -44.30 -18.14 50.09
N ASP B 111 -45.51 -18.27 50.63
CA ASP B 111 -45.83 -19.30 51.61
C ASP B 111 -45.25 -20.64 51.16
N PHE B 112 -44.47 -21.27 52.04
CA PHE B 112 -43.83 -22.54 51.71
C PHE B 112 -44.85 -23.66 51.49
N ASP B 113 -44.72 -24.31 50.33
CA ASP B 113 -45.62 -25.35 49.90
C ASP B 113 -44.78 -26.54 49.45
N PHE B 114 -44.74 -27.58 50.27
CA PHE B 114 -43.88 -28.75 50.01
C PHE B 114 -44.19 -29.47 48.68
N SER B 115 -45.46 -29.50 48.29
CA SER B 115 -45.88 -30.18 47.07
C SER B 115 -45.25 -29.62 45.79
N LYS B 116 -44.66 -28.43 45.89
CA LYS B 116 -44.06 -27.78 44.72
C LYS B 116 -42.54 -27.94 44.66
N VAL B 117 -41.97 -28.60 45.68
CA VAL B 117 -40.54 -28.87 45.73
C VAL B 117 -40.20 -30.05 44.81
N ARG B 118 -39.51 -29.77 43.70
CA ARG B 118 -39.28 -30.78 42.67
C ARG B 118 -37.94 -31.52 42.76
N SER B 119 -37.13 -31.19 43.76
CA SER B 119 -35.81 -31.82 43.93
C SER B 119 -35.27 -31.61 45.33
N TYR B 120 -34.33 -32.45 45.75
CA TYR B 120 -33.67 -32.27 47.04
C TYR B 120 -32.81 -31.03 47.11
N SER B 121 -32.24 -30.64 45.97
CA SER B 121 -31.48 -29.40 45.85
C SER B 121 -32.37 -28.18 46.17
N ARG B 122 -33.60 -28.25 45.68
CA ARG B 122 -34.59 -27.21 45.91
C ARG B 122 -34.97 -27.11 47.39
N LEU B 123 -35.26 -28.26 48.01
CA LEU B 123 -35.58 -28.34 49.43
C LEU B 123 -34.40 -27.84 50.29
N ARG B 124 -33.20 -28.29 49.95
CA ARG B 124 -32.01 -27.90 50.68
C ARG B 124 -31.83 -26.38 50.64
N THR B 125 -32.00 -25.81 49.44
CA THR B 125 -31.91 -24.36 49.26
C THR B 125 -32.94 -23.62 50.12
N LEU B 126 -34.18 -24.09 50.10
CA LEU B 126 -35.26 -23.48 50.87
C LEU B 126 -34.99 -23.56 52.37
N GLU B 127 -34.55 -24.73 52.82
CA GLU B 127 -34.32 -24.95 54.24
C GLU B 127 -33.23 -24.02 54.79
N GLU B 128 -32.09 -23.98 54.10
CA GLU B 128 -30.96 -23.15 54.51
C GLU B 128 -31.24 -21.65 54.46
N SER B 129 -31.80 -21.19 53.35
CA SER B 129 -31.99 -19.74 53.12
C SER B 129 -33.10 -19.15 53.97
N MET B 130 -34.17 -19.91 54.19
CA MET B 130 -35.29 -19.43 55.02
C MET B 130 -34.88 -19.18 56.45
N GLU B 131 -34.02 -20.03 57.00
CA GLU B 131 -33.51 -19.79 58.34
C GLU B 131 -32.37 -18.76 58.31
N MET B 132 -31.62 -18.72 57.21
CA MET B 132 -30.59 -17.71 57.05
C MET B 132 -31.23 -16.33 57.07
N ARG B 133 -32.38 -16.20 56.41
CA ARG B 133 -33.03 -14.91 56.25
C ARG B 133 -33.84 -14.45 57.47
N THR B 134 -33.83 -15.25 58.53
CA THR B 134 -34.49 -14.87 59.77
C THR B 134 -33.52 -14.08 60.65
N ASP B 135 -32.26 -14.02 60.21
CA ASP B 135 -31.22 -13.26 60.88
C ASP B 135 -31.56 -11.77 60.84
N PRO B 136 -31.54 -11.11 62.02
CA PRO B 136 -31.92 -9.70 62.09
C PRO B 136 -30.91 -8.77 61.38
N GLN B 137 -29.76 -9.31 60.97
CA GLN B 137 -28.74 -8.50 60.34
C GLN B 137 -28.41 -9.00 58.93
N TYR B 138 -29.37 -9.67 58.32
CA TYR B 138 -29.21 -10.29 57.02
C TYR B 138 -28.84 -9.28 55.94
N TYR B 139 -29.66 -8.24 55.78
CA TYR B 139 -29.42 -7.21 54.78
C TYR B 139 -28.14 -6.41 55.01
N GLU B 140 -27.84 -6.13 56.28
CA GLU B 140 -26.60 -5.46 56.66
C GLU B 140 -25.39 -6.32 56.30
N LYS B 141 -25.50 -7.62 56.53
CA LYS B 141 -24.42 -8.56 56.20
C LYS B 141 -24.20 -8.69 54.71
N LYS B 142 -25.29 -8.64 53.95
CA LYS B 142 -25.25 -8.71 52.48
C LYS B 142 -24.52 -7.52 51.85
N MET B 143 -24.78 -6.31 52.35
CA MET B 143 -24.06 -5.11 51.95
C MET B 143 -22.56 -5.32 52.10
N ILE B 144 -22.18 -5.76 53.28
CA ILE B 144 -20.78 -5.99 53.63
C ILE B 144 -20.17 -7.08 52.75
N GLN B 145 -20.96 -8.12 52.48
CA GLN B 145 -20.49 -9.26 51.71
C GLN B 145 -20.37 -8.93 50.23
N LEU B 146 -21.24 -8.05 49.73
CA LEU B 146 -21.22 -7.62 48.32
C LEU B 146 -19.91 -6.96 47.94
N GLN B 147 -19.50 -5.98 48.73
CA GLN B 147 -18.25 -5.26 48.50
C GLN B 147 -17.05 -6.22 48.53
N LEU B 148 -17.11 -7.18 49.46
CA LEU B 148 -16.06 -8.19 49.59
C LEU B 148 -16.00 -9.13 48.37
N ASN B 149 -17.17 -9.53 47.89
CA ASN B 149 -17.26 -10.34 46.68
C ASN B 149 -16.70 -9.60 45.48
N PHE B 150 -17.05 -8.33 45.36
CA PHE B 150 -16.62 -7.53 44.24
C PHE B 150 -15.11 -7.38 44.20
N ILE B 151 -14.50 -7.14 45.35
CA ILE B 151 -13.05 -7.02 45.42
C ILE B 151 -12.40 -8.32 44.97
N LYS B 152 -12.86 -9.44 45.53
CA LYS B 152 -12.37 -10.78 45.14
C LYS B 152 -12.53 -11.01 43.65
N SER B 153 -13.67 -10.60 43.12
CA SER B 153 -13.94 -10.69 41.69
C SER B 153 -12.95 -9.89 40.83
N VAL B 154 -12.63 -8.68 41.26
CA VAL B 154 -11.64 -7.83 40.58
C VAL B 154 -10.24 -8.41 40.69
N GLU B 155 -9.84 -8.79 41.90
CA GLU B 155 -8.56 -9.45 42.15
C GLU B 155 -8.38 -10.64 41.21
N GLY B 156 -9.44 -11.45 41.09
CA GLY B 156 -9.44 -12.62 40.24
C GLY B 156 -9.24 -12.32 38.76
N SER B 157 -9.98 -11.34 38.24
CA SER B 157 -9.96 -11.09 36.80
C SER B 157 -8.75 -10.33 36.28
N PHE B 158 -8.07 -9.57 37.15
CA PHE B 158 -6.88 -8.81 36.70
C PHE B 158 -5.55 -9.24 37.31
N ASN B 159 -5.62 -10.03 38.38
CA ASN B 159 -4.43 -10.39 39.16
C ASN B 159 -3.77 -9.15 39.78
N SER B 160 -2.49 -9.27 40.15
CA SER B 160 -1.82 -8.22 40.91
C SER B 160 -0.66 -7.56 40.17
N PHE B 161 -0.84 -6.27 39.90
CA PHE B 161 0.25 -5.41 39.42
C PHE B 161 -0.06 -3.99 39.85
N ASP B 162 0.90 -3.08 39.65
CA ASP B 162 0.83 -1.70 40.14
C ASP B 162 -0.56 -1.07 40.18
N ALA B 163 -1.14 -0.82 39.00
CA ALA B 163 -2.44 -0.15 38.88
C ALA B 163 -3.59 -0.98 39.44
N ALA B 164 -3.53 -2.30 39.20
CA ALA B 164 -4.53 -3.23 39.73
C ALA B 164 -4.58 -3.22 41.26
N ASP B 165 -3.40 -3.13 41.89
CA ASP B 165 -3.26 -3.05 43.35
C ASP B 165 -3.87 -1.77 43.89
N GLU B 166 -3.64 -0.68 43.17
CA GLU B 166 -4.13 0.64 43.53
C GLU B 166 -5.64 0.68 43.51
N LEU B 167 -6.23 0.08 42.48
CA LEU B 167 -7.68 -0.06 42.37
C LEU B 167 -8.26 -0.81 43.57
N ILE B 168 -7.63 -1.91 43.95
CA ILE B 168 -8.13 -2.73 45.05
C ILE B 168 -8.05 -1.98 46.37
N GLU B 169 -6.98 -1.23 46.58
CA GLU B 169 -6.83 -0.43 47.79
C GLU B 169 -7.86 0.69 47.78
N GLU B 170 -8.12 1.24 46.60
CA GLU B 170 -9.07 2.33 46.43
C GLU B 170 -10.50 1.88 46.70
N LEU B 171 -10.83 0.65 46.29
CA LEU B 171 -12.14 0.05 46.49
C LEU B 171 -12.41 -0.31 47.96
N LYS B 172 -11.34 -0.60 48.70
CA LYS B 172 -11.44 -0.92 50.12
C LYS B 172 -11.75 0.32 50.97
N LYS B 173 -11.40 1.50 50.47
CA LYS B 173 -11.59 2.74 51.21
C LYS B 173 -13.03 3.25 51.21
N ILE B 174 -13.87 2.69 50.34
CA ILE B 174 -15.26 3.10 50.24
C ILE B 174 -16.11 2.46 51.35
N PRO B 175 -16.87 3.29 52.13
CA PRO B 175 -17.81 2.79 53.15
C PRO B 175 -18.87 1.87 52.55
N PRO B 176 -19.05 0.67 53.14
CA PRO B 176 -19.88 -0.41 52.57
C PRO B 176 -21.28 -0.02 52.07
N ASP B 177 -21.99 0.84 52.79
CA ASP B 177 -23.33 1.25 52.34
C ASP B 177 -23.24 2.29 51.23
N ASP B 178 -22.15 3.04 51.22
CA ASP B 178 -21.88 4.01 50.17
C ASP B 178 -21.41 3.31 48.90
N PHE B 179 -20.81 2.13 49.07
CA PHE B 179 -20.32 1.30 47.97
C PHE B 179 -21.45 0.76 47.10
N TYR B 180 -22.60 0.51 47.70
CA TYR B 180 -23.69 -0.13 46.97
C TYR B 180 -24.19 0.65 45.75
N GLU B 181 -24.48 1.93 45.94
CA GLU B 181 -25.02 2.76 44.85
C GLU B 181 -23.99 2.90 43.75
N LEU B 182 -22.72 2.94 44.16
CA LEU B 182 -21.59 2.99 43.26
C LEU B 182 -21.42 1.70 42.45
N PHE B 183 -21.84 0.57 43.04
CA PHE B 183 -21.77 -0.74 42.37
C PHE B 183 -22.76 -0.86 41.21
N LEU B 184 -23.91 -0.22 41.34
CA LEU B 184 -24.91 -0.18 40.27
C LEU B 184 -24.37 0.33 38.93
N ARG B 185 -23.30 1.14 38.97
CA ARG B 185 -22.66 1.65 37.77
C ARG B 185 -21.58 0.69 37.30
N ILE B 186 -20.58 0.48 38.16
CA ILE B 186 -19.32 -0.21 37.84
C ILE B 186 -19.48 -1.64 37.32
N SER B 187 -20.43 -2.38 37.89
CA SER B 187 -20.72 -3.75 37.46
C SER B 187 -21.30 -3.74 36.06
N GLU B 188 -22.30 -2.88 35.84
CA GLU B 188 -23.04 -2.80 34.58
C GLU B 188 -22.25 -2.16 33.42
N ILE B 189 -20.92 -2.33 33.45
CA ILE B 189 -20.06 -1.87 32.33
C ILE B 189 -19.01 -2.89 31.85
N SER B 190 -18.15 -3.36 32.76
CA SER B 190 -16.98 -4.20 32.39
C SER B 190 -17.32 -5.68 32.18
N GLY B 198 -9.12 -12.33 22.73
CA GLY B 198 -7.97 -11.46 22.97
C GLY B 198 -8.03 -10.81 24.33
N ASN B 199 -7.59 -11.56 25.35
CA ASN B 199 -7.52 -11.05 26.72
C ASN B 199 -6.10 -10.57 27.04
N THR B 200 -5.64 -9.56 26.29
CA THR B 200 -4.24 -9.11 26.28
C THR B 200 -3.74 -8.50 27.60
N VAL B 201 -2.44 -8.21 27.65
CA VAL B 201 -1.81 -7.52 28.77
C VAL B 201 -2.28 -6.07 28.77
N GLU B 202 -2.38 -5.48 27.58
CA GLU B 202 -2.89 -4.12 27.40
C GLU B 202 -4.40 -4.06 27.61
N ASN B 203 -5.10 -5.08 27.12
CA ASN B 203 -6.54 -5.21 27.29
C ASN B 203 -6.95 -5.31 28.75
N VAL B 204 -6.10 -5.95 29.57
CA VAL B 204 -6.32 -6.05 31.01
C VAL B 204 -6.05 -4.72 31.68
N GLU B 205 -4.91 -4.12 31.35
CA GLU B 205 -4.54 -2.80 31.89
C GLU B 205 -5.63 -1.77 31.61
N GLY B 206 -6.20 -1.84 30.41
CA GLY B 206 -7.27 -0.94 30.00
C GLY B 206 -8.48 -0.99 30.92
N ASN B 207 -8.96 -2.20 31.22
CA ASN B 207 -10.10 -2.39 32.13
C ASN B 207 -9.88 -1.89 33.56
N VAL B 208 -8.64 -1.97 34.05
CA VAL B 208 -8.31 -1.43 35.38
C VAL B 208 -8.48 0.09 35.36
N TYR B 209 -7.96 0.72 34.31
CA TYR B 209 -8.07 2.17 34.14
C TYR B 209 -9.53 2.62 34.00
N LYS B 210 -10.34 1.78 33.36
CA LYS B 210 -11.76 2.08 33.18
C LYS B 210 -12.47 2.14 34.53
N ILE B 211 -12.35 1.07 35.32
CA ILE B 211 -12.95 1.03 36.66
C ILE B 211 -12.42 2.18 37.52
N LEU B 212 -11.10 2.36 37.56
CA LEU B 212 -10.50 3.48 38.25
C LEU B 212 -11.13 4.83 37.90
N SER B 213 -11.42 5.05 36.62
CA SER B 213 -12.00 6.32 36.15
C SER B 213 -13.41 6.55 36.66
N TYR B 214 -14.12 5.46 36.97
CA TYR B 214 -15.44 5.54 37.59
C TYR B 214 -15.33 5.96 39.05
N LEU B 215 -14.33 5.42 39.76
CA LEU B 215 -14.04 5.86 41.13
C LEU B 215 -13.65 7.33 41.17
N GLU B 216 -12.89 7.78 40.18
CA GLU B 216 -12.56 9.20 40.03
C GLU B 216 -13.85 10.01 39.87
N GLN B 217 -14.76 9.49 39.06
CA GLN B 217 -16.03 10.16 38.77
C GLN B 217 -16.90 10.22 40.02
N TYR B 218 -16.82 9.18 40.84
CA TYR B 218 -17.53 9.09 42.10
C TYR B 218 -17.05 10.13 43.10
N ARG B 219 -15.73 10.23 43.24
CA ARG B 219 -15.11 11.15 44.20
C ARG B 219 -15.33 12.63 43.90
N ARG B 220 -15.47 12.99 42.62
CA ARG B 220 -15.79 14.37 42.25
C ARG B 220 -17.30 14.65 42.33
N GLY B 221 -18.04 13.68 42.88
CA GLY B 221 -19.46 13.83 43.19
C GLY B 221 -20.37 13.89 41.98
N ASP B 222 -20.19 12.97 41.05
CA ASP B 222 -21.09 12.87 39.90
C ASP B 222 -22.26 11.92 40.17
N PHE B 223 -22.17 11.18 41.28
CA PHE B 223 -23.19 10.18 41.62
C PHE B 223 -23.90 10.48 42.94
N ARG C 6 95.95 -0.95 -55.42
CA ARG C 6 94.72 -0.46 -56.12
C ARG C 6 94.91 0.94 -56.65
N LYS C 7 94.94 1.06 -57.97
CA LYS C 7 95.18 2.34 -58.61
C LYS C 7 93.88 3.07 -58.94
N MET C 8 93.97 4.39 -59.16
CA MET C 8 92.81 5.19 -59.52
C MET C 8 93.04 5.99 -60.80
N TYR C 9 92.05 5.96 -61.69
CA TYR C 9 92.16 6.63 -62.99
C TYR C 9 90.96 7.50 -63.33
N SER C 10 91.25 8.70 -63.82
CA SER C 10 90.23 9.59 -64.35
C SER C 10 90.13 9.35 -65.87
N CYS C 11 88.92 9.02 -66.35
CA CYS C 11 88.74 8.62 -67.76
C CYS C 11 87.64 9.38 -68.49
N ALA C 12 87.73 9.39 -69.82
CA ALA C 12 86.74 10.06 -70.68
C ALA C 12 86.71 9.52 -72.11
N PHE C 13 85.53 9.57 -72.73
CA PHE C 13 85.35 9.24 -74.15
C PHE C 13 84.95 10.44 -74.99
N GLU C 14 85.25 10.38 -76.27
CA GLU C 14 84.68 11.28 -77.25
C GLU C 14 84.04 10.41 -78.31
N THR C 15 82.79 10.72 -78.66
CA THR C 15 82.00 9.79 -79.47
C THR C 15 81.32 10.49 -80.65
N THR C 16 80.76 9.71 -81.57
CA THR C 16 80.07 10.28 -82.73
C THR C 16 78.59 10.56 -82.44
N THR C 17 77.98 11.38 -83.30
CA THR C 17 76.63 11.89 -83.05
C THR C 17 75.61 11.34 -84.04
N LYS C 18 75.99 10.31 -84.78
CA LYS C 18 75.12 9.73 -85.81
C LYS C 18 74.40 8.49 -85.29
N VAL C 19 73.09 8.47 -85.49
CA VAL C 19 72.23 7.36 -85.10
C VAL C 19 72.73 6.04 -85.71
N GLU C 20 73.12 6.10 -86.99
CA GLU C 20 73.57 4.94 -87.73
C GLU C 20 75.01 4.56 -87.37
N ASP C 21 75.84 5.58 -87.12
CA ASP C 21 77.26 5.37 -86.88
C ASP C 21 77.69 5.93 -85.51
N CYS C 22 77.58 5.08 -84.50
CA CYS C 22 77.83 5.50 -83.13
C CYS C 22 78.96 4.71 -82.47
N ARG C 23 80.06 5.41 -82.18
CA ARG C 23 81.29 4.79 -81.69
C ARG C 23 82.21 5.80 -81.00
N VAL C 24 83.08 5.28 -80.12
CA VAL C 24 84.12 6.05 -79.47
C VAL C 24 85.21 6.37 -80.49
N TRP C 25 85.51 7.66 -80.69
CA TRP C 25 86.62 8.04 -81.57
C TRP C 25 87.87 8.46 -80.79
N ALA C 26 87.69 8.79 -79.52
CA ALA C 26 88.82 9.12 -78.63
C ALA C 26 88.56 8.64 -77.21
N TYR C 27 89.63 8.17 -76.58
CA TYR C 27 89.60 7.84 -75.16
C TYR C 27 90.76 8.50 -74.44
N GLY C 28 90.62 8.65 -73.13
CA GLY C 28 91.68 9.21 -72.30
C GLY C 28 91.63 8.64 -70.91
N TYR C 29 92.80 8.34 -70.34
CA TYR C 29 92.88 7.98 -68.94
C TYR C 29 94.12 8.59 -68.30
N MET C 30 93.96 9.02 -67.04
CA MET C 30 95.06 9.61 -66.29
C MET C 30 95.04 9.14 -64.84
N ASN C 31 96.20 8.68 -64.38
CA ASN C 31 96.38 8.25 -63.00
C ASN C 31 96.12 9.42 -62.06
N ILE C 32 95.10 9.25 -61.22
CA ILE C 32 94.64 10.30 -60.30
C ILE C 32 95.73 10.70 -59.30
N GLU C 33 96.61 9.75 -58.97
CA GLU C 33 97.69 9.98 -58.01
C GLU C 33 99.00 10.40 -58.66
N ASP C 34 99.10 10.21 -59.98
CA ASP C 34 100.30 10.59 -60.71
C ASP C 34 99.92 11.09 -62.10
N HIS C 35 99.73 12.41 -62.19
CA HIS C 35 99.20 13.01 -63.41
C HIS C 35 100.15 12.95 -64.61
N SER C 36 101.36 12.44 -64.41
CA SER C 36 102.26 12.22 -65.54
C SER C 36 101.95 10.90 -66.24
N GLU C 37 101.19 10.03 -65.57
CA GLU C 37 100.83 8.75 -66.15
C GLU C 37 99.47 8.88 -66.79
N TYR C 38 99.46 9.14 -68.08
CA TYR C 38 98.21 9.29 -68.83
C TYR C 38 98.35 8.71 -70.23
N LYS C 39 97.22 8.53 -70.89
CA LYS C 39 97.20 8.02 -72.26
C LYS C 39 95.96 8.52 -73.00
N ILE C 40 96.18 8.97 -74.24
CA ILE C 40 95.11 9.31 -75.16
C ILE C 40 95.20 8.46 -76.44
N GLY C 41 94.16 7.68 -76.72
CA GLY C 41 94.12 6.83 -77.91
C GLY C 41 92.84 7.00 -78.70
N ASN C 42 92.75 6.35 -79.85
CA ASN C 42 91.59 6.54 -80.72
C ASN C 42 90.75 5.27 -80.98
N SER C 43 91.01 4.21 -80.23
CA SER C 43 90.30 2.96 -80.39
C SER C 43 89.69 2.48 -79.07
N LEU C 44 88.39 2.19 -79.08
CA LEU C 44 87.71 1.67 -77.89
C LEU C 44 88.28 0.30 -77.51
N ASP C 45 88.62 -0.50 -78.51
CA ASP C 45 89.21 -1.82 -78.29
C ASP C 45 90.50 -1.69 -77.52
N GLU C 46 91.36 -0.80 -77.99
CA GLU C 46 92.63 -0.50 -77.33
C GLU C 46 92.39 -0.19 -75.85
N PHE C 47 91.39 0.65 -75.58
CA PHE C 47 91.05 1.07 -74.22
C PHE C 47 90.53 -0.08 -73.38
N MET C 48 89.54 -0.80 -73.92
CA MET C 48 88.89 -1.88 -73.20
C MET C 48 89.86 -2.99 -72.82
N ALA C 49 90.85 -3.22 -73.68
CA ALA C 49 91.89 -4.21 -73.40
C ALA C 49 92.69 -3.78 -72.18
N TRP C 50 93.02 -2.48 -72.12
CA TRP C 50 93.71 -1.91 -70.97
C TRP C 50 92.85 -2.08 -69.73
N VAL C 51 91.55 -1.85 -69.88
CA VAL C 51 90.58 -1.95 -68.78
C VAL C 51 90.64 -3.32 -68.14
N LEU C 52 90.65 -4.37 -68.96
CA LEU C 52 90.71 -5.74 -68.45
C LEU C 52 92.03 -6.09 -67.77
N LYS C 53 93.07 -5.31 -68.01
CA LYS C 53 94.40 -5.57 -67.42
C LYS C 53 94.69 -4.81 -66.11
N VAL C 54 94.35 -3.51 -66.07
CA VAL C 54 94.74 -2.65 -64.92
C VAL C 54 94.29 -3.08 -63.52
N GLN C 55 93.16 -3.76 -63.43
CA GLN C 55 92.58 -4.16 -62.14
C GLN C 55 92.56 -2.98 -61.17
N ALA C 56 91.99 -1.87 -61.64
CA ALA C 56 91.98 -0.63 -60.87
C ALA C 56 90.56 -0.05 -60.76
N ASP C 57 90.43 1.02 -59.99
CA ASP C 57 89.17 1.77 -59.92
C ASP C 57 89.23 2.91 -60.93
N LEU C 58 88.33 2.89 -61.90
CA LEU C 58 88.28 3.92 -62.94
C LEU C 58 87.13 4.87 -62.70
N TYR C 59 87.32 6.13 -63.08
CA TYR C 59 86.31 7.17 -62.87
C TYR C 59 85.95 7.88 -64.17
N PHE C 60 84.64 7.94 -64.44
CA PHE C 60 84.12 8.66 -65.58
C PHE C 60 83.24 9.81 -65.09
N HIS C 61 83.32 10.98 -65.73
CA HIS C 61 82.43 12.06 -65.34
C HIS C 61 81.12 11.97 -66.10
N ASN C 62 80.09 11.51 -65.39
CA ASN C 62 78.80 11.16 -65.99
C ASN C 62 78.87 9.83 -66.75
N LEU C 63 78.80 8.75 -65.96
CA LEU C 63 78.93 7.38 -66.42
C LEU C 63 77.75 6.96 -67.28
N LYS C 64 76.57 7.47 -66.93
CA LYS C 64 75.33 7.26 -67.68
C LYS C 64 75.56 7.23 -69.18
N PHE C 65 76.42 8.13 -69.66
CA PHE C 65 76.70 8.26 -71.07
C PHE C 65 77.78 7.28 -71.52
N ALA C 66 79.01 7.49 -71.03
CA ALA C 66 80.15 6.64 -71.38
C ALA C 66 79.90 5.16 -71.12
N GLY C 67 79.16 4.86 -70.07
CA GLY C 67 78.89 3.47 -69.64
C GLY C 67 78.13 2.67 -70.66
N ALA C 68 77.24 3.33 -71.40
CA ALA C 68 76.51 2.70 -72.48
C ALA C 68 77.47 2.18 -73.54
N PHE C 69 78.56 2.91 -73.78
CA PHE C 69 79.57 2.50 -74.75
C PHE C 69 80.36 1.28 -74.29
N ILE C 70 80.53 1.18 -72.97
CA ILE C 70 81.25 0.07 -72.35
C ILE C 70 80.43 -1.23 -72.34
N ILE C 71 79.21 -1.18 -71.81
CA ILE C 71 78.31 -2.34 -71.80
C ILE C 71 78.10 -2.87 -73.22
N ASN C 72 78.02 -1.95 -74.17
CA ASN C 72 77.89 -2.29 -75.59
C ASN C 72 79.08 -3.08 -76.07
N TRP C 73 80.27 -2.69 -75.62
CA TRP C 73 81.49 -3.43 -75.93
C TRP C 73 81.55 -4.76 -75.17
N LEU C 74 81.19 -4.73 -73.90
CA LEU C 74 81.23 -5.92 -73.05
C LEU C 74 80.34 -7.07 -73.56
N GLU C 75 79.09 -6.73 -73.91
CA GLU C 75 78.14 -7.71 -74.40
C GLU C 75 78.55 -8.32 -75.76
N ARG C 76 79.39 -7.59 -76.49
CA ARG C 76 79.90 -8.06 -77.79
C ARG C 76 81.18 -8.89 -77.67
N ASN C 77 81.88 -8.77 -76.54
CA ASN C 77 83.14 -9.48 -76.34
C ASN C 77 83.09 -10.56 -75.24
N GLY C 78 81.97 -11.26 -75.18
CA GLY C 78 81.81 -12.43 -74.31
C GLY C 78 81.67 -12.14 -72.83
N PHE C 79 80.99 -11.05 -72.51
CA PHE C 79 80.64 -10.75 -71.12
C PHE C 79 79.12 -10.79 -70.94
N LYS C 80 78.69 -11.41 -69.85
CA LYS C 80 77.26 -11.48 -69.50
C LYS C 80 77.03 -10.72 -68.19
N TRP C 81 75.79 -10.29 -67.95
CA TRP C 81 75.47 -9.60 -66.71
C TRP C 81 75.27 -10.61 -65.58
N SER C 82 75.89 -10.35 -64.43
CA SER C 82 75.72 -11.19 -63.26
C SER C 82 75.97 -10.44 -61.96
N ALA C 83 75.06 -10.66 -61.00
CA ALA C 83 75.14 -10.03 -59.69
C ALA C 83 76.18 -10.68 -58.77
N ASP C 84 76.44 -11.97 -58.99
CA ASP C 84 77.26 -12.76 -58.06
C ASP C 84 78.77 -12.73 -58.32
N GLY C 85 79.19 -11.98 -59.33
CA GLY C 85 80.61 -11.81 -59.66
C GLY C 85 81.33 -13.08 -60.10
N LEU C 86 80.75 -13.76 -61.08
CA LEU C 86 81.36 -14.95 -61.70
C LEU C 86 82.38 -14.50 -62.76
N PRO C 87 83.34 -15.38 -63.11
CA PRO C 87 84.32 -15.03 -64.15
C PRO C 87 83.66 -14.71 -65.50
N ASN C 88 84.21 -13.71 -66.20
CA ASN C 88 83.67 -13.21 -67.48
C ASN C 88 82.26 -12.63 -67.39
N THR C 89 81.95 -12.03 -66.25
CA THR C 89 80.66 -11.35 -66.06
C THR C 89 80.90 -9.97 -65.47
N TYR C 90 79.95 -9.07 -65.69
CA TYR C 90 80.00 -7.75 -65.06
C TYR C 90 78.75 -7.53 -64.21
N ASN C 91 78.87 -6.60 -63.27
CA ASN C 91 77.78 -6.22 -62.40
C ASN C 91 77.59 -4.71 -62.48
N THR C 92 76.38 -4.24 -62.18
CA THR C 92 76.08 -2.80 -62.23
C THR C 92 75.23 -2.33 -61.08
N ILE C 93 75.39 -1.05 -60.72
CA ILE C 93 74.39 -0.35 -59.91
C ILE C 93 73.76 0.71 -60.80
N ILE C 94 72.56 0.45 -61.28
CA ILE C 94 71.81 1.44 -62.04
C ILE C 94 70.45 1.55 -61.36
N SER C 95 70.16 2.73 -60.83
CA SER C 95 68.97 2.94 -60.01
C SER C 95 67.68 2.97 -60.83
N ARG C 96 66.54 2.90 -60.14
CA ARG C 96 65.22 3.08 -60.74
C ARG C 96 65.15 4.33 -61.60
N MET C 97 65.89 5.36 -61.20
CA MET C 97 65.87 6.64 -61.89
C MET C 97 66.80 6.67 -63.09
N GLY C 98 67.48 5.55 -63.34
CA GLY C 98 68.44 5.46 -64.43
C GLY C 98 69.77 6.13 -64.10
N GLN C 99 70.05 6.29 -62.80
CA GLN C 99 71.33 6.82 -62.33
C GLN C 99 72.35 5.68 -62.27
N TRP C 100 73.43 5.81 -63.05
CA TRP C 100 74.52 4.86 -63.05
C TRP C 100 75.49 5.17 -61.93
N TYR C 101 75.83 4.15 -61.13
CA TYR C 101 76.78 4.35 -60.03
C TYR C 101 78.05 3.55 -60.22
N MET C 102 77.94 2.35 -60.79
CA MET C 102 79.05 1.42 -60.81
C MET C 102 78.94 0.35 -61.86
N ILE C 103 80.02 0.13 -62.60
CA ILE C 103 80.16 -1.06 -63.44
C ILE C 103 81.35 -1.86 -62.89
N ASP C 104 81.10 -3.13 -62.56
CA ASP C 104 82.08 -4.01 -61.94
C ASP C 104 82.46 -5.19 -62.83
N ILE C 105 83.49 -5.01 -63.66
CA ILE C 105 83.92 -6.03 -64.62
C ILE C 105 84.78 -7.11 -63.96
N CYS C 106 84.26 -8.34 -63.91
CA CYS C 106 84.93 -9.46 -63.24
C CYS C 106 85.58 -10.43 -64.22
N LEU C 107 86.87 -10.70 -64.01
CA LEU C 107 87.64 -11.55 -64.90
C LEU C 107 87.81 -12.97 -64.37
N GLY C 108 88.07 -13.09 -63.07
CA GLY C 108 88.25 -14.38 -62.44
C GLY C 108 88.82 -14.27 -61.04
N TYR C 109 89.38 -15.38 -60.55
CA TYR C 109 89.89 -15.44 -59.18
C TYR C 109 91.26 -16.10 -59.11
N LYS C 110 92.21 -15.42 -58.47
CA LYS C 110 93.47 -16.01 -58.07
C LYS C 110 93.45 -16.19 -56.56
N GLY C 111 93.41 -17.44 -56.11
CA GLY C 111 93.16 -17.76 -54.71
C GLY C 111 91.72 -17.38 -54.38
N LYS C 112 91.55 -16.58 -53.33
CA LYS C 112 90.25 -16.03 -52.97
C LYS C 112 90.14 -14.59 -53.48
N ARG C 113 91.27 -14.02 -53.87
CA ARG C 113 91.38 -12.62 -54.32
C ARG C 113 90.71 -12.38 -55.68
N LYS C 114 89.66 -11.54 -55.67
CA LYS C 114 88.89 -11.21 -56.85
C LYS C 114 89.67 -10.34 -57.85
N ILE C 115 89.80 -10.83 -59.09
CA ILE C 115 90.45 -10.05 -60.16
C ILE C 115 89.40 -9.28 -60.96
N HIS C 116 89.38 -7.95 -60.80
CA HIS C 116 88.32 -7.11 -61.38
C HIS C 116 88.73 -5.65 -61.58
N THR C 117 87.99 -4.96 -62.44
CA THR C 117 88.13 -3.52 -62.62
C THR C 117 86.77 -2.88 -62.41
N VAL C 118 86.70 -1.93 -61.48
CA VAL C 118 85.45 -1.27 -61.15
C VAL C 118 85.40 0.12 -61.77
N ILE C 119 84.29 0.45 -62.40
CA ILE C 119 84.10 1.78 -62.99
C ILE C 119 83.06 2.58 -62.21
N TYR C 120 83.40 3.81 -61.84
CA TYR C 120 82.51 4.67 -61.07
C TYR C 120 82.13 5.95 -61.80
N ASP C 121 81.13 6.64 -61.26
CA ASP C 121 80.70 7.94 -61.75
C ASP C 121 81.28 9.01 -60.82
N SER C 122 82.17 9.83 -61.35
CA SER C 122 82.79 10.89 -60.57
C SER C 122 81.81 12.00 -60.28
N LEU C 123 80.73 12.04 -61.06
CA LEU C 123 79.67 13.04 -60.89
C LEU C 123 78.92 12.84 -59.56
N LYS C 124 79.04 11.66 -58.96
CA LYS C 124 78.44 11.38 -57.64
C LYS C 124 79.35 11.81 -56.50
N LYS C 125 80.65 11.95 -56.79
CA LYS C 125 81.63 12.50 -55.85
C LYS C 125 81.67 14.02 -55.95
N LEU C 126 81.45 14.52 -57.17
CA LEU C 126 81.55 15.94 -57.47
C LEU C 126 80.41 16.30 -58.42
N PRO C 127 79.22 16.64 -57.86
CA PRO C 127 78.01 16.91 -58.63
C PRO C 127 78.01 18.24 -59.38
N PHE C 128 78.97 18.45 -60.26
CA PHE C 128 79.06 19.66 -61.07
C PHE C 128 79.60 19.30 -62.43
N PRO C 129 79.27 20.11 -63.46
CA PRO C 129 79.88 19.94 -64.77
C PRO C 129 81.37 20.24 -64.70
N VAL C 130 82.14 19.65 -65.60
CA VAL C 130 83.60 19.80 -65.59
C VAL C 130 84.03 21.28 -65.53
N LYS C 131 83.45 22.12 -66.39
CA LYS C 131 83.85 23.52 -66.45
C LYS C 131 83.64 24.22 -65.12
N LYS C 132 82.49 23.95 -64.51
CA LYS C 132 82.13 24.50 -63.20
C LYS C 132 83.12 24.04 -62.13
N ILE C 133 83.47 22.76 -62.13
CA ILE C 133 84.47 22.25 -61.20
C ILE C 133 85.76 23.06 -61.34
N ALA C 134 86.28 23.15 -62.57
CA ALA C 134 87.51 23.89 -62.85
C ALA C 134 87.49 25.32 -62.32
N LYS C 135 86.42 26.04 -62.62
CA LYS C 135 86.27 27.41 -62.15
C LYS C 135 86.37 27.48 -60.63
N ASP C 136 85.54 26.69 -59.93
CA ASP C 136 85.43 26.73 -58.47
C ASP C 136 86.63 26.17 -57.72
N PHE C 137 87.25 25.14 -58.27
CA PHE C 137 88.42 24.51 -57.67
C PHE C 137 89.71 25.20 -58.09
N LYS C 138 89.60 26.31 -58.82
CA LYS C 138 90.74 27.08 -59.35
C LYS C 138 91.72 26.17 -60.09
N LEU C 139 91.21 25.44 -61.07
CA LEU C 139 92.00 24.51 -61.85
C LEU C 139 92.11 25.01 -63.28
N THR C 140 93.24 24.71 -63.93
CA THR C 140 93.49 25.14 -65.30
C THR C 140 92.47 24.53 -66.25
N VAL C 141 91.80 25.36 -67.03
CA VAL C 141 90.79 24.91 -67.99
C VAL C 141 90.89 25.68 -69.30
N LEU C 142 90.92 24.96 -70.42
CA LEU C 142 91.08 25.57 -71.74
C LEU C 142 89.81 26.25 -72.23
N LYS C 143 89.97 27.38 -72.90
CA LYS C 143 88.85 28.08 -73.52
C LYS C 143 88.36 27.29 -74.73
N GLY C 144 87.04 27.20 -74.87
CA GLY C 144 86.46 26.57 -76.04
C GLY C 144 86.21 25.08 -75.88
N ASP C 145 86.01 24.41 -77.01
CA ASP C 145 85.53 23.05 -77.01
C ASP C 145 85.94 22.28 -78.27
N ILE C 146 85.80 20.96 -78.21
CA ILE C 146 85.98 20.11 -79.37
C ILE C 146 84.80 20.28 -80.32
N ASP C 147 85.08 20.64 -81.57
CA ASP C 147 84.04 20.82 -82.58
C ASP C 147 83.41 19.49 -82.97
N TYR C 148 82.15 19.30 -82.60
CA TYR C 148 81.45 18.03 -82.83
C TYR C 148 80.82 17.90 -84.22
N HIS C 149 80.69 19.01 -84.94
CA HIS C 149 80.16 19.00 -86.31
C HIS C 149 81.26 18.70 -87.34
N LYS C 150 82.15 17.78 -86.98
CA LYS C 150 83.29 17.40 -87.81
C LYS C 150 83.29 15.88 -87.97
N GLU C 151 83.20 15.41 -89.21
CA GLU C 151 83.09 13.99 -89.49
C GLU C 151 84.42 13.28 -89.28
N ARG C 152 84.41 12.25 -88.44
CA ARG C 152 85.61 11.49 -88.15
C ARG C 152 85.39 10.00 -88.43
N PRO C 153 85.91 9.52 -89.57
CA PRO C 153 85.81 8.12 -89.97
C PRO C 153 86.59 7.22 -89.00
N VAL C 154 86.41 5.90 -89.12
CA VAL C 154 87.08 4.94 -88.24
C VAL C 154 88.59 4.97 -88.48
N GLY C 155 89.35 5.17 -87.41
CA GLY C 155 90.81 5.28 -87.51
C GLY C 155 91.32 6.71 -87.51
N TYR C 156 90.40 7.67 -87.43
CA TYR C 156 90.70 9.11 -87.33
C TYR C 156 91.86 9.40 -86.40
N LYS C 157 92.81 10.22 -86.85
CA LYS C 157 93.92 10.65 -86.01
C LYS C 157 93.53 11.91 -85.25
N ILE C 158 93.62 11.84 -83.93
CA ILE C 158 93.29 12.96 -83.05
C ILE C 158 94.29 14.11 -83.28
N THR C 159 93.77 15.32 -83.49
CA THR C 159 94.62 16.51 -83.72
C THR C 159 95.17 17.05 -82.40
N PRO C 160 96.32 17.75 -82.43
CA PRO C 160 96.98 18.24 -81.22
C PRO C 160 96.05 19.01 -80.26
N GLU C 161 95.13 19.79 -80.82
CA GLU C 161 94.21 20.61 -80.03
C GLU C 161 93.15 19.75 -79.36
N GLU C 162 92.69 18.73 -80.07
CA GLU C 162 91.72 17.78 -79.53
C GLU C 162 92.35 16.97 -78.39
N TYR C 163 93.57 16.49 -78.63
CA TYR C 163 94.42 15.89 -77.61
C TYR C 163 94.51 16.78 -76.35
N ALA C 164 94.81 18.06 -76.54
CA ALA C 164 94.88 19.03 -75.45
C ALA C 164 93.59 19.13 -74.64
N TYR C 165 92.45 19.09 -75.32
CA TYR C 165 91.14 19.20 -74.67
C TYR C 165 90.80 17.96 -73.84
N ILE C 166 90.97 16.78 -74.44
CA ILE C 166 90.69 15.51 -73.79
C ILE C 166 91.50 15.40 -72.51
N LYS C 167 92.80 15.67 -72.62
CA LYS C 167 93.71 15.67 -71.49
C LYS C 167 93.22 16.62 -70.39
N ASN C 168 92.86 17.84 -70.78
CA ASN C 168 92.39 18.83 -69.83
C ASN C 168 91.17 18.34 -69.05
N ASP C 169 90.28 17.66 -69.76
CA ASP C 169 89.03 17.15 -69.17
C ASP C 169 89.25 16.07 -68.13
N ILE C 170 90.17 15.16 -68.40
CA ILE C 170 90.45 14.09 -67.46
C ILE C 170 91.28 14.63 -66.29
N GLN C 171 92.13 15.59 -66.58
CA GLN C 171 93.04 16.16 -65.60
C GLN C 171 92.32 17.04 -64.59
N ILE C 172 91.31 17.77 -65.04
CA ILE C 172 90.53 18.60 -64.12
C ILE C 172 89.93 17.69 -63.06
N ILE C 173 89.29 16.61 -63.50
CA ILE C 173 88.70 15.63 -62.59
C ILE C 173 89.77 14.91 -61.77
N ALA C 174 90.90 14.61 -62.41
CA ALA C 174 92.03 14.01 -61.70
C ALA C 174 92.49 14.89 -60.54
N GLU C 175 92.63 16.19 -60.79
CA GLU C 175 93.05 17.15 -59.77
C GLU C 175 92.02 17.30 -58.68
N ALA C 176 90.75 17.35 -59.05
CA ALA C 176 89.69 17.51 -58.07
C ALA C 176 89.59 16.29 -57.15
N LEU C 177 89.48 15.11 -57.75
CA LEU C 177 89.37 13.86 -57.00
C LEU C 177 90.53 13.62 -56.04
N LEU C 178 91.76 13.91 -56.51
CA LEU C 178 92.95 13.71 -55.71
C LEU C 178 92.92 14.57 -54.45
N ILE C 179 92.54 15.84 -54.61
CA ILE C 179 92.40 16.74 -53.47
C ILE C 179 91.38 16.17 -52.48
N GLN C 180 90.33 15.57 -53.01
CA GLN C 180 89.28 15.00 -52.19
C GLN C 180 89.76 13.76 -51.43
N PHE C 181 90.49 12.87 -52.11
CA PHE C 181 91.03 11.66 -51.48
C PHE C 181 92.08 12.00 -50.41
N LYS C 182 92.80 13.09 -50.62
CA LYS C 182 93.82 13.50 -49.68
C LYS C 182 93.22 14.00 -48.38
N GLN C 183 91.92 14.33 -48.39
CA GLN C 183 91.20 14.67 -47.15
C GLN C 183 90.66 13.40 -46.52
N GLY C 184 90.96 12.25 -47.13
CA GLY C 184 90.45 10.97 -46.66
C GLY C 184 88.97 10.78 -46.95
N LEU C 185 88.50 11.44 -48.01
CA LEU C 185 87.11 11.31 -48.46
C LEU C 185 87.07 10.33 -49.64
N ASP C 186 86.99 9.04 -49.32
CA ASP C 186 87.18 7.98 -50.32
C ASP C 186 85.92 7.26 -50.80
N ARG C 187 84.80 7.47 -50.12
CA ARG C 187 83.56 6.73 -50.42
C ARG C 187 83.00 7.01 -51.83
N MET C 188 82.07 6.17 -52.28
CA MET C 188 81.52 6.23 -53.63
C MET C 188 80.79 7.54 -53.97
N THR C 189 79.98 8.04 -53.03
CA THR C 189 79.19 9.27 -53.24
C THR C 189 79.53 10.34 -52.22
N ALA C 190 79.17 11.59 -52.53
CA ALA C 190 79.41 12.71 -51.63
C ALA C 190 78.67 12.51 -50.32
N GLY C 191 77.43 12.02 -50.40
CA GLY C 191 76.63 11.74 -49.22
C GLY C 191 77.31 10.74 -48.30
N SER C 192 77.85 9.68 -48.88
CA SER C 192 78.55 8.66 -48.11
C SER C 192 79.80 9.22 -47.44
N ASP C 193 80.54 10.06 -48.16
CA ASP C 193 81.67 10.81 -47.59
C ASP C 193 81.22 11.64 -46.39
N SER C 194 80.12 12.36 -46.58
CA SER C 194 79.57 13.25 -45.58
C SER C 194 79.13 12.49 -44.34
N LEU C 195 78.47 11.35 -44.55
CA LEU C 195 77.99 10.54 -43.43
C LEU C 195 79.14 9.89 -42.68
N LYS C 196 80.13 9.39 -43.40
CA LYS C 196 81.31 8.78 -42.78
C LYS C 196 82.05 9.80 -41.90
N GLY C 197 82.21 11.01 -42.42
CA GLY C 197 82.84 12.10 -41.68
C GLY C 197 82.13 12.35 -40.37
N PHE C 198 80.81 12.42 -40.42
CA PHE C 198 79.98 12.61 -39.23
C PHE C 198 80.07 11.41 -38.29
N LYS C 199 80.09 10.22 -38.86
CA LYS C 199 80.22 8.97 -38.11
C LYS C 199 81.53 8.94 -37.33
N ASP C 200 82.63 9.35 -37.98
CA ASP C 200 83.96 9.40 -37.37
C ASP C 200 83.95 10.27 -36.11
N ILE C 201 83.43 11.47 -36.24
CA ILE C 201 83.35 12.43 -35.12
C ILE C 201 82.52 11.91 -33.94
N ILE C 202 81.30 11.42 -34.22
CA ILE C 202 80.39 10.90 -33.20
C ILE C 202 80.86 9.57 -32.57
N THR C 203 81.52 8.73 -33.36
CA THR C 203 81.92 7.36 -32.97
C THR C 203 80.85 6.33 -33.35
N THR C 204 81.27 5.30 -34.10
CA THR C 204 80.38 4.21 -34.52
C THR C 204 79.58 3.60 -33.36
N LYS C 205 80.23 3.46 -32.20
CA LYS C 205 79.55 2.99 -31.00
C LYS C 205 78.40 3.93 -30.62
N LYS C 206 78.69 5.22 -30.49
CA LYS C 206 77.67 6.20 -30.09
C LYS C 206 76.62 6.40 -31.19
N PHE C 207 77.06 6.29 -32.45
CA PHE C 207 76.16 6.45 -33.60
C PHE C 207 75.05 5.41 -33.57
N LYS C 208 75.44 4.14 -33.42
CA LYS C 208 74.49 3.03 -33.39
C LYS C 208 73.49 3.14 -32.25
N LYS C 209 73.90 3.82 -31.18
CA LYS C 209 73.02 4.02 -30.01
C LYS C 209 72.01 5.14 -30.23
N VAL C 210 72.47 6.27 -30.77
CA VAL C 210 71.59 7.42 -31.02
C VAL C 210 70.72 7.25 -32.26
N PHE C 211 71.23 6.57 -33.28
CA PHE C 211 70.44 6.28 -34.49
C PHE C 211 70.30 4.77 -34.70
N PRO C 212 69.41 4.12 -33.94
CA PRO C 212 69.23 2.69 -34.12
C PRO C 212 68.44 2.41 -35.40
N THR C 213 68.58 1.21 -35.94
CA THR C 213 67.87 0.86 -37.18
C THR C 213 66.49 0.35 -36.84
N LEU C 214 65.47 1.13 -37.23
CA LEU C 214 64.09 0.79 -36.90
C LEU C 214 63.59 -0.35 -37.80
N SER C 215 62.57 -1.06 -37.32
CA SER C 215 61.92 -2.07 -38.14
C SER C 215 61.28 -1.45 -39.39
N LEU C 216 61.22 -2.23 -40.47
CA LEU C 216 60.61 -1.80 -41.72
C LEU C 216 59.18 -1.26 -41.57
N GLY C 217 58.38 -1.91 -40.72
CA GLY C 217 57.04 -1.43 -40.39
C GLY C 217 57.05 -0.03 -39.79
N LEU C 218 57.98 0.21 -38.88
CA LEU C 218 58.12 1.50 -38.21
C LEU C 218 58.53 2.58 -39.18
N ASP C 219 59.56 2.28 -39.96
CA ASP C 219 60.13 3.23 -40.93
C ASP C 219 59.07 3.71 -41.92
N LYS C 220 58.27 2.77 -42.41
CA LYS C 220 57.16 3.07 -43.31
C LYS C 220 56.19 4.11 -42.70
N GLU C 221 55.79 3.92 -41.44
CA GLU C 221 54.96 4.88 -40.71
C GLU C 221 55.65 6.24 -40.53
N VAL C 222 56.94 6.23 -40.21
CA VAL C 222 57.69 7.46 -40.02
C VAL C 222 57.72 8.25 -41.31
N ARG C 223 58.00 7.60 -42.43
CA ARG C 223 58.14 8.35 -43.67
C ARG C 223 56.81 8.84 -44.27
N TYR C 224 55.67 8.37 -43.75
CA TYR C 224 54.38 8.98 -44.10
C TYR C 224 54.39 10.43 -43.69
N ALA C 225 55.27 10.79 -42.76
CA ALA C 225 55.32 12.12 -42.20
C ALA C 225 56.36 12.97 -42.90
N TYR C 226 57.10 12.36 -43.82
CA TYR C 226 58.10 13.07 -44.61
C TYR C 226 57.40 13.92 -45.68
N ARG C 227 57.82 15.17 -45.85
CA ARG C 227 57.08 16.09 -46.72
C ARG C 227 57.91 16.92 -47.70
N GLY C 228 59.15 17.25 -47.33
CA GLY C 228 60.01 17.94 -48.29
C GLY C 228 60.11 19.44 -48.11
N GLY C 229 59.85 20.18 -49.19
CA GLY C 229 60.03 21.64 -49.18
C GLY C 229 58.76 22.42 -49.44
N PHE C 230 58.61 23.55 -48.77
CA PHE C 230 57.43 24.38 -48.99
C PHE C 230 57.55 25.19 -50.28
N THR C 231 56.75 24.80 -51.28
CA THR C 231 56.77 25.45 -52.58
C THR C 231 55.35 25.87 -52.92
N TRP C 232 55.10 27.17 -52.88
CA TRP C 232 53.75 27.72 -53.02
C TRP C 232 53.76 29.03 -53.81
N LEU C 233 52.71 29.23 -54.61
CA LEU C 233 52.50 30.49 -55.33
C LEU C 233 51.19 31.14 -54.90
N ASN C 234 51.24 32.45 -54.66
CA ASN C 234 50.06 33.20 -54.27
C ASN C 234 49.11 33.39 -55.46
N ASP C 235 47.91 32.85 -55.34
CA ASP C 235 46.87 32.94 -56.39
C ASP C 235 46.72 34.34 -56.94
N ARG C 236 46.90 35.33 -56.05
CA ARG C 236 46.85 36.74 -56.41
C ARG C 236 47.73 37.05 -57.62
N PHE C 237 48.88 36.38 -57.69
CA PHE C 237 49.93 36.69 -58.65
C PHE C 237 50.03 35.72 -59.83
N LYS C 238 49.16 34.72 -59.86
CA LYS C 238 49.18 33.70 -60.91
C LYS C 238 48.97 34.29 -62.30
N GLU C 239 49.94 34.04 -63.17
CA GLU C 239 49.92 34.43 -64.59
C GLU C 239 49.69 35.93 -64.82
N LYS C 240 50.38 36.77 -64.04
CA LYS C 240 50.28 38.21 -64.15
C LYS C 240 51.67 38.85 -64.17
N GLU C 241 51.93 39.71 -65.15
CA GLU C 241 53.16 40.49 -65.15
C GLU C 241 53.10 41.49 -63.99
N ILE C 242 54.03 41.37 -63.06
CA ILE C 242 54.09 42.25 -61.90
C ILE C 242 55.31 43.16 -61.91
N GLY C 243 55.32 44.13 -61.00
CA GLY C 243 56.35 45.15 -60.99
C GLY C 243 57.55 44.77 -60.16
N GLU C 244 58.02 45.73 -59.34
CA GLU C 244 59.23 45.58 -58.56
C GLU C 244 59.04 44.64 -57.38
N GLY C 245 60.05 43.80 -57.16
CA GLY C 245 60.06 42.86 -56.06
C GLY C 245 61.46 42.43 -55.66
N MET C 246 61.55 41.65 -54.59
CA MET C 246 62.84 41.19 -54.08
C MET C 246 62.80 39.73 -53.63
N VAL C 247 63.98 39.12 -53.56
CA VAL C 247 64.13 37.70 -53.20
C VAL C 247 64.99 37.54 -51.94
N PHE C 248 64.51 36.74 -50.99
CA PHE C 248 65.28 36.42 -49.79
C PHE C 248 65.60 34.93 -49.72
N ASP C 249 66.86 34.61 -49.37
CA ASP C 249 67.33 33.22 -49.28
C ASP C 249 67.96 32.93 -47.93
N VAL C 250 67.60 31.79 -47.33
CA VAL C 250 68.18 31.36 -46.06
C VAL C 250 69.63 30.94 -46.29
N ASN C 251 70.51 31.32 -45.37
CA ASN C 251 71.90 30.86 -45.37
C ASN C 251 72.01 29.43 -44.86
N SER C 252 72.20 28.50 -45.81
CA SER C 252 72.33 27.07 -45.53
C SER C 252 71.17 26.53 -44.73
N LEU C 253 70.02 26.40 -45.38
CA LEU C 253 68.77 26.02 -44.74
C LEU C 253 68.87 24.79 -43.86
N TYR C 254 69.26 23.66 -44.45
CA TYR C 254 69.27 22.39 -43.70
C TYR C 254 70.37 22.27 -42.66
N PRO C 255 71.63 22.63 -42.99
CA PRO C 255 72.62 22.67 -41.92
C PRO C 255 72.22 23.59 -40.77
N ALA C 256 71.43 24.62 -41.06
CA ALA C 256 70.96 25.54 -40.02
C ALA C 256 69.97 24.87 -39.05
N GLN C 257 69.12 24.00 -39.55
CA GLN C 257 68.17 23.30 -38.69
C GLN C 257 68.93 22.27 -37.90
N MET C 258 69.88 21.62 -38.56
CA MET C 258 70.69 20.58 -37.96
C MET C 258 71.56 21.11 -36.84
N TYR C 259 71.88 22.40 -36.90
CA TYR C 259 72.78 23.00 -35.93
C TYR C 259 72.11 23.44 -34.63
N SER C 260 70.86 23.89 -34.72
CA SER C 260 70.22 24.53 -33.56
C SER C 260 68.85 23.99 -33.15
N ARG C 261 68.07 23.51 -34.11
CA ARG C 261 66.73 22.99 -33.82
C ARG C 261 66.75 21.76 -32.91
N LEU C 262 65.61 21.49 -32.29
CA LEU C 262 65.45 20.33 -31.43
C LEU C 262 65.10 19.14 -32.32
N LEU C 263 65.95 18.12 -32.30
CA LEU C 263 65.84 16.99 -33.23
C LEU C 263 65.81 15.63 -32.52
N PRO C 264 65.17 14.61 -33.14
CA PRO C 264 64.97 13.30 -32.52
C PRO C 264 66.18 12.38 -32.54
N TYR C 265 66.20 11.41 -31.63
CA TYR C 265 67.21 10.34 -31.59
C TYR C 265 66.70 9.15 -30.76
N GLY C 266 67.36 8.01 -30.91
CA GLY C 266 67.06 6.82 -30.12
C GLY C 266 65.81 6.08 -30.55
N GLU C 267 65.51 5.00 -29.83
CA GLU C 267 64.34 4.17 -30.08
C GLU C 267 63.05 4.94 -29.76
N PRO C 268 62.11 5.00 -30.71
CA PRO C 268 60.83 5.66 -30.44
C PRO C 268 59.91 4.83 -29.56
N ILE C 269 58.95 5.49 -28.93
CA ILE C 269 57.91 4.81 -28.18
C ILE C 269 56.60 4.94 -28.93
N VAL C 270 55.98 3.81 -29.24
CA VAL C 270 54.68 3.80 -29.90
C VAL C 270 53.59 4.10 -28.89
N PHE C 271 52.63 4.94 -29.26
CA PHE C 271 51.47 5.20 -28.41
C PHE C 271 50.16 5.16 -29.18
N GLU C 272 49.07 4.80 -28.51
CA GLU C 272 47.74 4.90 -29.09
C GLU C 272 47.09 6.24 -28.75
N GLY C 273 46.17 6.68 -29.61
CA GLY C 273 45.40 7.90 -29.38
C GLY C 273 46.19 9.16 -29.53
N LYS C 274 45.75 10.22 -28.86
CA LYS C 274 46.39 11.52 -28.93
C LYS C 274 47.62 11.52 -28.05
N TYR C 275 48.70 12.09 -28.55
CA TYR C 275 49.92 12.29 -27.77
C TYR C 275 49.66 13.19 -26.57
N VAL C 276 50.25 12.82 -25.43
CA VAL C 276 50.27 13.68 -24.25
C VAL C 276 51.70 14.10 -23.93
N TRP C 277 51.88 15.40 -23.68
CA TRP C 277 53.20 15.97 -23.45
C TRP C 277 54.07 15.15 -22.50
N ASP C 278 55.24 14.76 -22.98
CA ASP C 278 56.21 14.03 -22.17
C ASP C 278 57.55 14.71 -22.38
N GLU C 279 58.09 15.29 -21.31
CA GLU C 279 59.32 16.09 -21.43
C GLU C 279 60.56 15.26 -21.80
N ASP C 280 60.50 13.96 -21.58
CA ASP C 280 61.59 13.07 -21.98
C ASP C 280 61.43 12.58 -23.40
N TYR C 281 60.22 12.72 -23.93
CA TYR C 281 59.91 12.40 -25.32
C TYR C 281 59.16 13.59 -25.97
N PRO C 282 59.85 14.72 -26.14
CA PRO C 282 59.14 15.96 -26.43
C PRO C 282 58.83 16.15 -27.92
N LEU C 283 59.32 15.25 -28.77
CA LEU C 283 58.98 15.27 -30.19
C LEU C 283 58.11 14.07 -30.52
N HIS C 284 57.17 14.25 -31.43
CA HIS C 284 56.29 13.17 -31.80
C HIS C 284 55.77 13.33 -33.20
N ILE C 285 55.32 12.21 -33.77
CA ILE C 285 54.61 12.17 -35.03
C ILE C 285 53.22 11.59 -34.73
N GLN C 286 52.19 12.32 -35.14
CA GLN C 286 50.82 11.92 -34.86
C GLN C 286 50.10 11.52 -36.14
N HIS C 287 49.45 10.35 -36.13
CA HIS C 287 48.52 9.97 -37.18
C HIS C 287 47.13 10.51 -36.83
N ILE C 288 46.70 11.48 -37.61
CA ILE C 288 45.50 12.28 -37.34
C ILE C 288 44.48 12.05 -38.46
N ARG C 289 43.20 12.31 -38.17
CA ARG C 289 42.15 12.28 -39.18
C ARG C 289 41.21 13.43 -38.88
N CYS C 290 40.81 14.16 -39.91
CA CYS C 290 40.01 15.38 -39.69
C CYS C 290 39.63 16.15 -40.94
N GLU C 291 38.82 17.18 -40.72
CA GLU C 291 38.52 18.20 -41.70
C GLU C 291 39.09 19.53 -41.25
N PHE C 292 39.12 20.50 -42.15
CA PHE C 292 39.72 21.80 -41.87
C PHE C 292 39.27 22.90 -42.82
N GLU C 293 39.34 24.14 -42.35
CA GLU C 293 39.25 25.33 -43.20
C GLU C 293 40.43 26.23 -42.91
N LEU C 294 41.06 26.74 -43.96
CA LEU C 294 42.10 27.75 -43.82
C LEU C 294 41.53 28.98 -43.14
N LYS C 295 42.25 29.51 -42.15
CA LYS C 295 41.85 30.74 -41.48
C LYS C 295 42.11 31.90 -42.44
N GLU C 296 41.33 32.97 -42.29
CA GLU C 296 41.48 34.14 -43.15
C GLU C 296 42.82 34.82 -42.96
N GLY C 297 43.44 35.24 -44.05
CA GLY C 297 44.72 35.94 -43.99
C GLY C 297 45.90 35.04 -43.70
N TYR C 298 45.73 33.74 -43.93
CA TYR C 298 46.79 32.77 -43.70
C TYR C 298 47.21 32.00 -44.96
N ILE C 299 48.49 31.64 -44.98
CA ILE C 299 49.05 30.83 -46.04
C ILE C 299 48.66 29.36 -45.82
N PRO C 300 48.21 28.65 -46.90
CA PRO C 300 47.87 27.23 -46.79
C PRO C 300 49.10 26.38 -46.56
N THR C 301 48.97 25.37 -45.71
CA THR C 301 50.10 24.58 -45.25
C THR C 301 50.01 23.11 -45.67
N ILE C 302 48.78 22.60 -45.74
CA ILE C 302 48.53 21.17 -45.90
C ILE C 302 48.48 20.72 -47.35
N GLN C 303 49.07 19.56 -47.58
CA GLN C 303 49.07 18.89 -48.87
C GLN C 303 48.82 17.42 -48.58
N ILE C 304 47.83 16.83 -49.25
CA ILE C 304 47.56 15.39 -49.04
C ILE C 304 47.89 14.58 -50.29
N LYS C 305 48.99 13.82 -50.21
CA LYS C 305 49.49 13.07 -51.37
C LYS C 305 48.65 11.83 -51.68
N ARG C 306 48.63 10.85 -50.78
CA ARG C 306 47.87 9.62 -51.01
C ARG C 306 46.43 9.69 -50.48
N SER C 307 45.50 9.93 -51.39
CA SER C 307 44.09 10.10 -51.05
C SER C 307 43.22 9.87 -52.26
N ARG C 308 41.97 9.46 -52.03
CA ARG C 308 40.96 9.30 -53.08
C ARG C 308 40.61 10.66 -53.72
N PHE C 309 40.68 11.70 -52.89
CA PHE C 309 40.26 13.06 -53.24
C PHE C 309 41.50 13.93 -53.19
N TYR C 310 42.46 13.55 -54.03
CA TYR C 310 43.81 14.10 -54.04
C TYR C 310 43.98 15.25 -55.05
N LYS C 311 44.73 16.27 -54.66
CA LYS C 311 45.42 17.15 -55.61
C LYS C 311 46.76 17.55 -55.04
N GLY C 312 47.44 16.54 -54.48
CA GLY C 312 48.66 16.69 -53.68
C GLY C 312 49.82 17.49 -54.24
N ASN C 313 49.57 18.22 -55.32
CA ASN C 313 50.50 19.23 -55.79
C ASN C 313 50.26 20.60 -55.16
N GLU C 314 48.98 20.92 -54.96
CA GLU C 314 48.59 22.21 -54.41
C GLU C 314 48.38 22.16 -52.90
N TYR C 315 48.65 23.29 -52.25
CA TYR C 315 48.39 23.46 -50.84
C TYR C 315 46.92 23.80 -50.62
N LEU C 316 46.27 23.02 -49.77
CA LEU C 316 44.82 23.07 -49.67
C LEU C 316 44.25 24.21 -48.82
N LYS C 317 43.13 24.75 -49.28
CA LYS C 317 42.38 25.79 -48.59
C LYS C 317 41.31 25.15 -47.69
N SER C 318 40.95 23.91 -48.00
CA SER C 318 39.79 23.22 -47.39
C SER C 318 39.85 21.69 -47.53
N SER C 319 39.03 21.00 -46.72
CA SER C 319 38.89 19.54 -46.76
C SER C 319 38.07 19.03 -47.94
N GLY C 320 37.34 19.93 -48.58
CA GLY C 320 36.47 19.56 -49.69
C GLY C 320 35.19 18.87 -49.25
N GLY C 321 35.03 18.67 -47.95
CA GLY C 321 33.84 18.02 -47.42
C GLY C 321 34.05 16.53 -47.27
N GLU C 322 35.32 16.13 -47.35
CA GLU C 322 35.74 14.76 -47.09
C GLU C 322 36.92 14.76 -46.09
N ILE C 323 37.07 13.65 -45.38
CA ILE C 323 38.02 13.56 -44.27
C ILE C 323 39.48 13.34 -44.69
N ALA C 324 40.35 14.28 -44.31
CA ALA C 324 41.79 14.14 -44.54
C ALA C 324 42.44 13.18 -43.56
N ASP C 325 43.45 12.47 -44.03
CA ASP C 325 44.12 11.42 -43.26
C ASP C 325 45.61 11.69 -43.29
N LEU C 326 46.16 12.26 -42.21
CA LEU C 326 47.56 12.70 -42.23
C LEU C 326 48.45 12.12 -41.12
N TRP C 327 49.73 11.93 -41.45
CA TRP C 327 50.76 11.66 -40.46
C TRP C 327 51.62 12.90 -40.33
N LEU C 328 51.62 13.53 -39.16
CA LEU C 328 52.25 14.84 -39.00
C LEU C 328 53.31 14.87 -37.90
N SER C 329 54.45 15.50 -38.17
CA SER C 329 55.39 15.84 -37.11
C SER C 329 54.76 16.93 -36.26
N ASN C 330 55.14 17.02 -34.99
CA ASN C 330 54.53 18.01 -34.11
C ASN C 330 54.80 19.43 -34.57
N VAL C 331 55.98 19.64 -35.15
CA VAL C 331 56.33 20.89 -35.82
C VAL C 331 55.28 21.23 -36.89
N ASP C 332 54.95 20.26 -37.76
CA ASP C 332 53.95 20.47 -38.79
C ASP C 332 52.56 20.70 -38.21
N LEU C 333 52.19 19.85 -37.25
CA LEU C 333 50.90 19.89 -36.57
C LEU C 333 50.60 21.22 -35.86
N GLU C 334 51.55 21.70 -35.05
CA GLU C 334 51.43 22.99 -34.35
C GLU C 334 51.15 24.09 -35.36
N LEU C 335 51.86 24.02 -36.47
CA LEU C 335 51.78 25.01 -37.53
C LEU C 335 50.41 24.97 -38.19
N MET C 336 49.90 23.75 -38.39
CA MET C 336 48.60 23.52 -39.01
C MET C 336 47.49 24.11 -38.16
N LYS C 337 47.54 23.85 -36.86
CA LYS C 337 46.58 24.41 -35.90
C LYS C 337 46.53 25.94 -35.95
N GLU C 338 47.68 26.57 -36.18
CA GLU C 338 47.73 28.03 -36.26
C GLU C 338 47.03 28.57 -37.52
N HIS C 339 47.21 27.88 -38.65
CA HIS C 339 46.76 28.36 -39.95
C HIS C 339 45.33 27.91 -40.32
N TYR C 340 44.86 26.84 -39.70
CA TYR C 340 43.58 26.23 -40.08
C TYR C 340 42.61 26.14 -38.93
N ASP C 341 41.32 26.13 -39.27
CA ASP C 341 40.29 25.69 -38.35
C ASP C 341 40.19 24.18 -38.49
N LEU C 342 40.42 23.44 -37.39
CA LEU C 342 40.23 22.00 -37.45
C LEU C 342 38.84 21.56 -36.97
N TYR C 343 38.23 20.62 -37.69
CA TYR C 343 36.94 20.07 -37.30
C TYR C 343 37.05 18.54 -37.22
N ASN C 344 36.27 17.94 -36.31
CA ASN C 344 36.20 16.48 -36.17
C ASN C 344 37.54 15.76 -36.13
N VAL C 345 38.49 16.31 -35.36
CA VAL C 345 39.80 15.68 -35.22
C VAL C 345 39.73 14.32 -34.53
N GLU C 346 40.40 13.34 -35.13
CA GLU C 346 40.50 11.97 -34.60
C GLU C 346 41.98 11.57 -34.49
N TYR C 347 42.40 11.16 -33.30
CA TYR C 347 43.79 10.76 -33.10
C TYR C 347 43.91 9.24 -33.03
N ILE C 348 44.46 8.65 -34.08
CA ILE C 348 44.57 7.20 -34.19
C ILE C 348 45.71 6.64 -33.34
N SER C 349 46.92 7.11 -33.61
CA SER C 349 48.11 6.63 -32.92
C SER C 349 49.29 7.50 -33.32
N GLY C 350 50.44 7.26 -32.70
CA GLY C 350 51.63 8.02 -33.01
C GLY C 350 52.92 7.41 -32.55
N LEU C 351 54.00 8.18 -32.67
CA LEU C 351 55.32 7.81 -32.20
C LEU C 351 55.95 9.02 -31.52
N LYS C 352 56.57 8.82 -30.37
CA LYS C 352 57.31 9.90 -29.71
C LYS C 352 58.80 9.58 -29.57
N PHE C 353 59.61 10.63 -29.57
CA PHE C 353 61.07 10.49 -29.62
C PHE C 353 61.77 11.29 -28.53
N LYS C 354 62.88 10.76 -28.05
CA LYS C 354 63.84 11.55 -27.28
C LYS C 354 64.38 12.62 -28.23
N ALA C 355 64.74 13.78 -27.68
CA ALA C 355 65.22 14.89 -28.51
C ALA C 355 66.36 15.67 -27.86
N THR C 356 67.22 16.23 -28.69
CA THR C 356 68.32 17.07 -28.21
C THR C 356 68.67 18.08 -29.30
N THR C 357 69.65 18.93 -29.03
CA THR C 357 70.08 19.93 -30.01
C THR C 357 71.57 19.82 -30.36
N GLY C 358 72.33 19.13 -29.52
CA GLY C 358 73.79 19.03 -29.71
C GLY C 358 74.25 18.20 -30.90
N LEU C 359 73.43 17.24 -31.32
CA LEU C 359 73.85 16.16 -32.23
C LEU C 359 74.89 16.49 -33.31
N PHE C 360 74.69 17.59 -34.03
CA PHE C 360 75.45 17.85 -35.25
C PHE C 360 76.53 18.93 -35.12
N LYS C 361 76.69 19.49 -33.93
CA LYS C 361 77.48 20.72 -33.78
C LYS C 361 78.96 20.56 -34.06
N ASP C 362 79.57 19.47 -33.59
CA ASP C 362 80.98 19.22 -33.83
C ASP C 362 81.27 19.10 -35.33
N PHE C 363 80.46 18.30 -36.01
CA PHE C 363 80.58 18.13 -37.47
C PHE C 363 80.49 19.46 -38.21
N ILE C 364 79.44 20.22 -37.90
CA ILE C 364 79.19 21.49 -38.58
C ILE C 364 80.26 22.53 -38.27
N ASP C 365 80.66 22.63 -37.01
CA ASP C 365 81.76 23.52 -36.64
C ASP C 365 83.00 23.20 -37.45
N LYS C 366 83.41 21.93 -37.45
CA LYS C 366 84.62 21.48 -38.14
C LYS C 366 84.70 21.96 -39.58
N TRP C 367 83.63 21.69 -40.34
CA TRP C 367 83.62 22.00 -41.76
C TRP C 367 83.32 23.46 -42.06
N THR C 368 82.51 24.10 -41.22
CA THR C 368 82.29 25.53 -41.34
C THR C 368 83.61 26.25 -41.15
N TYR C 369 84.42 25.78 -40.20
CA TYR C 369 85.74 26.35 -39.94
C TYR C 369 86.62 26.27 -41.18
N ILE C 370 86.76 25.07 -41.73
CA ILE C 370 87.53 24.86 -42.95
C ILE C 370 87.00 25.71 -44.11
N LYS C 371 85.68 25.86 -44.20
CA LYS C 371 85.04 26.67 -45.23
C LYS C 371 85.52 28.12 -45.20
N THR C 372 85.52 28.72 -44.00
CA THR C 372 85.88 30.12 -43.87
C THR C 372 87.40 30.34 -43.88
N THR C 373 88.14 29.39 -43.31
CA THR C 373 89.61 29.38 -43.33
C THR C 373 90.19 29.17 -44.73
N SER C 374 89.53 28.39 -45.56
CA SER C 374 90.10 27.99 -46.86
C SER C 374 89.59 28.80 -48.05
N GLU C 375 90.12 28.46 -49.22
CA GLU C 375 89.64 28.97 -50.50
C GLU C 375 89.75 27.89 -51.56
N GLY C 376 89.01 28.05 -52.66
CA GLY C 376 89.13 27.17 -53.82
C GLY C 376 88.65 25.76 -53.54
N ALA C 377 89.43 24.79 -54.04
CA ALA C 377 89.10 23.37 -53.91
C ALA C 377 88.69 22.94 -52.50
N ILE C 378 89.55 23.21 -51.51
CA ILE C 378 89.26 22.80 -50.15
C ILE C 378 87.96 23.45 -49.66
N LYS C 379 87.72 24.69 -50.08
CA LYS C 379 86.49 25.38 -49.70
C LYS C 379 85.24 24.70 -50.28
N GLN C 380 85.31 24.28 -51.54
CA GLN C 380 84.19 23.63 -52.20
C GLN C 380 83.87 22.28 -51.56
N LEU C 381 84.91 21.56 -51.16
CA LEU C 381 84.73 20.27 -50.50
C LEU C 381 84.11 20.47 -49.12
N ALA C 382 84.50 21.55 -48.45
CA ALA C 382 83.94 21.86 -47.15
C ALA C 382 82.43 22.08 -47.26
N LYS C 383 82.02 22.80 -48.29
CA LYS C 383 80.60 23.02 -48.57
C LYS C 383 79.90 21.70 -48.88
N LEU C 384 80.51 20.92 -49.78
CA LEU C 384 80.00 19.62 -50.17
C LEU C 384 79.72 18.77 -48.93
N MET C 385 80.65 18.78 -47.98
CA MET C 385 80.51 18.00 -46.75
C MET C 385 79.34 18.50 -45.89
N LEU C 386 79.16 19.82 -45.85
CA LEU C 386 78.07 20.41 -45.07
C LEU C 386 76.71 20.19 -45.70
N ASN C 387 76.65 20.21 -47.03
CA ASN C 387 75.36 20.11 -47.71
C ASN C 387 74.88 18.70 -48.01
N SER C 388 75.81 17.76 -48.12
CA SER C 388 75.48 16.40 -48.54
C SER C 388 74.95 15.51 -47.42
N LEU C 389 75.20 15.89 -46.18
CA LEU C 389 74.87 15.02 -45.04
C LEU C 389 73.38 14.81 -44.85
N TYR C 390 72.61 15.89 -44.86
CA TYR C 390 71.17 15.82 -44.57
C TYR C 390 70.46 14.72 -45.38
N GLY C 391 70.65 14.74 -46.70
CA GLY C 391 69.98 13.80 -47.59
C GLY C 391 70.11 12.32 -47.21
N LYS C 392 71.17 11.98 -46.50
CA LYS C 392 71.43 10.60 -46.11
C LYS C 392 70.41 10.06 -45.12
N PHE C 393 69.83 10.95 -44.33
CA PHE C 393 68.77 10.56 -43.41
C PHE C 393 67.42 10.49 -44.13
N ALA C 394 67.34 11.24 -45.24
CA ALA C 394 66.12 11.39 -46.03
C ALA C 394 66.12 10.51 -47.29
N SER C 395 66.38 9.22 -47.12
CA SER C 395 66.34 8.28 -48.24
C SER C 395 65.31 7.18 -47.99
N ASN C 396 64.72 6.67 -49.06
CA ASN C 396 63.83 5.51 -48.95
C ASN C 396 64.68 4.24 -49.08
N PRO C 397 64.15 3.09 -48.63
CA PRO C 397 64.98 1.88 -48.59
C PRO C 397 64.99 1.06 -49.88
N ASP C 398 64.29 1.51 -50.92
CA ASP C 398 64.26 0.83 -52.21
C ASP C 398 65.60 1.02 -52.94
N VAL C 399 66.17 -0.11 -53.36
CA VAL C 399 67.47 -0.14 -54.03
C VAL C 399 67.36 -1.04 -55.27
N THR C 400 66.13 -1.18 -55.76
CA THR C 400 65.85 -1.97 -56.95
C THR C 400 66.57 -1.38 -58.14
N GLY C 401 67.29 -2.21 -58.87
CA GLY C 401 68.12 -1.73 -59.95
C GLY C 401 67.59 -2.09 -61.32
N LYS C 402 68.10 -1.39 -62.33
CA LYS C 402 67.83 -1.74 -63.72
C LYS C 402 68.93 -2.68 -64.22
N VAL C 403 68.52 -3.74 -64.90
CA VAL C 403 69.46 -4.72 -65.44
C VAL C 403 69.57 -4.56 -66.95
N PRO C 404 70.79 -4.29 -67.45
CA PRO C 404 71.00 -4.16 -68.88
C PRO C 404 70.97 -5.50 -69.62
N TYR C 405 70.58 -5.46 -70.89
CA TYR C 405 70.70 -6.60 -71.80
C TYR C 405 70.91 -6.05 -73.21
N LEU C 406 71.68 -6.77 -74.02
CA LEU C 406 71.89 -6.36 -75.41
C LEU C 406 70.64 -6.68 -76.21
N LYS C 407 70.09 -5.66 -76.84
CA LYS C 407 68.80 -5.73 -77.51
C LYS C 407 68.84 -6.58 -78.77
N GLU C 408 67.68 -6.77 -79.37
CA GLU C 408 67.54 -7.54 -80.60
C GLU C 408 68.36 -6.89 -81.72
N ASN C 409 68.32 -5.56 -81.79
CA ASN C 409 68.94 -4.80 -82.89
C ASN C 409 70.31 -4.21 -82.57
N GLY C 410 70.92 -4.65 -81.48
CA GLY C 410 72.28 -4.25 -81.12
C GLY C 410 72.39 -3.04 -80.22
N ALA C 411 71.26 -2.38 -79.97
CA ALA C 411 71.21 -1.25 -79.03
C ALA C 411 71.11 -1.75 -77.59
N LEU C 412 71.19 -0.84 -76.63
CA LEU C 412 71.10 -1.23 -75.23
C LEU C 412 69.69 -1.17 -74.67
N GLY C 413 69.30 -2.22 -73.95
CA GLY C 413 67.99 -2.26 -73.30
C GLY C 413 68.11 -2.40 -71.79
N PHE C 414 67.04 -2.02 -71.09
CA PHE C 414 67.01 -2.09 -69.63
C PHE C 414 65.71 -2.68 -69.11
N ARG C 415 65.83 -3.70 -68.26
CA ARG C 415 64.68 -4.30 -67.58
C ARG C 415 64.83 -4.09 -66.08
N LEU C 416 63.71 -3.80 -65.41
CA LEU C 416 63.71 -3.65 -63.96
C LEU C 416 64.10 -4.97 -63.31
N GLY C 417 65.00 -4.91 -62.34
CA GLY C 417 65.54 -6.11 -61.71
C GLY C 417 64.72 -6.64 -60.54
N GLU C 418 65.39 -7.40 -59.70
CA GLU C 418 64.83 -7.99 -58.48
C GLU C 418 64.54 -6.90 -57.45
N GLU C 419 63.40 -7.00 -56.78
CA GLU C 419 63.03 -6.08 -55.68
C GLU C 419 64.10 -6.16 -54.58
N GLU C 420 64.62 -5.01 -54.18
CA GLU C 420 65.76 -4.98 -53.25
C GLU C 420 65.62 -3.89 -52.19
N THR C 421 66.02 -4.25 -50.97
CA THR C 421 65.82 -3.40 -49.79
C THR C 421 67.12 -3.09 -49.07
N LYS C 422 67.35 -1.79 -48.81
CA LYS C 422 68.44 -1.32 -47.95
C LYS C 422 67.88 -0.91 -46.59
N ASP C 423 68.73 -0.99 -45.56
CA ASP C 423 68.40 -0.42 -44.25
C ASP C 423 68.36 1.10 -44.34
N PRO C 424 67.36 1.72 -43.68
CA PRO C 424 67.31 3.18 -43.60
C PRO C 424 68.19 3.68 -42.46
N VAL C 425 68.85 4.82 -42.66
CA VAL C 425 69.82 5.33 -41.68
C VAL C 425 69.12 5.72 -40.37
N TYR C 426 68.21 6.68 -40.46
CA TYR C 426 67.36 7.09 -39.34
C TYR C 426 66.37 8.14 -39.83
N THR C 427 65.20 7.68 -40.23
CA THR C 427 64.25 8.53 -40.93
C THR C 427 63.51 9.59 -40.10
N PRO C 428 63.35 9.36 -38.78
CA PRO C 428 62.80 10.48 -37.99
C PRO C 428 63.61 11.76 -38.17
N MET C 429 64.94 11.62 -38.20
CA MET C 429 65.84 12.76 -38.42
C MET C 429 65.55 13.46 -39.75
N GLY C 430 65.31 12.67 -40.80
CA GLY C 430 64.85 13.20 -42.07
C GLY C 430 63.56 14.01 -41.91
N VAL C 431 62.59 13.43 -41.21
CA VAL C 431 61.28 14.04 -41.04
C VAL C 431 61.37 15.42 -40.38
N PHE C 432 62.12 15.50 -39.28
CA PHE C 432 62.16 16.71 -38.46
C PHE C 432 63.04 17.83 -39.00
N ILE C 433 64.10 17.47 -39.73
CA ILE C 433 64.93 18.49 -40.38
C ILE C 433 64.10 19.26 -41.42
N THR C 434 63.39 18.55 -42.28
CA THR C 434 62.57 19.21 -43.31
C THR C 434 61.36 19.92 -42.72
N ALA C 435 60.86 19.42 -41.60
CA ALA C 435 59.73 20.04 -40.90
C ALA C 435 60.16 21.39 -40.34
N TRP C 436 61.34 21.41 -39.71
CA TRP C 436 61.93 22.64 -39.17
C TRP C 436 62.30 23.62 -40.27
N ALA C 437 62.79 23.09 -41.39
CA ALA C 437 63.05 23.91 -42.57
C ALA C 437 61.76 24.56 -43.08
N ARG C 438 60.67 23.78 -43.12
CA ARG C 438 59.37 24.29 -43.54
C ARG C 438 58.90 25.38 -42.57
N TYR C 439 59.02 25.10 -41.28
CA TYR C 439 58.71 26.08 -40.25
C TYR C 439 59.42 27.43 -40.47
N THR C 440 60.71 27.36 -40.77
CA THR C 440 61.51 28.54 -40.97
C THR C 440 60.96 29.41 -42.10
N THR C 441 60.66 28.78 -43.24
CA THR C 441 60.16 29.47 -44.42
C THR C 441 58.72 29.99 -44.28
N ILE C 442 57.81 29.11 -43.84
CA ILE C 442 56.39 29.46 -43.69
C ILE C 442 56.21 30.63 -42.72
N THR C 443 56.93 30.58 -41.61
CA THR C 443 56.89 31.61 -40.57
C THR C 443 57.20 32.99 -41.14
N ALA C 444 58.35 33.09 -41.83
CA ALA C 444 58.79 34.31 -42.47
C ALA C 444 57.81 34.76 -43.57
N ALA C 445 57.38 33.82 -44.40
CA ALA C 445 56.38 34.05 -45.44
C ALA C 445 55.08 34.62 -44.89
N GLN C 446 54.60 34.06 -43.77
CA GLN C 446 53.40 34.54 -43.11
C GLN C 446 53.56 35.96 -42.57
N ALA C 447 54.70 36.23 -41.94
CA ALA C 447 55.02 37.55 -41.40
C ALA C 447 55.01 38.61 -42.51
N CYS C 448 55.14 38.15 -43.75
CA CYS C 448 55.10 39.04 -44.89
C CYS C 448 53.88 38.77 -45.76
N TYR C 449 52.78 38.40 -45.11
CA TYR C 449 51.58 37.95 -45.81
C TYR C 449 51.06 38.96 -46.82
N ASP C 450 51.16 40.23 -46.47
CA ASP C 450 50.70 41.33 -47.32
C ASP C 450 51.52 41.54 -48.58
N ARG C 451 52.75 41.01 -48.61
CA ARG C 451 53.66 41.19 -49.75
C ARG C 451 54.16 39.89 -50.42
N ILE C 452 53.76 38.74 -49.87
CA ILE C 452 54.26 37.44 -50.34
C ILE C 452 53.75 37.06 -51.74
N ILE C 453 54.67 36.64 -52.58
CA ILE C 453 54.35 36.21 -53.94
C ILE C 453 54.55 34.70 -54.06
N TYR C 454 55.71 34.23 -53.61
CA TYR C 454 56.19 32.90 -53.93
C TYR C 454 57.15 32.39 -52.87
N CYS C 455 57.08 31.09 -52.60
CA CYS C 455 58.03 30.40 -51.74
C CYS C 455 58.60 29.21 -52.46
N ASP C 456 59.90 28.98 -52.28
CA ASP C 456 60.46 27.71 -52.71
C ASP C 456 61.50 27.20 -51.71
N THR C 457 61.06 26.33 -50.82
CA THR C 457 61.95 25.62 -49.88
C THR C 457 62.73 26.55 -48.97
N ASP C 458 63.71 27.27 -49.52
CA ASP C 458 64.55 28.14 -48.71
C ASP C 458 64.56 29.61 -49.15
N SER C 459 63.62 29.99 -50.01
CA SER C 459 63.54 31.38 -50.44
C SER C 459 62.13 31.96 -50.45
N ILE C 460 62.06 33.27 -50.28
CA ILE C 460 60.82 34.04 -50.27
C ILE C 460 60.90 35.15 -51.34
N HIS C 461 59.86 35.24 -52.18
CA HIS C 461 59.76 36.30 -53.17
C HIS C 461 58.71 37.31 -52.72
N LEU C 462 59.13 38.56 -52.60
CA LEU C 462 58.26 39.62 -52.09
C LEU C 462 58.01 40.74 -53.09
N THR C 463 56.86 41.38 -52.94
CA THR C 463 56.52 42.62 -53.61
C THR C 463 57.30 43.78 -52.98
N GLY C 464 57.65 44.77 -53.79
CA GLY C 464 58.33 45.96 -53.27
C GLY C 464 59.83 45.77 -53.13
N THR C 465 60.53 46.83 -52.74
CA THR C 465 61.98 46.80 -52.72
C THR C 465 62.60 47.08 -51.35
N GLU C 466 61.80 47.47 -50.37
CA GLU C 466 62.30 47.72 -49.00
C GLU C 466 62.22 46.47 -48.13
N ILE C 467 63.24 46.22 -47.31
CA ILE C 467 63.23 45.09 -46.38
C ILE C 467 62.13 45.27 -45.33
N PRO C 468 61.16 44.33 -45.28
CA PRO C 468 60.10 44.36 -44.27
C PRO C 468 60.62 44.40 -42.83
N ASP C 469 60.10 45.34 -42.05
CA ASP C 469 60.51 45.52 -40.65
C ASP C 469 60.41 44.22 -39.86
N VAL C 470 59.31 43.50 -40.04
CA VAL C 470 59.04 42.26 -39.33
C VAL C 470 60.13 41.19 -39.49
N ILE C 471 60.88 41.24 -40.60
CA ILE C 471 61.99 40.29 -40.80
C ILE C 471 63.39 40.94 -40.76
N LYS C 472 63.45 42.27 -40.65
CA LYS C 472 64.73 42.98 -40.56
C LYS C 472 65.69 42.38 -39.54
N ASP C 473 65.15 41.97 -38.40
CA ASP C 473 65.98 41.45 -37.31
C ASP C 473 66.65 40.13 -37.65
N ILE C 474 66.16 39.45 -38.67
CA ILE C 474 66.65 38.12 -39.03
C ILE C 474 67.20 38.06 -40.47
N VAL C 475 67.52 39.24 -41.01
CA VAL C 475 68.13 39.37 -42.33
C VAL C 475 69.63 39.60 -42.17
N ASP C 476 70.43 38.81 -42.89
CA ASP C 476 71.89 38.89 -42.83
C ASP C 476 72.51 38.23 -44.05
N PRO C 477 73.53 38.86 -44.67
CA PRO C 477 74.20 38.27 -45.84
C PRO C 477 74.87 36.92 -45.56
N LYS C 478 75.38 36.73 -44.35
CA LYS C 478 76.23 35.58 -44.04
C LYS C 478 75.73 34.61 -42.95
N LYS C 479 75.26 35.16 -41.82
CA LYS C 479 74.93 34.35 -40.64
C LYS C 479 74.10 33.11 -40.91
N LEU C 480 74.59 31.96 -40.42
CA LEU C 480 73.90 30.67 -40.57
C LEU C 480 72.45 30.74 -40.11
N GLY C 481 71.54 30.29 -40.96
CA GLY C 481 70.11 30.26 -40.61
C GLY C 481 69.33 31.54 -40.86
N TYR C 482 70.04 32.63 -41.13
CA TYR C 482 69.41 33.94 -41.38
C TYR C 482 68.97 34.09 -42.83
N TRP C 483 68.05 35.01 -43.08
CA TRP C 483 67.64 35.34 -44.46
C TRP C 483 68.60 36.36 -45.07
N ALA C 484 69.05 36.07 -46.29
CA ALA C 484 69.91 36.99 -47.04
C ALA C 484 69.14 37.67 -48.16
N HIS C 485 69.29 38.99 -48.27
CA HIS C 485 68.73 39.73 -49.40
C HIS C 485 69.50 39.33 -50.67
N GLU C 486 68.86 38.54 -51.52
CA GLU C 486 69.52 37.85 -52.62
C GLU C 486 69.53 38.69 -53.90
N SER C 487 68.37 39.19 -54.30
CA SER C 487 68.24 39.96 -55.52
C SER C 487 67.03 40.89 -55.47
N THR C 488 66.97 41.82 -56.41
CA THR C 488 65.82 42.71 -56.56
C THR C 488 65.43 42.72 -58.05
N PHE C 489 64.15 42.56 -58.34
CA PHE C 489 63.71 42.54 -59.74
C PHE C 489 62.84 43.72 -60.16
N LYS C 490 62.99 44.12 -61.42
CA LYS C 490 62.22 45.21 -62.04
C LYS C 490 60.80 44.74 -62.37
N ARG C 491 60.70 43.53 -62.92
CA ARG C 491 59.42 42.90 -63.25
C ARG C 491 59.57 41.36 -63.27
N ALA C 492 58.43 40.67 -63.24
CA ALA C 492 58.42 39.21 -63.23
C ALA C 492 57.07 38.66 -63.64
N LYS C 493 57.04 37.37 -63.99
CA LYS C 493 55.79 36.68 -64.26
C LYS C 493 55.89 35.24 -63.77
N TYR C 494 54.91 34.84 -62.95
CA TYR C 494 54.89 33.49 -62.38
C TYR C 494 53.71 32.70 -62.96
N LEU C 495 54.00 31.58 -63.61
CA LEU C 495 52.96 30.76 -64.22
C LEU C 495 52.39 29.77 -63.22
N ARG C 496 53.25 29.28 -62.34
CA ARG C 496 52.85 28.37 -61.27
C ARG C 496 54.07 27.96 -60.46
N GLN C 497 53.85 27.13 -59.44
CA GLN C 497 54.93 26.51 -58.69
C GLN C 497 56.14 26.25 -59.62
N LYS C 498 57.30 26.74 -59.19
CA LYS C 498 58.58 26.48 -59.88
C LYS C 498 58.65 26.94 -61.34
N THR C 499 57.62 27.63 -61.82
CA THR C 499 57.63 28.13 -63.20
C THR C 499 57.48 29.66 -63.23
N TYR C 500 58.57 30.35 -63.57
CA TYR C 500 58.59 31.81 -63.57
C TYR C 500 59.80 32.43 -64.25
N ILE C 501 59.68 33.72 -64.57
CA ILE C 501 60.76 34.52 -65.15
C ILE C 501 60.88 35.86 -64.41
N GLN C 502 62.10 36.40 -64.35
CA GLN C 502 62.39 37.68 -63.67
C GLN C 502 63.36 38.58 -64.44
N ASP C 503 63.22 39.89 -64.26
CA ASP C 503 64.19 40.87 -64.75
C ASP C 503 65.02 41.42 -63.57
N ILE C 504 66.21 40.86 -63.35
CA ILE C 504 67.04 41.19 -62.18
C ILE C 504 67.90 42.44 -62.40
N TYR C 505 68.03 43.28 -61.36
CA TYR C 505 68.90 44.45 -61.38
C TYR C 505 70.36 44.01 -61.24
N MET C 506 71.21 44.44 -62.17
CA MET C 506 72.64 44.09 -62.10
C MET C 506 73.57 45.31 -62.06
N LYS C 507 74.65 45.16 -61.31
CA LYS C 507 75.63 46.21 -61.10
C LYS C 507 77.03 45.65 -61.35
N GLU C 508 77.85 46.42 -62.07
CA GLU C 508 79.21 46.01 -62.40
C GLU C 508 80.18 46.35 -61.26
N VAL C 509 80.95 45.34 -60.82
CA VAL C 509 81.98 45.51 -59.79
C VAL C 509 83.29 44.82 -60.24
N ASP C 510 84.14 45.58 -60.94
CA ASP C 510 85.38 45.05 -61.55
C ASP C 510 85.07 44.03 -62.64
N GLY C 511 84.84 44.48 -63.87
CA GLY C 511 84.53 43.59 -65.00
C GLY C 511 83.29 42.72 -64.84
N LYS C 512 83.24 41.93 -63.77
CA LYS C 512 82.11 41.04 -63.49
C LYS C 512 80.84 41.80 -63.12
N LEU C 513 79.71 41.07 -63.11
CA LEU C 513 78.39 41.66 -62.92
C LEU C 513 77.75 41.02 -61.69
N VAL C 514 77.22 41.84 -60.78
CA VAL C 514 76.53 41.35 -59.57
C VAL C 514 75.19 42.04 -59.31
N GLU C 515 74.42 41.48 -58.38
CA GLU C 515 73.07 41.97 -58.06
C GLU C 515 73.10 43.40 -57.51
N GLY C 516 72.30 44.27 -58.12
CA GLY C 516 72.18 45.67 -57.69
C GLY C 516 70.83 46.03 -57.11
N SER C 517 70.66 47.31 -56.79
CA SER C 517 69.41 47.85 -56.26
C SER C 517 68.69 48.67 -57.35
N PRO C 518 67.45 49.14 -57.07
CA PRO C 518 66.72 49.99 -58.02
C PRO C 518 67.39 51.33 -58.35
N ASP C 519 68.26 51.81 -57.46
CA ASP C 519 69.00 53.07 -57.69
C ASP C 519 70.37 52.78 -58.28
N ASP C 520 71.04 51.78 -57.71
CA ASP C 520 72.40 51.43 -58.08
C ASP C 520 72.40 50.17 -58.95
N TYR C 521 72.40 50.37 -60.27
CA TYR C 521 72.44 49.28 -61.24
C TYR C 521 72.78 49.80 -62.63
N THR C 522 73.33 48.92 -63.46
CA THR C 522 73.71 49.28 -64.83
C THR C 522 73.10 48.33 -65.89
N ASP C 523 72.67 47.15 -65.46
CA ASP C 523 72.16 46.12 -66.37
C ASP C 523 70.91 45.38 -65.87
N ILE C 524 70.23 44.70 -66.79
CA ILE C 524 69.11 43.81 -66.47
C ILE C 524 69.45 42.37 -66.85
N LYS C 525 69.56 41.50 -65.85
CA LYS C 525 69.78 40.08 -66.08
C LYS C 525 68.43 39.37 -66.15
N PHE C 526 68.18 38.72 -67.28
CA PHE C 526 66.97 37.93 -67.46
C PHE C 526 67.18 36.53 -66.89
N SER C 527 66.24 36.06 -66.08
CA SER C 527 66.38 34.76 -65.45
C SER C 527 65.10 33.92 -65.58
N VAL C 528 65.28 32.65 -65.94
CA VAL C 528 64.17 31.73 -66.20
C VAL C 528 64.22 30.48 -65.31
N LYS C 529 63.12 30.17 -64.64
CA LYS C 529 62.98 28.88 -63.94
C LYS C 529 61.81 28.08 -64.49
N CYS C 530 62.12 26.93 -65.09
CA CYS C 530 61.11 26.07 -65.67
C CYS C 530 61.55 24.61 -65.67
N ALA C 531 60.67 23.73 -65.18
CA ALA C 531 60.98 22.31 -65.02
C ALA C 531 61.33 21.63 -66.34
N GLY C 532 62.53 21.07 -66.39
CA GLY C 532 63.00 20.34 -67.56
C GLY C 532 63.60 21.20 -68.64
N MET C 533 63.45 22.53 -68.51
CA MET C 533 63.95 23.47 -69.48
C MET C 533 65.48 23.61 -69.40
N THR C 534 66.14 23.39 -70.54
CA THR C 534 67.59 23.46 -70.63
C THR C 534 68.05 24.89 -70.82
N ASP C 535 69.32 25.16 -70.51
CA ASP C 535 69.90 26.48 -70.65
C ASP C 535 69.74 27.05 -72.06
N LYS C 536 69.88 26.18 -73.06
CA LYS C 536 69.77 26.58 -74.46
C LYS C 536 68.38 27.13 -74.78
N ILE C 537 67.35 26.44 -74.30
CA ILE C 537 65.96 26.83 -74.49
C ILE C 537 65.63 28.09 -73.69
N LYS C 538 66.15 28.18 -72.47
CA LYS C 538 65.95 29.34 -71.61
C LYS C 538 66.27 30.65 -72.32
N LYS C 539 67.26 30.62 -73.21
CA LYS C 539 67.65 31.81 -73.97
C LYS C 539 66.62 32.22 -75.04
N GLU C 540 65.78 31.27 -75.45
CA GLU C 540 64.70 31.53 -76.40
C GLU C 540 63.49 32.20 -75.74
N VAL C 541 63.39 32.08 -74.42
CA VAL C 541 62.28 32.64 -73.66
C VAL C 541 62.41 34.14 -73.50
N THR C 542 61.29 34.84 -73.67
CA THR C 542 61.18 36.27 -73.37
C THR C 542 59.93 36.52 -72.53
N PHE C 543 59.66 37.77 -72.20
CA PHE C 543 58.46 38.13 -71.44
C PHE C 543 57.16 37.93 -72.20
N GLU C 544 57.26 37.95 -73.53
CA GLU C 544 56.11 37.90 -74.41
C GLU C 544 55.68 36.48 -74.74
N ASN C 545 56.66 35.58 -74.87
CA ASN C 545 56.39 34.18 -75.24
C ASN C 545 56.25 33.20 -74.07
N PHE C 546 56.53 33.67 -72.85
CA PHE C 546 56.50 32.81 -71.66
C PHE C 546 55.07 32.49 -71.19
N LYS C 547 54.48 31.48 -71.83
CA LYS C 547 53.09 31.09 -71.61
C LYS C 547 53.00 29.58 -71.67
N VAL C 548 51.88 29.03 -71.22
CA VAL C 548 51.61 27.59 -71.39
C VAL C 548 51.47 27.33 -72.89
N GLY C 549 52.24 26.38 -73.40
CA GLY C 549 52.25 26.09 -74.83
C GLY C 549 53.54 26.45 -75.53
N PHE C 550 54.39 27.23 -74.85
CA PHE C 550 55.72 27.58 -75.35
C PHE C 550 56.52 26.31 -75.68
N SER C 551 57.04 26.26 -76.91
CA SER C 551 57.61 25.02 -77.43
C SER C 551 58.84 25.27 -78.30
N ARG C 552 59.91 24.53 -78.03
CA ARG C 552 61.10 24.52 -78.89
C ARG C 552 61.57 23.08 -79.07
N LYS C 553 61.94 22.75 -80.30
CA LYS C 553 62.48 21.42 -80.57
C LYS C 553 64.01 21.44 -80.45
N MET C 554 64.50 21.63 -79.23
CA MET C 554 65.95 21.69 -78.97
C MET C 554 66.35 21.18 -77.58
N LYS C 555 65.66 20.16 -77.09
CA LYS C 555 66.05 19.46 -75.88
C LYS C 555 66.72 18.14 -76.23
N PRO C 556 67.98 17.96 -75.79
CA PRO C 556 68.67 16.70 -76.07
C PRO C 556 67.93 15.53 -75.43
N LYS C 557 67.63 14.49 -76.22
CA LYS C 557 67.14 13.23 -75.69
C LYS C 557 68.09 12.07 -76.01
N PRO C 558 68.35 11.22 -75.01
CA PRO C 558 69.30 10.12 -75.20
C PRO C 558 68.67 8.96 -75.96
N VAL C 559 69.31 8.55 -77.05
CA VAL C 559 68.81 7.42 -77.86
C VAL C 559 69.86 6.32 -77.89
N GLN C 560 69.45 5.13 -77.43
CA GLN C 560 70.30 3.96 -77.47
C GLN C 560 70.38 3.42 -78.89
N VAL C 561 71.58 3.21 -79.37
CA VAL C 561 71.81 2.68 -80.72
C VAL C 561 72.92 1.64 -80.64
N PRO C 562 73.10 0.83 -81.71
CA PRO C 562 74.22 -0.10 -81.72
C PRO C 562 75.55 0.61 -81.50
N GLY C 563 76.22 0.27 -80.40
CA GLY C 563 77.52 0.85 -80.09
C GLY C 563 77.52 1.73 -78.85
N GLY C 564 76.42 2.46 -78.65
CA GLY C 564 76.30 3.37 -77.51
C GLY C 564 75.07 4.27 -77.55
N VAL C 565 75.24 5.51 -77.09
CA VAL C 565 74.16 6.49 -77.01
C VAL C 565 74.44 7.72 -77.86
N VAL C 566 73.40 8.23 -78.51
CA VAL C 566 73.46 9.47 -79.26
C VAL C 566 72.41 10.43 -78.73
N LEU C 567 72.79 11.71 -78.58
CA LEU C 567 71.81 12.75 -78.22
C LEU C 567 71.08 13.22 -79.46
N VAL C 568 69.76 13.32 -79.34
CA VAL C 568 68.90 13.69 -80.45
C VAL C 568 67.95 14.80 -80.00
N ASP C 569 67.78 15.81 -80.85
CA ASP C 569 66.87 16.92 -80.56
C ASP C 569 65.41 16.46 -80.43
N ASP C 570 64.75 16.96 -79.38
CA ASP C 570 63.37 16.60 -79.07
C ASP C 570 62.56 17.83 -78.68
N THR C 571 61.27 17.79 -78.96
CA THR C 571 60.36 18.89 -78.65
C THR C 571 60.12 19.01 -77.14
N PHE C 572 60.40 20.20 -76.60
CA PHE C 572 60.03 20.55 -75.24
C PHE C 572 58.87 21.51 -75.30
N THR C 573 57.85 21.28 -74.47
CA THR C 573 56.67 22.14 -74.39
C THR C 573 56.33 22.38 -72.92
N ILE C 574 55.95 23.61 -72.58
CA ILE C 574 55.44 23.91 -71.25
C ILE C 574 53.99 23.47 -71.16
N LYS C 575 53.72 22.46 -70.33
CA LYS C 575 52.36 21.99 -70.10
C LYS C 575 51.68 22.77 -68.98
N UNK D 1 -2.37 42.33 -58.38
CA UNK D 1 -3.22 41.16 -58.22
C UNK D 1 -2.50 40.00 -57.53
N UNK D 2 -1.22 39.81 -57.87
CA UNK D 2 -0.42 38.68 -57.37
C UNK D 2 0.59 39.05 -56.26
N UNK D 3 0.73 40.35 -55.97
CA UNK D 3 1.59 40.82 -54.89
C UNK D 3 0.84 40.92 -53.56
N UNK D 4 -0.37 40.37 -53.53
CA UNK D 4 -1.19 40.30 -52.31
C UNK D 4 -0.76 39.11 -51.45
N UNK D 5 -0.64 37.93 -52.07
CA UNK D 5 -0.19 36.70 -51.41
C UNK D 5 1.35 36.63 -51.33
N UNK D 6 2.02 37.43 -52.15
CA UNK D 6 3.48 37.51 -52.16
C UNK D 6 4.03 38.27 -50.94
N UNK D 7 3.17 38.97 -50.23
CA UNK D 7 3.55 39.73 -49.04
C UNK D 7 3.15 39.02 -47.74
N UNK D 8 2.02 38.32 -47.77
CA UNK D 8 1.52 37.58 -46.61
C UNK D 8 2.47 36.44 -46.20
N UNK D 9 3.26 35.97 -47.16
CA UNK D 9 4.26 34.93 -46.91
C UNK D 9 5.52 35.49 -46.23
N UNK D 10 6.07 36.57 -46.79
CA UNK D 10 7.28 37.22 -46.27
C UNK D 10 7.11 37.80 -44.85
N UNK D 11 5.92 37.62 -44.29
CA UNK D 11 5.62 37.99 -42.90
C UNK D 11 5.37 36.74 -42.03
N UNK D 12 4.96 35.64 -42.68
CA UNK D 12 4.64 34.40 -41.97
C UNK D 12 5.91 33.64 -41.59
N UNK D 13 -2.14 49.55 -48.45
CA UNK D 13 -0.90 48.86 -48.79
C UNK D 13 -0.38 48.04 -47.62
N UNK D 14 0.19 46.87 -47.93
CA UNK D 14 0.75 45.96 -46.92
C UNK D 14 2.24 46.21 -46.69
N UNK D 15 2.71 47.39 -47.08
CA UNK D 15 4.12 47.77 -46.93
C UNK D 15 4.53 47.94 -45.47
N UNK D 16 3.53 48.01 -44.57
CA UNK D 16 3.77 48.15 -43.13
C UNK D 16 4.43 46.91 -42.50
N UNK D 17 3.80 45.75 -42.71
CA UNK D 17 4.33 44.49 -42.19
C UNK D 17 5.55 43.99 -42.98
N UNK D 18 5.66 44.43 -44.24
CA UNK D 18 6.78 44.04 -45.10
C UNK D 18 8.07 44.81 -44.77
N UNK D 19 7.95 46.11 -44.53
CA UNK D 19 9.11 46.95 -44.15
C UNK D 19 9.59 46.62 -42.73
N UNK D 20 8.67 46.14 -41.89
CA UNK D 20 8.98 45.75 -40.51
C UNK D 20 9.94 44.56 -40.44
N UNK D 21 9.67 43.53 -41.26
CA UNK D 21 10.57 42.37 -41.34
C UNK D 21 11.85 42.69 -42.10
N UNK D 22 11.74 43.56 -43.13
CA UNK D 22 12.90 43.94 -43.94
C UNK D 22 13.96 44.70 -43.14
N UNK D 23 13.54 45.28 -42.01
CA UNK D 23 14.44 46.03 -41.12
C UNK D 23 14.85 45.24 -39.87
N UNK D 24 13.90 44.47 -39.32
CA UNK D 24 14.17 43.64 -38.13
C UNK D 24 15.21 42.56 -38.43
N UNK D 25 15.12 41.96 -39.62
CA UNK D 25 16.07 40.94 -40.06
C UNK D 25 17.39 41.56 -40.54
N UNK D 26 17.37 42.86 -40.85
CA UNK D 26 18.58 43.59 -41.25
C UNK D 26 19.45 43.96 -40.06
N UNK D 27 18.83 44.16 -38.90
CA UNK D 27 19.53 44.58 -37.69
C UNK D 27 19.94 43.42 -36.78
N UNK D 28 19.11 42.37 -36.71
CA UNK D 28 19.35 41.25 -35.81
C UNK D 28 20.28 40.20 -36.42
N UNK D 29 20.00 39.84 -37.67
CA UNK D 29 20.71 38.77 -38.35
C UNK D 29 21.54 39.26 -39.57
N UNK D 30 21.31 40.51 -39.98
CA UNK D 30 22.06 41.17 -41.08
C UNK D 30 21.83 40.58 -42.48
N UNK D 31 20.67 40.91 -43.08
CA UNK D 31 20.31 40.41 -44.42
C UNK D 31 19.47 41.41 -45.25
N UNK D 32 19.58 41.29 -46.57
CA UNK D 32 18.93 42.22 -47.53
C UNK D 32 17.40 42.09 -47.64
N UNK D 33 16.78 43.01 -48.39
CA UNK D 33 15.32 43.12 -48.48
C UNK D 33 14.75 42.87 -49.89
N UNK D 34 13.87 41.87 -49.98
CA UNK D 34 13.11 41.49 -51.20
C UNK D 34 13.96 41.01 -52.38
N ALA D 35 7.14 31.26 -39.47
CA ALA D 35 6.41 30.12 -40.08
C ALA D 35 6.95 29.76 -41.48
N ASN D 36 7.18 30.77 -42.31
CA ASN D 36 7.86 30.60 -43.59
C ASN D 36 9.36 30.61 -43.32
N MET D 37 9.92 29.43 -43.05
CA MET D 37 11.30 29.31 -42.59
C MET D 37 12.39 29.65 -43.61
N ARG D 38 11.98 30.17 -44.76
CA ARG D 38 12.90 30.72 -45.74
C ARG D 38 13.44 32.07 -45.25
N TYR D 39 12.63 32.75 -44.44
CA TYR D 39 12.98 34.05 -43.89
C TYR D 39 13.00 34.08 -42.35
N GLN D 40 13.17 32.90 -41.74
CA GLN D 40 13.54 32.79 -40.34
C GLN D 40 15.02 32.45 -40.32
N PHE D 41 15.81 33.20 -39.56
CA PHE D 41 17.26 33.04 -39.57
C PHE D 41 17.81 32.55 -38.24
N GLU D 42 19.07 32.12 -38.25
CA GLU D 42 19.73 31.68 -37.02
C GLU D 42 21.19 32.12 -36.95
N LYS D 43 21.53 32.76 -35.83
CA LYS D 43 22.88 33.25 -35.58
C LYS D 43 23.65 32.28 -34.70
N ASN D 44 24.87 32.01 -35.11
CA ASN D 44 25.78 31.08 -34.47
C ASN D 44 26.44 31.67 -33.22
N ALA D 45 27.05 30.82 -32.42
CA ALA D 45 27.93 31.26 -31.33
C ALA D 45 29.21 31.90 -31.90
N TYR D 46 29.39 31.76 -33.22
CA TYR D 46 30.54 32.31 -33.93
C TYR D 46 30.10 33.38 -34.93
N GLY D 47 28.83 33.76 -34.84
CA GLY D 47 28.30 34.83 -35.67
C GLY D 47 28.04 34.44 -37.11
N VAL D 48 27.89 33.14 -37.37
CA VAL D 48 27.50 32.67 -38.69
C VAL D 48 25.98 32.67 -38.80
N VAL D 49 25.47 33.24 -39.89
CA VAL D 49 24.02 33.37 -40.12
C VAL D 49 23.57 32.59 -41.34
N ALA D 50 22.54 31.76 -41.15
CA ALA D 50 21.91 31.02 -42.25
C ALA D 50 20.42 30.85 -41.99
N SER D 51 19.62 30.83 -43.07
CA SER D 51 18.17 30.65 -42.93
C SER D 51 17.87 29.24 -42.38
N LYS D 52 16.76 29.12 -41.66
CA LYS D 52 16.35 27.82 -41.10
C LYS D 52 15.99 26.81 -42.19
N ALA D 53 15.55 27.30 -43.34
CA ALA D 53 15.32 26.46 -44.51
C ALA D 53 16.63 25.84 -44.98
N LYS D 54 17.65 26.68 -45.11
CA LYS D 54 18.96 26.21 -45.56
C LYS D 54 19.55 25.18 -44.61
N ILE D 55 19.39 25.43 -43.30
CA ILE D 55 19.91 24.51 -42.28
C ILE D 55 19.23 23.14 -42.41
N ALA D 56 17.90 23.15 -42.49
CA ALA D 56 17.11 21.95 -42.70
C ALA D 56 17.54 21.18 -43.94
N GLU D 57 17.86 21.91 -45.02
CA GLU D 57 18.33 21.32 -46.27
C GLU D 57 19.63 20.53 -46.08
N ILE D 58 20.62 21.18 -45.48
CA ILE D 58 21.92 20.56 -45.20
C ILE D 58 21.76 19.33 -44.30
N GLU D 59 20.84 19.41 -43.35
CA GLU D 59 20.51 18.28 -42.47
C GLU D 59 19.98 17.09 -43.25
N ARG D 60 18.97 17.32 -44.08
CA ARG D 60 18.38 16.24 -44.87
C ARG D 60 19.42 15.60 -45.78
N ASN D 61 20.23 16.44 -46.43
CA ASN D 61 21.29 15.93 -47.31
C ASN D 61 22.26 15.04 -46.56
N THR D 62 22.67 15.51 -45.38
CA THR D 62 23.60 14.76 -44.53
C THR D 62 23.01 13.40 -44.17
N LYS D 63 21.75 13.38 -43.74
CA LYS D 63 21.05 12.13 -43.52
C LYS D 63 21.09 11.24 -44.76
N GLU D 64 20.88 11.84 -45.94
CA GLU D 64 20.89 11.09 -47.19
C GLU D 64 22.25 10.46 -47.47
N VAL D 65 23.32 11.21 -47.20
CA VAL D 65 24.69 10.73 -47.41
C VAL D 65 25.00 9.59 -46.44
N GLN D 66 24.54 9.72 -45.20
CA GLN D 66 24.66 8.65 -44.22
C GLN D 66 23.96 7.39 -44.73
N ARG D 67 22.74 7.54 -45.21
CA ARG D 67 21.97 6.46 -45.80
C ARG D 67 22.75 5.74 -46.89
N LEU D 68 23.38 6.50 -47.79
CA LEU D 68 24.10 5.93 -48.94
C LEU D 68 25.38 5.25 -48.56
N VAL D 69 26.10 5.83 -47.59
CA VAL D 69 27.32 5.22 -47.06
C VAL D 69 26.98 3.88 -46.40
N ASP D 70 25.89 3.86 -45.63
CA ASP D 70 25.44 2.62 -45.01
C ASP D 70 25.09 1.58 -46.07
N GLU D 71 24.26 1.95 -47.05
CA GLU D 71 23.94 1.05 -48.18
C GLU D 71 25.20 0.41 -48.75
N LYS D 72 26.17 1.26 -49.07
CA LYS D 72 27.39 0.86 -49.73
C LYS D 72 28.23 -0.09 -48.90
N ILE D 73 28.39 0.21 -47.61
CA ILE D 73 29.15 -0.65 -46.69
C ILE D 73 28.53 -2.04 -46.60
N LYS D 74 27.21 -2.06 -46.42
CA LYS D 74 26.47 -3.32 -46.37
C LYS D 74 26.65 -4.07 -47.68
N ALA D 75 26.41 -3.39 -48.79
CA ALA D 75 26.55 -3.97 -50.13
C ALA D 75 27.92 -4.62 -50.37
N MET D 76 28.96 -4.05 -49.78
CA MET D 76 30.30 -4.60 -49.91
C MET D 76 30.45 -5.88 -49.09
N LYS D 77 30.05 -5.81 -47.81
CA LYS D 77 29.99 -6.98 -46.92
C LYS D 77 29.41 -8.18 -47.64
N ASP D 78 28.33 -7.92 -48.36
CA ASP D 78 27.53 -8.95 -49.01
C ASP D 78 28.20 -9.51 -50.25
N LYS D 79 28.70 -8.63 -51.12
CA LYS D 79 29.41 -9.07 -52.32
C LYS D 79 30.45 -10.14 -51.99
N GLU D 80 31.31 -9.88 -51.00
CA GLU D 80 32.35 -10.82 -50.60
C GLU D 80 31.75 -12.16 -50.21
N TYR D 81 30.61 -12.11 -49.53
CA TYR D 81 29.97 -13.30 -48.99
C TYR D 81 29.24 -14.11 -50.03
N TYR D 82 28.39 -13.45 -50.81
CA TYR D 82 27.57 -14.14 -51.81
C TYR D 82 28.27 -14.30 -53.17
N ALA D 83 28.73 -13.18 -53.73
CA ALA D 83 29.44 -13.21 -55.01
C ALA D 83 30.88 -13.67 -54.85
N THR D 104 39.91 2.38 -47.02
CA THR D 104 38.74 2.74 -47.84
C THR D 104 38.04 4.00 -47.29
N GLY D 105 38.25 5.12 -47.99
CA GLY D 105 37.74 6.42 -47.60
C GLY D 105 36.24 6.60 -47.82
N ILE D 106 35.46 5.59 -47.44
CA ILE D 106 34.01 5.70 -47.39
C ILE D 106 33.67 6.12 -45.96
N ASN D 107 33.36 7.41 -45.78
CA ASN D 107 33.14 7.97 -44.45
C ASN D 107 31.72 8.47 -44.23
N ARG D 108 31.05 7.87 -43.25
CA ARG D 108 29.77 8.35 -42.78
C ARG D 108 29.93 9.72 -42.12
N PRO D 109 29.22 10.75 -42.60
CA PRO D 109 29.39 12.06 -41.94
C PRO D 109 28.59 12.16 -40.65
N HIS D 110 29.08 12.97 -39.71
CA HIS D 110 28.38 13.25 -38.45
C HIS D 110 27.12 14.07 -38.74
N ASP D 111 26.07 13.88 -37.94
CA ASP D 111 24.84 14.67 -38.05
C ASP D 111 25.16 16.15 -38.04
N PHE D 112 24.61 16.88 -39.00
CA PHE D 112 24.94 18.28 -39.16
C PHE D 112 24.46 19.16 -38.00
N ASP D 113 25.41 19.83 -37.35
CA ASP D 113 25.14 20.69 -36.20
C ASP D 113 25.55 22.12 -36.52
N PHE D 114 24.57 22.97 -36.82
CA PHE D 114 24.85 24.35 -37.23
C PHE D 114 25.61 25.15 -36.16
N SER D 115 25.45 24.76 -34.90
CA SER D 115 26.13 25.45 -33.81
C SER D 115 27.65 25.27 -33.85
N LYS D 116 28.12 24.26 -34.58
CA LYS D 116 29.54 23.93 -34.62
C LYS D 116 30.27 24.50 -35.84
N VAL D 117 29.52 25.21 -36.69
CA VAL D 117 30.08 25.76 -37.91
C VAL D 117 30.71 27.11 -37.61
N ARG D 118 32.04 27.17 -37.70
CA ARG D 118 32.81 28.31 -37.20
C ARG D 118 33.10 29.42 -38.22
N SER D 119 32.73 29.20 -39.48
CA SER D 119 32.97 30.20 -40.53
C SER D 119 32.07 29.97 -41.74
N TYR D 120 31.94 31.00 -42.56
CA TYR D 120 31.15 30.93 -43.79
C TYR D 120 31.75 29.98 -44.84
N SER D 121 33.09 29.90 -44.87
CA SER D 121 33.77 28.93 -45.74
C SER D 121 33.45 27.49 -45.36
N ARG D 122 33.42 27.21 -44.05
CA ARG D 122 33.01 25.90 -43.55
C ARG D 122 31.56 25.61 -43.90
N LEU D 123 30.68 26.59 -43.68
CA LEU D 123 29.28 26.43 -44.06
C LEU D 123 29.18 26.11 -45.54
N ARG D 124 29.89 26.87 -46.36
CA ARG D 124 29.85 26.67 -47.80
C ARG D 124 30.35 25.29 -48.23
N THR D 125 31.39 24.81 -47.57
CA THR D 125 31.92 23.47 -47.86
C THR D 125 30.89 22.41 -47.49
N LEU D 126 30.28 22.52 -46.31
CA LEU D 126 29.28 21.56 -45.89
C LEU D 126 28.07 21.56 -46.80
N GLU D 127 27.57 22.75 -47.13
CA GLU D 127 26.41 22.89 -47.99
C GLU D 127 26.66 22.22 -49.34
N GLU D 128 27.75 22.61 -50.00
CA GLU D 128 28.10 22.09 -51.33
C GLU D 128 28.37 20.60 -51.35
N SER D 129 29.24 20.13 -50.46
CA SER D 129 29.68 18.74 -50.50
C SER D 129 28.58 17.78 -50.06
N MET D 130 27.77 18.17 -49.09
CA MET D 130 26.67 17.30 -48.63
C MET D 130 25.65 17.01 -49.72
N GLU D 131 25.37 17.97 -50.60
CA GLU D 131 24.47 17.68 -51.71
C GLU D 131 25.20 16.94 -52.82
N MET D 132 26.44 17.33 -53.05
CA MET D 132 27.27 16.70 -54.08
C MET D 132 27.44 15.20 -53.79
N ARG D 133 27.41 14.84 -52.52
CA ARG D 133 27.61 13.45 -52.07
C ARG D 133 26.31 12.67 -51.99
N THR D 134 25.20 13.28 -52.42
CA THR D 134 23.93 12.57 -52.49
C THR D 134 23.81 11.93 -53.86
N ASP D 135 24.66 12.37 -54.79
CA ASP D 135 24.75 11.83 -56.14
C ASP D 135 25.02 10.34 -56.12
N PRO D 136 24.19 9.55 -56.82
CA PRO D 136 24.26 8.09 -56.72
C PRO D 136 25.60 7.54 -57.24
N GLN D 137 26.28 8.32 -58.08
CA GLN D 137 27.51 7.89 -58.74
C GLN D 137 28.76 8.65 -58.25
N TYR D 138 28.68 9.16 -57.02
CA TYR D 138 29.75 9.99 -56.46
C TYR D 138 31.11 9.29 -56.47
N TYR D 139 31.17 8.08 -55.94
CA TYR D 139 32.43 7.36 -55.78
C TYR D 139 33.00 6.84 -57.10
N GLU D 140 32.11 6.57 -58.05
CA GLU D 140 32.52 6.19 -59.40
C GLU D 140 33.14 7.40 -60.10
N LYS D 141 32.48 8.54 -59.98
CA LYS D 141 32.98 9.79 -60.57
C LYS D 141 34.33 10.20 -60.00
N LYS D 142 34.58 9.88 -58.73
CA LYS D 142 35.83 10.24 -58.06
C LYS D 142 37.06 9.46 -58.52
N MET D 143 36.90 8.18 -58.85
CA MET D 143 38.00 7.39 -59.40
C MET D 143 38.41 7.95 -60.75
N ILE D 144 37.41 8.24 -61.60
CA ILE D 144 37.67 8.85 -62.91
C ILE D 144 38.38 10.18 -62.73
N GLN D 145 37.92 10.96 -61.76
CA GLN D 145 38.49 12.26 -61.45
C GLN D 145 39.89 12.13 -60.83
N LEU D 146 40.13 11.08 -60.06
CA LEU D 146 41.44 10.83 -59.46
C LEU D 146 42.51 10.65 -60.52
N GLN D 147 42.25 9.78 -61.49
CA GLN D 147 43.18 9.50 -62.58
C GLN D 147 43.49 10.74 -63.43
N LEU D 148 42.47 11.53 -63.74
CA LEU D 148 42.63 12.78 -64.47
C LEU D 148 43.47 13.78 -63.69
N ASN D 149 43.22 13.84 -62.37
CA ASN D 149 43.93 14.75 -61.48
C ASN D 149 45.42 14.44 -61.36
N PHE D 150 45.74 13.15 -61.34
CA PHE D 150 47.12 12.69 -61.23
C PHE D 150 47.88 12.91 -62.54
N ILE D 151 47.19 12.73 -63.66
CA ILE D 151 47.77 12.99 -64.98
C ILE D 151 48.06 14.49 -65.17
N LYS D 152 47.14 15.34 -64.70
CA LYS D 152 47.37 16.78 -64.73
C LYS D 152 48.53 17.18 -63.85
N SER D 153 48.66 16.50 -62.72
CA SER D 153 49.73 16.76 -61.76
C SER D 153 51.09 16.37 -62.29
N VAL D 154 51.13 15.30 -63.08
CA VAL D 154 52.36 14.83 -63.72
C VAL D 154 52.75 15.76 -64.86
N GLU D 155 51.77 16.15 -65.68
CA GLU D 155 51.97 17.12 -66.75
C GLU D 155 52.51 18.44 -66.21
N GLY D 156 52.04 18.80 -65.02
CA GLY D 156 52.43 20.04 -64.36
C GLY D 156 53.86 20.02 -63.88
N SER D 157 54.22 18.98 -63.14
CA SER D 157 55.54 18.93 -62.50
C SER D 157 56.71 18.60 -63.45
N PHE D 158 56.42 17.99 -64.60
CA PHE D 158 57.48 17.59 -65.55
C PHE D 158 57.42 18.27 -66.93
N ASN D 159 56.27 18.84 -67.27
CA ASN D 159 56.02 19.43 -68.59
C ASN D 159 56.01 18.39 -69.72
N SER D 160 56.36 18.79 -70.94
CA SER D 160 56.23 17.90 -72.08
C SER D 160 57.54 17.65 -72.83
N PHE D 161 57.95 16.38 -72.84
CA PHE D 161 59.06 15.92 -73.66
C PHE D 161 58.95 14.41 -73.86
N ASP D 162 59.70 13.87 -74.82
CA ASP D 162 59.61 12.46 -75.22
C ASP D 162 59.30 11.46 -74.10
N ALA D 163 60.17 11.41 -73.09
CA ALA D 163 60.01 10.46 -71.98
C ALA D 163 58.76 10.72 -71.13
N ALA D 164 58.50 12.00 -70.86
CA ALA D 164 57.34 12.42 -70.06
C ALA D 164 56.02 12.18 -70.79
N ASP D 165 55.98 12.54 -72.08
CA ASP D 165 54.80 12.32 -72.95
C ASP D 165 54.42 10.87 -73.01
N GLU D 166 55.45 10.01 -73.01
CA GLU D 166 55.27 8.57 -73.04
C GLU D 166 54.64 8.07 -71.73
N LEU D 167 55.09 8.63 -70.61
CA LEU D 167 54.52 8.29 -69.30
C LEU D 167 53.03 8.65 -69.20
N ILE D 168 52.67 9.80 -69.74
CA ILE D 168 51.29 10.29 -69.70
C ILE D 168 50.35 9.43 -70.54
N GLU D 169 50.81 9.01 -71.72
CA GLU D 169 50.01 8.13 -72.57
C GLU D 169 49.92 6.72 -71.97
N GLU D 170 50.93 6.36 -71.19
CA GLU D 170 51.00 5.09 -70.48
C GLU D 170 50.01 5.04 -69.31
N LEU D 171 49.88 6.16 -68.59
CA LEU D 171 48.96 6.28 -67.47
C LEU D 171 47.52 6.36 -67.93
N LYS D 172 47.29 7.01 -69.06
CA LYS D 172 45.97 7.08 -69.67
C LYS D 172 45.39 5.70 -70.04
N LYS D 173 46.27 4.78 -70.45
CA LYS D 173 45.85 3.45 -70.92
C LYS D 173 45.43 2.48 -69.81
N ILE D 174 45.66 2.87 -68.56
CA ILE D 174 45.28 2.04 -67.41
C ILE D 174 43.81 2.27 -67.05
N PRO D 175 43.00 1.17 -67.00
CA PRO D 175 41.60 1.25 -66.57
C PRO D 175 41.44 1.99 -65.23
N PRO D 176 40.50 2.94 -65.15
CA PRO D 176 40.34 3.80 -63.96
C PRO D 176 40.18 3.07 -62.63
N ASP D 177 39.54 1.89 -62.63
CA ASP D 177 39.38 1.12 -61.40
C ASP D 177 40.67 0.40 -60.99
N ASP D 178 41.43 -0.05 -61.99
CA ASP D 178 42.74 -0.67 -61.77
C ASP D 178 43.75 0.35 -61.26
N PHE D 179 43.69 1.55 -61.80
CA PHE D 179 44.56 2.66 -61.43
C PHE D 179 44.58 2.89 -59.92
N TYR D 180 43.47 2.57 -59.27
CA TYR D 180 43.26 2.86 -57.87
C TYR D 180 44.27 2.21 -56.94
N GLU D 181 44.46 0.90 -57.06
CA GLU D 181 45.45 0.19 -56.24
C GLU D 181 46.86 0.65 -56.61
N LEU D 182 47.05 0.87 -57.90
CA LEU D 182 48.33 1.33 -58.41
C LEU D 182 48.71 2.69 -57.82
N PHE D 183 47.72 3.53 -57.56
CA PHE D 183 47.98 4.88 -57.05
C PHE D 183 48.46 4.90 -55.62
N LEU D 184 48.04 3.92 -54.82
CA LEU D 184 48.47 3.82 -53.43
C LEU D 184 49.98 3.52 -53.31
N ARG D 185 50.61 3.22 -54.43
CA ARG D 185 52.06 2.99 -54.50
C ARG D 185 52.76 4.25 -54.97
N ILE D 186 52.55 4.60 -56.25
CA ILE D 186 53.21 5.70 -56.97
C ILE D 186 53.11 7.08 -56.31
N SER D 187 52.00 7.33 -55.61
CA SER D 187 51.81 8.57 -54.86
C SER D 187 52.87 8.72 -53.79
N GLU D 188 52.95 7.72 -52.91
CA GLU D 188 53.79 7.77 -51.72
C GLU D 188 55.26 7.40 -52.01
N ILE D 189 55.76 7.84 -53.16
CA ILE D 189 57.18 7.71 -53.46
C ILE D 189 57.80 9.05 -53.93
N SER D 190 57.32 9.58 -55.05
CA SER D 190 57.91 10.78 -55.67
C SER D 190 57.38 12.10 -55.09
N GLY D 198 67.99 22.16 -56.28
CA GLY D 198 68.36 21.56 -57.55
C GLY D 198 67.23 20.77 -58.19
N ASN D 199 66.38 21.46 -58.95
CA ASN D 199 65.36 20.83 -59.78
C ASN D 199 65.83 20.80 -61.24
N THR D 200 66.92 20.05 -61.48
CA THR D 200 67.64 20.05 -62.76
C THR D 200 66.83 19.45 -63.90
N VAL D 201 67.37 19.52 -65.10
CA VAL D 201 66.84 18.84 -66.26
C VAL D 201 66.97 17.32 -66.04
N GLU D 202 68.13 16.88 -65.53
CA GLU D 202 68.39 15.46 -65.25
C GLU D 202 67.58 14.94 -64.06
N ASN D 203 67.32 15.83 -63.11
CA ASN D 203 66.53 15.51 -61.92
C ASN D 203 65.05 15.33 -62.28
N VAL D 204 64.59 16.11 -63.25
CA VAL D 204 63.24 15.97 -63.81
C VAL D 204 63.14 14.67 -64.62
N GLU D 205 64.09 14.46 -65.52
CA GLU D 205 64.19 13.23 -66.32
C GLU D 205 64.23 11.98 -65.46
N GLY D 206 64.92 12.07 -64.32
CA GLY D 206 65.06 10.96 -63.39
C GLY D 206 63.74 10.55 -62.77
N ASN D 207 62.94 11.54 -62.36
CA ASN D 207 61.61 11.31 -61.79
C ASN D 207 60.62 10.66 -62.75
N VAL D 208 60.73 10.99 -64.04
CA VAL D 208 59.88 10.38 -65.05
C VAL D 208 60.21 8.89 -65.17
N TYR D 209 61.49 8.57 -65.32
CA TYR D 209 61.97 7.17 -65.40
C TYR D 209 61.56 6.36 -64.17
N LYS D 210 61.50 7.02 -63.02
CA LYS D 210 61.15 6.39 -61.75
C LYS D 210 59.68 5.94 -61.73
N ILE D 211 58.79 6.84 -62.12
CA ILE D 211 57.37 6.52 -62.19
C ILE D 211 57.12 5.49 -63.29
N LEU D 212 57.88 5.58 -64.38
CA LEU D 212 57.79 4.61 -65.48
C LEU D 212 58.16 3.19 -65.03
N SER D 213 59.11 3.10 -64.10
CA SER D 213 59.61 1.81 -63.62
C SER D 213 58.62 1.14 -62.66
N TYR D 214 57.77 1.94 -62.05
CA TYR D 214 56.68 1.41 -61.25
C TYR D 214 55.60 0.82 -62.14
N LEU D 215 55.33 1.51 -63.25
CA LEU D 215 54.40 1.02 -64.27
C LEU D 215 54.88 -0.27 -64.94
N GLU D 216 56.18 -0.38 -65.17
CA GLU D 216 56.79 -1.62 -65.67
C GLU D 216 56.61 -2.74 -64.65
N GLN D 217 56.69 -2.39 -63.37
CA GLN D 217 56.56 -3.33 -62.25
C GLN D 217 55.12 -3.78 -62.11
N TYR D 218 54.20 -2.91 -62.50
CA TYR D 218 52.76 -3.19 -62.52
C TYR D 218 52.40 -4.21 -63.58
N ARG D 219 52.94 -4.03 -64.79
CA ARG D 219 52.61 -4.88 -65.93
C ARG D 219 53.10 -6.32 -65.82
N ARG D 220 54.24 -6.52 -65.19
CA ARG D 220 54.77 -7.87 -64.95
C ARG D 220 54.06 -8.53 -63.75
N GLY D 221 53.01 -7.88 -63.26
CA GLY D 221 52.16 -8.43 -62.21
C GLY D 221 52.86 -8.59 -60.88
N ASP D 222 53.45 -7.51 -60.40
CA ASP D 222 54.06 -7.51 -59.07
C ASP D 222 53.09 -6.94 -58.06
N PHE D 223 52.01 -6.33 -58.56
CA PHE D 223 51.00 -5.73 -57.69
C PHE D 223 49.62 -6.34 -57.90
N ARG E 6 -67.08 19.07 -22.95
CA ARG E 6 -66.93 17.57 -22.99
C ARG E 6 -68.24 16.83 -23.25
N LYS E 7 -68.49 16.52 -24.52
CA LYS E 7 -69.69 15.81 -24.94
C LYS E 7 -69.62 14.32 -24.58
N MET E 8 -70.79 13.70 -24.38
CA MET E 8 -70.84 12.26 -24.05
C MET E 8 -71.75 11.51 -25.02
N TYR E 9 -71.32 10.32 -25.42
CA TYR E 9 -72.06 9.57 -26.43
C TYR E 9 -72.30 8.14 -26.01
N SER E 10 -73.49 7.64 -26.32
CA SER E 10 -73.82 6.23 -26.18
C SER E 10 -73.57 5.53 -27.51
N CYS E 11 -72.83 4.41 -27.49
CA CYS E 11 -72.33 3.78 -28.70
C CYS E 11 -72.59 2.28 -28.77
N ALA E 12 -72.56 1.73 -29.98
CA ALA E 12 -72.78 0.29 -30.18
C ALA E 12 -72.24 -0.22 -31.50
N PHE E 13 -71.77 -1.47 -31.50
CA PHE E 13 -71.37 -2.16 -32.71
C PHE E 13 -72.29 -3.33 -32.98
N GLU E 14 -72.25 -3.81 -34.21
CA GLU E 14 -72.84 -5.07 -34.59
C GLU E 14 -71.76 -5.75 -35.42
N THR E 15 -71.47 -7.02 -35.10
CA THR E 15 -70.31 -7.69 -35.68
C THR E 15 -70.69 -9.07 -36.20
N THR E 16 -69.79 -9.66 -36.99
CA THR E 16 -69.98 -11.01 -37.54
C THR E 16 -69.57 -12.08 -36.54
N THR E 17 -70.00 -13.32 -36.78
CA THR E 17 -69.76 -14.41 -35.83
C THR E 17 -68.75 -15.42 -36.36
N LYS E 18 -68.18 -15.15 -37.54
CA LYS E 18 -67.25 -16.09 -38.14
C LYS E 18 -65.83 -15.90 -37.64
N VAL E 19 -65.23 -16.99 -37.17
CA VAL E 19 -63.86 -17.03 -36.67
C VAL E 19 -62.87 -16.40 -37.67
N GLU E 20 -63.06 -16.73 -38.94
CA GLU E 20 -62.18 -16.30 -40.03
C GLU E 20 -62.52 -14.88 -40.48
N ASP E 21 -63.82 -14.57 -40.54
CA ASP E 21 -64.29 -13.28 -41.01
C ASP E 21 -64.98 -12.54 -39.88
N CYS E 22 -64.19 -11.80 -39.12
CA CYS E 22 -64.68 -11.11 -37.93
C CYS E 22 -64.47 -9.60 -38.03
N ARG E 23 -65.57 -8.86 -38.11
CA ARG E 23 -65.54 -7.42 -38.36
C ARG E 23 -66.83 -6.72 -37.93
N VAL E 24 -66.73 -5.42 -37.67
CA VAL E 24 -67.87 -4.56 -37.37
C VAL E 24 -68.63 -4.29 -38.67
N TRP E 25 -69.90 -4.68 -38.72
CA TRP E 25 -70.73 -4.39 -39.90
C TRP E 25 -71.68 -3.22 -39.71
N ALA E 26 -71.91 -2.82 -38.46
CA ALA E 26 -72.70 -1.62 -38.17
C ALA E 26 -72.21 -0.94 -36.89
N TYR E 27 -72.24 0.39 -36.90
CA TYR E 27 -71.93 1.17 -35.70
C TYR E 27 -73.01 2.20 -35.44
N GLY E 28 -73.12 2.65 -34.19
CA GLY E 28 -74.05 3.70 -33.83
C GLY E 28 -73.59 4.52 -32.64
N TYR E 29 -73.73 5.85 -32.75
CA TYR E 29 -73.50 6.74 -31.61
C TYR E 29 -74.60 7.79 -31.47
N MET E 30 -74.92 8.13 -30.23
CA MET E 30 -75.93 9.14 -29.91
C MET E 30 -75.45 10.01 -28.77
N ASN E 31 -75.53 11.33 -28.96
CA ASN E 31 -75.27 12.27 -27.88
C ASN E 31 -76.23 12.04 -26.71
N ILE E 32 -75.67 11.72 -25.55
CA ILE E 32 -76.45 11.38 -24.36
C ILE E 32 -77.28 12.54 -23.83
N GLU E 33 -76.76 13.77 -23.99
CA GLU E 33 -77.45 14.99 -23.55
C GLU E 33 -78.42 15.53 -24.59
N ASP E 34 -78.32 15.05 -25.82
CA ASP E 34 -79.19 15.50 -26.91
C ASP E 34 -79.41 14.37 -27.92
N HIS E 35 -80.52 13.64 -27.74
CA HIS E 35 -80.74 12.39 -28.48
C HIS E 35 -81.08 12.60 -29.97
N SER E 36 -81.27 13.86 -30.37
CA SER E 36 -81.50 14.17 -31.77
C SER E 36 -80.21 14.10 -32.60
N GLU E 37 -79.05 14.17 -31.93
CA GLU E 37 -77.76 14.05 -32.57
C GLU E 37 -77.27 12.63 -32.44
N TYR E 38 -77.35 11.88 -33.53
CA TYR E 38 -76.96 10.47 -33.56
C TYR E 38 -76.53 10.11 -34.96
N LYS E 39 -75.80 9.00 -35.09
CA LYS E 39 -75.34 8.53 -36.39
C LYS E 39 -75.31 7.01 -36.40
N ILE E 40 -75.75 6.43 -37.52
CA ILE E 40 -75.62 4.99 -37.76
C ILE E 40 -74.89 4.74 -39.09
N GLY E 41 -73.75 4.05 -39.02
CA GLY E 41 -72.98 3.74 -40.22
C GLY E 41 -72.65 2.27 -40.33
N ASN E 42 -71.99 1.88 -41.41
CA ASN E 42 -71.64 0.48 -41.62
C ASN E 42 -70.14 0.22 -41.80
N SER E 43 -69.32 1.14 -41.28
CA SER E 43 -67.88 1.05 -41.44
C SER E 43 -67.13 1.43 -40.17
N LEU E 44 -66.32 0.49 -39.68
CA LEU E 44 -65.47 0.74 -38.52
C LEU E 44 -64.52 1.91 -38.76
N ASP E 45 -63.91 1.94 -39.95
CA ASP E 45 -63.04 3.05 -40.34
C ASP E 45 -63.73 4.41 -40.24
N GLU E 46 -64.98 4.47 -40.71
CA GLU E 46 -65.79 5.70 -40.63
C GLU E 46 -65.96 6.16 -39.16
N PHE E 47 -66.31 5.20 -38.30
CA PHE E 47 -66.51 5.44 -36.87
C PHE E 47 -65.23 5.87 -36.15
N MET E 48 -64.14 5.15 -36.39
CA MET E 48 -62.86 5.45 -35.74
C MET E 48 -62.32 6.81 -36.12
N ALA E 49 -62.56 7.22 -37.37
CA ALA E 49 -62.17 8.54 -37.83
C ALA E 49 -62.88 9.60 -36.99
N TRP E 50 -64.16 9.34 -36.70
CA TRP E 50 -64.96 10.22 -35.85
C TRP E 50 -64.42 10.23 -34.43
N VAL E 51 -64.19 9.03 -33.88
CA VAL E 51 -63.65 8.88 -32.53
C VAL E 51 -62.46 9.84 -32.28
N LEU E 52 -61.47 9.81 -33.18
CA LEU E 52 -60.27 10.62 -33.01
C LEU E 52 -60.52 12.13 -33.07
N LYS E 53 -61.70 12.52 -33.55
CA LYS E 53 -62.02 13.94 -33.76
C LYS E 53 -62.87 14.59 -32.65
N VAL E 54 -63.83 13.83 -32.10
CA VAL E 54 -64.81 14.40 -31.15
C VAL E 54 -64.28 14.83 -29.79
N GLN E 55 -63.12 14.29 -29.41
CA GLN E 55 -62.53 14.52 -28.10
C GLN E 55 -63.60 14.43 -27.00
N ALA E 56 -64.30 13.31 -26.98
CA ALA E 56 -65.49 13.16 -26.14
C ALA E 56 -65.41 11.93 -25.23
N ASP E 57 -66.38 11.80 -24.32
CA ASP E 57 -66.53 10.59 -23.53
C ASP E 57 -67.53 9.67 -24.22
N LEU E 58 -67.06 8.48 -24.60
CA LEU E 58 -67.89 7.51 -25.29
C LEU E 58 -68.26 6.35 -24.36
N TYR E 59 -69.49 5.85 -24.49
CA TYR E 59 -69.96 4.76 -23.66
C TYR E 59 -70.42 3.58 -24.49
N PHE E 60 -69.89 2.41 -24.18
CA PHE E 60 -70.32 1.17 -24.80
C PHE E 60 -70.94 0.29 -23.73
N HIS E 61 -72.07 -0.34 -24.04
CA HIS E 61 -72.67 -1.25 -23.08
C HIS E 61 -72.07 -2.65 -23.22
N ASN E 62 -71.16 -2.94 -22.29
CA ASN E 62 -70.28 -4.12 -22.32
C ASN E 62 -69.08 -3.92 -23.25
N LEU E 63 -68.10 -3.18 -22.74
CA LEU E 63 -66.93 -2.76 -23.51
C LEU E 63 -65.98 -3.91 -23.78
N LYS E 64 -65.94 -4.88 -22.87
CA LYS E 64 -65.14 -6.12 -23.03
C LYS E 64 -65.22 -6.65 -24.45
N PHE E 65 -66.44 -6.71 -24.97
CA PHE E 65 -66.70 -7.18 -26.33
C PHE E 65 -66.24 -6.15 -27.37
N ALA E 66 -66.93 -5.01 -27.43
CA ALA E 66 -66.65 -3.99 -28.44
C ALA E 66 -65.22 -3.45 -28.38
N GLY E 67 -64.67 -3.34 -27.18
CA GLY E 67 -63.32 -2.82 -26.96
C GLY E 67 -62.25 -3.59 -27.70
N ALA E 68 -62.41 -4.90 -27.79
CA ALA E 68 -61.48 -5.74 -28.56
C ALA E 68 -61.44 -5.33 -30.02
N PHE E 69 -62.59 -4.93 -30.56
CA PHE E 69 -62.67 -4.44 -31.94
C PHE E 69 -61.93 -3.11 -32.12
N ILE E 70 -62.00 -2.26 -31.10
CA ILE E 70 -61.33 -0.95 -31.13
C ILE E 70 -59.80 -1.08 -31.01
N ILE E 71 -59.31 -1.81 -30.01
CA ILE E 71 -57.87 -2.02 -29.84
C ILE E 71 -57.28 -2.65 -31.12
N ASN E 72 -57.98 -3.63 -31.68
CA ASN E 72 -57.56 -4.26 -32.93
C ASN E 72 -57.34 -3.24 -34.04
N TRP E 73 -58.24 -2.26 -34.12
CA TRP E 73 -58.14 -1.17 -35.10
C TRP E 73 -56.95 -0.26 -34.77
N LEU E 74 -56.88 0.17 -33.51
CA LEU E 74 -55.82 1.08 -33.05
C LEU E 74 -54.42 0.56 -33.37
N GLU E 75 -54.13 -0.68 -32.96
CA GLU E 75 -52.83 -1.33 -33.19
C GLU E 75 -52.47 -1.37 -34.67
N ARG E 76 -53.48 -1.48 -35.52
CA ARG E 76 -53.25 -1.54 -36.97
C ARG E 76 -53.16 -0.16 -37.61
N ASN E 77 -53.51 0.88 -36.86
CA ASN E 77 -53.47 2.25 -37.37
C ASN E 77 -52.52 3.17 -36.61
N GLY E 78 -51.33 2.65 -36.33
CA GLY E 78 -50.24 3.45 -35.79
C GLY E 78 -50.35 3.87 -34.34
N PHE E 79 -51.16 3.15 -33.56
CA PHE E 79 -51.25 3.38 -32.12
C PHE E 79 -50.55 2.28 -31.33
N LYS E 80 -49.90 2.68 -30.25
CA LYS E 80 -49.25 1.76 -29.33
C LYS E 80 -49.86 1.90 -27.94
N TRP E 81 -49.64 0.91 -27.09
CA TRP E 81 -50.10 1.00 -25.72
C TRP E 81 -49.07 1.72 -24.86
N SER E 82 -49.55 2.71 -24.10
CA SER E 82 -48.72 3.47 -23.16
C SER E 82 -49.56 3.98 -21.99
N ALA E 83 -49.03 3.78 -20.79
CA ALA E 83 -49.69 4.23 -19.56
C ALA E 83 -49.35 5.69 -19.21
N ASP E 84 -48.40 6.28 -19.94
CA ASP E 84 -47.94 7.64 -19.67
C ASP E 84 -48.73 8.72 -20.43
N GLY E 85 -49.60 8.30 -21.34
CA GLY E 85 -50.39 9.22 -22.16
C GLY E 85 -49.54 10.02 -23.13
N LEU E 86 -48.82 9.32 -24.00
CA LEU E 86 -48.01 9.94 -25.05
C LEU E 86 -48.85 10.15 -26.32
N PRO E 87 -48.41 11.08 -27.21
CA PRO E 87 -49.13 11.28 -28.47
C PRO E 87 -49.13 10.01 -29.33
N ASN E 88 -50.24 9.75 -30.02
CA ASN E 88 -50.44 8.54 -30.82
C ASN E 88 -50.39 7.23 -30.03
N THR E 89 -50.74 7.30 -28.75
CA THR E 89 -50.85 6.10 -27.91
C THR E 89 -52.20 6.03 -27.22
N TYR E 90 -52.55 4.85 -26.72
CA TYR E 90 -53.76 4.68 -25.92
C TYR E 90 -53.42 4.04 -24.57
N ASN E 91 -54.36 4.13 -23.65
CA ASN E 91 -54.19 3.59 -22.32
C ASN E 91 -55.46 2.88 -21.89
N THR E 92 -55.32 1.81 -21.10
CA THR E 92 -56.49 1.00 -20.71
C THR E 92 -56.57 0.76 -19.21
N ILE E 93 -57.79 0.47 -18.73
CA ILE E 93 -58.00 -0.16 -17.43
C ILE E 93 -58.68 -1.51 -17.70
N ILE E 94 -57.90 -2.58 -17.62
CA ILE E 94 -58.45 -3.93 -17.71
C ILE E 94 -57.95 -4.71 -16.51
N SER E 95 -58.86 -5.06 -15.61
CA SER E 95 -58.51 -5.65 -14.33
C SER E 95 -58.06 -7.10 -14.43
N ARG E 96 -57.52 -7.62 -13.33
CA ARG E 96 -57.13 -9.02 -13.21
C ARG E 96 -58.21 -10.00 -13.64
N MET E 97 -59.47 -9.60 -13.44
CA MET E 97 -60.62 -10.44 -13.77
C MET E 97 -61.00 -10.31 -15.24
N GLY E 98 -60.26 -9.48 -15.96
CA GLY E 98 -60.54 -9.24 -17.38
C GLY E 98 -61.75 -8.37 -17.58
N GLN E 99 -62.01 -7.49 -16.62
CA GLN E 99 -63.07 -6.49 -16.72
C GLN E 99 -62.53 -5.23 -17.41
N TRP E 100 -63.21 -4.79 -18.45
CA TRP E 100 -62.81 -3.58 -19.17
C TRP E 100 -63.48 -2.35 -18.60
N TYR E 101 -62.68 -1.41 -18.10
CA TYR E 101 -63.23 -0.20 -17.51
C TYR E 101 -63.10 1.02 -18.40
N MET E 102 -61.99 1.10 -19.13
CA MET E 102 -61.67 2.31 -19.88
C MET E 102 -60.58 2.14 -20.93
N ILE E 103 -60.83 2.74 -22.09
CA ILE E 103 -59.82 2.90 -23.14
C ILE E 103 -59.62 4.41 -23.36
N ASP E 104 -58.38 4.87 -23.21
CA ASP E 104 -58.06 6.28 -23.35
C ASP E 104 -57.14 6.52 -24.54
N ILE E 105 -57.72 6.98 -25.65
CA ILE E 105 -56.97 7.22 -26.88
C ILE E 105 -56.40 8.63 -26.86
N CYS E 106 -55.08 8.72 -26.71
CA CYS E 106 -54.38 10.01 -26.66
C CYS E 106 -53.80 10.38 -28.03
N LEU E 107 -54.16 11.56 -28.52
CA LEU E 107 -53.72 12.04 -29.83
C LEU E 107 -52.52 12.97 -29.73
N GLY E 108 -52.56 13.89 -28.77
CA GLY E 108 -51.46 14.82 -28.55
C GLY E 108 -51.79 15.91 -27.54
N TYR E 109 -51.01 16.99 -27.57
CA TYR E 109 -51.17 18.10 -26.63
C TYR E 109 -51.20 19.45 -27.31
N LYS E 110 -52.18 20.26 -26.96
CA LYS E 110 -52.22 21.68 -27.32
C LYS E 110 -52.06 22.49 -26.04
N GLY E 111 -50.87 23.06 -25.86
CA GLY E 111 -50.48 23.70 -24.59
C GLY E 111 -50.31 22.62 -23.54
N LYS E 112 -51.09 22.72 -22.47
CA LYS E 112 -51.12 21.69 -21.42
C LYS E 112 -52.33 20.77 -21.59
N ARG E 113 -53.35 21.26 -22.31
CA ARG E 113 -54.59 20.51 -22.52
C ARG E 113 -54.37 19.25 -23.36
N LYS E 114 -54.66 18.10 -22.75
CA LYS E 114 -54.56 16.80 -23.42
C LYS E 114 -55.70 16.59 -24.41
N ILE E 115 -55.35 16.36 -25.68
CA ILE E 115 -56.34 16.03 -26.72
C ILE E 115 -56.58 14.52 -26.74
N HIS E 116 -57.78 14.10 -26.35
CA HIS E 116 -58.06 12.67 -26.22
C HIS E 116 -59.54 12.31 -26.27
N THR E 117 -59.81 11.06 -26.60
CA THR E 117 -61.15 10.48 -26.52
C THR E 117 -61.10 9.35 -25.53
N VAL E 118 -62.08 9.31 -24.62
CA VAL E 118 -62.11 8.31 -23.56
C VAL E 118 -63.32 7.40 -23.76
N ILE E 119 -63.08 6.10 -23.75
CA ILE E 119 -64.16 5.12 -23.91
C ILE E 119 -64.39 4.35 -22.60
N TYR E 120 -65.65 4.32 -22.16
CA TYR E 120 -66.03 3.67 -20.91
C TYR E 120 -67.04 2.54 -21.12
N ASP E 121 -67.21 1.74 -20.06
CA ASP E 121 -68.22 0.68 -20.04
C ASP E 121 -69.42 1.15 -19.23
N SER E 122 -70.55 1.36 -19.89
CA SER E 122 -71.76 1.80 -19.20
C SER E 122 -72.32 0.71 -18.30
N LEU E 123 -71.91 -0.53 -18.55
CA LEU E 123 -72.36 -1.66 -17.76
C LEU E 123 -71.82 -1.56 -16.33
N LYS E 124 -70.82 -0.72 -16.12
CA LYS E 124 -70.27 -0.47 -14.79
C LYS E 124 -71.08 0.61 -14.08
N LYS E 125 -71.70 1.48 -14.86
CA LYS E 125 -72.64 2.47 -14.34
C LYS E 125 -74.00 1.83 -14.11
N LEU E 126 -74.40 0.98 -15.04
CA LEU E 126 -75.71 0.33 -15.02
C LEU E 126 -75.56 -1.19 -15.19
N PRO E 127 -75.36 -1.92 -14.08
CA PRO E 127 -75.07 -3.35 -14.19
C PRO E 127 -76.29 -4.21 -14.53
N PHE E 128 -76.86 -3.99 -15.72
CA PHE E 128 -77.96 -4.78 -16.25
C PHE E 128 -77.86 -4.85 -17.77
N PRO E 129 -78.42 -5.91 -18.39
CA PRO E 129 -78.51 -5.97 -19.85
C PRO E 129 -79.44 -4.90 -20.41
N VAL E 130 -79.31 -4.58 -21.69
CA VAL E 130 -80.10 -3.52 -22.33
C VAL E 130 -81.62 -3.69 -22.14
N LYS E 131 -82.14 -4.88 -22.46
CA LYS E 131 -83.58 -5.15 -22.31
C LYS E 131 -84.05 -4.99 -20.88
N LYS E 132 -83.27 -5.54 -19.95
CA LYS E 132 -83.56 -5.43 -18.52
C LYS E 132 -83.70 -3.97 -18.10
N ILE E 133 -82.77 -3.12 -18.59
CA ILE E 133 -82.82 -1.69 -18.32
C ILE E 133 -84.11 -1.07 -18.86
N ALA E 134 -84.37 -1.28 -20.15
CA ALA E 134 -85.56 -0.72 -20.80
C ALA E 134 -86.83 -1.08 -20.06
N LYS E 135 -87.00 -2.37 -19.78
CA LYS E 135 -88.16 -2.86 -19.05
C LYS E 135 -88.36 -2.13 -17.72
N ASP E 136 -87.29 -2.00 -16.94
CA ASP E 136 -87.33 -1.43 -15.58
C ASP E 136 -87.30 0.09 -15.50
N PHE E 137 -86.67 0.72 -16.49
CA PHE E 137 -86.57 2.19 -16.54
C PHE E 137 -87.75 2.82 -17.29
N LYS E 138 -88.74 2.00 -17.64
CA LYS E 138 -89.92 2.45 -18.39
C LYS E 138 -89.56 3.13 -19.71
N LEU E 139 -88.61 2.55 -20.44
CA LEU E 139 -88.15 3.11 -21.70
C LEU E 139 -88.66 2.27 -22.86
N THR E 140 -88.81 2.92 -24.02
CA THR E 140 -89.34 2.28 -25.22
C THR E 140 -88.35 1.25 -25.78
N VAL E 141 -88.79 0.00 -25.85
CA VAL E 141 -87.95 -1.09 -26.35
C VAL E 141 -88.65 -1.92 -27.43
N LEU E 142 -87.96 -2.08 -28.57
CA LEU E 142 -88.49 -2.80 -29.74
C LEU E 142 -88.53 -4.32 -29.56
N LYS E 143 -89.61 -4.92 -30.01
CA LYS E 143 -89.76 -6.37 -29.94
C LYS E 143 -88.83 -7.06 -30.94
N GLY E 144 -88.26 -8.19 -30.53
CA GLY E 144 -87.44 -8.99 -31.43
C GLY E 144 -86.00 -8.57 -31.45
N ASP E 145 -85.32 -8.95 -32.53
CA ASP E 145 -83.86 -8.83 -32.64
C ASP E 145 -83.37 -8.83 -34.08
N ILE E 146 -82.17 -8.31 -34.27
CA ILE E 146 -81.43 -8.44 -35.54
C ILE E 146 -81.12 -9.91 -35.78
N ASP E 147 -81.46 -10.40 -36.97
CA ASP E 147 -81.19 -11.79 -37.34
C ASP E 147 -79.70 -11.98 -37.62
N TYR E 148 -79.04 -12.77 -36.76
CA TYR E 148 -77.59 -12.96 -36.87
C TYR E 148 -77.19 -14.07 -37.83
N HIS E 149 -78.13 -14.96 -38.14
CA HIS E 149 -77.90 -16.01 -39.14
C HIS E 149 -78.18 -15.47 -40.56
N LYS E 150 -77.61 -14.32 -40.87
CA LYS E 150 -77.77 -13.70 -42.19
C LYS E 150 -76.44 -13.16 -42.67
N GLU E 151 -76.10 -13.45 -43.94
CA GLU E 151 -74.77 -13.12 -44.46
C GLU E 151 -74.65 -11.66 -44.90
N ARG E 152 -73.68 -10.96 -44.33
CA ARG E 152 -73.42 -9.55 -44.63
C ARG E 152 -71.97 -9.32 -45.07
N PRO E 153 -71.74 -9.31 -46.39
CA PRO E 153 -70.41 -9.02 -46.96
C PRO E 153 -69.95 -7.59 -46.65
N VAL E 154 -68.70 -7.26 -46.97
CA VAL E 154 -68.16 -5.93 -46.67
C VAL E 154 -68.91 -4.89 -47.49
N GLY E 155 -69.30 -3.79 -46.85
CA GLY E 155 -70.06 -2.72 -47.51
C GLY E 155 -71.55 -2.97 -47.61
N TYR E 156 -72.02 -3.98 -46.88
CA TYR E 156 -73.45 -4.33 -46.78
C TYR E 156 -74.25 -3.15 -46.25
N LYS E 157 -75.38 -2.87 -46.90
CA LYS E 157 -76.24 -1.76 -46.50
C LYS E 157 -77.30 -2.18 -45.50
N ILE E 158 -77.27 -1.51 -44.35
CA ILE E 158 -78.17 -1.78 -43.21
C ILE E 158 -79.62 -1.52 -43.59
N THR E 159 -80.51 -2.47 -43.31
CA THR E 159 -81.93 -2.32 -43.64
C THR E 159 -82.60 -1.32 -42.68
N PRO E 160 -83.77 -0.77 -43.07
CA PRO E 160 -84.49 0.17 -42.21
C PRO E 160 -84.78 -0.39 -40.81
N GLU E 161 -85.11 -1.68 -40.73
CA GLU E 161 -85.45 -2.34 -39.46
C GLU E 161 -84.24 -2.56 -38.56
N GLU E 162 -83.12 -2.93 -39.18
CA GLU E 162 -81.86 -3.10 -38.46
C GLU E 162 -81.42 -1.77 -37.89
N TYR E 163 -81.52 -0.73 -38.71
CA TYR E 163 -81.25 0.66 -38.32
C TYR E 163 -82.05 1.02 -37.07
N ALA E 164 -83.35 0.71 -37.10
CA ALA E 164 -84.24 0.95 -35.98
C ALA E 164 -83.77 0.28 -34.69
N TYR E 165 -83.34 -0.98 -34.80
CA TYR E 165 -82.85 -1.75 -33.65
C TYR E 165 -81.58 -1.16 -33.06
N ILE E 166 -80.61 -0.83 -33.91
CA ILE E 166 -79.35 -0.24 -33.47
C ILE E 166 -79.60 1.08 -32.73
N LYS E 167 -80.46 1.92 -33.30
CA LYS E 167 -80.85 3.19 -32.68
C LYS E 167 -81.49 2.96 -31.32
N ASN E 168 -82.37 1.97 -31.23
CA ASN E 168 -83.05 1.64 -29.98
C ASN E 168 -82.05 1.32 -28.89
N ASP E 169 -81.10 0.45 -29.23
CA ASP E 169 -80.06 0.03 -28.29
C ASP E 169 -79.23 1.17 -27.73
N ILE E 170 -78.72 2.05 -28.59
CA ILE E 170 -77.95 3.18 -28.11
C ILE E 170 -78.81 4.16 -27.32
N GLN E 171 -80.08 4.29 -27.73
CA GLN E 171 -80.99 5.24 -27.10
C GLN E 171 -81.38 4.81 -25.69
N ILE E 172 -81.72 3.53 -25.52
CA ILE E 172 -82.09 3.03 -24.19
C ILE E 172 -80.97 3.32 -23.18
N ILE E 173 -79.72 3.16 -23.60
CA ILE E 173 -78.59 3.51 -22.73
C ILE E 173 -78.45 5.03 -22.56
N ALA E 174 -78.58 5.78 -23.65
CA ALA E 174 -78.54 7.24 -23.59
C ALA E 174 -79.56 7.78 -22.58
N GLU E 175 -80.80 7.29 -22.69
CA GLU E 175 -81.90 7.75 -21.85
C GLU E 175 -81.66 7.42 -20.39
N ALA E 176 -81.14 6.23 -20.14
CA ALA E 176 -80.83 5.82 -18.78
C ALA E 176 -79.71 6.66 -18.18
N LEU E 177 -78.61 6.77 -18.92
CA LEU E 177 -77.42 7.52 -18.47
C LEU E 177 -77.71 8.99 -18.20
N LEU E 178 -78.48 9.62 -19.08
CA LEU E 178 -78.83 11.03 -18.89
C LEU E 178 -79.56 11.23 -17.57
N ILE E 179 -80.58 10.40 -17.33
CA ILE E 179 -81.38 10.46 -16.11
C ILE E 179 -80.49 10.31 -14.89
N GLN E 180 -79.36 9.63 -15.08
CA GLN E 180 -78.37 9.44 -14.03
C GLN E 180 -77.46 10.66 -13.85
N PHE E 181 -76.99 11.24 -14.96
CA PHE E 181 -76.15 12.44 -14.92
C PHE E 181 -76.90 13.66 -14.38
N LYS E 182 -78.20 13.72 -14.69
CA LYS E 182 -79.06 14.80 -14.21
C LYS E 182 -79.30 14.71 -12.71
N GLN E 183 -78.86 13.62 -12.09
CA GLN E 183 -78.88 13.50 -10.63
C GLN E 183 -77.51 13.90 -10.07
N GLY E 184 -76.56 14.15 -10.96
CA GLY E 184 -75.18 14.47 -10.56
C GLY E 184 -74.30 13.25 -10.42
N LEU E 185 -74.87 12.07 -10.69
CA LEU E 185 -74.17 10.80 -10.53
C LEU E 185 -73.29 10.57 -11.76
N ASP E 186 -72.08 11.13 -11.73
CA ASP E 186 -71.24 11.21 -12.94
C ASP E 186 -69.94 10.39 -12.97
N ARG E 187 -69.63 9.71 -11.87
CA ARG E 187 -68.40 8.91 -11.76
C ARG E 187 -68.39 7.67 -12.68
N MET E 188 -67.26 6.96 -12.72
CA MET E 188 -67.06 5.83 -13.65
C MET E 188 -67.96 4.63 -13.40
N THR E 189 -68.15 4.28 -12.13
CA THR E 189 -68.95 3.10 -11.76
C THR E 189 -70.09 3.46 -10.81
N ALA E 190 -71.04 2.53 -10.65
CA ALA E 190 -72.18 2.70 -9.74
C ALA E 190 -71.71 2.90 -8.31
N GLY E 191 -70.73 2.10 -7.90
CA GLY E 191 -70.10 2.21 -6.57
C GLY E 191 -69.53 3.58 -6.28
N SER E 192 -68.87 4.17 -7.26
CA SER E 192 -68.31 5.52 -7.15
C SER E 192 -69.40 6.59 -7.02
N ASP E 193 -70.46 6.43 -7.82
CA ASP E 193 -71.61 7.33 -7.75
C ASP E 193 -72.22 7.26 -6.37
N SER E 194 -72.38 6.02 -5.90
CA SER E 194 -72.92 5.72 -4.59
C SER E 194 -72.09 6.42 -3.50
N LEU E 195 -70.78 6.17 -3.53
CA LEU E 195 -69.84 6.77 -2.59
C LEU E 195 -69.82 8.29 -2.67
N LYS E 196 -69.86 8.83 -3.89
CA LYS E 196 -69.87 10.28 -4.12
C LYS E 196 -71.10 10.95 -3.51
N GLY E 197 -72.26 10.32 -3.66
CA GLY E 197 -73.51 10.79 -3.07
C GLY E 197 -73.47 10.84 -1.56
N PHE E 198 -72.92 9.79 -0.95
CA PHE E 198 -72.76 9.70 0.50
C PHE E 198 -71.77 10.76 1.02
N LYS E 199 -70.72 11.00 0.25
CA LYS E 199 -69.67 11.95 0.60
C LYS E 199 -70.22 13.37 0.63
N ASP E 200 -71.08 13.68 -0.34
CA ASP E 200 -71.79 14.97 -0.39
C ASP E 200 -72.54 15.25 0.90
N ILE E 201 -73.40 14.31 1.28
CA ILE E 201 -74.19 14.40 2.51
C ILE E 201 -73.33 14.53 3.77
N ILE E 202 -72.32 13.66 3.90
CA ILE E 202 -71.46 13.67 5.08
C ILE E 202 -70.45 14.84 5.11
N THR E 203 -70.10 15.36 3.93
CA THR E 203 -69.04 16.38 3.75
C THR E 203 -67.65 15.75 3.67
N THR E 204 -66.88 16.18 2.68
CA THR E 204 -65.47 15.77 2.55
C THR E 204 -64.68 15.98 3.85
N LYS E 205 -64.79 17.17 4.44
CA LYS E 205 -64.09 17.46 5.69
C LYS E 205 -64.43 16.44 6.79
N LYS E 206 -65.71 16.13 6.94
CA LYS E 206 -66.15 15.21 7.98
C LYS E 206 -65.85 13.75 7.60
N PHE E 207 -65.85 13.49 6.30
CA PHE E 207 -65.58 12.15 5.77
C PHE E 207 -64.17 11.69 6.11
N LYS E 208 -63.18 12.53 5.79
CA LYS E 208 -61.78 12.23 6.05
C LYS E 208 -61.52 12.01 7.54
N LYS E 209 -62.37 12.57 8.40
CA LYS E 209 -62.17 12.42 9.84
C LYS E 209 -62.73 11.11 10.37
N VAL E 210 -63.91 10.72 9.90
CA VAL E 210 -64.50 9.44 10.34
C VAL E 210 -63.87 8.24 9.64
N PHE E 211 -63.41 8.44 8.40
CA PHE E 211 -62.80 7.35 7.63
C PHE E 211 -61.38 7.69 7.21
N PRO E 212 -60.42 7.71 8.18
CA PRO E 212 -59.04 8.00 7.83
C PRO E 212 -58.43 6.87 7.00
N THR E 213 -57.50 7.20 6.12
CA THR E 213 -56.78 6.18 5.35
C THR E 213 -55.67 5.61 6.22
N LEU E 214 -55.71 4.30 6.43
CA LEU E 214 -54.83 3.62 7.37
C LEU E 214 -53.52 3.19 6.70
N SER E 215 -52.52 2.89 7.51
CA SER E 215 -51.27 2.33 7.00
C SER E 215 -51.51 0.98 6.34
N LEU E 216 -50.85 0.75 5.21
CA LEU E 216 -50.96 -0.52 4.48
C LEU E 216 -50.81 -1.74 5.40
N GLY E 217 -49.92 -1.63 6.38
CA GLY E 217 -49.72 -2.66 7.39
C GLY E 217 -50.98 -2.96 8.18
N LEU E 218 -51.66 -1.91 8.63
CA LEU E 218 -52.89 -2.06 9.39
C LEU E 218 -54.02 -2.62 8.53
N ASP E 219 -54.16 -2.04 7.34
CA ASP E 219 -55.19 -2.44 6.40
C ASP E 219 -55.18 -3.95 6.14
N LYS E 220 -53.99 -4.50 5.89
CA LYS E 220 -53.81 -5.94 5.66
C LYS E 220 -54.20 -6.76 6.90
N GLU E 221 -53.88 -6.22 8.07
CA GLU E 221 -54.23 -6.83 9.34
C GLU E 221 -55.75 -6.86 9.54
N VAL E 222 -56.41 -5.74 9.19
CA VAL E 222 -57.86 -5.61 9.28
C VAL E 222 -58.56 -6.57 8.32
N ARG E 223 -58.07 -6.65 7.08
CA ARG E 223 -58.77 -7.45 6.08
C ARG E 223 -58.63 -8.96 6.32
N TYR E 224 -57.82 -9.35 7.31
CA TYR E 224 -57.75 -10.75 7.72
C TYR E 224 -59.04 -11.19 8.36
N ALA E 225 -59.80 -10.22 8.87
CA ALA E 225 -61.03 -10.52 9.57
C ALA E 225 -62.22 -10.44 8.63
N TYR E 226 -61.97 -10.08 7.38
CA TYR E 226 -63.02 -10.07 6.37
C TYR E 226 -63.42 -11.49 6.01
N ARG E 227 -64.73 -11.74 5.93
CA ARG E 227 -65.21 -13.11 5.71
C ARG E 227 -66.25 -13.24 4.61
N GLY E 228 -67.10 -12.24 4.42
CA GLY E 228 -67.97 -12.25 3.28
C GLY E 228 -69.40 -12.60 3.58
N GLY E 229 -69.81 -13.82 3.24
CA GLY E 229 -71.22 -14.20 3.40
C GLY E 229 -71.38 -15.61 3.93
N PHE E 230 -72.41 -15.82 4.75
CA PHE E 230 -72.63 -17.15 5.28
C PHE E 230 -73.38 -17.99 4.26
N THR E 231 -72.68 -18.98 3.71
CA THR E 231 -73.30 -19.89 2.76
C THR E 231 -73.00 -21.32 3.21
N TRP E 232 -74.03 -21.98 3.69
CA TRP E 232 -73.90 -23.28 4.31
C TRP E 232 -75.06 -24.20 3.94
N LEU E 233 -74.75 -25.45 3.66
CA LEU E 233 -75.77 -26.47 3.43
C LEU E 233 -75.74 -27.47 4.57
N ASN E 234 -76.91 -27.93 4.99
CA ASN E 234 -77.01 -28.91 6.05
C ASN E 234 -76.65 -30.29 5.51
N ASP E 235 -75.67 -30.97 6.12
CA ASP E 235 -75.24 -32.31 5.68
C ASP E 235 -76.42 -33.24 5.53
N ARG E 236 -77.41 -33.04 6.39
CA ARG E 236 -78.63 -33.85 6.42
C ARG E 236 -79.30 -33.93 5.04
N PHE E 237 -79.29 -32.82 4.31
CA PHE E 237 -80.05 -32.70 3.07
C PHE E 237 -79.23 -32.87 1.78
N LYS E 238 -77.91 -32.91 1.93
CA LYS E 238 -77.01 -33.04 0.80
C LYS E 238 -77.38 -34.21 -0.11
N GLU E 239 -77.56 -33.91 -1.39
CA GLU E 239 -77.83 -34.90 -2.45
C GLU E 239 -79.06 -35.77 -2.21
N LYS E 240 -80.10 -35.17 -1.65
CA LYS E 240 -81.34 -35.87 -1.37
C LYS E 240 -82.52 -35.09 -1.92
N GLU E 241 -83.41 -35.78 -2.64
CA GLU E 241 -84.67 -35.17 -3.06
C GLU E 241 -85.52 -35.00 -1.81
N ILE E 242 -85.91 -33.76 -1.55
CA ILE E 242 -86.71 -33.44 -0.37
C ILE E 242 -88.05 -32.85 -0.75
N GLY E 243 -89.00 -32.86 0.19
CA GLY E 243 -90.37 -32.48 -0.08
C GLY E 243 -90.62 -31.00 -0.04
N GLU E 244 -91.70 -30.61 0.65
CA GLU E 244 -92.13 -29.22 0.71
C GLU E 244 -91.22 -28.37 1.57
N GLY E 245 -90.96 -27.15 1.11
CA GLY E 245 -90.13 -26.19 1.86
C GLY E 245 -90.41 -24.75 1.46
N MET E 246 -89.79 -23.81 2.18
CA MET E 246 -90.01 -22.37 1.94
C MET E 246 -88.73 -21.54 2.09
N VAL E 247 -88.65 -20.43 1.36
CA VAL E 247 -87.47 -19.57 1.36
C VAL E 247 -87.75 -18.21 2.00
N PHE E 248 -86.78 -17.70 2.77
CA PHE E 248 -86.89 -16.37 3.36
C PHE E 248 -85.71 -15.49 2.96
N ASP E 249 -86.00 -14.23 2.59
CA ASP E 249 -85.00 -13.27 2.17
C ASP E 249 -85.05 -12.00 3.02
N VAL E 250 -83.89 -11.55 3.50
CA VAL E 250 -83.80 -10.29 4.23
C VAL E 250 -83.97 -9.10 3.28
N ASN E 251 -84.85 -8.17 3.63
CA ASN E 251 -85.02 -6.95 2.87
C ASN E 251 -83.79 -6.04 2.96
N SER E 252 -82.99 -6.05 1.89
CA SER E 252 -81.77 -5.26 1.78
C SER E 252 -80.82 -5.51 2.94
N LEU E 253 -80.29 -6.73 3.00
CA LEU E 253 -79.39 -7.15 4.07
C LEU E 253 -78.38 -6.09 4.46
N TYR E 254 -77.52 -5.69 3.52
CA TYR E 254 -76.41 -4.77 3.82
C TYR E 254 -76.85 -3.34 4.20
N PRO E 255 -77.67 -2.68 3.37
CA PRO E 255 -78.19 -1.40 3.83
C PRO E 255 -78.88 -1.48 5.20
N ALA E 256 -79.45 -2.63 5.54
CA ALA E 256 -80.07 -2.81 6.85
C ALA E 256 -79.07 -2.77 8.00
N GLN E 257 -77.88 -3.33 7.80
CA GLN E 257 -76.83 -3.29 8.83
C GLN E 257 -76.28 -1.87 8.95
N MET E 258 -76.07 -1.23 7.80
CA MET E 258 -75.55 0.13 7.75
C MET E 258 -76.45 1.13 8.47
N TYR E 259 -77.73 0.80 8.58
CA TYR E 259 -78.72 1.74 9.08
C TYR E 259 -78.85 1.77 10.59
N SER E 260 -78.72 0.61 11.24
CA SER E 260 -78.99 0.53 12.67
C SER E 260 -77.92 -0.13 13.52
N ARG E 261 -77.03 -0.91 12.89
CA ARG E 261 -75.96 -1.59 13.63
C ARG E 261 -74.86 -0.62 14.09
N LEU E 262 -74.25 -0.98 15.22
CA LEU E 262 -73.05 -0.32 15.72
C LEU E 262 -71.82 -0.61 14.81
N LEU E 263 -71.32 0.42 14.17
CA LEU E 263 -70.22 0.26 13.19
C LEU E 263 -68.98 1.07 13.60
N PRO E 264 -67.80 0.68 13.11
CA PRO E 264 -66.56 1.37 13.48
C PRO E 264 -66.29 2.66 12.70
N TYR E 265 -65.54 3.57 13.31
CA TYR E 265 -65.04 4.76 12.61
C TYR E 265 -63.77 5.31 13.28
N GLY E 266 -63.07 6.17 12.56
CA GLY E 266 -61.89 6.85 13.08
C GLY E 266 -60.66 5.97 13.19
N GLU E 267 -59.60 6.55 13.78
CA GLU E 267 -58.32 5.89 13.97
C GLU E 267 -58.41 4.73 14.98
N PRO E 268 -58.09 3.49 14.55
CA PRO E 268 -58.05 2.37 15.50
C PRO E 268 -56.93 2.50 16.52
N ILE E 269 -57.01 1.74 17.60
CA ILE E 269 -55.95 1.69 18.59
C ILE E 269 -55.45 0.26 18.71
N VAL E 270 -54.14 0.09 18.50
CA VAL E 270 -53.49 -1.21 18.57
C VAL E 270 -53.34 -1.62 20.03
N PHE E 271 -53.85 -2.80 20.38
CA PHE E 271 -53.59 -3.34 21.70
C PHE E 271 -52.88 -4.68 21.62
N GLU E 272 -52.14 -5.03 22.65
CA GLU E 272 -51.53 -6.34 22.77
C GLU E 272 -52.36 -7.19 23.74
N GLY E 273 -52.28 -8.51 23.58
CA GLY E 273 -52.98 -9.44 24.46
C GLY E 273 -54.45 -9.49 24.17
N LYS E 274 -55.24 -9.84 25.19
CA LYS E 274 -56.70 -9.93 25.08
C LYS E 274 -57.33 -8.56 25.18
N TYR E 275 -58.34 -8.30 24.35
CA TYR E 275 -59.10 -7.04 24.41
C TYR E 275 -59.81 -6.93 25.76
N VAL E 276 -59.70 -5.75 26.39
CA VAL E 276 -60.49 -5.42 27.58
C VAL E 276 -61.55 -4.36 27.28
N TRP E 277 -62.79 -4.62 27.71
CA TRP E 277 -63.93 -3.71 27.45
C TRP E 277 -63.61 -2.22 27.68
N ASP E 278 -63.90 -1.41 26.68
CA ASP E 278 -63.65 0.02 26.74
C ASP E 278 -64.81 0.70 26.02
N GLU E 279 -65.66 1.39 26.76
CA GLU E 279 -66.90 1.88 26.17
C GLU E 279 -66.69 2.98 25.14
N ASP E 280 -65.50 3.57 25.11
CA ASP E 280 -65.14 4.54 24.07
C ASP E 280 -64.73 3.84 22.80
N TYR E 281 -64.18 2.63 22.95
CA TYR E 281 -63.74 1.81 21.83
C TYR E 281 -64.41 0.43 21.91
N PRO E 282 -65.73 0.37 21.68
CA PRO E 282 -66.53 -0.80 22.00
C PRO E 282 -66.49 -1.93 20.96
N LEU E 283 -65.91 -1.66 19.79
CA LEU E 283 -65.72 -2.71 18.78
C LEU E 283 -64.25 -3.03 18.67
N HIS E 284 -63.95 -4.29 18.36
CA HIS E 284 -62.58 -4.71 18.16
C HIS E 284 -62.46 -5.87 17.19
N ILE E 285 -61.23 -6.10 16.74
CA ILE E 285 -60.83 -7.27 16.00
C ILE E 285 -59.71 -7.90 16.80
N GLN E 286 -59.87 -9.18 17.11
CA GLN E 286 -58.93 -9.91 17.94
C GLN E 286 -58.16 -10.94 17.11
N HIS E 287 -56.84 -10.95 17.22
CA HIS E 287 -56.05 -12.04 16.65
C HIS E 287 -55.89 -13.12 17.71
N ILE E 288 -56.62 -14.19 17.51
CA ILE E 288 -56.78 -15.26 18.47
C ILE E 288 -56.04 -16.47 17.92
N ARG E 289 -55.71 -17.41 18.81
CA ARG E 289 -55.18 -18.70 18.40
C ARG E 289 -55.85 -19.72 19.31
N CYS E 290 -56.31 -20.83 18.76
CA CYS E 290 -56.99 -21.83 19.60
C CYS E 290 -57.42 -23.11 18.91
N GLU E 291 -58.01 -23.99 19.71
CA GLU E 291 -58.74 -25.16 19.23
C GLU E 291 -60.21 -25.01 19.57
N PHE E 292 -61.05 -25.74 18.85
CA PHE E 292 -62.49 -25.69 19.01
C PHE E 292 -63.20 -26.99 18.63
N GLU E 293 -64.35 -27.21 19.24
CA GLU E 293 -65.29 -28.26 18.86
C GLU E 293 -66.66 -27.62 18.78
N LEU E 294 -67.40 -27.93 17.72
CA LEU E 294 -68.76 -27.45 17.57
C LEU E 294 -69.61 -28.01 18.69
N LYS E 295 -70.47 -27.17 19.29
CA LYS E 295 -71.41 -27.63 20.32
C LYS E 295 -72.54 -28.41 19.66
N GLU E 296 -73.18 -29.27 20.44
CA GLU E 296 -74.28 -30.08 19.92
C GLU E 296 -75.49 -29.22 19.60
N GLY E 297 -76.13 -29.52 18.46
CA GLY E 297 -77.29 -28.79 17.98
C GLY E 297 -77.03 -27.37 17.49
N TYR E 298 -75.77 -27.05 17.18
CA TYR E 298 -75.42 -25.74 16.67
C TYR E 298 -74.87 -25.77 15.24
N ILE E 299 -75.07 -24.67 14.53
CA ILE E 299 -74.58 -24.49 13.17
C ILE E 299 -73.10 -24.08 13.19
N PRO E 300 -72.29 -24.69 12.30
CA PRO E 300 -70.88 -24.31 12.18
C PRO E 300 -70.73 -22.85 11.71
N THR E 301 -69.68 -22.19 12.18
CA THR E 301 -69.51 -20.76 11.99
C THR E 301 -68.15 -20.43 11.40
N ILE E 302 -67.12 -21.11 11.90
CA ILE E 302 -65.73 -20.84 11.54
C ILE E 302 -65.35 -21.45 10.19
N GLN E 303 -64.63 -20.65 9.42
CA GLN E 303 -64.04 -21.05 8.16
C GLN E 303 -62.61 -20.52 8.17
N ILE E 304 -61.63 -21.39 7.95
CA ILE E 304 -60.24 -20.97 7.99
C ILE E 304 -59.60 -21.04 6.60
N LYS E 305 -59.63 -19.90 5.90
CA LYS E 305 -59.25 -19.84 4.49
C LYS E 305 -57.74 -19.94 4.24
N ARG E 306 -56.93 -19.53 5.22
CA ARG E 306 -55.48 -19.55 5.08
C ARG E 306 -54.82 -20.40 6.16
N SER E 307 -54.40 -21.61 5.78
CA SER E 307 -53.81 -22.53 6.74
C SER E 307 -53.30 -23.82 6.10
N ARG E 308 -52.43 -24.51 6.84
CA ARG E 308 -51.93 -25.85 6.47
C ARG E 308 -53.03 -26.91 6.52
N PHE E 309 -53.69 -27.03 7.67
CA PHE E 309 -54.69 -28.08 7.90
C PHE E 309 -56.00 -27.81 7.15
N TYR E 310 -56.37 -26.53 7.11
CA TYR E 310 -57.50 -25.97 6.33
C TYR E 310 -58.17 -26.85 5.26
N LYS E 311 -59.50 -26.83 5.25
CA LYS E 311 -60.26 -27.14 4.05
C LYS E 311 -61.03 -25.89 3.60
N GLY E 312 -61.12 -25.71 2.28
CA GLY E 312 -61.55 -24.45 1.67
C GLY E 312 -62.75 -23.73 2.25
N ASN E 313 -63.91 -24.12 1.75
CA ASN E 313 -65.14 -23.37 2.00
C ASN E 313 -66.09 -24.09 2.92
N GLU E 314 -65.60 -25.11 3.61
CA GLU E 314 -66.43 -25.83 4.54
C GLU E 314 -66.36 -25.16 5.90
N TYR E 315 -67.51 -25.00 6.53
CA TYR E 315 -67.57 -24.49 7.89
C TYR E 315 -67.18 -25.61 8.81
N LEU E 316 -66.22 -25.34 9.68
CA LEU E 316 -65.58 -26.40 10.44
C LEU E 316 -66.36 -26.88 11.65
N LYS E 317 -66.39 -28.20 11.79
CA LYS E 317 -67.01 -28.85 12.92
C LYS E 317 -66.02 -28.95 14.08
N SER E 318 -64.73 -28.85 13.76
CA SER E 318 -63.64 -29.11 14.72
C SER E 318 -62.28 -28.55 14.24
N SER E 319 -61.32 -28.46 15.16
CA SER E 319 -59.95 -28.04 14.87
C SER E 319 -59.13 -29.10 14.16
N GLY E 320 -59.57 -30.36 14.27
CA GLY E 320 -58.87 -31.48 13.65
C GLY E 320 -57.60 -31.87 14.36
N GLY E 321 -57.38 -31.33 15.56
CA GLY E 321 -56.18 -31.64 16.35
C GLY E 321 -54.98 -30.79 16.03
N GLU E 322 -55.20 -29.79 15.18
CA GLU E 322 -54.20 -28.79 14.85
C GLU E 322 -54.78 -27.41 15.26
N ILE E 323 -53.91 -26.44 15.46
CA ILE E 323 -54.31 -25.14 16.05
C ILE E 323 -54.76 -24.11 15.02
N ALA E 324 -55.93 -23.53 15.27
CA ALA E 324 -56.51 -22.51 14.40
C ALA E 324 -55.99 -21.10 14.70
N ASP E 325 -55.66 -20.37 13.64
CA ASP E 325 -55.14 -19.02 13.74
C ASP E 325 -56.12 -18.07 13.06
N LEU E 326 -56.86 -17.30 13.85
CA LEU E 326 -57.94 -16.45 13.33
C LEU E 326 -57.86 -14.97 13.71
N TRP E 327 -58.32 -14.11 12.81
CA TRP E 327 -58.54 -12.70 13.08
C TRP E 327 -60.04 -12.44 13.04
N LEU E 328 -60.62 -12.11 14.20
CA LEU E 328 -62.08 -12.01 14.30
C LEU E 328 -62.59 -10.65 14.76
N SER E 329 -63.69 -10.21 14.17
CA SER E 329 -64.43 -9.06 14.70
C SER E 329 -65.12 -9.55 15.95
N ASN E 330 -65.44 -8.66 16.87
CA ASN E 330 -66.09 -9.09 18.11
C ASN E 330 -67.47 -9.72 17.87
N VAL E 331 -68.16 -9.26 16.83
CA VAL E 331 -69.40 -9.87 16.37
C VAL E 331 -69.16 -11.35 16.07
N ASP E 332 -68.15 -11.64 15.25
CA ASP E 332 -67.81 -13.02 14.90
C ASP E 332 -67.39 -13.82 16.11
N LEU E 333 -66.54 -13.24 16.95
CA LEU E 333 -66.00 -13.90 18.15
C LEU E 333 -67.08 -14.28 19.16
N GLU E 334 -68.05 -13.40 19.36
CA GLU E 334 -69.15 -13.68 20.30
C GLU E 334 -69.94 -14.85 19.80
N LEU E 335 -70.19 -14.86 18.50
CA LEU E 335 -70.97 -15.89 17.84
C LEU E 335 -70.25 -17.24 17.92
N MET E 336 -68.92 -17.20 17.84
CA MET E 336 -68.10 -18.41 17.88
C MET E 336 -68.17 -19.04 19.26
N LYS E 337 -68.10 -18.22 20.30
CA LYS E 337 -68.16 -18.69 21.69
C LYS E 337 -69.47 -19.39 22.05
N GLU E 338 -70.55 -19.01 21.37
CA GLU E 338 -71.85 -19.61 21.62
C GLU E 338 -72.01 -20.95 20.90
N HIS E 339 -71.49 -21.04 19.68
CA HIS E 339 -71.64 -22.24 18.86
C HIS E 339 -70.55 -23.30 19.13
N TYR E 340 -69.40 -22.85 19.62
CA TYR E 340 -68.23 -23.72 19.78
C TYR E 340 -67.75 -23.83 21.21
N ASP E 341 -67.21 -25.00 21.56
CA ASP E 341 -66.39 -25.14 22.76
C ASP E 341 -64.96 -24.71 22.41
N LEU E 342 -64.46 -23.68 23.08
CA LEU E 342 -63.09 -23.26 22.83
C LEU E 342 -62.08 -23.90 23.80
N TYR E 343 -60.89 -24.20 23.28
CA TYR E 343 -59.82 -24.82 24.07
C TYR E 343 -58.51 -24.11 23.79
N ASN E 344 -57.68 -24.02 24.81
CA ASN E 344 -56.33 -23.47 24.68
C ASN E 344 -56.30 -22.16 23.92
N VAL E 345 -57.13 -21.21 24.35
CA VAL E 345 -57.22 -19.94 23.65
C VAL E 345 -56.05 -19.03 24.02
N GLU E 346 -55.40 -18.51 22.99
CA GLU E 346 -54.26 -17.63 23.15
C GLU E 346 -54.59 -16.31 22.43
N TYR E 347 -54.40 -15.20 23.13
CA TYR E 347 -54.73 -13.88 22.59
C TYR E 347 -53.45 -13.14 22.21
N ILE E 348 -53.19 -13.00 20.92
CA ILE E 348 -51.95 -12.38 20.46
C ILE E 348 -52.00 -10.87 20.58
N SER E 349 -52.89 -10.24 19.82
CA SER E 349 -53.03 -8.79 19.79
C SER E 349 -54.37 -8.44 19.15
N GLY E 350 -54.55 -7.18 18.78
CA GLY E 350 -55.81 -6.75 18.20
C GLY E 350 -55.93 -5.27 17.90
N LEU E 351 -57.13 -4.87 17.50
CA LEU E 351 -57.42 -3.47 17.15
C LEU E 351 -58.80 -3.10 17.66
N LYS E 352 -58.92 -1.93 18.28
CA LYS E 352 -60.22 -1.45 18.74
C LYS E 352 -60.59 -0.11 18.12
N PHE E 353 -61.89 0.11 17.94
CA PHE E 353 -62.41 1.26 17.22
C PHE E 353 -63.46 1.99 18.00
N LYS E 354 -63.52 3.31 17.83
CA LYS E 354 -64.70 4.06 18.23
C LYS E 354 -65.83 3.52 17.37
N ALA E 355 -67.05 3.56 17.88
CA ALA E 355 -68.21 3.07 17.13
C ALA E 355 -69.42 3.98 17.27
N THR E 356 -70.34 3.88 16.30
CA THR E 356 -71.58 4.65 16.33
C THR E 356 -72.63 3.94 15.49
N THR E 357 -73.87 4.43 15.56
CA THR E 357 -74.96 3.83 14.80
C THR E 357 -75.58 4.76 13.76
N GLY E 358 -75.21 6.04 13.78
CA GLY E 358 -75.87 7.00 12.90
C GLY E 358 -75.16 7.42 11.62
N LEU E 359 -74.14 6.68 11.22
CA LEU E 359 -73.30 7.11 10.10
C LEU E 359 -73.97 7.16 8.74
N PHE E 360 -74.99 6.31 8.53
CA PHE E 360 -75.58 6.15 7.20
C PHE E 360 -77.04 6.60 7.07
N LYS E 361 -77.67 6.95 8.20
CA LYS E 361 -79.11 7.29 8.24
C LYS E 361 -79.51 8.32 7.18
N ASP E 362 -78.80 9.44 7.16
CA ASP E 362 -79.12 10.54 6.24
C ASP E 362 -79.11 10.09 4.78
N PHE E 363 -78.06 9.34 4.41
CA PHE E 363 -77.92 8.84 3.05
C PHE E 363 -79.04 7.88 2.68
N ILE E 364 -79.33 6.93 3.58
CA ILE E 364 -80.32 5.89 3.31
C ILE E 364 -81.74 6.48 3.32
N ASP E 365 -82.02 7.35 4.28
CA ASP E 365 -83.31 8.02 4.33
C ASP E 365 -83.57 8.86 3.09
N LYS E 366 -82.53 9.55 2.60
CA LYS E 366 -82.64 10.29 1.35
C LYS E 366 -83.09 9.39 0.19
N TRP E 367 -82.34 8.32 -0.02
CA TRP E 367 -82.56 7.49 -1.19
C TRP E 367 -83.72 6.49 -1.05
N THR E 368 -84.01 6.08 0.18
CA THR E 368 -85.20 5.26 0.45
C THR E 368 -86.48 6.04 0.18
N TYR E 369 -86.49 7.31 0.58
CA TYR E 369 -87.61 8.19 0.32
C TYR E 369 -87.87 8.27 -1.18
N ILE E 370 -86.81 8.59 -1.95
CA ILE E 370 -86.91 8.69 -3.40
C ILE E 370 -87.41 7.37 -4.01
N LYS E 371 -86.98 6.25 -3.43
CA LYS E 371 -87.38 4.92 -3.90
C LYS E 371 -88.88 4.68 -3.80
N THR E 372 -89.45 4.91 -2.62
CA THR E 372 -90.88 4.68 -2.38
C THR E 372 -91.76 5.77 -2.99
N THR E 373 -91.19 6.97 -3.10
CA THR E 373 -91.82 8.13 -3.72
C THR E 373 -91.99 8.00 -5.23
N SER E 374 -91.13 7.20 -5.85
CA SER E 374 -90.94 7.29 -7.30
C SER E 374 -91.27 5.98 -8.05
N GLU E 375 -91.20 6.05 -9.37
CA GLU E 375 -91.40 4.89 -10.22
C GLU E 375 -90.40 4.89 -11.38
N GLY E 376 -90.17 3.72 -11.95
CA GLY E 376 -89.36 3.58 -13.15
C GLY E 376 -87.90 3.92 -12.94
N ALA E 377 -87.34 4.69 -13.86
CA ALA E 377 -85.92 5.02 -13.88
C ALA E 377 -85.41 5.59 -12.56
N ILE E 378 -86.08 6.62 -12.05
CA ILE E 378 -85.66 7.26 -10.80
C ILE E 378 -85.63 6.24 -9.66
N LYS E 379 -86.67 5.39 -9.60
CA LYS E 379 -86.75 4.34 -8.58
C LYS E 379 -85.57 3.37 -8.66
N GLN E 380 -85.19 2.98 -9.88
CA GLN E 380 -84.08 2.05 -10.08
C GLN E 380 -82.74 2.62 -9.67
N LEU E 381 -82.47 3.86 -10.07
CA LEU E 381 -81.24 4.54 -9.66
C LEU E 381 -81.19 4.76 -8.15
N ALA E 382 -82.38 4.91 -7.56
CA ALA E 382 -82.48 4.99 -6.11
C ALA E 382 -82.09 3.67 -5.43
N LYS E 383 -82.52 2.55 -6.02
CA LYS E 383 -82.14 1.22 -5.51
C LYS E 383 -80.64 1.01 -5.67
N LEU E 384 -80.15 1.40 -6.85
CA LEU E 384 -78.73 1.30 -7.21
C LEU E 384 -77.83 2.07 -6.24
N MET E 385 -78.25 3.28 -5.86
CA MET E 385 -77.51 4.09 -4.88
C MET E 385 -77.44 3.37 -3.55
N LEU E 386 -78.57 2.81 -3.11
CA LEU E 386 -78.62 2.12 -1.83
C LEU E 386 -77.78 0.84 -1.82
N ASN E 387 -77.69 0.17 -2.97
CA ASN E 387 -77.02 -1.13 -3.05
C ASN E 387 -75.55 -1.11 -3.40
N SER E 388 -75.09 -0.03 -4.03
CA SER E 388 -73.71 0.04 -4.50
C SER E 388 -72.72 0.61 -3.49
N LEU E 389 -73.23 1.26 -2.45
CA LEU E 389 -72.36 1.94 -1.49
C LEU E 389 -71.51 0.97 -0.69
N TYR E 390 -72.14 -0.01 -0.07
CA TYR E 390 -71.43 -0.99 0.75
C TYR E 390 -70.17 -1.51 0.04
N GLY E 391 -70.32 -1.97 -1.21
CA GLY E 391 -69.22 -2.48 -2.00
C GLY E 391 -67.93 -1.69 -1.86
N LYS E 392 -68.05 -0.37 -1.89
CA LYS E 392 -66.87 0.52 -1.88
C LYS E 392 -65.97 0.40 -0.68
N PHE E 393 -66.55 0.06 0.47
CA PHE E 393 -65.78 -0.12 1.71
C PHE E 393 -65.05 -1.45 1.76
N ALA E 394 -65.65 -2.46 1.13
CA ALA E 394 -65.13 -3.83 1.15
C ALA E 394 -64.39 -4.20 -0.14
N SER E 395 -63.24 -3.59 -0.37
CA SER E 395 -62.44 -3.90 -1.56
C SER E 395 -60.95 -3.97 -1.26
N ASN E 396 -60.22 -4.77 -2.04
CA ASN E 396 -58.78 -4.94 -1.87
C ASN E 396 -58.04 -3.86 -2.63
N PRO E 397 -56.79 -3.55 -2.20
CA PRO E 397 -56.05 -2.42 -2.77
C PRO E 397 -55.34 -2.71 -4.10
N ASP E 398 -55.49 -3.93 -4.60
CA ASP E 398 -54.87 -4.34 -5.86
C ASP E 398 -55.62 -3.80 -7.08
N VAL E 399 -54.94 -2.98 -7.86
CA VAL E 399 -55.49 -2.40 -9.07
C VAL E 399 -54.59 -2.76 -10.26
N THR E 400 -53.86 -3.86 -10.10
CA THR E 400 -52.97 -4.40 -11.13
C THR E 400 -53.76 -4.77 -12.37
N GLY E 401 -53.28 -4.36 -13.53
CA GLY E 401 -54.04 -4.47 -14.76
C GLY E 401 -53.40 -5.30 -15.87
N LYS E 402 -54.24 -5.75 -16.80
CA LYS E 402 -53.78 -6.49 -17.98
C LYS E 402 -53.50 -5.53 -19.11
N VAL E 403 -52.43 -5.82 -19.86
CA VAL E 403 -51.92 -4.95 -20.90
C VAL E 403 -52.10 -5.63 -22.26
N PRO E 404 -52.83 -4.98 -23.18
CA PRO E 404 -53.08 -5.58 -24.47
C PRO E 404 -51.87 -5.46 -25.39
N TYR E 405 -51.68 -6.46 -26.23
CA TYR E 405 -50.70 -6.38 -27.30
C TYR E 405 -51.26 -7.13 -28.50
N LEU E 406 -50.96 -6.63 -29.69
CA LEU E 406 -51.36 -7.30 -30.91
C LEU E 406 -50.49 -8.53 -31.07
N LYS E 407 -51.14 -9.69 -31.12
CA LYS E 407 -50.47 -10.99 -31.14
C LYS E 407 -49.79 -11.22 -32.47
N GLU E 408 -48.97 -12.26 -32.52
CA GLU E 408 -48.21 -12.63 -33.71
C GLU E 408 -49.13 -12.84 -34.90
N ASN E 409 -50.24 -13.55 -34.67
CA ASN E 409 -51.19 -13.92 -35.73
C ASN E 409 -52.35 -12.94 -35.96
N GLY E 410 -52.26 -11.75 -35.37
CA GLY E 410 -53.24 -10.69 -35.61
C GLY E 410 -54.35 -10.58 -34.58
N ALA E 411 -54.45 -11.58 -33.70
CA ALA E 411 -55.42 -11.56 -32.61
C ALA E 411 -54.93 -10.70 -31.45
N LEU E 412 -55.77 -10.52 -30.44
CA LEU E 412 -55.38 -9.75 -29.26
C LEU E 412 -54.84 -10.64 -28.16
N GLY E 413 -53.78 -10.18 -27.52
CA GLY E 413 -53.23 -10.86 -26.35
C GLY E 413 -53.18 -9.94 -25.15
N PHE E 414 -53.11 -10.55 -23.96
CA PHE E 414 -53.02 -9.80 -22.71
C PHE E 414 -51.93 -10.38 -21.80
N ARG E 415 -51.05 -9.49 -21.32
CA ARG E 415 -50.06 -9.85 -20.30
C ARG E 415 -50.30 -8.98 -19.08
N LEU E 416 -50.05 -9.53 -17.89
CA LEU E 416 -50.11 -8.76 -16.65
C LEU E 416 -49.09 -7.63 -16.62
N GLY E 417 -49.54 -6.44 -16.23
CA GLY E 417 -48.68 -5.27 -16.17
C GLY E 417 -48.07 -5.06 -14.80
N GLU E 418 -47.59 -3.84 -14.57
CA GLU E 418 -46.99 -3.45 -13.30
C GLU E 418 -47.92 -3.72 -12.12
N GLU E 419 -47.38 -4.25 -11.02
CA GLU E 419 -48.07 -4.30 -9.74
C GLU E 419 -48.53 -2.88 -9.38
N GLU E 420 -49.75 -2.75 -8.87
CA GLU E 420 -50.30 -1.42 -8.61
C GLU E 420 -51.27 -1.40 -7.43
N THR E 421 -51.22 -0.33 -6.65
CA THR E 421 -51.96 -0.23 -5.39
C THR E 421 -52.85 1.00 -5.31
N LYS E 422 -54.12 0.79 -4.99
CA LYS E 422 -55.06 1.88 -4.67
C LYS E 422 -55.16 2.05 -3.15
N ASP E 423 -55.39 3.29 -2.69
CA ASP E 423 -55.68 3.53 -1.29
C ASP E 423 -57.04 2.93 -0.91
N PRO E 424 -57.07 2.16 0.19
CA PRO E 424 -58.33 1.57 0.69
C PRO E 424 -59.23 2.64 1.31
N VAL E 425 -60.54 2.49 1.16
CA VAL E 425 -61.48 3.52 1.62
C VAL E 425 -61.56 3.54 3.15
N TYR E 426 -61.94 2.41 3.74
CA TYR E 426 -61.95 2.18 5.18
C TYR E 426 -62.45 0.77 5.40
N THR E 427 -61.51 -0.17 5.53
CA THR E 427 -61.85 -1.60 5.58
C THR E 427 -62.59 -2.08 6.84
N PRO E 428 -62.34 -1.46 8.01
CA PRO E 428 -63.08 -1.94 9.18
C PRO E 428 -64.59 -1.91 8.96
N MET E 429 -65.06 -0.87 8.27
CA MET E 429 -66.47 -0.75 7.88
C MET E 429 -66.93 -1.97 7.04
N GLY E 430 -66.12 -2.38 6.08
CA GLY E 430 -66.37 -3.58 5.30
C GLY E 430 -66.43 -4.80 6.19
N VAL E 431 -65.53 -4.87 7.17
CA VAL E 431 -65.44 -6.03 8.08
C VAL E 431 -66.71 -6.18 8.90
N PHE E 432 -67.14 -5.08 9.51
CA PHE E 432 -68.26 -5.11 10.44
C PHE E 432 -69.63 -5.17 9.81
N ILE E 433 -69.77 -4.57 8.63
CA ILE E 433 -71.05 -4.63 7.91
C ILE E 433 -71.34 -6.08 7.54
N THR E 434 -70.36 -6.78 6.95
CA THR E 434 -70.57 -8.18 6.60
C THR E 434 -70.63 -9.07 7.85
N ALA E 435 -70.02 -8.64 8.95
CA ALA E 435 -70.07 -9.40 10.19
C ALA E 435 -71.49 -9.39 10.75
N TRP E 436 -72.08 -8.20 10.81
CA TRP E 436 -73.45 -8.05 11.28
C TRP E 436 -74.43 -8.78 10.37
N ALA E 437 -74.13 -8.79 9.07
CA ALA E 437 -74.94 -9.50 8.09
C ALA E 437 -74.98 -10.98 8.44
N ARG E 438 -73.81 -11.56 8.69
CA ARG E 438 -73.70 -12.96 9.10
C ARG E 438 -74.48 -13.21 10.37
N TYR E 439 -74.28 -12.36 11.38
CA TYR E 439 -75.01 -12.48 12.63
C TYR E 439 -76.51 -12.59 12.37
N THR E 440 -77.02 -11.72 11.51
CA THR E 440 -78.42 -11.68 11.15
C THR E 440 -78.90 -13.03 10.62
N THR E 441 -78.19 -13.55 9.63
CA THR E 441 -78.53 -14.81 8.97
C THR E 441 -78.36 -16.03 9.87
N ILE E 442 -77.18 -16.15 10.48
CA ILE E 442 -76.85 -17.29 11.35
C ILE E 442 -77.82 -17.41 12.53
N THR E 443 -78.13 -16.27 13.15
CA THR E 443 -79.07 -16.20 14.26
C THR E 443 -80.42 -16.81 13.89
N ALA E 444 -81.01 -16.31 12.81
CA ALA E 444 -82.26 -16.83 12.28
C ALA E 444 -82.16 -18.31 11.92
N ALA E 445 -81.08 -18.68 11.24
CA ALA E 445 -80.84 -20.07 10.88
C ALA E 445 -80.76 -20.95 12.12
N GLN E 446 -80.06 -20.45 13.14
CA GLN E 446 -79.90 -21.17 14.39
C GLN E 446 -81.25 -21.35 15.05
N ALA E 447 -82.03 -20.27 15.07
CA ALA E 447 -83.38 -20.27 15.63
C ALA E 447 -84.22 -21.37 15.02
N CYS E 448 -83.95 -21.69 13.77
CA CYS E 448 -84.71 -22.69 13.03
C CYS E 448 -83.89 -23.95 12.82
N TYR E 449 -83.01 -24.26 13.77
CA TYR E 449 -82.10 -25.40 13.63
C TYR E 449 -82.79 -26.69 13.17
N ASP E 450 -83.96 -26.98 13.73
CA ASP E 450 -84.69 -28.21 13.41
C ASP E 450 -85.23 -28.30 11.99
N ARG E 451 -85.35 -27.16 11.30
CA ARG E 451 -85.89 -27.12 9.92
C ARG E 451 -84.95 -26.53 8.86
N ILE E 452 -83.71 -26.23 9.24
CA ILE E 452 -82.77 -25.53 8.35
C ILE E 452 -82.14 -26.41 7.28
N ILE E 453 -82.30 -26.01 6.02
CA ILE E 453 -81.74 -26.74 4.89
C ILE E 453 -80.45 -26.07 4.41
N TYR E 454 -80.53 -24.76 4.19
CA TYR E 454 -79.51 -24.04 3.44
C TYR E 454 -79.53 -22.55 3.74
N CYS E 455 -78.35 -21.95 3.85
CA CYS E 455 -78.22 -20.49 3.97
C CYS E 455 -77.37 -19.97 2.83
N ASP E 456 -77.73 -18.78 2.34
CA ASP E 456 -76.90 -18.10 1.36
C ASP E 456 -77.00 -16.61 1.59
N THR E 457 -76.00 -16.09 2.29
CA THR E 457 -75.89 -14.66 2.58
C THR E 457 -77.15 -14.05 3.18
N ASP E 458 -78.09 -13.64 2.35
CA ASP E 458 -79.29 -12.96 2.82
C ASP E 458 -80.57 -13.80 2.74
N SER E 459 -80.45 -15.12 2.62
CA SER E 459 -81.63 -15.97 2.57
C SER E 459 -81.50 -17.31 3.30
N ILE E 460 -82.64 -17.80 3.77
CA ILE E 460 -82.73 -19.07 4.48
C ILE E 460 -83.76 -20.00 3.83
N HIS E 461 -83.37 -21.27 3.63
CA HIS E 461 -84.25 -22.27 3.05
C HIS E 461 -84.68 -23.25 4.13
N LEU E 462 -86.00 -23.40 4.27
CA LEU E 462 -86.57 -24.17 5.37
C LEU E 462 -87.44 -25.33 4.93
N THR E 463 -87.39 -26.41 5.71
CA THR E 463 -88.32 -27.52 5.61
C THR E 463 -89.71 -27.06 6.03
N GLY E 464 -90.73 -27.59 5.35
CA GLY E 464 -92.11 -27.28 5.71
C GLY E 464 -92.60 -25.97 5.11
N THR E 465 -93.89 -25.68 5.30
CA THR E 465 -94.52 -24.54 4.63
C THR E 465 -95.15 -23.53 5.59
N GLU E 466 -95.07 -23.79 6.88
CA GLU E 466 -95.59 -22.85 7.90
C GLU E 466 -94.45 -21.96 8.43
N ILE E 467 -94.75 -20.68 8.66
CA ILE E 467 -93.74 -19.77 9.23
C ILE E 467 -93.42 -20.21 10.66
N PRO E 468 -92.14 -20.43 10.96
CA PRO E 468 -91.77 -20.86 12.31
C PRO E 468 -92.11 -19.78 13.32
N ASP E 469 -92.71 -20.19 14.44
CA ASP E 469 -93.16 -19.27 15.49
C ASP E 469 -92.02 -18.36 15.93
N VAL E 470 -90.85 -18.96 16.16
CA VAL E 470 -89.64 -18.24 16.59
C VAL E 470 -89.27 -17.00 15.76
N ILE E 471 -89.64 -16.97 14.49
CA ILE E 471 -89.30 -15.83 13.64
C ILE E 471 -90.49 -15.02 13.12
N LYS E 472 -91.71 -15.49 13.39
CA LYS E 472 -92.91 -14.75 12.99
C LYS E 472 -92.78 -13.26 13.23
N ASP E 473 -92.28 -12.89 14.42
CA ASP E 473 -92.16 -11.50 14.85
C ASP E 473 -91.19 -10.66 14.03
N ILE E 474 -90.28 -11.32 13.31
CA ILE E 474 -89.29 -10.61 12.47
C ILE E 474 -89.48 -10.83 10.96
N VAL E 475 -90.67 -11.33 10.59
CA VAL E 475 -91.02 -11.54 9.19
C VAL E 475 -91.94 -10.43 8.71
N ASP E 476 -91.59 -9.86 7.56
CA ASP E 476 -92.36 -8.77 6.96
C ASP E 476 -92.02 -8.69 5.48
N PRO E 477 -93.06 -8.51 4.62
CA PRO E 477 -92.88 -8.33 3.18
C PRO E 477 -91.92 -7.22 2.78
N LYS E 478 -91.96 -6.09 3.48
CA LYS E 478 -91.19 -4.91 3.06
C LYS E 478 -90.17 -4.32 4.05
N LYS E 479 -90.50 -4.31 5.34
CA LYS E 479 -89.68 -3.58 6.32
C LYS E 479 -88.19 -3.89 6.21
N LEU E 480 -87.38 -2.84 6.24
CA LEU E 480 -85.93 -2.94 6.11
C LEU E 480 -85.28 -3.83 7.17
N GLY E 481 -84.54 -4.83 6.73
CA GLY E 481 -83.83 -5.72 7.63
C GLY E 481 -84.65 -6.89 8.15
N TYR E 482 -85.94 -6.91 7.84
CA TYR E 482 -86.78 -8.04 8.21
C TYR E 482 -86.67 -9.14 7.18
N TRP E 483 -87.13 -10.34 7.55
CA TRP E 483 -87.17 -11.47 6.64
C TRP E 483 -88.49 -11.49 5.89
N ALA E 484 -88.41 -11.62 4.57
CA ALA E 484 -89.60 -11.70 3.74
C ALA E 484 -89.87 -13.15 3.37
N HIS E 485 -91.13 -13.55 3.38
CA HIS E 485 -91.51 -14.87 2.88
C HIS E 485 -91.34 -14.82 1.37
N GLU E 486 -90.24 -15.38 0.90
CA GLU E 486 -89.82 -15.26 -0.50
C GLU E 486 -90.64 -16.14 -1.44
N SER E 487 -90.64 -17.44 -1.15
CA SER E 487 -91.35 -18.41 -1.97
C SER E 487 -91.55 -19.73 -1.23
N THR E 488 -92.24 -20.66 -1.88
CA THR E 488 -92.51 -21.98 -1.32
C THR E 488 -92.30 -23.00 -2.44
N PHE E 489 -91.58 -24.08 -2.14
CA PHE E 489 -91.35 -25.13 -3.13
C PHE E 489 -91.98 -26.47 -2.78
N LYS E 490 -92.47 -27.15 -3.82
CA LYS E 490 -93.11 -28.46 -3.69
C LYS E 490 -92.05 -29.54 -3.43
N ARG E 491 -90.93 -29.44 -4.15
CA ARG E 491 -89.77 -30.32 -3.97
C ARG E 491 -88.48 -29.61 -4.37
N ALA E 492 -87.35 -30.12 -3.87
CA ALA E 492 -86.04 -29.54 -4.15
C ALA E 492 -84.93 -30.57 -4.01
N LYS E 493 -83.76 -30.24 -4.54
CA LYS E 493 -82.58 -31.10 -4.41
C LYS E 493 -81.34 -30.22 -4.38
N TYR E 494 -80.51 -30.42 -3.37
CA TYR E 494 -79.30 -29.61 -3.17
C TYR E 494 -78.07 -30.49 -3.28
N LEU E 495 -77.17 -30.14 -4.20
CA LEU E 495 -75.94 -30.91 -4.38
C LEU E 495 -74.82 -30.39 -3.48
N ARG E 496 -74.74 -29.07 -3.33
CA ARG E 496 -73.82 -28.43 -2.38
C ARG E 496 -74.10 -26.94 -2.34
N GLN E 497 -73.32 -26.21 -1.54
CA GLN E 497 -73.34 -24.75 -1.55
C GLN E 497 -73.52 -24.23 -2.97
N LYS E 498 -74.47 -23.31 -3.13
CA LYS E 498 -74.72 -22.62 -4.40
C LYS E 498 -75.12 -23.53 -5.56
N THR E 499 -75.37 -24.80 -5.28
CA THR E 499 -75.75 -25.77 -6.31
C THR E 499 -77.01 -26.54 -5.94
N TYR E 500 -78.15 -26.14 -6.53
CA TYR E 500 -79.43 -26.74 -6.22
C TYR E 500 -80.55 -26.41 -7.21
N ILE E 501 -81.64 -27.17 -7.14
CA ILE E 501 -82.83 -26.95 -7.97
C ILE E 501 -84.08 -26.96 -7.11
N GLN E 502 -85.12 -26.26 -7.54
CA GLN E 502 -86.42 -26.20 -6.83
C GLN E 502 -87.62 -26.21 -7.79
N ASP E 503 -88.73 -26.76 -7.31
CA ASP E 503 -90.03 -26.63 -7.98
C ASP E 503 -90.91 -25.68 -7.17
N ILE E 504 -91.00 -24.43 -7.62
CA ILE E 504 -91.67 -23.35 -6.89
C ILE E 504 -93.17 -23.25 -7.24
N TYR E 505 -94.01 -23.03 -6.22
CA TYR E 505 -95.44 -22.81 -6.41
C TYR E 505 -95.73 -21.46 -7.06
N MET E 506 -96.55 -21.46 -8.12
CA MET E 506 -96.86 -20.25 -8.86
C MET E 506 -98.36 -19.99 -9.03
N LYS E 507 -98.73 -18.72 -8.90
CA LYS E 507 -100.10 -18.26 -9.00
C LYS E 507 -100.17 -17.12 -10.02
N GLU E 508 -101.18 -17.13 -10.87
CA GLU E 508 -101.35 -16.07 -11.87
C GLU E 508 -102.20 -14.92 -11.31
N VAL E 509 -101.67 -13.70 -11.37
CA VAL E 509 -102.40 -12.52 -10.88
C VAL E 509 -103.18 -11.78 -11.98
N ASP E 510 -102.48 -11.12 -12.90
CA ASP E 510 -103.15 -10.49 -14.04
C ASP E 510 -102.94 -11.34 -15.28
N GLY E 511 -101.88 -11.05 -16.03
CA GLY E 511 -101.38 -11.97 -17.06
C GLY E 511 -100.09 -12.57 -16.53
N LYS E 512 -99.52 -11.89 -15.54
CA LYS E 512 -98.24 -12.28 -14.95
C LYS E 512 -98.39 -13.35 -13.86
N LEU E 513 -97.28 -14.01 -13.55
CA LEU E 513 -97.27 -15.18 -12.69
C LEU E 513 -96.38 -14.91 -11.49
N VAL E 514 -96.96 -14.97 -10.28
CA VAL E 514 -96.23 -14.69 -9.03
C VAL E 514 -96.15 -15.92 -8.12
N GLU E 515 -95.42 -15.79 -7.02
CA GLU E 515 -95.24 -16.90 -6.07
C GLU E 515 -96.52 -17.15 -5.28
N GLY E 516 -96.97 -18.41 -5.27
CA GLY E 516 -98.15 -18.82 -4.50
C GLY E 516 -97.86 -19.76 -3.36
N SER E 517 -98.91 -20.16 -2.65
CA SER E 517 -98.82 -21.11 -1.53
C SER E 517 -99.22 -22.53 -1.99
N PRO E 518 -99.02 -23.54 -1.14
CA PRO E 518 -99.44 -24.92 -1.47
C PRO E 518 -100.94 -25.08 -1.73
N ASP E 519 -101.76 -24.16 -1.21
CA ASP E 519 -103.22 -24.20 -1.41
C ASP E 519 -103.60 -23.38 -2.64
N ASP E 520 -103.01 -22.19 -2.73
CA ASP E 520 -103.32 -21.22 -3.77
C ASP E 520 -102.20 -21.18 -4.80
N TYR E 521 -102.36 -21.97 -5.86
CA TYR E 521 -101.40 -22.01 -6.98
C TYR E 521 -101.99 -22.68 -8.22
N THR E 522 -101.45 -22.33 -9.38
CA THR E 522 -101.88 -22.90 -10.66
C THR E 522 -100.72 -23.47 -11.47
N ASP E 523 -99.49 -23.10 -11.11
CA ASP E 523 -98.30 -23.48 -11.89
C ASP E 523 -97.09 -23.82 -11.05
N ILE E 524 -96.11 -24.46 -11.70
CA ILE E 524 -94.85 -24.86 -11.09
C ILE E 524 -93.68 -24.28 -11.90
N LYS E 525 -92.98 -23.30 -11.33
CA LYS E 525 -91.77 -22.74 -11.93
C LYS E 525 -90.55 -23.53 -11.45
N PHE E 526 -89.79 -24.04 -12.42
CA PHE E 526 -88.56 -24.78 -12.15
C PHE E 526 -87.38 -23.80 -12.10
N SER E 527 -86.68 -23.77 -10.98
CA SER E 527 -85.57 -22.84 -10.77
C SER E 527 -84.23 -23.54 -10.45
N VAL E 528 -83.18 -23.15 -11.16
CA VAL E 528 -81.87 -23.81 -11.08
C VAL E 528 -80.77 -22.84 -10.63
N LYS E 529 -80.05 -23.20 -9.58
CA LYS E 529 -78.84 -22.45 -9.20
C LYS E 529 -77.59 -23.33 -9.29
N CYS E 530 -76.60 -22.83 -10.03
CA CYS E 530 -75.38 -23.59 -10.31
C CYS E 530 -74.34 -22.68 -10.92
N ALA E 531 -73.14 -22.65 -10.31
CA ALA E 531 -72.08 -21.74 -10.73
C ALA E 531 -71.63 -21.95 -12.19
N GLY E 532 -71.57 -20.86 -12.95
CA GLY E 532 -71.09 -20.91 -14.33
C GLY E 532 -72.09 -21.40 -15.36
N MET E 533 -73.26 -21.83 -14.90
CA MET E 533 -74.30 -22.35 -15.78
C MET E 533 -75.10 -21.20 -16.37
N THR E 534 -75.13 -21.11 -17.70
CA THR E 534 -75.91 -20.09 -18.42
C THR E 534 -77.40 -20.38 -18.38
N ASP E 535 -78.20 -19.35 -18.65
CA ASP E 535 -79.67 -19.48 -18.70
C ASP E 535 -80.12 -20.54 -19.71
N LYS E 536 -79.46 -20.56 -20.86
CA LYS E 536 -79.78 -21.51 -21.92
C LYS E 536 -79.58 -22.96 -21.44
N ILE E 537 -78.51 -23.22 -20.69
CA ILE E 537 -78.21 -24.56 -20.17
C ILE E 537 -79.16 -24.95 -19.03
N LYS E 538 -79.56 -23.98 -18.21
CA LYS E 538 -80.46 -24.24 -17.09
C LYS E 538 -81.79 -24.86 -17.54
N LYS E 539 -82.24 -24.46 -18.73
CA LYS E 539 -83.47 -24.99 -19.32
C LYS E 539 -83.36 -26.47 -19.68
N GLU E 540 -82.12 -26.96 -19.82
CA GLU E 540 -81.84 -28.37 -20.08
C GLU E 540 -81.90 -29.23 -18.82
N VAL E 541 -81.75 -28.58 -17.66
CA VAL E 541 -81.74 -29.29 -16.39
C VAL E 541 -83.15 -29.70 -15.97
N THR E 542 -83.28 -30.95 -15.53
CA THR E 542 -84.51 -31.46 -14.92
C THR E 542 -84.15 -32.07 -13.57
N PHE E 543 -85.14 -32.64 -12.89
CA PHE E 543 -84.88 -33.26 -11.59
C PHE E 543 -84.06 -34.55 -11.67
N GLU E 544 -84.16 -35.21 -12.82
CA GLU E 544 -83.53 -36.50 -13.02
C GLU E 544 -82.06 -36.35 -13.37
N ASN E 545 -81.76 -35.41 -14.27
CA ASN E 545 -80.40 -35.25 -14.78
C ASN E 545 -79.48 -34.41 -13.91
N PHE E 546 -80.05 -33.74 -12.90
CA PHE E 546 -79.27 -32.85 -12.04
C PHE E 546 -78.33 -33.65 -11.13
N LYS E 547 -77.17 -33.98 -11.66
CA LYS E 547 -76.16 -34.77 -10.96
C LYS E 547 -74.78 -34.25 -11.29
N VAL E 548 -73.81 -34.54 -10.41
CA VAL E 548 -72.41 -34.26 -10.70
C VAL E 548 -72.00 -35.09 -11.91
N GLY E 549 -71.61 -34.41 -12.99
CA GLY E 549 -71.33 -35.07 -14.26
C GLY E 549 -72.20 -34.57 -15.39
N PHE E 550 -73.29 -33.89 -15.05
CA PHE E 550 -74.15 -33.22 -16.03
C PHE E 550 -73.32 -32.30 -16.92
N SER E 551 -73.55 -32.40 -18.24
CA SER E 551 -72.72 -31.71 -19.20
C SER E 551 -73.50 -31.30 -20.45
N ARG E 552 -73.30 -30.05 -20.87
CA ARG E 552 -73.78 -29.57 -22.17
C ARG E 552 -72.67 -28.81 -22.88
N LYS E 553 -72.60 -28.95 -24.20
CA LYS E 553 -71.64 -28.18 -24.98
C LYS E 553 -72.33 -26.96 -25.60
N MET E 554 -72.83 -26.09 -24.74
CA MET E 554 -73.57 -24.90 -25.20
C MET E 554 -73.36 -23.65 -24.32
N LYS E 555 -72.15 -23.53 -23.78
CA LYS E 555 -71.72 -22.33 -23.06
C LYS E 555 -70.79 -21.53 -23.97
N PRO E 556 -71.10 -20.25 -24.22
CA PRO E 556 -70.27 -19.42 -25.07
C PRO E 556 -68.93 -19.11 -24.41
N LYS E 557 -67.83 -19.34 -25.14
CA LYS E 557 -66.53 -18.85 -24.70
C LYS E 557 -65.99 -17.81 -25.69
N PRO E 558 -65.38 -16.72 -25.17
CA PRO E 558 -64.84 -15.69 -26.03
C PRO E 558 -63.52 -16.13 -26.63
N VAL E 559 -63.33 -15.84 -27.90
CA VAL E 559 -62.10 -16.21 -28.60
C VAL E 559 -61.58 -14.99 -29.35
N GLN E 560 -60.37 -14.56 -28.99
CA GLN E 560 -59.70 -13.48 -29.72
C GLN E 560 -59.28 -13.99 -31.10
N VAL E 561 -59.73 -13.29 -32.13
CA VAL E 561 -59.35 -13.61 -33.51
C VAL E 561 -58.91 -12.31 -34.20
N PRO E 562 -58.26 -12.40 -35.38
CA PRO E 562 -57.91 -11.19 -36.12
C PRO E 562 -59.12 -10.30 -36.36
N GLY E 563 -59.11 -9.09 -35.79
CA GLY E 563 -60.20 -8.13 -35.96
C GLY E 563 -61.01 -7.87 -34.71
N GLY E 564 -61.26 -8.93 -33.93
CA GLY E 564 -62.04 -8.81 -32.71
C GLY E 564 -62.24 -10.12 -31.96
N VAL E 565 -63.40 -10.23 -31.30
CA VAL E 565 -63.77 -11.43 -30.55
C VAL E 565 -64.94 -12.13 -31.21
N VAL E 566 -64.96 -13.45 -31.07
CA VAL E 566 -66.09 -14.26 -31.48
C VAL E 566 -66.47 -15.21 -30.36
N LEU E 567 -67.76 -15.31 -30.05
CA LEU E 567 -68.26 -16.30 -29.10
C LEU E 567 -68.30 -17.68 -29.75
N VAL E 568 -67.90 -18.70 -28.99
CA VAL E 568 -67.88 -20.08 -29.48
C VAL E 568 -68.44 -21.01 -28.41
N ASP E 569 -69.11 -22.08 -28.84
CA ASP E 569 -69.69 -23.05 -27.91
C ASP E 569 -68.64 -23.92 -27.22
N ASP E 570 -68.82 -24.12 -25.92
CA ASP E 570 -67.87 -24.81 -25.07
C ASP E 570 -68.61 -25.80 -24.17
N THR E 571 -67.94 -26.88 -23.80
CA THR E 571 -68.52 -27.89 -22.93
C THR E 571 -68.53 -27.41 -21.50
N PHE E 572 -69.72 -27.38 -20.89
CA PHE E 572 -69.86 -27.07 -19.48
C PHE E 572 -70.21 -28.34 -18.72
N THR E 573 -69.53 -28.55 -17.60
CA THR E 573 -69.77 -29.73 -16.76
C THR E 573 -69.83 -29.36 -15.28
N ILE E 574 -70.81 -29.94 -14.57
CA ILE E 574 -70.91 -29.81 -13.12
C ILE E 574 -69.84 -30.68 -12.47
N LYS E 575 -68.90 -30.06 -11.77
CA LYS E 575 -67.88 -30.79 -11.03
C LYS E 575 -68.30 -31.04 -9.59
N UNK F 1 -61.62 -74.74 28.78
CA UNK F 1 -60.21 -74.82 29.11
C UNK F 1 -59.54 -73.44 29.19
N UNK F 2 -59.89 -72.54 28.27
CA UNK F 2 -59.28 -71.21 28.18
C UNK F 2 -60.17 -70.07 28.70
N UNK F 3 -61.31 -70.41 29.27
CA UNK F 3 -62.21 -69.41 29.90
C UNK F 3 -61.91 -69.24 31.39
N UNK F 4 -60.81 -69.84 31.84
CA UNK F 4 -60.35 -69.75 33.23
C UNK F 4 -59.51 -68.50 33.47
N UNK F 5 -58.51 -68.28 32.62
CA UNK F 5 -57.66 -67.10 32.68
C UNK F 5 -58.31 -65.86 32.06
N UNK F 6 -59.32 -66.09 31.21
CA UNK F 6 -60.07 -65.01 30.57
C UNK F 6 -61.08 -64.34 31.51
N UNK F 7 -61.36 -64.98 32.64
CA UNK F 7 -62.30 -64.46 33.63
C UNK F 7 -61.58 -63.74 34.77
N UNK F 8 -60.42 -64.27 35.18
CA UNK F 8 -59.60 -63.68 36.24
C UNK F 8 -59.02 -62.33 35.83
N UNK F 9 -58.87 -62.11 34.52
CA UNK F 9 -58.39 -60.85 33.97
C UNK F 9 -59.44 -59.75 34.11
N UNK F 10 -60.66 -60.02 33.61
CA UNK F 10 -61.76 -59.05 33.61
C UNK F 10 -62.23 -58.63 35.01
N UNK F 11 -61.55 -59.13 36.04
CA UNK F 11 -61.81 -58.76 37.43
C UNK F 11 -60.62 -58.05 38.08
N UNK F 12 -59.43 -58.18 37.47
CA UNK F 12 -58.21 -57.55 38.00
C UNK F 12 -58.17 -56.06 37.65
N UNK F 13 -68.36 -72.25 38.94
CA UNK F 13 -68.18 -71.25 37.91
C UNK F 13 -67.77 -69.91 38.51
N UNK F 14 -67.03 -69.12 37.74
CA UNK F 14 -66.54 -67.80 38.15
C UNK F 14 -67.44 -66.67 37.62
N UNK F 15 -68.71 -66.98 37.39
CA UNK F 15 -69.69 -66.01 36.90
C UNK F 15 -70.16 -65.03 37.99
N UNK F 16 -69.75 -65.29 39.23
CA UNK F 16 -70.07 -64.43 40.37
C UNK F 16 -69.28 -63.11 40.34
N UNK F 17 -67.96 -63.21 40.29
CA UNK F 17 -67.08 -62.03 40.23
C UNK F 17 -67.11 -61.34 38.86
N UNK F 18 -67.52 -62.08 37.82
CA UNK F 18 -67.63 -61.54 36.47
C UNK F 18 -68.89 -60.69 36.30
N UNK F 19 -70.00 -61.15 36.86
CA UNK F 19 -71.27 -60.42 36.80
C UNK F 19 -71.28 -59.17 37.69
N UNK F 20 -70.53 -59.25 38.80
CA UNK F 20 -70.42 -58.15 39.77
C UNK F 20 -69.74 -56.92 39.18
N UNK F 21 -68.71 -57.14 38.36
CA UNK F 21 -68.02 -56.06 37.66
C UNK F 21 -68.81 -55.60 36.44
N UNK F 22 -69.45 -56.55 35.74
CA UNK F 22 -70.27 -56.25 34.56
C UNK F 22 -71.47 -55.35 34.89
N UNK F 23 -71.83 -55.29 36.17
CA UNK F 23 -72.89 -54.43 36.67
C UNK F 23 -72.37 -53.17 37.35
N UNK F 24 -71.31 -53.31 38.17
CA UNK F 24 -70.71 -52.18 38.89
C UNK F 24 -70.22 -51.11 37.92
N UNK F 25 -69.62 -51.55 36.83
CA UNK F 25 -69.10 -50.66 35.78
C UNK F 25 -70.20 -50.16 34.86
N UNK F 26 -71.39 -50.76 34.97
CA UNK F 26 -72.55 -50.34 34.16
C UNK F 26 -73.34 -49.21 34.84
N UNK F 27 -73.25 -49.11 36.17
CA UNK F 27 -74.01 -48.12 36.93
C UNK F 27 -73.18 -46.90 37.34
N UNK F 28 -71.87 -47.10 37.53
CA UNK F 28 -70.97 -46.02 37.94
C UNK F 28 -70.44 -45.23 36.75
N UNK F 29 -69.97 -45.93 35.72
CA UNK F 29 -69.34 -45.32 34.56
C UNK F 29 -70.15 -45.50 33.25
N UNK F 30 -71.12 -46.42 33.28
CA UNK F 30 -72.04 -46.69 32.16
C UNK F 30 -71.42 -47.28 30.89
N UNK F 31 -71.16 -48.59 30.90
CA UNK F 31 -70.63 -49.32 29.74
C UNK F 31 -71.04 -50.81 29.74
N UNK F 32 -71.04 -51.42 28.55
CA UNK F 32 -71.51 -52.80 28.34
C UNK F 32 -70.64 -53.91 28.93
N UNK F 33 -71.10 -55.16 28.80
CA UNK F 33 -70.49 -56.32 29.47
C UNK F 33 -69.92 -57.39 28.52
N UNK F 34 -68.61 -57.63 28.63
CA UNK F 34 -67.87 -58.68 27.91
C UNK F 34 -67.77 -58.56 26.39
N ALA F 35 -56.26 -53.45 38.49
CA ALA F 35 -54.97 -53.99 37.97
C ALA F 35 -54.94 -54.04 36.43
N ASN F 36 -56.00 -54.60 35.82
CA ASN F 36 -56.18 -54.59 34.37
C ASN F 36 -56.84 -53.28 33.91
N MET F 37 -56.01 -52.30 33.58
CA MET F 37 -56.48 -50.95 33.27
C MET F 37 -57.31 -50.79 31.98
N ARG F 38 -57.54 -51.90 31.28
CA ARG F 38 -58.43 -51.92 30.13
C ARG F 38 -59.88 -51.73 30.57
N TYR F 39 -60.15 -52.10 31.83
CA TYR F 39 -61.49 -52.06 32.41
C TYR F 39 -61.61 -51.22 33.69
N GLN F 40 -60.56 -50.45 34.00
CA GLN F 40 -60.66 -49.38 35.00
C GLN F 40 -61.03 -48.10 34.25
N PHE F 41 -62.10 -47.44 34.67
CA PHE F 41 -62.59 -46.26 33.97
C PHE F 41 -62.43 -44.97 34.76
N GLU F 42 -62.77 -43.84 34.12
CA GLU F 42 -62.70 -42.53 34.77
C GLU F 42 -63.76 -41.60 34.19
N LYS F 43 -64.57 -41.03 35.06
CA LYS F 43 -65.59 -40.08 34.65
C LYS F 43 -65.11 -38.66 34.92
N ASN F 44 -65.40 -37.79 33.96
CA ASN F 44 -64.97 -36.40 33.99
C ASN F 44 -65.80 -35.57 34.97
N ALA F 45 -65.39 -34.32 35.16
CA ALA F 45 -66.24 -33.32 35.80
C ALA F 45 -67.33 -32.89 34.82
N TYR F 46 -67.16 -33.27 33.55
CA TYR F 46 -68.12 -32.99 32.48
C TYR F 46 -68.83 -34.25 32.03
N GLY F 47 -68.64 -35.33 32.80
CA GLY F 47 -69.32 -36.60 32.55
C GLY F 47 -68.81 -37.37 31.35
N VAL F 48 -67.56 -37.14 30.96
CA VAL F 48 -66.92 -37.87 29.87
C VAL F 48 -66.16 -39.08 30.43
N VAL F 49 -66.49 -40.27 29.91
CA VAL F 49 -65.93 -41.52 30.43
C VAL F 49 -65.00 -42.20 29.42
N ALA F 50 -63.78 -42.49 29.87
CA ALA F 50 -62.83 -43.28 29.09
C ALA F 50 -62.12 -44.27 30.02
N SER F 51 -61.62 -45.37 29.45
CA SER F 51 -60.84 -46.33 30.22
C SER F 51 -59.46 -45.75 30.52
N LYS F 52 -58.84 -46.23 31.58
CA LYS F 52 -57.52 -45.74 31.96
C LYS F 52 -56.42 -46.21 31.01
N ALA F 53 -56.69 -47.28 30.28
CA ALA F 53 -55.80 -47.76 29.23
C ALA F 53 -55.77 -46.76 28.09
N LYS F 54 -56.95 -46.37 27.63
CA LYS F 54 -57.11 -45.38 26.55
C LYS F 54 -56.43 -44.06 26.90
N ILE F 55 -56.64 -43.58 28.13
CA ILE F 55 -56.03 -42.33 28.59
C ILE F 55 -54.50 -42.40 28.50
N ALA F 56 -53.95 -43.47 29.06
CA ALA F 56 -52.51 -43.68 29.03
C ALA F 56 -51.96 -43.72 27.61
N GLU F 57 -52.76 -44.23 26.66
CA GLU F 57 -52.37 -44.26 25.25
C GLU F 57 -52.25 -42.87 24.67
N ILE F 58 -53.26 -42.05 24.89
CA ILE F 58 -53.26 -40.68 24.41
C ILE F 58 -52.15 -39.87 25.09
N GLU F 59 -51.91 -40.16 26.36
CA GLU F 59 -50.79 -39.55 27.10
C GLU F 59 -49.47 -39.85 26.38
N ARG F 60 -49.23 -41.14 26.14
CA ARG F 60 -48.02 -41.59 25.46
C ARG F 60 -47.88 -40.97 24.08
N ASN F 61 -48.97 -40.97 23.31
CA ASN F 61 -49.00 -40.39 21.97
C ASN F 61 -48.62 -38.92 22.00
N THR F 62 -49.23 -38.17 22.92
CA THR F 62 -48.93 -36.75 23.07
C THR F 62 -47.44 -36.50 23.38
N LYS F 63 -46.89 -37.27 24.34
CA LYS F 63 -45.45 -37.25 24.61
C LYS F 63 -44.66 -37.36 23.32
N GLU F 64 -44.98 -38.40 22.54
CA GLU F 64 -44.32 -38.66 21.27
C GLU F 64 -44.40 -37.47 20.31
N VAL F 65 -45.60 -36.94 20.12
CA VAL F 65 -45.79 -35.82 19.20
C VAL F 65 -44.96 -34.63 19.66
N GLN F 66 -44.82 -34.46 20.98
CA GLN F 66 -43.96 -33.41 21.52
C GLN F 66 -42.52 -33.64 21.09
N ARG F 67 -42.01 -34.84 21.39
CA ARG F 67 -40.68 -35.29 21.01
C ARG F 67 -40.41 -34.97 19.54
N LEU F 68 -41.36 -35.32 18.67
CA LEU F 68 -41.20 -35.11 17.24
C LEU F 68 -41.12 -33.63 16.86
N VAL F 69 -41.95 -32.82 17.50
CA VAL F 69 -41.96 -31.38 17.26
C VAL F 69 -40.67 -30.73 17.75
N ASP F 70 -40.21 -31.15 18.92
CA ASP F 70 -38.91 -30.75 19.42
C ASP F 70 -37.78 -31.08 18.43
N GLU F 71 -37.70 -32.33 17.97
CA GLU F 71 -36.72 -32.72 16.95
C GLU F 71 -36.73 -31.81 15.74
N LYS F 72 -37.93 -31.57 15.21
CA LYS F 72 -38.11 -30.86 13.94
C LYS F 72 -37.67 -29.41 14.06
N ILE F 73 -37.94 -28.79 15.22
CA ILE F 73 -37.48 -27.43 15.47
C ILE F 73 -35.96 -27.38 15.47
N LYS F 74 -35.34 -28.23 16.27
CA LYS F 74 -33.88 -28.31 16.36
C LYS F 74 -33.25 -28.55 15.00
N ALA F 75 -33.81 -29.47 14.23
CA ALA F 75 -33.31 -29.80 12.90
C ALA F 75 -33.34 -28.59 11.97
N MET F 76 -34.37 -27.75 12.11
CA MET F 76 -34.49 -26.55 11.28
C MET F 76 -33.45 -25.50 11.65
N LYS F 77 -33.31 -25.23 12.95
CA LYS F 77 -32.26 -24.35 13.49
C LYS F 77 -30.90 -24.69 12.91
N ASP F 78 -30.63 -25.98 12.79
CA ASP F 78 -29.32 -26.48 12.42
C ASP F 78 -29.04 -26.44 10.92
N LYS F 79 -30.02 -26.86 10.12
CA LYS F 79 -29.91 -26.76 8.67
C LYS F 79 -29.48 -25.36 8.21
N GLU F 80 -30.07 -24.31 8.79
CA GLU F 80 -29.69 -22.94 8.40
C GLU F 80 -28.23 -22.69 8.72
N TYR F 81 -27.82 -23.13 9.90
CA TYR F 81 -26.49 -22.87 10.43
C TYR F 81 -25.41 -23.69 9.70
N TYR F 82 -25.62 -25.01 9.60
CA TYR F 82 -24.65 -25.90 8.96
C TYR F 82 -24.77 -26.01 7.44
N ALA F 83 -25.96 -26.35 6.95
CA ALA F 83 -26.23 -26.37 5.50
C ALA F 83 -26.46 -24.96 4.97
N THR F 104 -45.06 -20.62 10.32
CA THR F 104 -44.86 -22.08 10.41
C THR F 104 -45.77 -22.67 11.48
N GLY F 105 -46.71 -23.51 11.04
CA GLY F 105 -47.68 -24.16 11.92
C GLY F 105 -47.19 -25.44 12.60
N ILE F 106 -45.99 -25.37 13.16
CA ILE F 106 -45.48 -26.44 14.01
C ILE F 106 -45.86 -26.13 15.46
N ASN F 107 -46.89 -26.80 15.95
CA ASN F 107 -47.37 -26.54 17.30
C ASN F 107 -47.10 -27.72 18.22
N ARG F 108 -46.42 -27.45 19.32
CA ARG F 108 -46.18 -28.45 20.35
C ARG F 108 -47.44 -28.60 21.22
N PRO F 109 -48.03 -29.80 21.22
CA PRO F 109 -49.25 -30.04 22.02
C PRO F 109 -48.97 -29.89 23.50
N HIS F 110 -49.97 -29.46 24.27
CA HIS F 110 -49.88 -29.46 25.72
C HIS F 110 -49.98 -30.90 26.21
N ASP F 111 -49.40 -31.19 27.36
CA ASP F 111 -49.54 -32.50 28.00
C ASP F 111 -51.02 -32.85 28.12
N PHE F 112 -51.38 -34.06 27.71
CA PHE F 112 -52.79 -34.46 27.68
C PHE F 112 -53.37 -34.56 29.08
N ASP F 113 -54.51 -33.89 29.29
CA ASP F 113 -55.17 -33.84 30.59
C ASP F 113 -56.66 -34.15 30.42
N PHE F 114 -57.03 -35.37 30.80
CA PHE F 114 -58.40 -35.88 30.65
C PHE F 114 -59.47 -35.04 31.35
N SER F 115 -59.11 -34.40 32.46
CA SER F 115 -60.04 -33.58 33.22
C SER F 115 -60.51 -32.36 32.42
N LYS F 116 -59.78 -32.01 31.37
CA LYS F 116 -60.08 -30.83 30.56
C LYS F 116 -60.85 -31.13 29.27
N VAL F 117 -61.22 -32.38 29.06
CA VAL F 117 -61.98 -32.77 27.88
C VAL F 117 -63.48 -32.58 28.14
N ARG F 118 -64.07 -31.60 27.47
CA ARG F 118 -65.45 -31.20 27.82
C ARG F 118 -66.56 -31.93 27.05
N SER F 119 -66.18 -32.86 26.16
CA SER F 119 -67.15 -33.58 25.35
C SER F 119 -66.53 -34.80 24.70
N TYR F 120 -67.37 -35.74 24.27
CA TYR F 120 -66.89 -36.93 23.57
C TYR F 120 -66.26 -36.58 22.24
N SER F 121 -66.83 -35.60 21.54
CA SER F 121 -66.28 -35.17 20.26
C SER F 121 -64.84 -34.69 20.40
N ARG F 122 -64.57 -33.92 21.45
CA ARG F 122 -63.21 -33.48 21.77
C ARG F 122 -62.27 -34.65 22.00
N LEU F 123 -62.65 -35.55 22.90
CA LEU F 123 -61.87 -36.76 23.16
C LEU F 123 -61.51 -37.49 21.87
N ARG F 124 -62.51 -37.66 21.01
CA ARG F 124 -62.32 -38.37 19.77
C ARG F 124 -61.34 -37.64 18.85
N THR F 125 -61.42 -36.31 18.81
CA THR F 125 -60.47 -35.51 18.02
C THR F 125 -59.05 -35.72 18.55
N LEU F 126 -58.89 -35.57 19.88
CA LEU F 126 -57.58 -35.72 20.51
C LEU F 126 -56.98 -37.10 20.26
N GLU F 127 -57.77 -38.14 20.52
CA GLU F 127 -57.31 -39.51 20.33
C GLU F 127 -56.81 -39.77 18.90
N GLU F 128 -57.64 -39.45 17.91
CA GLU F 128 -57.29 -39.66 16.51
C GLU F 128 -56.07 -38.88 16.06
N SER F 129 -56.05 -37.58 16.37
CA SER F 129 -55.00 -36.71 15.83
C SER F 129 -53.67 -36.85 16.54
N MET F 130 -53.70 -37.13 17.85
CA MET F 130 -52.46 -37.39 18.56
C MET F 130 -51.73 -38.60 17.97
N GLU F 131 -52.47 -39.65 17.59
CA GLU F 131 -51.80 -40.82 17.02
C GLU F 131 -51.42 -40.59 15.57
N MET F 132 -52.26 -39.86 14.84
CA MET F 132 -52.01 -39.53 13.45
C MET F 132 -50.77 -38.66 13.32
N ARG F 133 -50.50 -37.85 14.34
CA ARG F 133 -49.36 -36.94 14.34
C ARG F 133 -48.05 -37.56 14.79
N THR F 134 -48.07 -38.87 15.06
CA THR F 134 -46.85 -39.59 15.39
C THR F 134 -46.23 -40.17 14.12
N ASP F 135 -46.97 -40.07 13.02
CA ASP F 135 -46.46 -40.47 11.71
C ASP F 135 -45.22 -39.65 11.39
N PRO F 136 -44.12 -40.32 11.02
CA PRO F 136 -42.90 -39.59 10.69
C PRO F 136 -43.02 -38.76 9.40
N GLN F 137 -44.10 -38.95 8.65
CA GLN F 137 -44.29 -38.23 7.40
C GLN F 137 -45.58 -37.39 7.41
N TYR F 138 -45.97 -36.95 8.60
CA TYR F 138 -47.19 -36.16 8.78
C TYR F 138 -47.19 -34.87 7.98
N TYR F 139 -46.18 -34.04 8.16
CA TYR F 139 -46.11 -32.74 7.48
C TYR F 139 -45.92 -32.87 5.98
N GLU F 140 -45.17 -33.89 5.56
CA GLU F 140 -45.01 -34.23 4.14
C GLU F 140 -46.35 -34.61 3.52
N LYS F 141 -47.17 -35.32 4.28
CA LYS F 141 -48.49 -35.72 3.81
C LYS F 141 -49.45 -34.53 3.74
N LYS F 142 -49.26 -33.58 4.64
CA LYS F 142 -50.12 -32.40 4.74
C LYS F 142 -49.93 -31.43 3.57
N MET F 143 -48.68 -31.22 3.15
CA MET F 143 -48.40 -30.39 1.98
C MET F 143 -49.10 -30.97 0.75
N ILE F 144 -48.92 -32.26 0.53
CA ILE F 144 -49.55 -32.96 -0.60
C ILE F 144 -51.07 -32.89 -0.51
N GLN F 145 -51.61 -33.08 0.68
CA GLN F 145 -53.06 -33.04 0.89
C GLN F 145 -53.62 -31.62 0.76
N LEU F 146 -52.82 -30.62 1.12
CA LEU F 146 -53.23 -29.22 0.98
C LEU F 146 -53.52 -28.87 -0.47
N GLN F 147 -52.57 -29.17 -1.36
CA GLN F 147 -52.71 -28.86 -2.77
C GLN F 147 -53.91 -29.59 -3.38
N LEU F 148 -54.12 -30.84 -2.98
CA LEU F 148 -55.24 -31.62 -3.49
C LEU F 148 -56.56 -31.03 -3.03
N ASN F 149 -56.60 -30.60 -1.76
CA ASN F 149 -57.77 -29.94 -1.20
C ASN F 149 -58.09 -28.64 -1.93
N PHE F 150 -57.07 -27.86 -2.23
CA PHE F 150 -57.25 -26.58 -2.92
C PHE F 150 -57.80 -26.75 -4.33
N ILE F 151 -57.30 -27.75 -5.05
CA ILE F 151 -57.81 -28.04 -6.39
C ILE F 151 -59.29 -28.43 -6.32
N LYS F 152 -59.64 -29.28 -5.34
CA LYS F 152 -61.03 -29.66 -5.10
C LYS F 152 -61.91 -28.47 -4.76
N SER F 153 -61.32 -27.52 -4.04
CA SER F 153 -61.98 -26.28 -3.65
C SER F 153 -62.33 -25.45 -4.88
N VAL F 154 -61.39 -25.38 -5.82
CA VAL F 154 -61.53 -24.60 -7.05
C VAL F 154 -62.49 -25.27 -8.02
N GLU F 155 -62.39 -26.60 -8.13
CA GLU F 155 -63.31 -27.39 -8.95
C GLU F 155 -64.75 -27.20 -8.48
N GLY F 156 -64.96 -27.31 -7.18
CA GLY F 156 -66.27 -27.12 -6.57
C GLY F 156 -66.89 -25.76 -6.86
N SER F 157 -66.14 -24.69 -6.64
CA SER F 157 -66.71 -23.35 -6.74
C SER F 157 -66.88 -22.79 -8.16
N PHE F 158 -66.18 -23.37 -9.13
CA PHE F 158 -66.27 -22.87 -10.52
C PHE F 158 -66.83 -23.86 -11.54
N ASN F 159 -66.81 -25.15 -11.19
CA ASN F 159 -67.20 -26.23 -12.10
C ASN F 159 -66.27 -26.32 -13.32
N SER F 160 -66.72 -26.98 -14.38
CA SER F 160 -65.85 -27.24 -15.54
C SER F 160 -66.25 -26.52 -16.82
N PHE F 161 -65.32 -25.69 -17.30
CA PHE F 161 -65.38 -25.10 -18.63
C PHE F 161 -63.96 -24.71 -19.04
N ASP F 162 -63.77 -24.36 -20.31
CA ASP F 162 -62.45 -24.05 -20.88
C ASP F 162 -61.45 -23.43 -19.88
N ALA F 163 -61.72 -22.19 -19.47
CA ALA F 163 -60.80 -21.42 -18.62
C ALA F 163 -60.60 -22.06 -17.26
N ALA F 164 -61.67 -22.62 -16.70
CA ALA F 164 -61.63 -23.26 -15.38
C ALA F 164 -60.72 -24.47 -15.39
N ASP F 165 -60.90 -25.33 -16.39
CA ASP F 165 -60.08 -26.53 -16.54
C ASP F 165 -58.61 -26.18 -16.74
N GLU F 166 -58.39 -25.07 -17.45
CA GLU F 166 -57.06 -24.55 -17.71
C GLU F 166 -56.38 -24.17 -16.40
N LEU F 167 -57.13 -23.55 -15.51
CA LEU F 167 -56.63 -23.25 -14.18
C LEU F 167 -56.33 -24.53 -13.37
N ILE F 168 -57.25 -25.50 -13.40
CA ILE F 168 -57.08 -26.77 -12.68
C ILE F 168 -55.83 -27.53 -13.14
N GLU F 169 -55.58 -27.52 -14.45
CA GLU F 169 -54.42 -28.20 -15.00
C GLU F 169 -53.12 -27.47 -14.66
N GLU F 170 -53.21 -26.14 -14.56
CA GLU F 170 -52.07 -25.30 -14.26
C GLU F 170 -51.63 -25.44 -12.79
N LEU F 171 -52.61 -25.59 -11.90
CA LEU F 171 -52.36 -25.81 -10.48
C LEU F 171 -51.71 -27.16 -10.21
N LYS F 172 -52.13 -28.17 -10.97
CA LYS F 172 -51.59 -29.51 -10.84
C LYS F 172 -50.10 -29.58 -11.18
N LYS F 173 -49.64 -28.65 -12.01
CA LYS F 173 -48.25 -28.67 -12.50
C LYS F 173 -47.25 -28.02 -11.56
N ILE F 174 -47.74 -27.36 -10.51
CA ILE F 174 -46.84 -26.76 -9.53
C ILE F 174 -46.38 -27.81 -8.51
N PRO F 175 -45.05 -27.95 -8.31
CA PRO F 175 -44.51 -28.86 -7.29
C PRO F 175 -45.14 -28.59 -5.92
N PRO F 176 -45.67 -29.64 -5.26
CA PRO F 176 -46.41 -29.52 -3.98
C PRO F 176 -45.73 -28.72 -2.87
N ASP F 177 -44.40 -28.79 -2.77
CA ASP F 177 -43.67 -28.01 -1.76
C ASP F 177 -43.53 -26.55 -2.19
N ASP F 178 -43.51 -26.33 -3.50
CA ASP F 178 -43.43 -24.99 -4.08
C ASP F 178 -44.81 -24.32 -4.01
N PHE F 179 -45.85 -25.14 -4.08
CA PHE F 179 -47.23 -24.67 -3.99
C PHE F 179 -47.56 -24.04 -2.65
N TYR F 180 -46.92 -24.53 -1.59
CA TYR F 180 -47.26 -24.08 -0.25
C TYR F 180 -47.00 -22.58 0.01
N GLU F 181 -45.86 -22.08 -0.45
CA GLU F 181 -45.55 -20.65 -0.27
C GLU F 181 -46.42 -19.81 -1.21
N LEU F 182 -46.66 -20.35 -2.40
CA LEU F 182 -47.54 -19.71 -3.39
C LEU F 182 -48.99 -19.63 -2.91
N PHE F 183 -49.40 -20.57 -2.06
CA PHE F 183 -50.79 -20.64 -1.56
C PHE F 183 -51.14 -19.52 -0.60
N LEU F 184 -50.14 -19.01 0.12
CA LEU F 184 -50.33 -17.93 1.10
C LEU F 184 -50.70 -16.58 0.46
N ARG F 185 -50.79 -16.55 -0.87
CA ARG F 185 -51.30 -15.40 -1.62
C ARG F 185 -52.71 -15.69 -2.16
N ILE F 186 -52.82 -16.72 -3.00
CA ILE F 186 -54.06 -17.08 -3.74
C ILE F 186 -55.28 -17.33 -2.85
N SER F 187 -55.05 -17.96 -1.69
CA SER F 187 -56.08 -18.13 -0.69
C SER F 187 -56.58 -16.77 -0.23
N GLU F 188 -55.63 -15.92 0.17
CA GLU F 188 -55.91 -14.65 0.85
C GLU F 188 -56.40 -13.52 -0.06
N ILE F 189 -57.06 -13.89 -1.17
CA ILE F 189 -57.66 -12.90 -2.07
C ILE F 189 -59.14 -13.19 -2.40
N SER F 190 -59.40 -14.29 -3.12
CA SER F 190 -60.75 -14.60 -3.61
C SER F 190 -61.58 -15.41 -2.61
N GLY F 198 -75.29 -11.63 -6.11
CA GLY F 198 -75.33 -12.35 -7.38
C GLY F 198 -74.01 -13.03 -7.71
N ASN F 199 -74.08 -14.33 -7.97
CA ASN F 199 -72.91 -15.09 -8.44
C ASN F 199 -73.03 -15.46 -9.92
N THR F 200 -72.92 -14.45 -10.79
CA THR F 200 -73.19 -14.57 -12.23
C THR F 200 -72.25 -15.54 -12.96
N VAL F 201 -72.46 -15.68 -14.27
CA VAL F 201 -71.56 -16.45 -15.12
C VAL F 201 -70.30 -15.63 -15.37
N GLU F 202 -70.47 -14.32 -15.57
CA GLU F 202 -69.33 -13.40 -15.76
C GLU F 202 -68.53 -13.22 -14.47
N ASN F 203 -69.25 -13.18 -13.35
CA ASN F 203 -68.67 -13.12 -12.02
C ASN F 203 -67.81 -14.35 -11.71
N VAL F 204 -68.25 -15.52 -12.17
CA VAL F 204 -67.52 -16.77 -11.99
C VAL F 204 -66.29 -16.84 -12.91
N GLU F 205 -66.47 -16.41 -14.16
CA GLU F 205 -65.37 -16.34 -15.12
C GLU F 205 -64.34 -15.32 -14.67
N GLY F 206 -64.80 -14.27 -14.00
CA GLY F 206 -63.91 -13.24 -13.47
C GLY F 206 -62.93 -13.78 -12.45
N ASN F 207 -63.42 -14.61 -11.53
CA ASN F 207 -62.60 -15.18 -10.48
C ASN F 207 -61.55 -16.17 -10.99
N VAL F 208 -61.92 -16.94 -12.01
CA VAL F 208 -61.00 -17.89 -12.62
C VAL F 208 -59.80 -17.12 -13.21
N TYR F 209 -60.08 -16.02 -13.91
CA TYR F 209 -59.06 -15.17 -14.50
C TYR F 209 -58.17 -14.54 -13.43
N LYS F 210 -58.78 -14.13 -12.32
CA LYS F 210 -58.08 -13.56 -11.18
C LYS F 210 -57.00 -14.51 -10.64
N ILE F 211 -57.36 -15.77 -10.40
CA ILE F 211 -56.42 -16.76 -9.88
C ILE F 211 -55.32 -17.05 -10.91
N LEU F 212 -55.70 -17.16 -12.18
CA LEU F 212 -54.75 -17.41 -13.27
C LEU F 212 -53.73 -16.29 -13.43
N SER F 213 -54.13 -15.07 -13.07
CA SER F 213 -53.23 -13.92 -13.11
C SER F 213 -52.17 -14.01 -12.01
N TYR F 214 -52.50 -14.71 -10.92
CA TYR F 214 -51.53 -14.95 -9.86
C TYR F 214 -50.55 -16.04 -10.23
N LEU F 215 -51.03 -17.07 -10.91
CA LEU F 215 -50.15 -18.10 -11.46
C LEU F 215 -49.25 -17.55 -12.56
N GLU F 216 -49.76 -16.55 -13.29
CA GLU F 216 -48.96 -15.82 -14.28
C GLU F 216 -47.84 -15.07 -13.57
N GLN F 217 -48.21 -14.40 -12.49
CA GLN F 217 -47.31 -13.56 -11.72
C GLN F 217 -46.24 -14.39 -11.03
N TYR F 218 -46.61 -15.62 -10.69
CA TYR F 218 -45.70 -16.58 -10.06
C TYR F 218 -44.61 -17.04 -11.01
N ARG F 219 -45.00 -17.43 -12.21
CA ARG F 219 -44.06 -17.95 -13.20
C ARG F 219 -43.03 -16.95 -13.69
N ARG F 220 -43.36 -15.65 -13.61
CA ARG F 220 -42.39 -14.62 -13.96
C ARG F 220 -41.48 -14.23 -12.78
N GLY F 221 -41.64 -14.96 -11.68
CA GLY F 221 -40.76 -14.88 -10.51
C GLY F 221 -40.95 -13.66 -9.63
N ASP F 222 -42.21 -13.30 -9.38
CA ASP F 222 -42.52 -12.15 -8.53
C ASP F 222 -42.60 -12.53 -7.06
N PHE F 223 -42.51 -13.83 -6.78
CA PHE F 223 -42.62 -14.33 -5.41
C PHE F 223 -41.38 -15.13 -5.00
N ARG G 6 54.95 -50.46 -36.24
CA ARG G 6 53.73 -50.19 -35.42
C ARG G 6 52.44 -50.53 -36.16
N LYS G 7 51.81 -51.64 -35.76
CA LYS G 7 50.55 -52.09 -36.37
C LYS G 7 49.32 -51.39 -35.78
N MET G 8 48.19 -51.48 -36.47
CA MET G 8 46.93 -50.90 -35.99
C MET G 8 45.80 -51.93 -36.06
N TYR G 9 44.97 -51.98 -35.02
CA TYR G 9 43.91 -52.97 -34.96
C TYR G 9 42.53 -52.37 -34.68
N SER G 10 41.51 -52.92 -35.35
CA SER G 10 40.13 -52.57 -35.04
C SER G 10 39.61 -53.60 -34.04
N CYS G 11 39.16 -53.14 -32.88
CA CYS G 11 38.77 -54.06 -31.77
C CYS G 11 37.34 -53.86 -31.26
N ALA G 12 36.76 -54.94 -30.71
CA ALA G 12 35.40 -54.87 -30.13
C ALA G 12 35.17 -55.88 -29.01
N PHE G 13 34.32 -55.52 -28.05
CA PHE G 13 33.85 -56.47 -27.04
C PHE G 13 32.35 -56.71 -27.19
N GLU G 14 31.90 -57.82 -26.66
CA GLU G 14 30.48 -58.02 -26.42
C GLU G 14 30.43 -58.43 -24.96
N THR G 15 29.49 -57.86 -24.21
CA THR G 15 29.48 -58.02 -22.77
C THR G 15 28.09 -58.34 -22.24
N THR G 16 28.03 -58.83 -21.00
CA THR G 16 26.76 -59.21 -20.37
C THR G 16 26.06 -58.00 -19.74
N THR G 17 24.75 -58.11 -19.54
CA THR G 17 23.94 -56.97 -19.11
C THR G 17 23.59 -57.03 -17.62
N LYS G 18 24.12 -58.02 -16.91
CA LYS G 18 23.73 -58.22 -15.50
C LYS G 18 24.63 -57.45 -14.53
N VAL G 19 23.99 -56.70 -13.62
CA VAL G 19 24.70 -55.92 -12.61
C VAL G 19 25.66 -56.78 -11.77
N GLU G 20 25.20 -57.97 -11.39
CA GLU G 20 25.93 -58.88 -10.51
C GLU G 20 26.91 -59.77 -11.29
N ASP G 21 26.62 -59.96 -12.58
CA ASP G 21 27.44 -60.81 -13.44
C ASP G 21 27.75 -60.03 -14.70
N CYS G 22 28.85 -59.29 -14.67
CA CYS G 22 29.20 -58.36 -15.74
C CYS G 22 30.62 -58.59 -16.25
N ARG G 23 30.71 -59.12 -17.48
CA ARG G 23 31.98 -59.56 -18.06
C ARG G 23 31.96 -59.59 -19.59
N VAL G 24 33.15 -59.70 -20.18
CA VAL G 24 33.32 -59.85 -21.62
C VAL G 24 33.06 -61.29 -22.02
N TRP G 25 32.10 -61.52 -22.91
CA TRP G 25 31.85 -62.87 -23.40
C TRP G 25 32.42 -63.11 -24.80
N ALA G 26 32.75 -62.03 -25.50
CA ALA G 26 33.34 -62.11 -26.84
C ALA G 26 34.25 -60.94 -27.15
N TYR G 27 35.37 -61.21 -27.81
CA TYR G 27 36.27 -60.17 -28.29
C TYR G 27 36.68 -60.40 -29.74
N GLY G 28 37.01 -59.31 -30.42
CA GLY G 28 37.48 -59.39 -31.80
C GLY G 28 38.51 -58.32 -32.12
N TYR G 29 39.59 -58.72 -32.79
CA TYR G 29 40.52 -57.75 -33.34
C TYR G 29 40.84 -58.05 -34.81
N MET G 30 41.13 -57.00 -35.56
CA MET G 30 41.43 -57.12 -36.99
C MET G 30 42.49 -56.10 -37.40
N ASN G 31 43.49 -56.55 -38.13
CA ASN G 31 44.53 -55.66 -38.65
C ASN G 31 43.92 -54.65 -39.65
N ILE G 32 43.95 -53.37 -39.28
CA ILE G 32 43.42 -52.29 -40.13
C ILE G 32 44.13 -52.21 -41.49
N GLU G 33 45.39 -52.62 -41.55
CA GLU G 33 46.15 -52.60 -42.79
C GLU G 33 46.01 -53.90 -43.57
N ASP G 34 45.61 -54.97 -42.90
CA ASP G 34 45.42 -56.25 -43.58
C ASP G 34 44.27 -57.04 -42.96
N HIS G 35 43.08 -56.88 -43.54
CA HIS G 35 41.86 -57.44 -42.94
C HIS G 35 41.79 -58.97 -42.92
N SER G 36 42.75 -59.63 -43.57
CA SER G 36 42.81 -61.09 -43.52
C SER G 36 43.39 -61.58 -42.18
N GLU G 37 43.98 -60.65 -41.42
CA GLU G 37 44.52 -60.94 -40.10
C GLU G 37 43.55 -60.48 -39.01
N TYR G 38 42.76 -61.42 -38.50
CA TYR G 38 41.77 -61.12 -37.47
C TYR G 38 41.63 -62.30 -36.53
N LYS G 39 41.09 -62.04 -35.35
CA LYS G 39 40.89 -63.08 -34.35
C LYS G 39 39.63 -62.79 -33.56
N ILE G 40 38.83 -63.84 -33.32
CA ILE G 40 37.65 -63.73 -32.48
C ILE G 40 37.69 -64.81 -31.40
N GLY G 41 37.55 -64.41 -30.14
CA GLY G 41 37.59 -65.33 -29.02
C GLY G 41 36.55 -65.02 -27.97
N ASN G 42 36.53 -65.80 -26.90
CA ASN G 42 35.49 -65.65 -25.88
C ASN G 42 36.02 -65.49 -24.45
N SER G 43 37.26 -65.04 -24.32
CA SER G 43 37.87 -64.81 -23.01
C SER G 43 38.61 -63.48 -22.98
N LEU G 44 38.33 -62.66 -21.96
CA LEU G 44 39.02 -61.38 -21.82
C LEU G 44 40.51 -61.60 -21.54
N ASP G 45 40.81 -62.61 -20.71
CA ASP G 45 42.20 -62.95 -20.37
C ASP G 45 43.00 -63.28 -21.61
N GLU G 46 42.37 -63.97 -22.56
CA GLU G 46 42.99 -64.31 -23.83
C GLU G 46 43.30 -63.04 -24.63
N PHE G 47 42.36 -62.10 -24.66
CA PHE G 47 42.54 -60.84 -25.35
C PHE G 47 43.67 -60.01 -24.74
N MET G 48 43.60 -59.79 -23.43
CA MET G 48 44.58 -58.97 -22.71
C MET G 48 46.00 -59.51 -22.80
N ALA G 49 46.12 -60.84 -22.88
CA ALA G 49 47.41 -61.49 -23.05
C ALA G 49 48.03 -61.02 -24.36
N TRP G 50 47.22 -60.98 -25.41
CA TRP G 50 47.61 -60.50 -26.72
C TRP G 50 47.92 -59.01 -26.67
N VAL G 51 47.11 -58.26 -25.93
CA VAL G 51 47.27 -56.81 -25.79
C VAL G 51 48.67 -56.46 -25.26
N LEU G 52 49.13 -57.19 -24.26
CA LEU G 52 50.43 -56.92 -23.67
C LEU G 52 51.59 -57.36 -24.56
N LYS G 53 51.28 -58.13 -25.60
CA LYS G 53 52.31 -58.65 -26.51
C LYS G 53 52.49 -57.85 -27.81
N VAL G 54 51.39 -57.40 -28.42
CA VAL G 54 51.44 -56.81 -29.76
C VAL G 54 52.18 -55.49 -29.90
N GLN G 55 52.27 -54.74 -28.81
CA GLN G 55 52.92 -53.42 -28.84
C GLN G 55 52.42 -52.60 -30.03
N ALA G 56 51.10 -52.49 -30.15
CA ALA G 56 50.46 -51.85 -31.28
C ALA G 56 49.48 -50.74 -30.87
N ASP G 57 48.81 -50.15 -31.85
CA ASP G 57 47.72 -49.21 -31.62
C ASP G 57 46.39 -49.92 -31.81
N LEU G 58 45.54 -49.87 -30.80
CA LEU G 58 44.24 -50.53 -30.85
C LEU G 58 43.13 -49.49 -30.84
N TYR G 59 42.15 -49.70 -31.71
CA TYR G 59 41.01 -48.82 -31.82
C TYR G 59 39.72 -49.53 -31.44
N PHE G 60 39.01 -48.98 -30.47
CA PHE G 60 37.68 -49.43 -30.12
C PHE G 60 36.71 -48.36 -30.57
N HIS G 61 35.58 -48.75 -31.13
CA HIS G 61 34.54 -47.79 -31.44
C HIS G 61 33.65 -47.55 -30.22
N ASN G 62 33.90 -46.40 -29.58
CA ASN G 62 33.36 -46.03 -28.26
C ASN G 62 34.12 -46.66 -27.08
N LEU G 63 35.27 -46.07 -26.79
CA LEU G 63 36.19 -46.56 -25.77
C LEU G 63 35.61 -46.42 -24.38
N LYS G 64 34.81 -45.38 -24.15
CA LYS G 64 34.16 -45.13 -22.85
C LYS G 64 33.60 -46.41 -22.24
N PHE G 65 32.96 -47.21 -23.07
CA PHE G 65 32.32 -48.44 -22.64
C PHE G 65 33.35 -49.57 -22.47
N ALA G 66 33.98 -49.97 -23.56
CA ALA G 66 34.95 -51.06 -23.55
C ALA G 66 36.11 -50.83 -22.59
N GLY G 67 36.65 -49.61 -22.59
CA GLY G 67 37.77 -49.23 -21.74
C GLY G 67 37.58 -49.54 -20.26
N ALA G 68 36.35 -49.42 -19.78
CA ALA G 68 36.02 -49.77 -18.41
C ALA G 68 36.30 -51.26 -18.11
N PHE G 69 36.07 -52.12 -19.09
CA PHE G 69 36.35 -53.54 -18.92
C PHE G 69 37.87 -53.80 -18.90
N ILE G 70 38.62 -52.98 -19.65
CA ILE G 70 40.08 -53.10 -19.69
C ILE G 70 40.72 -52.64 -18.38
N ILE G 71 40.45 -51.39 -17.98
CA ILE G 71 40.95 -50.86 -16.70
C ILE G 71 40.63 -51.83 -15.56
N ASN G 72 39.42 -52.38 -15.57
CA ASN G 72 38.95 -53.31 -14.55
C ASN G 72 39.84 -54.56 -14.46
N TRP G 73 40.32 -55.02 -15.60
CA TRP G 73 41.26 -56.14 -15.67
C TRP G 73 42.64 -55.70 -15.22
N LEU G 74 43.14 -54.58 -15.77
CA LEU G 74 44.47 -54.07 -15.46
C LEU G 74 44.71 -53.96 -13.96
N GLU G 75 43.75 -53.38 -13.24
CA GLU G 75 43.85 -53.19 -11.80
C GLU G 75 43.92 -54.51 -11.05
N ARG G 76 43.36 -55.56 -11.65
CA ARG G 76 43.34 -56.89 -11.03
C ARG G 76 44.54 -57.73 -11.45
N ASN G 77 45.41 -57.17 -12.28
CA ASN G 77 46.58 -57.88 -12.74
C ASN G 77 47.87 -57.09 -12.59
N GLY G 78 48.00 -56.43 -11.44
CA GLY G 78 49.24 -55.76 -11.05
C GLY G 78 49.59 -54.51 -11.84
N PHE G 79 48.58 -53.81 -12.35
CA PHE G 79 48.79 -52.52 -13.02
C PHE G 79 48.21 -51.37 -12.20
N LYS G 80 48.99 -50.29 -12.07
CA LYS G 80 48.54 -49.08 -11.39
C LYS G 80 48.48 -47.92 -12.38
N TRP G 81 47.68 -46.91 -12.07
CA TRP G 81 47.62 -45.71 -12.90
C TRP G 81 48.83 -44.84 -12.63
N SER G 82 49.49 -44.39 -13.70
CA SER G 82 50.65 -43.51 -13.60
C SER G 82 50.78 -42.64 -14.84
N ALA G 83 51.00 -41.35 -14.62
CA ALA G 83 51.19 -40.39 -15.70
C ALA G 83 52.62 -40.40 -16.23
N ASP G 84 53.55 -40.96 -15.45
CA ASP G 84 54.98 -40.91 -15.76
C ASP G 84 55.50 -42.04 -16.66
N GLY G 85 54.60 -42.92 -17.11
CA GLY G 85 54.95 -44.07 -17.97
C GLY G 85 55.97 -45.02 -17.36
N LEU G 86 55.77 -45.40 -16.10
CA LEU G 86 56.63 -46.38 -15.42
C LEU G 86 56.28 -47.82 -15.86
N PRO G 87 57.20 -48.78 -15.64
CA PRO G 87 56.89 -50.18 -15.99
C PRO G 87 55.76 -50.76 -15.15
N ASN G 88 54.92 -51.57 -15.79
CA ASN G 88 53.69 -52.14 -15.20
C ASN G 88 52.67 -51.10 -14.72
N THR G 89 52.60 -50.00 -15.45
CA THR G 89 51.60 -48.96 -15.18
C THR G 89 50.84 -48.62 -16.46
N TYR G 90 49.74 -47.89 -16.31
CA TYR G 90 49.01 -47.39 -17.46
C TYR G 90 48.64 -45.93 -17.27
N ASN G 91 48.34 -45.26 -18.38
CA ASN G 91 47.95 -43.87 -18.38
C ASN G 91 46.66 -43.70 -19.16
N THR G 92 45.93 -42.63 -18.88
CA THR G 92 44.69 -42.34 -19.60
C THR G 92 44.60 -40.89 -20.04
N ILE G 93 43.81 -40.64 -21.08
CA ILE G 93 43.23 -39.33 -21.30
C ILE G 93 41.72 -39.51 -21.14
N ILE G 94 41.19 -39.01 -20.04
CA ILE G 94 39.75 -38.97 -19.81
C ILE G 94 39.36 -37.55 -19.39
N SER G 95 38.64 -36.84 -20.25
CA SER G 95 38.31 -35.43 -20.02
C SER G 95 37.28 -35.24 -18.91
N ARG G 96 37.16 -33.98 -18.46
CA ARG G 96 36.12 -33.59 -17.50
C ARG G 96 34.74 -34.13 -17.87
N MET G 97 34.43 -34.13 -19.17
CA MET G 97 33.13 -34.59 -19.67
C MET G 97 33.00 -36.11 -19.64
N GLY G 98 34.06 -36.79 -19.24
CA GLY G 98 34.05 -38.24 -19.21
C GLY G 98 34.18 -38.89 -20.58
N GLN G 99 34.81 -38.18 -21.51
CA GLN G 99 35.15 -38.78 -22.80
C GLN G 99 36.49 -39.48 -22.67
N TRP G 100 36.54 -40.73 -23.12
CA TRP G 100 37.80 -41.47 -23.14
C TRP G 100 38.49 -41.18 -24.45
N TYR G 101 39.77 -40.86 -24.39
CA TYR G 101 40.54 -40.60 -25.61
C TYR G 101 41.60 -41.64 -25.84
N MET G 102 42.14 -42.17 -24.75
CA MET G 102 43.32 -43.03 -24.80
C MET G 102 43.58 -43.77 -23.51
N ILE G 103 43.93 -45.05 -23.64
CA ILE G 103 44.57 -45.81 -22.56
C ILE G 103 45.93 -46.28 -23.08
N ASP G 104 46.99 -45.92 -22.38
CA ASP G 104 48.36 -46.29 -22.77
C ASP G 104 48.98 -47.23 -21.74
N ILE G 105 49.00 -48.53 -22.05
CA ILE G 105 49.52 -49.55 -21.15
C ILE G 105 51.03 -49.72 -21.32
N CYS G 106 51.78 -49.43 -20.25
CA CYS G 106 53.23 -49.45 -20.31
C CYS G 106 53.84 -50.65 -19.57
N LEU G 107 54.60 -51.46 -20.32
CA LEU G 107 55.21 -52.68 -19.78
C LEU G 107 56.64 -52.48 -19.30
N GLY G 108 57.42 -51.71 -20.05
CA GLY G 108 58.80 -51.43 -19.68
C GLY G 108 59.60 -50.76 -20.80
N TYR G 109 60.92 -50.83 -20.66
CA TYR G 109 61.82 -50.15 -21.60
C TYR G 109 62.94 -51.05 -22.04
N LYS G 110 63.13 -51.14 -23.36
CA LYS G 110 64.31 -51.77 -23.92
C LYS G 110 65.15 -50.69 -24.58
N GLY G 111 66.32 -50.44 -23.99
CA GLY G 111 67.14 -49.27 -24.33
C GLY G 111 66.43 -48.01 -23.88
N LYS G 112 66.13 -47.13 -24.82
CA LYS G 112 65.29 -45.97 -24.56
C LYS G 112 63.92 -46.16 -25.21
N ARG G 113 63.79 -47.19 -26.04
CA ARG G 113 62.54 -47.52 -26.70
C ARG G 113 61.51 -48.02 -25.67
N LYS G 114 60.40 -47.30 -25.58
CA LYS G 114 59.30 -47.64 -24.65
C LYS G 114 58.48 -48.79 -25.20
N ILE G 115 58.29 -49.82 -24.36
CA ILE G 115 57.47 -50.96 -24.75
C ILE G 115 56.03 -50.79 -24.23
N HIS G 116 55.11 -50.54 -25.17
CA HIS G 116 53.73 -50.19 -24.80
C HIS G 116 52.70 -50.55 -25.87
N THR G 117 51.44 -50.65 -25.43
CA THR G 117 50.29 -50.79 -26.32
C THR G 117 49.33 -49.67 -26.01
N VAL G 118 48.97 -48.90 -27.04
CA VAL G 118 48.07 -47.76 -26.86
C VAL G 118 46.69 -48.10 -27.41
N ILE G 119 45.66 -47.75 -26.64
CA ILE G 119 44.28 -47.98 -27.05
C ILE G 119 43.58 -46.64 -27.28
N TYR G 120 43.03 -46.45 -28.47
CA TYR G 120 42.37 -45.21 -28.83
C TYR G 120 40.87 -45.40 -29.06
N ASP G 121 40.16 -44.29 -29.15
CA ASP G 121 38.73 -44.29 -29.46
C ASP G 121 38.49 -43.88 -30.92
N SER G 122 38.07 -44.84 -31.74
CA SER G 122 37.84 -44.60 -33.17
C SER G 122 36.64 -43.69 -33.39
N LEU G 123 35.86 -43.49 -32.34
CA LEU G 123 34.71 -42.61 -32.39
C LEU G 123 35.18 -41.16 -32.51
N LYS G 124 36.41 -40.88 -32.10
CA LYS G 124 36.99 -39.54 -32.21
C LYS G 124 37.50 -39.28 -33.62
N LYS G 125 37.85 -40.35 -34.33
CA LYS G 125 38.24 -40.27 -35.74
C LYS G 125 37.01 -40.27 -36.63
N LEU G 126 35.99 -41.02 -36.23
CA LEU G 126 34.78 -41.22 -37.02
C LEU G 126 33.56 -41.06 -36.11
N PRO G 127 33.10 -39.81 -35.92
CA PRO G 127 32.03 -39.50 -34.97
C PRO G 127 30.65 -39.95 -35.44
N PHE G 128 30.51 -41.24 -35.70
CA PHE G 128 29.26 -41.83 -36.18
C PHE G 128 29.14 -43.24 -35.62
N PRO G 129 27.90 -43.74 -35.45
CA PRO G 129 27.78 -45.12 -35.03
C PRO G 129 28.14 -46.05 -36.18
N VAL G 130 28.56 -47.27 -35.85
CA VAL G 130 28.99 -48.27 -36.83
C VAL G 130 28.05 -48.39 -38.04
N LYS G 131 26.77 -48.60 -37.78
CA LYS G 131 25.80 -48.77 -38.87
C LYS G 131 25.85 -47.58 -39.82
N LYS G 132 25.71 -46.38 -39.25
CA LYS G 132 25.77 -45.11 -39.98
C LYS G 132 27.03 -45.01 -40.86
N ILE G 133 28.17 -45.43 -40.32
CA ILE G 133 29.42 -45.42 -41.06
C ILE G 133 29.27 -46.33 -42.27
N ALA G 134 28.93 -47.58 -42.02
CA ALA G 134 28.75 -48.57 -43.09
C ALA G 134 27.85 -48.05 -44.20
N LYS G 135 26.72 -47.44 -43.82
CA LYS G 135 25.80 -46.91 -44.80
C LYS G 135 26.47 -45.85 -45.68
N ASP G 136 27.06 -44.82 -45.06
CA ASP G 136 27.62 -43.67 -45.80
C ASP G 136 28.98 -43.93 -46.46
N PHE G 137 29.75 -44.86 -45.92
CA PHE G 137 31.04 -45.23 -46.49
C PHE G 137 30.87 -46.37 -47.51
N LYS G 138 29.63 -46.75 -47.81
CA LYS G 138 29.31 -47.80 -48.77
C LYS G 138 30.03 -49.10 -48.44
N LEU G 139 29.95 -49.52 -47.17
CA LEU G 139 30.58 -50.74 -46.71
C LEU G 139 29.54 -51.78 -46.38
N THR G 140 29.92 -53.04 -46.50
CA THR G 140 29.03 -54.17 -46.26
C THR G 140 28.63 -54.24 -44.79
N VAL G 141 27.32 -54.28 -44.55
CA VAL G 141 26.79 -54.35 -43.21
C VAL G 141 25.67 -55.38 -43.12
N LEU G 142 25.79 -56.30 -42.16
CA LEU G 142 24.79 -57.35 -41.93
C LEU G 142 23.51 -56.80 -41.27
N LYS G 143 22.36 -57.26 -41.75
CA LYS G 143 21.08 -56.90 -41.14
C LYS G 143 20.95 -57.49 -39.73
N GLY G 144 20.15 -56.86 -38.89
CA GLY G 144 19.86 -57.40 -37.56
C GLY G 144 20.97 -57.15 -36.55
N ASP G 145 20.91 -57.90 -35.44
CA ASP G 145 21.87 -57.74 -34.36
C ASP G 145 21.94 -58.96 -33.42
N ILE G 146 23.01 -59.01 -32.64
CA ILE G 146 23.21 -60.04 -31.62
C ILE G 146 22.12 -59.94 -30.56
N ASP G 147 21.45 -61.06 -30.27
CA ASP G 147 20.39 -61.10 -29.27
C ASP G 147 20.95 -61.05 -27.84
N TYR G 148 20.91 -59.87 -27.22
CA TYR G 148 21.46 -59.67 -25.87
C TYR G 148 20.56 -60.17 -24.74
N HIS G 149 19.36 -60.66 -25.10
CA HIS G 149 18.43 -61.24 -24.12
C HIS G 149 18.58 -62.77 -24.11
N LYS G 150 19.85 -63.21 -24.10
CA LYS G 150 20.21 -64.63 -24.19
C LYS G 150 21.30 -64.91 -23.17
N GLU G 151 21.14 -65.98 -22.39
CA GLU G 151 22.06 -66.26 -21.28
C GLU G 151 23.34 -66.95 -21.72
N ARG G 152 24.47 -66.37 -21.34
CA ARG G 152 25.79 -66.85 -21.75
C ARG G 152 26.73 -66.99 -20.56
N PRO G 153 26.82 -68.21 -19.99
CA PRO G 153 27.72 -68.51 -18.87
C PRO G 153 29.18 -68.40 -19.25
N VAL G 154 30.07 -68.35 -18.26
CA VAL G 154 31.52 -68.28 -18.49
C VAL G 154 31.97 -69.43 -19.38
N GLY G 155 32.67 -69.11 -20.46
CA GLY G 155 33.18 -70.13 -21.38
C GLY G 155 32.19 -70.50 -22.46
N TYR G 156 31.13 -69.71 -22.60
CA TYR G 156 30.15 -69.84 -23.67
C TYR G 156 30.83 -69.83 -25.02
N LYS G 157 30.42 -70.73 -25.90
CA LYS G 157 30.98 -70.80 -27.25
C LYS G 157 30.14 -70.00 -28.23
N ILE G 158 30.78 -69.01 -28.86
CA ILE G 158 30.16 -68.11 -29.83
C ILE G 158 29.58 -68.89 -31.01
N THR G 159 28.32 -68.65 -31.32
CA THR G 159 27.68 -69.28 -32.48
C THR G 159 28.14 -68.58 -33.77
N PRO G 160 28.14 -69.29 -34.91
CA PRO G 160 28.63 -68.75 -36.18
C PRO G 160 28.03 -67.41 -36.58
N GLU G 161 26.75 -67.22 -36.26
CA GLU G 161 26.03 -65.98 -36.60
C GLU G 161 26.54 -64.82 -35.78
N GLU G 162 26.79 -65.06 -34.50
CA GLU G 162 27.39 -64.06 -33.62
C GLU G 162 28.81 -63.73 -34.07
N TYR G 163 29.55 -64.76 -34.48
CA TYR G 163 30.90 -64.61 -35.02
C TYR G 163 30.90 -63.68 -36.23
N ALA G 164 29.90 -63.87 -37.09
CA ALA G 164 29.67 -63.04 -38.29
C ALA G 164 29.44 -61.59 -37.93
N TYR G 165 28.63 -61.37 -36.89
CA TYR G 165 28.31 -60.03 -36.43
C TYR G 165 29.52 -59.31 -35.85
N ILE G 166 30.23 -59.98 -34.95
CA ILE G 166 31.43 -59.38 -34.36
C ILE G 166 32.42 -58.98 -35.45
N LYS G 167 32.69 -59.91 -36.38
CA LYS G 167 33.61 -59.66 -37.47
C LYS G 167 33.17 -58.45 -38.28
N ASN G 168 31.88 -58.43 -38.64
CA ASN G 168 31.35 -57.33 -39.44
C ASN G 168 31.51 -55.97 -38.74
N ASP G 169 31.40 -55.97 -37.41
CA ASP G 169 31.55 -54.75 -36.62
C ASP G 169 32.98 -54.23 -36.62
N ILE G 170 33.93 -55.13 -36.40
CA ILE G 170 35.33 -54.72 -36.40
C ILE G 170 35.78 -54.36 -37.82
N GLN G 171 35.26 -55.10 -38.80
CA GLN G 171 35.64 -54.89 -40.20
C GLN G 171 35.14 -53.58 -40.77
N ILE G 172 33.89 -53.23 -40.49
CA ILE G 172 33.35 -51.94 -40.91
C ILE G 172 34.27 -50.80 -40.48
N ILE G 173 34.75 -50.84 -39.23
CA ILE G 173 35.65 -49.81 -38.72
C ILE G 173 37.06 -49.93 -39.31
N ALA G 174 37.55 -51.17 -39.41
CA ALA G 174 38.83 -51.43 -40.06
C ALA G 174 38.85 -50.78 -41.45
N GLU G 175 37.79 -51.04 -42.22
CA GLU G 175 37.67 -50.52 -43.57
C GLU G 175 37.65 -48.99 -43.61
N ALA G 176 36.91 -48.38 -42.69
CA ALA G 176 36.77 -46.93 -42.71
C ALA G 176 38.06 -46.24 -42.29
N LEU G 177 38.70 -46.74 -41.25
CA LEU G 177 39.95 -46.16 -40.75
C LEU G 177 41.08 -46.26 -41.78
N LEU G 178 41.15 -47.40 -42.47
CA LEU G 178 42.18 -47.61 -43.48
C LEU G 178 42.05 -46.61 -44.61
N ILE G 179 40.82 -46.38 -45.08
CA ILE G 179 40.57 -45.41 -46.15
C ILE G 179 41.04 -44.04 -45.69
N GLN G 180 40.82 -43.76 -44.41
CA GLN G 180 41.22 -42.51 -43.81
C GLN G 180 42.74 -42.39 -43.68
N PHE G 181 43.40 -43.42 -43.16
CA PHE G 181 44.86 -43.41 -43.03
C PHE G 181 45.53 -43.23 -44.38
N LYS G 182 44.91 -43.78 -45.42
CA LYS G 182 45.39 -43.69 -46.79
C LYS G 182 45.29 -42.29 -47.37
N GLN G 183 44.49 -41.42 -46.76
CA GLN G 183 44.46 -40.00 -47.14
C GLN G 183 45.52 -39.24 -46.36
N GLY G 184 46.26 -39.96 -45.50
CA GLY G 184 47.30 -39.35 -44.67
C GLY G 184 46.74 -38.67 -43.44
N LEU G 185 45.52 -39.05 -43.06
CA LEU G 185 44.90 -38.51 -41.86
C LEU G 185 45.24 -39.41 -40.66
N ASP G 186 46.36 -39.12 -40.01
CA ASP G 186 46.91 -39.97 -38.93
C ASP G 186 46.42 -39.63 -37.53
N ARG G 187 46.17 -38.36 -37.28
CA ARG G 187 46.00 -37.82 -35.93
C ARG G 187 44.90 -38.49 -35.09
N MET G 188 44.93 -38.24 -33.78
CA MET G 188 44.03 -38.89 -32.82
C MET G 188 42.55 -38.56 -33.00
N THR G 189 42.27 -37.30 -33.34
CA THR G 189 40.88 -36.82 -33.53
C THR G 189 40.68 -36.23 -34.92
N ALA G 190 39.43 -36.20 -35.37
CA ALA G 190 39.04 -35.61 -36.66
C ALA G 190 39.41 -34.14 -36.74
N GLY G 191 39.28 -33.43 -35.62
CA GLY G 191 39.70 -32.04 -35.53
C GLY G 191 41.20 -31.87 -35.68
N SER G 192 41.98 -32.79 -35.11
CA SER G 192 43.44 -32.72 -35.20
C SER G 192 43.93 -32.94 -36.62
N ASP G 193 43.33 -33.91 -37.30
CA ASP G 193 43.59 -34.16 -38.72
C ASP G 193 43.27 -32.94 -39.56
N SER G 194 42.13 -32.32 -39.26
CA SER G 194 41.67 -31.12 -39.95
C SER G 194 42.68 -29.98 -39.81
N LEU G 195 43.03 -29.66 -38.57
CA LEU G 195 44.05 -28.66 -38.25
C LEU G 195 45.40 -28.97 -38.91
N LYS G 196 45.85 -30.21 -38.81
CA LYS G 196 47.11 -30.63 -39.42
C LYS G 196 47.10 -30.35 -40.92
N GLY G 197 46.00 -30.71 -41.57
CA GLY G 197 45.81 -30.47 -43.01
C GLY G 197 45.86 -28.99 -43.36
N PHE G 198 45.21 -28.18 -42.53
CA PHE G 198 45.21 -26.73 -42.72
C PHE G 198 46.62 -26.17 -42.62
N LYS G 199 47.34 -26.61 -41.59
CA LYS G 199 48.71 -26.21 -41.30
C LYS G 199 49.65 -26.56 -42.44
N ASP G 200 49.44 -27.74 -43.04
CA ASP G 200 50.22 -28.19 -44.19
C ASP G 200 50.14 -27.23 -45.38
N ILE G 201 48.93 -26.76 -45.70
CA ILE G 201 48.75 -25.81 -46.80
C ILE G 201 49.32 -24.42 -46.48
N ILE G 202 48.93 -23.87 -45.33
CA ILE G 202 49.42 -22.56 -44.88
C ILE G 202 50.95 -22.50 -44.73
N THR G 203 51.54 -23.55 -44.12
CA THR G 203 52.97 -23.63 -43.72
C THR G 203 53.13 -23.36 -42.22
N THR G 204 53.85 -24.24 -41.53
CA THR G 204 54.21 -24.04 -40.11
C THR G 204 54.83 -22.66 -39.85
N LYS G 205 55.72 -22.23 -40.75
CA LYS G 205 56.29 -20.88 -40.71
C LYS G 205 55.23 -19.79 -40.68
N LYS G 206 54.33 -19.82 -41.67
CA LYS G 206 53.29 -18.81 -41.80
C LYS G 206 52.28 -18.92 -40.65
N PHE G 207 51.92 -20.15 -40.32
CA PHE G 207 50.99 -20.46 -39.23
C PHE G 207 51.37 -19.77 -37.92
N LYS G 208 52.63 -19.93 -37.51
CA LYS G 208 53.13 -19.35 -36.26
C LYS G 208 53.14 -17.83 -36.30
N LYS G 209 53.21 -17.29 -37.51
CA LYS G 209 53.21 -15.84 -37.68
C LYS G 209 51.79 -15.27 -37.63
N VAL G 210 50.86 -15.87 -38.39
CA VAL G 210 49.47 -15.37 -38.41
C VAL G 210 48.64 -15.78 -37.19
N PHE G 211 48.96 -16.91 -36.58
CA PHE G 211 48.33 -17.32 -35.32
C PHE G 211 49.36 -17.47 -34.20
N PRO G 212 49.85 -16.33 -33.66
CA PRO G 212 50.78 -16.47 -32.53
C PRO G 212 50.02 -16.91 -31.28
N THR G 213 50.73 -17.52 -30.34
CA THR G 213 50.09 -17.86 -29.07
C THR G 213 50.10 -16.60 -28.21
N LEU G 214 48.93 -16.23 -27.73
CA LEU G 214 48.77 -15.05 -26.87
C LEU G 214 48.96 -15.43 -25.41
N SER G 215 49.29 -14.43 -24.57
CA SER G 215 49.43 -14.66 -23.13
C SER G 215 48.08 -15.07 -22.54
N LEU G 216 48.10 -15.92 -21.52
CA LEU G 216 46.88 -16.38 -20.87
C LEU G 216 45.93 -15.22 -20.52
N GLY G 217 46.53 -14.10 -20.10
CA GLY G 217 45.79 -12.88 -19.78
C GLY G 217 45.00 -12.26 -20.92
N LEU G 218 45.61 -12.15 -22.10
CA LEU G 218 44.91 -11.65 -23.29
C LEU G 218 43.80 -12.60 -23.70
N ASP G 219 44.13 -13.89 -23.70
CA ASP G 219 43.25 -14.96 -24.11
C ASP G 219 41.97 -14.95 -23.28
N LYS G 220 42.11 -14.71 -21.98
CA LYS G 220 40.96 -14.66 -21.08
C LYS G 220 39.99 -13.56 -21.52
N GLU G 221 40.55 -12.37 -21.78
CA GLU G 221 39.76 -11.23 -22.26
C GLU G 221 39.09 -11.49 -23.59
N VAL G 222 39.84 -12.01 -24.54
CA VAL G 222 39.28 -12.34 -25.85
C VAL G 222 38.08 -13.26 -25.71
N ARG G 223 38.19 -14.32 -24.90
CA ARG G 223 37.05 -15.24 -24.80
C ARG G 223 35.85 -14.70 -24.01
N TYR G 224 36.00 -13.55 -23.35
CA TYR G 224 34.83 -12.83 -22.80
C TYR G 224 33.88 -12.42 -23.93
N ALA G 225 34.40 -12.38 -25.15
CA ALA G 225 33.64 -11.93 -26.30
C ALA G 225 33.11 -13.11 -27.10
N TYR G 226 33.34 -14.31 -26.59
CA TYR G 226 32.83 -15.51 -27.24
C TYR G 226 31.38 -15.77 -26.84
N ARG G 227 30.48 -15.88 -27.80
CA ARG G 227 29.06 -16.09 -27.50
C ARG G 227 28.47 -17.40 -28.03
N GLY G 228 29.00 -17.92 -29.14
CA GLY G 228 28.48 -19.17 -29.68
C GLY G 228 27.40 -18.99 -30.73
N GLY G 229 26.27 -19.65 -30.56
CA GLY G 229 25.22 -19.63 -31.58
C GLY G 229 23.97 -18.89 -31.15
N PHE G 230 23.26 -18.33 -32.13
CA PHE G 230 22.02 -17.61 -31.84
C PHE G 230 20.82 -18.54 -31.77
N THR G 231 20.41 -18.89 -30.55
CA THR G 231 19.22 -19.73 -30.34
C THR G 231 18.17 -18.94 -29.57
N TRP G 232 17.05 -18.67 -30.24
CA TRP G 232 16.00 -17.80 -29.69
C TRP G 232 14.61 -18.22 -30.16
N LEU G 233 13.67 -18.25 -29.23
CA LEU G 233 12.27 -18.50 -29.56
C LEU G 233 11.45 -17.23 -29.41
N ASN G 234 10.61 -16.95 -30.40
CA ASN G 234 9.73 -15.78 -30.36
C ASN G 234 8.61 -16.01 -29.34
N ASP G 235 8.50 -15.11 -28.38
CA ASP G 235 7.48 -15.20 -27.32
C ASP G 235 6.07 -15.44 -27.86
N ARG G 236 5.76 -14.76 -28.96
CA ARG G 236 4.50 -14.91 -29.67
C ARG G 236 4.08 -16.38 -29.81
N PHE G 237 5.05 -17.26 -30.06
CA PHE G 237 4.77 -18.64 -30.45
C PHE G 237 4.96 -19.68 -29.35
N LYS G 238 5.50 -19.26 -28.22
CA LYS G 238 5.76 -20.15 -27.09
C LYS G 238 4.53 -20.94 -26.64
N GLU G 239 4.71 -22.24 -26.50
CA GLU G 239 3.69 -23.17 -25.98
C GLU G 239 2.34 -23.06 -26.69
N LYS G 240 2.38 -22.89 -28.00
CA LYS G 240 1.18 -22.80 -28.82
C LYS G 240 1.29 -23.73 -30.00
N GLU G 241 0.21 -24.46 -30.28
CA GLU G 241 0.14 -25.26 -31.50
C GLU G 241 -0.12 -24.32 -32.66
N ILE G 242 0.82 -24.27 -33.59
CA ILE G 242 0.70 -23.42 -34.77
C ILE G 242 0.44 -24.25 -36.02
N GLY G 243 0.07 -23.56 -37.11
CA GLY G 243 -0.24 -24.23 -38.36
C GLY G 243 0.98 -24.41 -39.24
N GLU G 244 0.83 -24.03 -40.50
CA GLU G 244 1.86 -24.22 -41.51
C GLU G 244 3.06 -23.32 -41.32
N GLY G 245 4.24 -23.88 -41.55
CA GLY G 245 5.50 -23.13 -41.50
C GLY G 245 6.57 -23.86 -42.26
N MET G 246 7.76 -23.26 -42.33
CA MET G 246 8.88 -23.82 -43.09
C MET G 246 10.24 -23.54 -42.44
N VAL G 247 11.24 -24.36 -42.78
CA VAL G 247 12.58 -24.26 -42.21
C VAL G 247 13.64 -23.94 -43.26
N PHE G 248 14.57 -23.05 -42.93
CA PHE G 248 15.70 -22.72 -43.80
C PHE G 248 17.01 -22.98 -43.07
N ASP G 249 17.99 -23.54 -43.80
CA ASP G 249 19.29 -23.92 -43.24
C ASP G 249 20.44 -23.40 -44.07
N VAL G 250 21.42 -22.77 -43.43
CA VAL G 250 22.61 -22.28 -44.13
C VAL G 250 23.49 -23.44 -44.56
N ASN G 251 23.91 -23.42 -45.82
CA ASN G 251 24.84 -24.42 -46.32
C ASN G 251 26.25 -24.18 -45.77
N SER G 252 26.67 -25.06 -44.86
CA SER G 252 27.94 -25.00 -44.14
C SER G 252 28.20 -23.63 -43.52
N LEU G 253 27.41 -23.30 -42.50
CA LEU G 253 27.48 -21.99 -41.85
C LEU G 253 28.90 -21.54 -41.52
N TYR G 254 29.65 -22.36 -40.79
CA TYR G 254 31.00 -21.98 -40.32
C TYR G 254 32.07 -21.94 -41.43
N PRO G 255 32.18 -23.00 -42.25
CA PRO G 255 33.11 -22.85 -43.36
C PRO G 255 32.76 -21.67 -44.30
N ALA G 256 31.47 -21.36 -44.46
CA ALA G 256 31.05 -20.16 -45.19
C ALA G 256 31.64 -18.85 -44.62
N GLN G 257 31.72 -18.75 -43.29
CA GLN G 257 32.30 -17.55 -42.68
C GLN G 257 33.81 -17.54 -42.87
N MET G 258 34.42 -18.72 -42.73
CA MET G 258 35.85 -18.88 -42.84
C MET G 258 36.33 -18.60 -44.25
N TYR G 259 35.44 -18.80 -45.22
CA TYR G 259 35.79 -18.68 -46.62
C TYR G 259 35.86 -17.23 -47.12
N SER G 260 34.97 -16.37 -46.64
CA SER G 260 34.78 -15.08 -47.27
C SER G 260 34.69 -13.87 -46.34
N ARG G 261 34.37 -14.10 -45.07
CA ARG G 261 34.32 -13.00 -44.11
C ARG G 261 35.71 -12.52 -43.72
N LEU G 262 35.76 -11.28 -43.24
CA LEU G 262 36.98 -10.65 -42.78
C LEU G 262 37.31 -11.16 -41.39
N LEU G 263 38.49 -11.74 -41.22
CA LEU G 263 38.85 -12.40 -39.97
C LEU G 263 40.21 -11.95 -39.40
N PRO G 264 40.38 -12.01 -38.07
CA PRO G 264 41.57 -11.52 -37.40
C PRO G 264 42.79 -12.44 -37.53
N TYR G 265 43.98 -11.85 -37.54
CA TYR G 265 45.22 -12.61 -37.49
C TYR G 265 46.31 -11.78 -36.83
N GLY G 266 47.42 -12.43 -36.49
CA GLY G 266 48.58 -11.77 -35.91
C GLY G 266 48.41 -11.28 -34.49
N GLU G 267 49.43 -10.59 -34.00
CA GLU G 267 49.45 -10.04 -32.65
C GLU G 267 48.44 -8.88 -32.50
N PRO G 268 47.56 -8.95 -31.49
CA PRO G 268 46.59 -7.88 -31.27
C PRO G 268 47.22 -6.65 -30.63
N ILE G 269 46.53 -5.52 -30.70
CA ILE G 269 46.98 -4.29 -30.04
C ILE G 269 45.96 -3.82 -29.01
N VAL G 270 46.40 -3.69 -27.76
CA VAL G 270 45.56 -3.21 -26.67
C VAL G 270 45.37 -1.69 -26.72
N PHE G 271 44.13 -1.23 -26.56
CA PHE G 271 43.87 0.21 -26.43
C PHE G 271 42.99 0.57 -25.23
N GLU G 272 43.09 1.84 -24.83
CA GLU G 272 42.24 2.41 -23.78
C GLU G 272 41.04 3.12 -24.41
N GLY G 273 39.93 3.14 -23.66
CA GLY G 273 38.74 3.87 -24.06
C GLY G 273 38.15 3.31 -25.33
N LYS G 274 37.55 4.19 -26.11
CA LYS G 274 36.85 3.84 -27.34
C LYS G 274 37.80 3.59 -28.49
N TYR G 275 37.48 2.59 -29.30
CA TYR G 275 38.19 2.31 -30.55
C TYR G 275 37.99 3.44 -31.57
N VAL G 276 39.09 3.84 -32.21
CA VAL G 276 39.03 4.70 -33.40
C VAL G 276 39.44 3.89 -34.61
N TRP G 277 38.67 4.00 -35.68
CA TRP G 277 38.89 3.27 -36.92
C TRP G 277 40.35 3.31 -37.38
N ASP G 278 40.91 2.14 -37.63
CA ASP G 278 42.29 2.01 -38.07
C ASP G 278 42.30 1.00 -39.21
N GLU G 279 42.60 1.45 -40.43
CA GLU G 279 42.44 0.58 -41.60
C GLU G 279 43.37 -0.63 -41.56
N ASP G 280 44.50 -0.51 -40.86
CA ASP G 280 45.44 -1.62 -40.72
C ASP G 280 45.01 -2.60 -39.63
N TYR G 281 44.15 -2.13 -38.72
CA TYR G 281 43.56 -2.96 -37.68
C TYR G 281 42.05 -2.76 -37.64
N PRO G 282 41.33 -3.26 -38.67
CA PRO G 282 39.91 -2.95 -38.84
C PRO G 282 38.93 -3.80 -38.04
N LEU G 283 39.41 -4.83 -37.36
CA LEU G 283 38.55 -5.60 -36.47
C LEU G 283 38.94 -5.30 -35.03
N HIS G 284 37.98 -5.37 -34.11
CA HIS G 284 38.25 -5.10 -32.71
C HIS G 284 37.23 -5.70 -31.75
N ILE G 285 37.66 -5.89 -30.50
CA ILE G 285 36.78 -6.23 -29.41
C ILE G 285 36.77 -5.05 -28.45
N GLN G 286 35.58 -4.57 -28.11
CA GLN G 286 35.45 -3.43 -27.22
C GLN G 286 34.78 -3.85 -25.92
N HIS G 287 35.45 -3.58 -24.81
CA HIS G 287 34.84 -3.72 -23.49
C HIS G 287 34.09 -2.44 -23.18
N ILE G 288 32.82 -2.61 -22.80
CA ILE G 288 31.87 -1.51 -22.71
C ILE G 288 30.95 -1.74 -21.50
N ARG G 289 30.62 -0.66 -20.80
CA ARG G 289 29.56 -0.68 -19.81
C ARG G 289 28.42 0.18 -20.33
N CYS G 290 27.18 -0.22 -20.04
CA CYS G 290 26.04 0.57 -20.48
C CYS G 290 24.68 0.04 -20.07
N GLU G 291 23.66 0.78 -20.49
CA GLU G 291 22.28 0.38 -20.35
C GLU G 291 21.63 0.34 -21.73
N PHE G 292 20.60 -0.48 -21.88
CA PHE G 292 19.98 -0.62 -23.18
C PHE G 292 18.49 -0.91 -23.09
N GLU G 293 17.81 -0.59 -24.20
CA GLU G 293 16.43 -0.95 -24.41
C GLU G 293 16.32 -1.46 -25.83
N LEU G 294 15.67 -2.59 -26.01
CA LEU G 294 15.41 -3.13 -27.34
C LEU G 294 14.50 -2.17 -28.09
N LYS G 295 14.83 -1.92 -29.35
CA LYS G 295 14.00 -1.08 -30.22
C LYS G 295 12.77 -1.85 -30.63
N GLU G 296 11.66 -1.16 -30.86
CA GLU G 296 10.41 -1.81 -31.23
C GLU G 296 10.51 -2.50 -32.59
N GLY G 297 9.95 -3.70 -32.67
CA GLY G 297 9.94 -4.48 -33.91
C GLY G 297 11.27 -5.13 -34.27
N TYR G 298 12.20 -5.17 -33.31
CA TYR G 298 13.50 -5.81 -33.50
C TYR G 298 13.70 -7.04 -32.62
N ILE G 299 14.58 -7.93 -33.07
CA ILE G 299 14.90 -9.16 -32.34
C ILE G 299 15.95 -8.88 -31.24
N PRO G 300 15.78 -9.47 -30.04
CA PRO G 300 16.79 -9.31 -28.99
C PRO G 300 18.08 -10.04 -29.34
N THR G 301 19.21 -9.47 -28.91
CA THR G 301 20.51 -9.89 -29.42
C THR G 301 21.53 -10.13 -28.32
N ILE G 302 21.40 -9.38 -27.23
CA ILE G 302 22.37 -9.42 -26.14
C ILE G 302 22.05 -10.49 -25.11
N GLN G 303 23.08 -11.22 -24.71
CA GLN G 303 22.98 -12.21 -23.66
C GLN G 303 24.13 -11.96 -22.70
N ILE G 304 23.82 -11.68 -21.45
CA ILE G 304 24.83 -11.37 -20.45
C ILE G 304 25.09 -12.59 -19.57
N LYS G 305 26.35 -13.00 -19.54
CA LYS G 305 26.71 -14.34 -19.05
C LYS G 305 27.05 -14.40 -17.57
N ARG G 306 27.98 -13.54 -17.15
CA ARG G 306 28.64 -13.72 -15.85
C ARG G 306 28.22 -12.66 -14.83
N SER G 307 26.95 -12.27 -14.87
CA SER G 307 26.47 -11.18 -14.03
C SER G 307 25.63 -11.64 -12.84
N ARG G 308 25.63 -10.82 -11.80
CA ARG G 308 24.83 -11.05 -10.60
C ARG G 308 23.35 -10.81 -10.88
N PHE G 309 23.06 -9.92 -11.83
CA PHE G 309 21.68 -9.47 -12.09
C PHE G 309 20.96 -10.26 -13.16
N TYR G 310 21.68 -10.72 -14.18
CA TYR G 310 21.01 -11.24 -15.37
C TYR G 310 20.86 -12.77 -15.42
N LYS G 311 19.89 -13.21 -16.22
CA LYS G 311 19.72 -14.61 -16.59
C LYS G 311 20.55 -14.84 -17.84
N GLY G 312 21.44 -15.82 -17.78
CA GLY G 312 22.39 -16.08 -18.87
C GLY G 312 21.78 -16.69 -20.12
N ASN G 313 20.65 -17.38 -19.94
CA ASN G 313 20.03 -18.15 -21.02
C ASN G 313 19.21 -17.37 -22.04
N GLU G 314 18.84 -16.15 -21.70
CA GLU G 314 17.86 -15.41 -22.48
C GLU G 314 18.41 -14.13 -23.09
N TYR G 315 17.94 -13.82 -24.28
CA TYR G 315 18.28 -12.58 -24.94
C TYR G 315 17.40 -11.48 -24.34
N LEU G 316 18.02 -10.36 -24.02
CA LEU G 316 17.41 -9.38 -23.14
C LEU G 316 16.76 -8.21 -23.87
N LYS G 317 15.52 -7.90 -23.51
CA LYS G 317 14.89 -6.70 -24.05
C LYS G 317 15.37 -5.43 -23.35
N SER G 318 15.89 -5.57 -22.13
CA SER G 318 16.29 -4.41 -21.31
C SER G 318 17.48 -4.67 -20.38
N SER G 319 18.04 -3.60 -19.82
CA SER G 319 19.08 -3.65 -18.77
C SER G 319 18.50 -3.89 -17.38
N GLY G 320 17.21 -3.63 -17.24
CA GLY G 320 16.51 -3.86 -15.98
C GLY G 320 16.91 -2.92 -14.86
N GLY G 321 17.50 -1.79 -15.23
CA GLY G 321 17.91 -0.78 -14.25
C GLY G 321 19.24 -1.04 -13.56
N GLU G 322 19.97 -2.04 -14.06
CA GLU G 322 21.35 -2.22 -13.68
C GLU G 322 22.21 -2.00 -14.92
N ILE G 323 23.52 -1.90 -14.74
CA ILE G 323 24.44 -1.61 -15.84
C ILE G 323 25.05 -2.88 -16.40
N ALA G 324 24.95 -3.05 -17.71
CA ALA G 324 25.53 -4.20 -18.40
C ALA G 324 27.02 -4.01 -18.62
N ASP G 325 27.76 -5.10 -18.49
CA ASP G 325 29.20 -5.10 -18.64
C ASP G 325 29.57 -6.16 -19.69
N LEU G 326 29.81 -5.71 -20.92
CA LEU G 326 29.96 -6.61 -22.06
C LEU G 326 31.28 -6.44 -22.81
N TRP G 327 31.84 -7.56 -23.27
CA TRP G 327 32.96 -7.54 -24.23
C TRP G 327 32.47 -7.98 -25.61
N LEU G 328 32.46 -7.06 -26.57
CA LEU G 328 31.88 -7.33 -27.90
C LEU G 328 32.86 -7.20 -29.04
N SER G 329 32.76 -8.12 -29.99
CA SER G 329 33.39 -7.94 -31.29
C SER G 329 32.68 -6.80 -32.02
N ASN G 330 33.35 -6.17 -32.98
CA ASN G 330 32.73 -5.07 -33.72
C ASN G 330 31.50 -5.52 -34.49
N VAL G 331 31.55 -6.75 -35.01
CA VAL G 331 30.39 -7.36 -35.64
C VAL G 331 29.21 -7.36 -34.66
N ASP G 332 29.44 -7.85 -33.45
CA ASP G 332 28.40 -7.87 -32.43
C ASP G 332 27.90 -6.47 -32.11
N LEU G 333 28.84 -5.55 -31.89
CA LEU G 333 28.56 -4.19 -31.42
C LEU G 333 27.70 -3.39 -32.41
N GLU G 334 28.01 -3.55 -33.69
CA GLU G 334 27.29 -2.83 -34.75
C GLU G 334 25.85 -3.31 -34.83
N LEU G 335 25.68 -4.60 -34.63
CA LEU G 335 24.38 -5.25 -34.64
C LEU G 335 23.57 -4.83 -33.41
N MET G 336 24.26 -4.69 -32.27
CA MET G 336 23.61 -4.25 -31.04
C MET G 336 23.03 -2.86 -31.20
N LYS G 337 23.83 -1.95 -31.76
CA LYS G 337 23.45 -0.55 -31.95
C LYS G 337 22.23 -0.40 -32.85
N GLU G 338 22.06 -1.37 -33.75
CA GLU G 338 20.95 -1.35 -34.68
C GLU G 338 19.68 -1.87 -34.04
N HIS G 339 19.81 -2.80 -33.10
CA HIS G 339 18.65 -3.43 -32.46
C HIS G 339 18.25 -2.75 -31.15
N TYR G 340 19.15 -1.96 -30.57
CA TYR G 340 18.95 -1.43 -29.23
C TYR G 340 19.10 0.07 -29.15
N ASP G 341 18.40 0.67 -28.18
CA ASP G 341 18.69 2.02 -27.72
C ASP G 341 19.74 1.91 -26.64
N LEU G 342 20.93 2.45 -26.89
CA LEU G 342 21.96 2.45 -25.84
C LEU G 342 21.90 3.71 -24.98
N TYR G 343 22.14 3.55 -23.69
CA TYR G 343 22.18 4.68 -22.76
C TYR G 343 23.45 4.61 -21.91
N ASN G 344 23.98 5.78 -21.57
CA ASN G 344 25.14 5.90 -20.68
C ASN G 344 26.26 4.94 -21.02
N VAL G 345 26.67 4.94 -22.29
CA VAL G 345 27.71 4.05 -22.76
C VAL G 345 29.06 4.50 -22.20
N GLU G 346 29.80 3.55 -21.65
CA GLU G 346 31.12 3.81 -21.14
C GLU G 346 32.05 2.86 -21.89
N TYR G 347 33.02 3.43 -22.60
CA TYR G 347 34.02 2.64 -23.33
C TYR G 347 35.29 2.48 -22.50
N ILE G 348 35.53 1.28 -21.98
CA ILE G 348 36.64 1.07 -21.05
C ILE G 348 37.97 0.81 -21.76
N SER G 349 38.00 -0.17 -22.66
CA SER G 349 39.22 -0.60 -23.34
C SER G 349 38.89 -1.62 -24.42
N GLY G 350 39.90 -2.07 -25.15
CA GLY G 350 39.66 -3.03 -26.21
C GLY G 350 40.90 -3.71 -26.77
N LEU G 351 40.69 -4.42 -27.87
CA LEU G 351 41.76 -5.08 -28.61
C LEU G 351 41.47 -4.93 -30.11
N LYS G 352 42.46 -4.44 -30.88
CA LYS G 352 42.31 -4.41 -32.33
C LYS G 352 43.21 -5.41 -33.03
N PHE G 353 42.76 -5.90 -34.19
CA PHE G 353 43.46 -6.94 -34.95
C PHE G 353 43.63 -6.58 -36.44
N LYS G 354 44.77 -7.00 -37.01
CA LYS G 354 44.92 -7.02 -38.45
C LYS G 354 43.89 -8.04 -38.92
N ALA G 355 43.40 -7.86 -40.14
CA ALA G 355 42.34 -8.71 -40.67
C ALA G 355 42.57 -9.07 -42.12
N THR G 356 42.08 -10.24 -42.53
CA THR G 356 42.21 -10.70 -43.91
C THR G 356 41.04 -11.64 -44.27
N THR G 357 40.83 -11.86 -45.57
CA THR G 357 39.78 -12.79 -46.02
C THR G 357 40.33 -14.01 -46.76
N GLY G 358 41.64 -14.06 -46.94
CA GLY G 358 42.26 -15.16 -47.69
C GLY G 358 42.59 -16.43 -46.93
N LEU G 359 42.61 -16.35 -45.60
CA LEU G 359 43.23 -17.37 -44.75
C LEU G 359 42.84 -18.83 -44.99
N PHE G 360 41.59 -19.07 -45.35
CA PHE G 360 41.07 -20.44 -45.41
C PHE G 360 40.72 -20.92 -46.81
N LYS G 361 40.82 -20.05 -47.82
CA LYS G 361 40.36 -20.38 -49.17
C LYS G 361 41.01 -21.65 -49.74
N ASP G 362 42.34 -21.73 -49.65
CA ASP G 362 43.07 -22.89 -50.14
C ASP G 362 42.55 -24.19 -49.53
N PHE G 363 42.45 -24.22 -48.21
CA PHE G 363 42.01 -25.42 -47.48
C PHE G 363 40.60 -25.83 -47.82
N ILE G 364 39.69 -24.86 -47.90
CA ILE G 364 38.30 -25.13 -48.23
C ILE G 364 38.18 -25.58 -49.68
N ASP G 365 38.89 -24.90 -50.58
CA ASP G 365 38.87 -25.26 -52.00
C ASP G 365 39.28 -26.71 -52.23
N LYS G 366 40.42 -27.10 -51.67
CA LYS G 366 40.94 -28.46 -51.79
C LYS G 366 39.89 -29.49 -51.40
N TRP G 367 39.26 -29.31 -50.25
CA TRP G 367 38.36 -30.32 -49.72
C TRP G 367 36.94 -30.24 -50.26
N THR G 368 36.51 -29.04 -50.65
CA THR G 368 35.23 -28.88 -51.36
C THR G 368 35.31 -29.56 -52.71
N TYR G 369 36.45 -29.42 -53.37
CA TYR G 369 36.72 -30.09 -54.64
C TYR G 369 36.54 -31.59 -54.46
N ILE G 370 37.37 -32.19 -53.59
CA ILE G 370 37.29 -33.62 -53.29
C ILE G 370 35.85 -34.04 -52.94
N LYS G 371 35.15 -33.21 -52.16
CA LYS G 371 33.76 -33.49 -51.79
C LYS G 371 32.87 -33.70 -53.01
N THR G 372 32.88 -32.74 -53.92
CA THR G 372 31.98 -32.77 -55.08
C THR G 372 32.46 -33.72 -56.19
N THR G 373 33.77 -33.99 -56.21
CA THR G 373 34.43 -34.82 -57.20
C THR G 373 34.34 -36.31 -56.87
N SER G 374 34.03 -36.63 -55.62
CA SER G 374 34.02 -38.01 -55.19
C SER G 374 32.70 -38.42 -54.56
N GLU G 375 32.62 -39.71 -54.20
CA GLU G 375 31.43 -40.27 -53.56
C GLU G 375 31.86 -41.24 -52.46
N GLY G 376 30.90 -41.63 -51.61
CA GLY G 376 31.14 -42.63 -50.57
C GLY G 376 32.09 -42.17 -49.49
N ALA G 377 33.02 -43.05 -49.12
CA ALA G 377 33.96 -42.80 -48.04
C ALA G 377 34.69 -41.46 -48.22
N ILE G 378 35.33 -41.28 -49.38
CA ILE G 378 36.12 -40.08 -49.64
C ILE G 378 35.27 -38.82 -49.42
N LYS G 379 34.04 -38.86 -49.92
CA LYS G 379 33.11 -37.74 -49.75
C LYS G 379 32.81 -37.45 -48.28
N GLN G 380 32.60 -38.50 -47.48
CA GLN G 380 32.36 -38.33 -46.04
C GLN G 380 33.58 -37.77 -45.32
N LEU G 381 34.77 -38.21 -45.71
CA LEU G 381 36.02 -37.71 -45.14
C LEU G 381 36.29 -36.27 -45.53
N ALA G 382 35.96 -35.90 -46.77
CA ALA G 382 36.10 -34.51 -47.20
C ALA G 382 35.19 -33.60 -46.37
N LYS G 383 33.97 -34.08 -46.11
CA LYS G 383 33.04 -33.38 -45.22
C LYS G 383 33.64 -33.22 -43.82
N LEU G 384 34.09 -34.32 -43.23
CA LEU G 384 34.76 -34.30 -41.92
C LEU G 384 35.83 -33.23 -41.86
N MET G 385 36.69 -33.20 -42.87
CA MET G 385 37.77 -32.23 -42.93
C MET G 385 37.26 -30.79 -42.93
N LEU G 386 36.20 -30.54 -43.68
CA LEU G 386 35.67 -29.18 -43.75
C LEU G 386 34.96 -28.76 -42.47
N ASN G 387 34.34 -29.72 -41.79
CA ASN G 387 33.51 -29.39 -40.64
C ASN G 387 34.23 -29.47 -39.31
N SER G 388 35.39 -30.10 -39.29
CA SER G 388 36.10 -30.32 -38.04
C SER G 388 37.14 -29.25 -37.69
N LEU G 389 37.46 -28.40 -38.66
CA LEU G 389 38.50 -27.38 -38.48
C LEU G 389 38.05 -26.30 -37.50
N TYR G 390 36.89 -25.68 -37.76
CA TYR G 390 36.40 -24.61 -36.91
C TYR G 390 36.59 -24.89 -35.41
N GLY G 391 36.08 -26.02 -34.95
CA GLY G 391 36.12 -26.39 -33.53
C GLY G 391 37.46 -26.17 -32.86
N LYS G 392 38.54 -26.40 -33.61
CA LYS G 392 39.90 -26.29 -33.09
C LYS G 392 40.31 -24.88 -32.66
N PHE G 393 39.78 -23.86 -33.32
CA PHE G 393 40.03 -22.47 -32.95
C PHE G 393 39.22 -22.02 -31.74
N ALA G 394 38.13 -22.73 -31.46
CA ALA G 394 37.17 -22.28 -30.47
C ALA G 394 37.07 -23.18 -29.25
N SER G 395 38.19 -23.42 -28.58
CA SER G 395 38.16 -24.21 -27.35
C SER G 395 38.99 -23.59 -26.22
N ASN G 396 38.64 -23.95 -24.98
CA ASN G 396 39.30 -23.40 -23.80
C ASN G 396 40.60 -24.13 -23.47
N PRO G 397 41.45 -23.54 -22.62
CA PRO G 397 42.75 -24.14 -22.37
C PRO G 397 42.75 -25.21 -21.27
N ASP G 398 41.59 -25.49 -20.68
CA ASP G 398 41.46 -26.48 -19.61
C ASP G 398 41.43 -27.90 -20.17
N VAL G 399 42.41 -28.69 -19.77
CA VAL G 399 42.52 -30.09 -20.20
C VAL G 399 42.60 -31.03 -18.99
N THR G 400 42.09 -30.56 -17.85
CA THR G 400 42.06 -31.35 -16.62
C THR G 400 41.38 -32.68 -16.90
N GLY G 401 42.02 -33.77 -16.47
CA GLY G 401 41.50 -35.10 -16.73
C GLY G 401 40.95 -35.74 -15.49
N LYS G 402 40.23 -36.85 -15.68
CA LYS G 402 39.78 -37.70 -14.57
C LYS G 402 40.73 -38.87 -14.42
N VAL G 403 40.94 -39.28 -13.19
CA VAL G 403 41.90 -40.35 -12.88
C VAL G 403 41.14 -41.54 -12.29
N PRO G 404 41.25 -42.71 -12.95
CA PRO G 404 40.54 -43.90 -12.51
C PRO G 404 41.23 -44.59 -11.34
N TYR G 405 40.43 -45.15 -10.44
CA TYR G 405 40.95 -46.00 -9.38
C TYR G 405 39.95 -47.13 -9.17
N LEU G 406 40.42 -48.23 -8.59
CA LEU G 406 39.54 -49.34 -8.28
C LEU G 406 38.82 -49.07 -6.96
N LYS G 407 37.50 -49.06 -7.02
CA LYS G 407 36.66 -48.68 -5.90
C LYS G 407 36.66 -49.78 -4.86
N GLU G 408 36.18 -49.45 -3.66
CA GLU G 408 36.18 -50.36 -2.50
C GLU G 408 35.52 -51.71 -2.85
N ASN G 409 34.33 -51.64 -3.43
CA ASN G 409 33.54 -52.83 -3.76
C ASN G 409 33.79 -53.44 -5.14
N GLY G 410 34.87 -53.01 -5.79
CA GLY G 410 35.34 -53.67 -7.02
C GLY G 410 34.90 -53.05 -8.34
N ALA G 411 34.14 -51.97 -8.27
CA ALA G 411 33.75 -51.22 -9.47
C ALA G 411 34.77 -50.11 -9.73
N LEU G 412 34.55 -49.34 -10.79
CA LEU G 412 35.47 -48.26 -11.13
C LEU G 412 35.04 -46.92 -10.56
N GLY G 413 36.02 -46.20 -10.03
CA GLY G 413 35.81 -44.83 -9.55
C GLY G 413 36.68 -43.87 -10.32
N PHE G 414 36.28 -42.61 -10.32
CA PHE G 414 37.05 -41.54 -10.98
C PHE G 414 37.19 -40.31 -10.07
N ARG G 415 38.41 -39.82 -9.94
CA ARG G 415 38.67 -38.57 -9.23
C ARG G 415 39.24 -37.57 -10.22
N LEU G 416 38.81 -36.31 -10.13
CA LEU G 416 39.37 -35.23 -10.92
C LEU G 416 40.87 -35.12 -10.60
N GLY G 417 41.69 -35.02 -11.64
CA GLY G 417 43.14 -34.99 -11.46
C GLY G 417 43.69 -33.58 -11.28
N GLU G 418 44.99 -33.44 -11.52
CA GLU G 418 45.66 -32.15 -11.41
C GLU G 418 45.12 -31.14 -12.42
N GLU G 419 45.03 -29.88 -12.01
CA GLU G 419 44.72 -28.76 -12.90
C GLU G 419 45.73 -28.77 -14.05
N GLU G 420 45.25 -28.65 -15.28
CA GLU G 420 46.13 -28.74 -16.45
C GLU G 420 45.69 -27.84 -17.61
N THR G 421 46.66 -27.17 -18.23
CA THR G 421 46.37 -26.20 -19.30
C THR G 421 47.13 -26.44 -20.60
N LYS G 422 46.40 -26.31 -21.71
CA LYS G 422 46.96 -26.38 -23.05
C LYS G 422 46.92 -24.99 -23.70
N ASP G 423 47.98 -24.64 -24.42
CA ASP G 423 48.00 -23.43 -25.24
C ASP G 423 46.79 -23.43 -26.18
N PRO G 424 46.10 -22.26 -26.29
CA PRO G 424 45.00 -22.17 -27.25
C PRO G 424 45.57 -22.00 -28.64
N VAL G 425 44.79 -22.29 -29.67
CA VAL G 425 45.28 -22.13 -31.04
C VAL G 425 45.36 -20.64 -31.40
N TYR G 426 44.22 -19.97 -31.39
CA TYR G 426 44.11 -18.52 -31.65
C TYR G 426 42.65 -18.12 -31.46
N THR G 427 42.30 -17.67 -30.26
CA THR G 427 40.89 -17.44 -29.92
C THR G 427 40.17 -16.31 -30.65
N PRO G 428 40.88 -15.22 -31.02
CA PRO G 428 40.19 -14.18 -31.78
C PRO G 428 39.45 -14.77 -32.99
N MET G 429 40.09 -15.74 -33.64
CA MET G 429 39.50 -16.45 -34.78
C MET G 429 38.19 -17.14 -34.38
N GLY G 430 38.24 -17.87 -33.26
CA GLY G 430 37.03 -18.45 -32.69
C GLY G 430 35.94 -17.40 -32.56
N VAL G 431 36.23 -16.33 -31.81
CA VAL G 431 35.27 -15.25 -31.53
C VAL G 431 34.61 -14.71 -32.80
N PHE G 432 35.41 -14.39 -33.81
CA PHE G 432 34.89 -13.75 -35.01
C PHE G 432 34.16 -14.69 -35.98
N ILE G 433 34.58 -15.94 -36.08
CA ILE G 433 33.85 -16.89 -36.92
C ILE G 433 32.42 -17.03 -36.40
N THR G 434 32.27 -17.25 -35.10
CA THR G 434 30.95 -17.32 -34.49
C THR G 434 30.16 -16.00 -34.57
N ALA G 435 30.87 -14.87 -34.52
CA ALA G 435 30.22 -13.56 -34.59
C ALA G 435 29.58 -13.34 -35.96
N TRP G 436 30.35 -13.60 -37.01
CA TRP G 436 29.84 -13.51 -38.36
C TRP G 436 28.68 -14.48 -38.60
N ALA G 437 28.80 -15.70 -38.09
CA ALA G 437 27.73 -16.67 -38.18
C ALA G 437 26.43 -16.15 -37.54
N ARG G 438 26.54 -15.54 -36.36
CA ARG G 438 25.38 -14.93 -35.71
C ARG G 438 24.81 -13.84 -36.60
N TYR G 439 25.69 -12.99 -37.11
CA TYR G 439 25.30 -11.93 -38.03
C TYR G 439 24.48 -12.47 -39.21
N THR G 440 24.99 -13.52 -39.83
CA THR G 440 24.28 -14.18 -40.92
C THR G 440 22.85 -14.50 -40.51
N THR G 441 22.71 -15.19 -39.38
CA THR G 441 21.42 -15.72 -38.96
C THR G 441 20.45 -14.66 -38.44
N ILE G 442 20.91 -13.82 -37.52
CA ILE G 442 20.09 -12.73 -36.98
C ILE G 442 19.59 -11.80 -38.10
N THR G 443 20.49 -11.47 -39.02
CA THR G 443 20.19 -10.62 -40.17
C THR G 443 19.01 -11.14 -40.98
N ALA G 444 19.05 -12.41 -41.34
CA ALA G 444 17.98 -13.01 -42.13
C ALA G 444 16.68 -13.10 -41.31
N ALA G 445 16.82 -13.53 -40.06
CA ALA G 445 15.69 -13.61 -39.13
C ALA G 445 15.00 -12.26 -38.98
N GLN G 446 15.80 -11.20 -38.89
CA GLN G 446 15.30 -9.85 -38.70
C GLN G 446 14.56 -9.36 -39.95
N ALA G 447 15.09 -9.70 -41.12
CA ALA G 447 14.44 -9.42 -42.39
C ALA G 447 13.07 -10.12 -42.48
N CYS G 448 12.90 -11.17 -41.69
CA CYS G 448 11.69 -11.98 -41.68
C CYS G 448 10.90 -11.80 -40.37
N TYR G 449 11.04 -10.62 -39.77
CA TYR G 449 10.53 -10.37 -38.42
C TYR G 449 9.05 -10.70 -38.23
N ASP G 450 8.26 -10.43 -39.25
CA ASP G 450 6.81 -10.61 -39.20
C ASP G 450 6.38 -12.08 -39.22
N ARG G 451 7.32 -12.97 -39.57
CA ARG G 451 7.02 -14.41 -39.67
C ARG G 451 7.96 -15.31 -38.83
N ILE G 452 8.93 -14.71 -38.15
CA ILE G 452 9.95 -15.48 -37.45
C ILE G 452 9.40 -16.16 -36.19
N ILE G 453 9.67 -17.46 -36.09
CA ILE G 453 9.22 -18.29 -34.98
C ILE G 453 10.40 -18.67 -34.10
N TYR G 454 11.49 -19.09 -34.75
CA TYR G 454 12.60 -19.71 -34.05
C TYR G 454 13.90 -19.60 -34.84
N CYS G 455 15.00 -19.40 -34.14
CA CYS G 455 16.34 -19.53 -34.71
C CYS G 455 17.13 -20.53 -33.91
N ASP G 456 17.95 -21.33 -34.61
CA ASP G 456 18.96 -22.15 -33.93
C ASP G 456 20.25 -22.22 -34.75
N THR G 457 21.17 -21.33 -34.40
CA THR G 457 22.51 -21.24 -34.99
C THR G 457 22.56 -20.99 -36.51
N ASP G 458 22.20 -22.01 -37.29
CA ASP G 458 22.23 -21.88 -38.74
C ASP G 458 20.87 -22.11 -39.40
N SER G 459 19.82 -22.20 -38.58
CA SER G 459 18.48 -22.43 -39.11
C SER G 459 17.48 -21.37 -38.64
N ILE G 460 16.50 -21.14 -39.51
CA ILE G 460 15.44 -20.18 -39.29
C ILE G 460 14.13 -20.93 -39.49
N HIS G 461 13.17 -20.75 -38.57
CA HIS G 461 11.86 -21.37 -38.70
C HIS G 461 10.82 -20.26 -38.90
N LEU G 462 10.03 -20.36 -39.98
CA LEU G 462 9.10 -19.29 -40.34
C LEU G 462 7.65 -19.75 -40.47
N THR G 463 6.75 -18.81 -40.21
CA THR G 463 5.32 -18.94 -40.47
C THR G 463 5.11 -18.94 -41.98
N GLY G 464 4.12 -19.71 -42.44
CA GLY G 464 3.74 -19.71 -43.85
C GLY G 464 4.53 -20.70 -44.67
N THR G 465 4.18 -20.83 -45.96
CA THR G 465 4.85 -21.80 -46.81
C THR G 465 5.50 -21.20 -48.07
N GLU G 466 5.33 -19.88 -48.26
CA GLU G 466 5.98 -19.17 -49.37
C GLU G 466 7.34 -18.62 -48.95
N ILE G 467 8.34 -18.70 -49.83
CA ILE G 467 9.66 -18.13 -49.55
C ILE G 467 9.57 -16.60 -49.62
N PRO G 468 9.94 -15.92 -48.53
CA PRO G 468 9.87 -14.46 -48.45
C PRO G 468 10.77 -13.78 -49.49
N ASP G 469 10.22 -12.80 -50.20
CA ASP G 469 10.96 -12.06 -51.22
C ASP G 469 12.30 -11.55 -50.71
N VAL G 470 12.26 -10.95 -49.52
CA VAL G 470 13.44 -10.34 -48.91
C VAL G 470 14.65 -11.28 -48.83
N ILE G 471 14.42 -12.59 -48.87
CA ILE G 471 15.53 -13.55 -48.85
C ILE G 471 15.61 -14.45 -50.10
N LYS G 472 14.66 -14.31 -51.01
CA LYS G 472 14.70 -15.07 -52.26
C LYS G 472 16.07 -15.05 -52.92
N ASP G 473 16.68 -13.86 -53.01
CA ASP G 473 17.99 -13.69 -53.63
C ASP G 473 19.13 -14.48 -52.96
N ILE G 474 18.96 -14.86 -51.70
CA ILE G 474 20.01 -15.57 -50.95
C ILE G 474 19.62 -17.01 -50.58
N VAL G 475 18.58 -17.52 -51.24
CA VAL G 475 18.15 -18.92 -51.06
C VAL G 475 18.67 -19.78 -52.20
N ASP G 476 19.31 -20.88 -51.84
CA ASP G 476 19.88 -21.81 -52.80
C ASP G 476 20.00 -23.19 -52.17
N PRO G 477 19.58 -24.25 -52.89
CA PRO G 477 19.74 -25.63 -52.46
C PRO G 477 21.18 -26.03 -52.11
N LYS G 478 22.18 -25.51 -52.83
CA LYS G 478 23.55 -26.00 -52.69
C LYS G 478 24.61 -24.96 -52.32
N LYS G 479 24.56 -23.77 -52.92
CA LYS G 479 25.65 -22.79 -52.78
C LYS G 479 26.07 -22.55 -51.32
N LEU G 480 27.39 -22.60 -51.10
CA LEU G 480 28.00 -22.32 -49.79
C LEU G 480 27.59 -20.95 -49.24
N GLY G 481 27.14 -20.93 -47.99
CA GLY G 481 26.78 -19.68 -47.33
C GLY G 481 25.34 -19.23 -47.49
N TYR G 482 24.69 -19.77 -48.51
CA TYR G 482 23.29 -19.47 -48.80
C TYR G 482 22.31 -20.22 -47.91
N TRP G 483 21.06 -19.76 -47.89
CA TRP G 483 19.99 -20.43 -47.17
C TRP G 483 19.33 -21.45 -48.06
N ALA G 484 19.16 -22.67 -47.54
CA ALA G 484 18.45 -23.70 -48.27
C ALA G 484 17.08 -23.92 -47.65
N HIS G 485 16.07 -24.06 -48.49
CA HIS G 485 14.74 -24.43 -48.02
C HIS G 485 14.80 -25.90 -47.61
N GLU G 486 14.82 -26.12 -46.31
CA GLU G 486 15.10 -27.42 -45.72
C GLU G 486 13.85 -28.29 -45.65
N SER G 487 12.78 -27.78 -45.05
CA SER G 487 11.54 -28.54 -44.87
C SER G 487 10.32 -27.64 -44.71
N THR G 488 9.14 -28.23 -44.85
CA THR G 488 7.89 -27.52 -44.65
C THR G 488 7.01 -28.36 -43.73
N PHE G 489 6.54 -27.75 -42.64
CA PHE G 489 5.69 -28.48 -41.69
C PHE G 489 4.23 -28.02 -41.71
N LYS G 490 3.34 -28.99 -41.44
CA LYS G 490 1.90 -28.79 -41.40
C LYS G 490 1.50 -28.14 -40.08
N ARG G 491 2.10 -28.62 -38.99
CA ARG G 491 1.88 -28.06 -37.66
C ARG G 491 3.10 -28.26 -36.77
N ALA G 492 3.23 -27.40 -35.76
CA ALA G 492 4.35 -27.45 -34.83
C ALA G 492 3.96 -26.93 -33.45
N LYS G 493 4.77 -27.27 -32.46
CA LYS G 493 4.61 -26.74 -31.09
C LYS G 493 5.99 -26.57 -30.45
N TYR G 494 6.28 -25.34 -30.02
CA TYR G 494 7.57 -25.01 -29.41
C TYR G 494 7.40 -24.71 -27.93
N LEU G 495 8.07 -25.47 -27.07
CA LEU G 495 7.99 -25.27 -25.63
C LEU G 495 8.99 -24.22 -25.15
N ARG G 496 10.18 -24.25 -25.74
CA ARG G 496 11.26 -23.30 -25.47
C ARG G 496 12.42 -23.59 -26.42
N GLN G 497 13.55 -22.89 -26.24
CA GLN G 497 14.76 -23.15 -27.03
C GLN G 497 15.06 -24.64 -27.11
N LYS G 498 15.38 -25.11 -28.31
CA LYS G 498 15.81 -26.49 -28.57
C LYS G 498 14.81 -27.54 -28.13
N THR G 499 13.56 -27.13 -27.87
CA THR G 499 12.52 -28.04 -27.40
C THR G 499 11.22 -27.83 -28.18
N TYR G 500 10.99 -28.69 -29.17
CA TYR G 500 9.86 -28.52 -30.07
C TYR G 500 9.54 -29.80 -30.86
N ILE G 501 8.36 -29.82 -31.47
CA ILE G 501 7.92 -30.93 -32.32
C ILE G 501 7.29 -30.40 -33.60
N GLN G 502 7.41 -31.18 -34.68
CA GLN G 502 6.94 -30.77 -36.00
C GLN G 502 6.28 -31.93 -36.77
N ASP G 503 5.36 -31.57 -37.67
CA ASP G 503 4.77 -32.51 -38.63
C ASP G 503 5.22 -32.16 -40.05
N ILE G 504 6.32 -32.79 -40.49
CA ILE G 504 6.94 -32.46 -41.78
C ILE G 504 6.22 -33.13 -42.96
N TYR G 505 6.07 -32.38 -44.05
CA TYR G 505 5.53 -32.91 -45.31
C TYR G 505 6.55 -33.81 -46.01
N MET G 506 6.13 -35.01 -46.40
CA MET G 506 7.05 -35.95 -47.03
C MET G 506 6.54 -36.47 -48.38
N LYS G 507 7.47 -36.68 -49.30
CA LYS G 507 7.19 -37.10 -50.67
C LYS G 507 8.12 -38.27 -51.04
N GLU G 508 7.52 -39.34 -51.57
CA GLU G 508 8.31 -40.51 -51.99
C GLU G 508 8.94 -40.29 -53.36
N VAL G 509 10.25 -40.54 -53.47
CA VAL G 509 10.97 -40.37 -54.75
C VAL G 509 11.32 -41.71 -55.41
N ASP G 510 12.04 -42.57 -54.70
CA ASP G 510 12.30 -43.92 -55.20
C ASP G 510 11.61 -44.93 -54.28
N GLY G 511 12.38 -45.58 -53.43
CA GLY G 511 11.82 -46.36 -52.33
C GLY G 511 11.84 -45.48 -51.09
N LYS G 512 12.77 -44.53 -51.08
CA LYS G 512 12.99 -43.64 -49.94
C LYS G 512 12.00 -42.47 -49.90
N LEU G 513 12.00 -41.76 -48.77
CA LEU G 513 11.04 -40.70 -48.49
C LEU G 513 11.78 -39.39 -48.24
N VAL G 514 11.43 -38.34 -48.99
CA VAL G 514 12.09 -37.02 -48.88
C VAL G 514 11.11 -35.87 -48.63
N GLU G 515 11.66 -34.69 -48.31
CA GLU G 515 10.87 -33.50 -47.99
C GLU G 515 10.04 -33.00 -49.16
N GLY G 516 8.72 -32.91 -48.95
CA GLY G 516 7.79 -32.41 -49.97
C GLY G 516 7.15 -31.07 -49.61
N SER G 517 6.37 -30.53 -50.53
CA SER G 517 5.64 -29.28 -50.31
C SER G 517 4.20 -29.58 -49.86
N PRO G 518 3.43 -28.55 -49.46
CA PRO G 518 2.02 -28.75 -49.07
C PRO G 518 1.11 -29.31 -50.19
N ASP G 519 1.53 -29.17 -51.44
CA ASP G 519 0.78 -29.71 -52.58
C ASP G 519 1.32 -31.08 -52.95
N ASP G 520 2.64 -31.16 -52.99
CA ASP G 520 3.34 -32.36 -53.42
C ASP G 520 3.83 -33.14 -52.19
N TYR G 521 2.98 -34.04 -51.70
CA TYR G 521 3.32 -34.87 -50.54
C TYR G 521 2.40 -36.08 -50.36
N THR G 522 2.95 -37.13 -49.76
CA THR G 522 2.22 -38.37 -49.55
C THR G 522 2.21 -38.79 -48.08
N ASP G 523 3.14 -38.25 -47.30
CA ASP G 523 3.35 -38.67 -45.92
C ASP G 523 3.64 -37.54 -44.94
N ILE G 524 3.46 -37.82 -43.66
CA ILE G 524 3.78 -36.89 -42.57
C ILE G 524 4.86 -37.49 -41.65
N LYS G 525 6.04 -36.88 -41.66
CA LYS G 525 7.12 -37.29 -40.77
C LYS G 525 7.04 -36.52 -39.46
N PHE G 526 7.00 -37.23 -38.35
CA PHE G 526 6.98 -36.61 -37.03
C PHE G 526 8.41 -36.46 -36.51
N SER G 527 8.76 -35.24 -36.11
CA SER G 527 10.12 -34.92 -35.69
C SER G 527 10.17 -34.23 -34.32
N VAL G 528 10.95 -34.81 -33.40
CA VAL G 528 11.07 -34.30 -32.04
C VAL G 528 12.49 -33.80 -31.79
N LYS G 529 12.61 -32.59 -31.25
CA LYS G 529 13.88 -32.11 -30.70
C LYS G 529 13.69 -31.73 -29.23
N CYS G 530 14.51 -32.32 -28.37
CA CYS G 530 14.41 -32.12 -26.92
C CYS G 530 15.67 -32.65 -26.27
N ALA G 531 16.35 -31.79 -25.52
CA ALA G 531 17.64 -32.12 -24.92
C ALA G 531 17.58 -33.35 -23.99
N GLY G 532 18.48 -34.29 -24.22
CA GLY G 532 18.60 -35.50 -23.39
C GLY G 532 17.67 -36.62 -23.77
N MET G 533 16.74 -36.35 -24.69
CA MET G 533 15.78 -37.35 -25.14
C MET G 533 16.41 -38.30 -26.16
N THR G 534 16.37 -39.59 -25.83
CA THR G 534 16.93 -40.64 -26.68
C THR G 534 15.96 -40.94 -27.82
N ASP G 535 16.48 -41.54 -28.89
CA ASP G 535 15.64 -41.90 -30.04
C ASP G 535 14.41 -42.73 -29.66
N LYS G 536 14.61 -43.69 -28.75
CA LYS G 536 13.54 -44.58 -28.30
C LYS G 536 12.38 -43.80 -27.66
N ILE G 537 12.70 -42.80 -26.85
CA ILE G 537 11.69 -41.99 -26.17
C ILE G 537 10.95 -41.07 -27.14
N LYS G 538 11.66 -40.55 -28.13
CA LYS G 538 11.04 -39.70 -29.16
C LYS G 538 9.84 -40.36 -29.82
N LYS G 539 9.91 -41.68 -30.00
CA LYS G 539 8.81 -42.45 -30.59
C LYS G 539 7.56 -42.47 -29.71
N GLU G 540 7.75 -42.28 -28.41
CA GLU G 540 6.63 -42.19 -27.46
C GLU G 540 5.94 -40.82 -27.53
N VAL G 541 6.66 -39.81 -28.00
CA VAL G 541 6.14 -38.44 -28.05
C VAL G 541 5.05 -38.30 -29.11
N THR G 542 3.95 -37.66 -28.73
CA THR G 542 2.90 -37.29 -29.66
C THR G 542 2.61 -35.81 -29.51
N PHE G 543 1.68 -35.29 -30.30
CA PHE G 543 1.37 -33.88 -30.25
C PHE G 543 0.58 -33.51 -28.99
N GLU G 544 -0.06 -34.51 -28.39
CA GLU G 544 -0.92 -34.28 -27.23
C GLU G 544 -0.19 -34.43 -25.89
N ASN G 545 0.84 -35.28 -25.86
CA ASN G 545 1.60 -35.52 -24.62
C ASN G 545 2.87 -34.68 -24.49
N PHE G 546 3.18 -33.89 -25.52
CA PHE G 546 4.41 -33.10 -25.50
C PHE G 546 4.30 -31.88 -24.60
N LYS G 547 4.51 -32.13 -23.31
CA LYS G 547 4.31 -31.14 -22.26
C LYS G 547 5.50 -31.13 -21.30
N VAL G 548 5.65 -30.02 -20.60
CA VAL G 548 6.51 -29.97 -19.43
C VAL G 548 5.95 -31.01 -18.46
N GLY G 549 6.78 -31.98 -18.09
CA GLY G 549 6.37 -33.05 -17.19
C GLY G 549 6.32 -34.41 -17.84
N PHE G 550 6.38 -34.44 -19.17
CA PHE G 550 6.40 -35.71 -19.92
C PHE G 550 7.54 -36.58 -19.41
N SER G 551 7.22 -37.83 -19.10
CA SER G 551 8.18 -38.72 -18.48
C SER G 551 8.10 -40.14 -19.03
N ARG G 552 9.28 -40.75 -19.24
CA ARG G 552 9.39 -42.17 -19.55
C ARG G 552 10.58 -42.75 -18.80
N LYS G 553 10.47 -44.03 -18.43
CA LYS G 553 11.57 -44.71 -17.76
C LYS G 553 12.34 -45.61 -18.74
N MET G 554 12.83 -45.01 -19.82
CA MET G 554 13.59 -45.77 -20.83
C MET G 554 14.82 -45.02 -21.32
N LYS G 555 15.52 -44.34 -20.41
CA LYS G 555 16.82 -43.77 -20.73
C LYS G 555 17.93 -44.61 -20.12
N PRO G 556 18.79 -45.20 -20.96
CA PRO G 556 19.91 -45.98 -20.44
C PRO G 556 20.93 -45.12 -19.69
N LYS G 557 21.11 -45.38 -18.40
CA LYS G 557 22.21 -44.77 -17.66
C LYS G 557 23.33 -45.79 -17.45
N PRO G 558 24.59 -45.33 -17.50
CA PRO G 558 25.72 -46.22 -17.30
C PRO G 558 26.00 -46.43 -15.81
N VAL G 559 26.18 -47.69 -15.41
CA VAL G 559 26.43 -48.01 -14.02
C VAL G 559 27.74 -48.80 -13.92
N GLN G 560 28.69 -48.27 -13.14
CA GLN G 560 29.95 -48.99 -12.88
C GLN G 560 29.77 -50.11 -11.86
N VAL G 561 29.97 -51.34 -12.30
CA VAL G 561 29.83 -52.51 -11.46
C VAL G 561 31.15 -53.31 -11.48
N PRO G 562 31.31 -54.30 -10.57
CA PRO G 562 32.52 -55.13 -10.61
C PRO G 562 32.70 -55.85 -11.95
N GLY G 563 33.67 -55.40 -12.74
CA GLY G 563 33.99 -56.05 -14.02
C GLY G 563 33.95 -55.12 -15.22
N GLY G 564 32.99 -54.20 -15.20
CA GLY G 564 32.81 -53.24 -16.27
C GLY G 564 31.64 -52.30 -16.04
N VAL G 565 30.94 -52.00 -17.12
CA VAL G 565 29.80 -51.10 -17.11
C VAL G 565 28.56 -51.85 -17.60
N VAL G 566 27.41 -51.50 -17.03
CA VAL G 566 26.13 -52.03 -17.49
C VAL G 566 25.13 -50.89 -17.63
N LEU G 567 24.40 -50.88 -18.74
CA LEU G 567 23.36 -49.89 -18.98
C LEU G 567 22.08 -50.28 -18.26
N VAL G 568 21.46 -49.32 -17.58
CA VAL G 568 20.26 -49.55 -16.78
C VAL G 568 19.20 -48.49 -17.11
N ASP G 569 17.93 -48.91 -17.15
CA ASP G 569 16.81 -48.00 -17.39
C ASP G 569 16.70 -46.90 -16.34
N ASP G 570 16.54 -45.66 -16.80
CA ASP G 570 16.41 -44.50 -15.92
C ASP G 570 15.24 -43.64 -16.40
N THR G 571 14.61 -42.94 -15.48
CA THR G 571 13.50 -42.05 -15.78
C THR G 571 13.99 -40.75 -16.41
N PHE G 572 13.46 -40.43 -17.59
CA PHE G 572 13.69 -39.14 -18.25
C PHE G 572 12.44 -38.27 -18.16
N THR G 573 12.62 -36.99 -17.82
CA THR G 573 11.50 -36.06 -17.68
C THR G 573 11.83 -34.72 -18.32
N ILE G 574 10.85 -34.14 -19.01
CA ILE G 574 11.00 -32.79 -19.54
C ILE G 574 10.80 -31.77 -18.42
N LYS G 575 11.86 -31.07 -18.06
CA LYS G 575 11.77 -30.02 -17.05
C LYS G 575 11.34 -28.69 -17.64
N UNK H 1 -21.06 17.19 -1.71
CA UNK H 1 -20.44 17.81 -0.56
C UNK H 1 -18.91 17.88 -0.67
N UNK H 2 -18.30 16.81 -1.19
CA UNK H 2 -16.84 16.72 -1.30
C UNK H 2 -16.31 16.80 -2.75
N UNK H 3 -17.20 17.12 -3.69
CA UNK H 3 -16.81 17.34 -5.10
C UNK H 3 -16.45 18.80 -5.36
N UNK H 4 -16.47 19.60 -4.31
CA UNK H 4 -16.10 21.02 -4.37
C UNK H 4 -14.58 21.19 -4.37
N UNK H 5 -13.92 20.60 -3.36
CA UNK H 5 -12.47 20.64 -3.25
C UNK H 5 -11.79 19.63 -4.19
N UNK H 6 -12.55 18.64 -4.66
CA UNK H 6 -12.08 17.65 -5.62
C UNK H 6 -11.90 18.26 -7.02
N UNK H 7 -12.54 19.40 -7.27
CA UNK H 7 -12.46 20.11 -8.53
C UNK H 7 -11.42 21.24 -8.51
N UNK H 8 -11.30 21.91 -7.36
CA UNK H 8 -10.32 22.99 -7.18
C UNK H 8 -8.88 22.47 -7.26
N UNK H 9 -8.70 21.18 -6.96
CA UNK H 9 -7.41 20.49 -7.05
C UNK H 9 -6.98 20.21 -8.49
N UNK H 10 -7.88 19.60 -9.27
CA UNK H 10 -7.62 19.22 -10.68
C UNK H 10 -7.36 20.42 -11.61
N UNK H 11 -7.46 21.63 -11.06
CA UNK H 11 -7.20 22.86 -11.81
C UNK H 11 -5.97 23.63 -11.31
N UNK H 12 -5.48 23.29 -10.12
CA UNK H 12 -4.32 23.96 -9.54
C UNK H 12 -3.02 23.46 -10.18
N UNK H 13 -21.92 25.39 -11.50
CA UNK H 13 -21.05 24.23 -11.65
C UNK H 13 -19.63 24.66 -12.02
N UNK H 14 -18.65 23.93 -11.51
CA UNK H 14 -17.23 24.17 -11.81
C UNK H 14 -16.74 23.26 -12.94
N UNK H 15 -17.69 22.73 -13.72
CA UNK H 15 -17.40 21.87 -14.86
C UNK H 15 -16.78 22.63 -16.04
N UNK H 16 -16.74 23.96 -15.93
CA UNK H 16 -16.12 24.83 -16.93
C UNK H 16 -14.58 24.78 -16.88
N UNK H 17 -14.01 24.97 -15.69
CA UNK H 17 -12.56 24.93 -15.50
C UNK H 17 -12.01 23.50 -15.48
N UNK H 18 -12.88 22.54 -15.13
CA UNK H 18 -12.53 21.12 -15.12
C UNK H 18 -12.44 20.55 -16.54
N UNK H 19 -13.39 20.93 -17.40
CA UNK H 19 -13.41 20.50 -18.80
C UNK H 19 -12.30 21.16 -19.64
N UNK H 20 -11.87 22.35 -19.21
CA UNK H 20 -10.80 23.09 -19.89
C UNK H 20 -9.45 22.39 -19.81
N UNK H 21 -9.11 21.89 -18.62
CA UNK H 21 -7.88 21.12 -18.44
C UNK H 21 -8.01 19.73 -19.05
N UNK H 22 -9.18 19.10 -18.91
CA UNK H 22 -9.45 17.77 -19.45
C UNK H 22 -9.25 17.70 -20.97
N UNK H 23 -9.27 18.86 -21.61
CA UNK H 23 -9.09 18.96 -23.06
C UNK H 23 -7.72 19.51 -23.45
N UNK H 24 -7.24 20.51 -22.71
CA UNK H 24 -5.94 21.13 -22.97
C UNK H 24 -4.76 20.18 -22.73
N UNK H 25 -4.90 19.30 -21.73
CA UNK H 25 -3.91 18.27 -21.44
C UNK H 25 -4.11 17.03 -22.32
N UNK H 26 -5.18 17.02 -23.10
CA UNK H 26 -5.47 15.93 -24.03
C UNK H 26 -4.94 16.22 -25.43
N UNK H 27 -4.77 17.50 -25.75
CA UNK H 27 -4.32 17.93 -27.08
C UNK H 27 -2.86 18.37 -27.13
N UNK H 28 -2.29 18.71 -25.97
CA UNK H 28 -0.89 19.14 -25.88
C UNK H 28 0.01 17.95 -25.51
N UNK H 29 -0.40 17.22 -24.48
CA UNK H 29 0.41 16.14 -23.93
C UNK H 29 -0.26 14.76 -24.09
N UNK H 30 -1.49 14.76 -24.61
CA UNK H 30 -2.25 13.54 -24.93
C UNK H 30 -2.52 12.57 -23.76
N UNK H 31 -3.49 12.92 -22.90
CA UNK H 31 -3.87 12.07 -21.76
C UNK H 31 -5.37 12.19 -21.40
N UNK H 32 -5.90 11.15 -20.76
CA UNK H 32 -7.34 11.04 -20.44
C UNK H 32 -7.84 12.02 -19.37
N UNK H 33 -9.15 11.97 -19.09
CA UNK H 33 -9.81 12.94 -18.20
C UNK H 33 -10.43 12.29 -16.95
N UNK H 34 -9.86 12.64 -15.79
CA UNK H 34 -10.37 12.25 -14.45
C UNK H 34 -10.47 10.75 -14.17
N ALA H 35 0.22 24.14 -10.18
CA ALA H 35 0.41 24.07 -8.70
C ALA H 35 0.38 22.62 -8.19
N ASN H 36 -0.68 21.89 -8.54
CA ASN H 36 -0.81 20.46 -8.25
C ASN H 36 -0.09 19.65 -9.35
N MET H 37 1.14 19.25 -9.05
CA MET H 37 2.03 18.64 -10.05
C MET H 37 1.65 17.22 -10.52
N ARG H 38 0.54 16.69 -10.01
CA ARG H 38 0.05 15.38 -10.45
C ARG H 38 -0.53 15.47 -11.86
N TYR H 39 -1.04 16.67 -12.18
CA TYR H 39 -1.63 16.94 -13.49
C TYR H 39 -0.93 18.10 -14.20
N GLN H 40 0.36 18.27 -13.93
CA GLN H 40 1.23 19.12 -14.74
C GLN H 40 2.20 18.16 -15.43
N PHE H 41 2.22 18.18 -16.76
CA PHE H 41 2.96 17.18 -17.54
C PHE H 41 4.22 17.74 -18.17
N GLU H 42 4.99 16.85 -18.79
CA GLU H 42 6.22 17.25 -19.48
C GLU H 42 6.42 16.40 -20.72
N LYS H 43 6.70 17.06 -21.84
CA LYS H 43 6.96 16.38 -23.10
C LYS H 43 8.46 16.37 -23.41
N ASN H 44 8.93 15.20 -23.80
CA ASN H 44 10.32 14.96 -24.15
C ASN H 44 10.65 15.52 -25.54
N ALA H 45 11.94 15.69 -25.83
CA ALA H 45 12.37 15.95 -27.19
C ALA H 45 12.12 14.72 -28.08
N TYR H 46 11.89 13.57 -27.44
CA TYR H 46 11.59 12.32 -28.12
C TYR H 46 10.11 11.97 -27.97
N GLY H 47 9.34 12.93 -27.48
CA GLY H 47 7.89 12.78 -27.36
C GLY H 47 7.43 11.85 -26.26
N VAL H 48 8.26 11.66 -25.23
CA VAL H 48 7.87 10.88 -24.07
C VAL H 48 7.17 11.82 -23.07
N VAL H 49 6.01 11.39 -22.59
CA VAL H 49 5.21 12.21 -21.68
C VAL H 49 5.09 11.55 -20.30
N ALA H 50 5.38 12.33 -19.26
CA ALA H 50 5.20 11.90 -17.87
C ALA H 50 4.86 13.11 -17.00
N SER H 51 4.00 12.91 -16.00
CA SER H 51 3.63 13.99 -15.09
C SER H 51 4.84 14.43 -14.29
N LYS H 52 4.85 15.69 -13.88
CA LYS H 52 5.94 16.24 -13.09
C LYS H 52 6.09 15.54 -11.73
N ALA H 53 4.95 15.13 -11.16
CA ALA H 53 4.93 14.34 -9.93
C ALA H 53 5.73 13.05 -10.10
N LYS H 54 5.45 12.30 -11.18
CA LYS H 54 6.15 11.05 -11.46
C LYS H 54 7.65 11.27 -11.65
N ILE H 55 8.01 12.37 -12.29
CA ILE H 55 9.41 12.72 -12.52
C ILE H 55 10.11 12.94 -11.17
N ALA H 56 9.48 13.73 -10.31
CA ALA H 56 10.00 13.97 -8.96
C ALA H 56 10.21 12.70 -8.15
N GLU H 57 9.34 11.71 -8.31
CA GLU H 57 9.46 10.42 -7.63
C GLU H 57 10.72 9.69 -8.07
N ILE H 58 10.92 9.59 -9.38
CA ILE H 58 12.05 8.85 -9.94
C ILE H 58 13.36 9.52 -9.57
N GLU H 59 13.34 10.85 -9.48
CA GLU H 59 14.52 11.61 -9.07
C GLU H 59 14.91 11.28 -7.65
N ARG H 60 13.94 11.39 -6.74
CA ARG H 60 14.12 11.06 -5.34
C ARG H 60 14.64 9.62 -5.20
N ASN H 61 13.98 8.69 -5.87
CA ASN H 61 14.35 7.28 -5.80
C ASN H 61 15.80 7.06 -6.22
N THR H 62 16.20 7.73 -7.30
CA THR H 62 17.58 7.64 -7.80
C THR H 62 18.60 8.16 -6.78
N LYS H 63 18.29 9.28 -6.12
CA LYS H 63 19.12 9.79 -5.04
C LYS H 63 19.23 8.81 -3.88
N GLU H 64 18.12 8.16 -3.55
CA GLU H 64 18.08 7.17 -2.48
C GLU H 64 18.94 5.96 -2.81
N VAL H 65 18.85 5.49 -4.06
CA VAL H 65 19.67 4.36 -4.51
C VAL H 65 21.15 4.73 -4.43
N GLN H 66 21.48 5.96 -4.81
CA GLN H 66 22.85 6.45 -4.73
C GLN H 66 23.30 6.46 -3.28
N ARG H 67 22.42 6.91 -2.38
CA ARG H 67 22.71 6.94 -0.95
C ARG H 67 23.08 5.54 -0.45
N LEU H 68 22.25 4.56 -0.79
CA LEU H 68 22.45 3.18 -0.34
C LEU H 68 23.74 2.59 -0.88
N VAL H 69 24.04 2.88 -2.14
CA VAL H 69 25.28 2.41 -2.76
C VAL H 69 26.50 3.03 -2.06
N ASP H 70 26.47 4.35 -1.84
CA ASP H 70 27.54 5.03 -1.11
C ASP H 70 27.73 4.46 0.29
N GLU H 71 26.63 4.21 1.00
CA GLU H 71 26.69 3.57 2.32
C GLU H 71 27.31 2.18 2.24
N LYS H 72 27.02 1.46 1.16
CA LYS H 72 27.45 0.08 1.00
C LYS H 72 28.93 -0.02 0.70
N ILE H 73 29.43 0.89 -0.15
CA ILE H 73 30.85 0.93 -0.47
C ILE H 73 31.66 1.26 0.79
N LYS H 74 31.26 2.33 1.47
CA LYS H 74 31.89 2.79 2.70
C LYS H 74 31.97 1.64 3.71
N ALA H 75 30.85 0.96 3.91
CA ALA H 75 30.76 -0.18 4.82
C ALA H 75 31.68 -1.34 4.46
N MET H 76 32.08 -1.42 3.19
CA MET H 76 32.93 -2.52 2.73
C MET H 76 34.43 -2.21 2.86
N LYS H 77 34.79 -0.93 2.74
CA LYS H 77 36.18 -0.50 2.89
C LYS H 77 36.76 -1.02 4.21
N ASP H 78 38.06 -1.26 4.19
CA ASP H 78 38.85 -1.51 5.40
C ASP H 78 38.48 -2.76 6.18
N LYS H 79 37.66 -3.62 5.58
CA LYS H 79 37.17 -4.80 6.29
C LYS H 79 38.21 -5.92 6.30
N GLU H 80 39.03 -5.94 5.25
CA GLU H 80 40.18 -6.84 5.14
C GLU H 80 41.24 -6.52 6.20
N TYR H 81 41.31 -5.25 6.58
CA TYR H 81 42.33 -4.74 7.49
C TYR H 81 41.84 -4.83 8.93
N TYR H 82 40.56 -4.58 9.14
CA TYR H 82 40.01 -4.49 10.50
C TYR H 82 39.33 -5.76 11.01
N ALA H 83 38.40 -6.32 10.24
CA ALA H 83 37.59 -7.47 10.72
C ALA H 83 38.40 -8.75 10.96
N THR H 104 32.96 -6.33 -8.97
CA THR H 104 31.79 -6.08 -8.14
C THR H 104 30.69 -5.40 -8.95
N GLY H 105 29.46 -5.85 -8.75
CA GLY H 105 28.30 -5.29 -9.45
C GLY H 105 27.59 -4.23 -8.65
N ILE H 106 28.35 -3.43 -7.91
CA ILE H 106 27.76 -2.30 -7.21
C ILE H 106 27.87 -1.05 -8.09
N ASN H 107 26.75 -0.69 -8.71
CA ASN H 107 26.69 0.41 -9.65
C ASN H 107 25.89 1.59 -9.12
N ARG H 108 26.57 2.71 -8.92
CA ARG H 108 25.91 3.96 -8.61
C ARG H 108 25.20 4.47 -9.88
N PRO H 109 23.87 4.68 -9.83
CA PRO H 109 23.16 5.20 -10.99
C PRO H 109 23.47 6.67 -11.21
N HIS H 110 23.30 7.14 -12.45
CA HIS H 110 23.44 8.56 -12.76
C HIS H 110 22.17 9.30 -12.42
N ASP H 111 22.30 10.55 -12.00
CA ASP H 111 21.14 11.39 -11.70
C ASP H 111 20.11 11.28 -12.82
N PHE H 112 18.87 10.94 -12.46
CA PHE H 112 17.82 10.76 -13.46
C PHE H 112 17.52 12.06 -14.19
N ASP H 113 17.52 11.99 -15.52
CA ASP H 113 17.37 13.15 -16.38
C ASP H 113 16.33 12.84 -17.44
N PHE H 114 15.10 13.33 -17.23
CA PHE H 114 13.97 12.98 -18.09
C PHE H 114 14.14 13.34 -19.57
N SER H 115 14.91 14.39 -19.83
CA SER H 115 15.16 14.84 -21.18
C SER H 115 15.88 13.78 -22.03
N LYS H 116 16.50 12.81 -21.36
CA LYS H 116 17.33 11.81 -22.05
C LYS H 116 16.62 10.46 -22.24
N VAL H 117 15.33 10.42 -21.88
CA VAL H 117 14.55 9.17 -21.91
C VAL H 117 13.89 8.96 -23.28
N ARG H 118 14.53 8.16 -24.13
CA ARG H 118 14.16 8.07 -25.55
C ARG H 118 12.95 7.17 -25.89
N SER H 119 12.28 6.60 -24.88
CA SER H 119 11.11 5.76 -25.11
C SER H 119 10.37 5.44 -23.80
N TYR H 120 9.14 4.94 -23.91
CA TYR H 120 8.36 4.61 -22.72
C TYR H 120 8.90 3.39 -21.98
N SER H 121 9.49 2.45 -22.73
CA SER H 121 10.11 1.26 -22.15
C SER H 121 11.29 1.64 -21.28
N ARG H 122 12.01 2.69 -21.71
CA ARG H 122 13.08 3.26 -20.92
C ARG H 122 12.55 3.87 -19.63
N LEU H 123 11.51 4.69 -19.75
CA LEU H 123 10.92 5.34 -18.59
C LEU H 123 10.41 4.32 -17.60
N ARG H 124 9.74 3.28 -18.11
CA ARG H 124 9.17 2.25 -17.27
C ARG H 124 10.26 1.48 -16.55
N THR H 125 11.34 1.15 -17.25
CA THR H 125 12.47 0.45 -16.64
C THR H 125 13.06 1.27 -15.51
N LEU H 126 13.31 2.56 -15.78
CA LEU H 126 13.88 3.45 -14.77
C LEU H 126 12.99 3.62 -13.55
N GLU H 127 11.69 3.83 -13.79
CA GLU H 127 10.72 4.03 -12.72
C GLU H 127 10.66 2.83 -11.80
N GLU H 128 10.53 1.65 -12.39
CA GLU H 128 10.34 0.41 -11.63
C GLU H 128 11.59 -0.02 -10.85
N SER H 129 12.76 0.08 -11.49
CA SER H 129 13.98 -0.41 -10.88
C SER H 129 14.50 0.54 -9.80
N MET H 130 14.44 1.84 -10.06
CA MET H 130 14.94 2.80 -9.09
C MET H 130 14.23 2.69 -7.75
N GLU H 131 12.95 2.32 -7.77
CA GLU H 131 12.26 2.10 -6.51
C GLU H 131 12.55 0.70 -5.96
N MET H 132 12.60 -0.30 -6.85
CA MET H 132 13.01 -1.64 -6.46
C MET H 132 14.38 -1.62 -5.76
N ARG H 133 15.27 -0.76 -6.22
CA ARG H 133 16.63 -0.72 -5.71
C ARG H 133 16.75 0.03 -4.39
N THR H 134 15.65 0.62 -3.95
CA THR H 134 15.61 1.29 -2.65
C THR H 134 15.30 0.30 -1.53
N ASP H 135 15.06 -0.95 -1.90
CA ASP H 135 14.87 -2.03 -0.93
C ASP H 135 16.14 -2.24 -0.14
N PRO H 136 16.04 -2.23 1.21
CA PRO H 136 17.27 -2.36 1.99
C PRO H 136 17.91 -3.75 1.90
N GLN H 137 17.20 -4.70 1.30
CA GLN H 137 17.69 -6.06 1.17
C GLN H 137 17.83 -6.47 -0.29
N TYR H 138 18.04 -5.48 -1.16
CA TYR H 138 18.10 -5.67 -2.61
C TYR H 138 19.19 -6.63 -3.07
N TYR H 139 20.42 -6.41 -2.60
CA TYR H 139 21.55 -7.25 -3.00
C TYR H 139 21.45 -8.66 -2.44
N GLU H 140 21.03 -8.76 -1.18
CA GLU H 140 20.83 -10.04 -0.52
C GLU H 140 19.76 -10.84 -1.24
N LYS H 141 18.74 -10.15 -1.75
CA LYS H 141 17.69 -10.77 -2.56
C LYS H 141 18.18 -11.24 -3.92
N LYS H 142 19.07 -10.45 -4.54
CA LYS H 142 19.68 -10.80 -5.84
C LYS H 142 20.56 -12.03 -5.78
N MET H 143 21.32 -12.15 -4.70
CA MET H 143 22.22 -13.27 -4.47
C MET H 143 21.44 -14.60 -4.30
N ILE H 144 20.32 -14.53 -3.59
CA ILE H 144 19.42 -15.67 -3.48
C ILE H 144 18.78 -15.95 -4.84
N GLN H 145 18.39 -14.88 -5.51
CA GLN H 145 17.73 -14.96 -6.81
C GLN H 145 18.65 -15.55 -7.89
N LEU H 146 19.94 -15.21 -7.84
CA LEU H 146 20.93 -15.68 -8.83
C LEU H 146 21.02 -17.20 -8.85
N GLN H 147 21.14 -17.81 -7.68
CA GLN H 147 21.23 -19.26 -7.56
C GLN H 147 19.97 -19.96 -8.07
N LEU H 148 18.81 -19.36 -7.79
CA LEU H 148 17.53 -19.90 -8.28
C LEU H 148 17.45 -19.88 -9.81
N ASN H 149 17.87 -18.76 -10.38
CA ASN H 149 17.92 -18.60 -11.82
C ASN H 149 18.89 -19.57 -12.48
N PHE H 150 20.02 -19.81 -11.83
CA PHE H 150 21.01 -20.73 -12.38
C PHE H 150 20.48 -22.15 -12.40
N ILE H 151 19.85 -22.55 -11.30
CA ILE H 151 19.27 -23.88 -11.19
C ILE H 151 18.15 -24.07 -12.23
N LYS H 152 17.30 -23.06 -12.40
CA LYS H 152 16.29 -23.09 -13.46
C LYS H 152 16.92 -23.21 -14.84
N SER H 153 18.04 -22.52 -15.04
CA SER H 153 18.78 -22.57 -16.30
C SER H 153 19.36 -23.95 -16.61
N VAL H 154 19.88 -24.61 -15.58
CA VAL H 154 20.43 -25.95 -15.74
C VAL H 154 19.31 -26.96 -16.02
N GLU H 155 18.19 -26.84 -15.29
CA GLU H 155 17.02 -27.70 -15.49
C GLU H 155 16.48 -27.64 -16.92
N GLY H 156 16.43 -26.44 -17.49
CA GLY H 156 15.94 -26.24 -18.84
C GLY H 156 16.91 -26.72 -19.91
N SER H 157 18.20 -26.65 -19.62
CA SER H 157 19.22 -27.04 -20.59
C SER H 157 19.30 -28.55 -20.77
N PHE H 158 19.21 -29.30 -19.68
CA PHE H 158 19.47 -30.74 -19.68
C PHE H 158 18.24 -31.60 -19.35
N ASN H 159 17.19 -30.97 -18.85
CA ASN H 159 16.02 -31.67 -18.35
C ASN H 159 16.36 -32.62 -17.20
N SER H 160 15.56 -33.67 -17.02
CA SER H 160 15.65 -34.49 -15.82
C SER H 160 15.99 -35.96 -16.07
N PHE H 161 17.18 -36.36 -15.61
CA PHE H 161 17.60 -37.76 -15.56
C PHE H 161 18.65 -37.92 -14.47
N ASP H 162 18.93 -39.16 -14.08
CA ASP H 162 19.82 -39.47 -12.95
C ASP H 162 20.93 -38.45 -12.65
N ALA H 163 21.92 -38.34 -13.53
CA ALA H 163 23.07 -37.45 -13.31
C ALA H 163 22.68 -35.98 -13.23
N ALA H 164 21.78 -35.56 -14.12
CA ALA H 164 21.29 -34.18 -14.14
C ALA H 164 20.56 -33.83 -12.85
N ASP H 165 19.67 -34.70 -12.39
CA ASP H 165 18.93 -34.51 -11.13
C ASP H 165 19.86 -34.47 -9.94
N GLU H 166 20.96 -35.21 -10.04
CA GLU H 166 21.97 -35.26 -9.01
C GLU H 166 22.78 -33.97 -9.00
N LEU H 167 23.03 -33.40 -10.17
CA LEU H 167 23.70 -32.10 -10.26
C LEU H 167 22.87 -31.00 -9.60
N ILE H 168 21.55 -31.03 -9.84
CA ILE H 168 20.64 -30.01 -9.32
C ILE H 168 20.50 -30.10 -7.80
N GLU H 169 20.50 -31.32 -7.27
CA GLU H 169 20.46 -31.51 -5.82
C GLU H 169 21.79 -31.09 -5.16
N GLU H 170 22.87 -31.24 -5.92
CA GLU H 170 24.19 -30.87 -5.45
C GLU H 170 24.35 -29.35 -5.42
N LEU H 171 23.75 -28.68 -6.41
CA LEU H 171 23.78 -27.22 -6.51
C LEU H 171 22.93 -26.53 -5.43
N LYS H 172 21.87 -27.19 -4.99
CA LYS H 172 20.99 -26.64 -3.98
C LYS H 172 21.63 -26.63 -2.59
N LYS H 173 22.58 -27.53 -2.37
CA LYS H 173 23.21 -27.64 -1.05
C LYS H 173 24.29 -26.58 -0.78
N ILE H 174 24.69 -25.85 -1.80
CA ILE H 174 25.70 -24.79 -1.65
C ILE H 174 25.06 -23.52 -1.07
N PRO H 175 25.63 -22.98 0.03
CA PRO H 175 25.13 -21.73 0.65
C PRO H 175 25.16 -20.57 -0.35
N PRO H 176 24.03 -19.84 -0.48
CA PRO H 176 23.83 -18.81 -1.51
C PRO H 176 24.97 -17.78 -1.64
N ASP H 177 25.58 -17.41 -0.51
CA ASP H 177 26.69 -16.45 -0.54
C ASP H 177 27.98 -17.10 -1.06
N ASP H 178 28.19 -18.35 -0.68
CA ASP H 178 29.37 -19.12 -1.09
C ASP H 178 29.25 -19.49 -2.58
N PHE H 179 28.01 -19.63 -3.03
CA PHE H 179 27.69 -19.98 -4.42
C PHE H 179 28.11 -18.91 -5.41
N TYR H 180 28.06 -17.65 -4.99
CA TYR H 180 28.34 -16.55 -5.90
C TYR H 180 29.75 -16.60 -6.50
N GLU H 181 30.75 -16.88 -5.67
CA GLU H 181 32.13 -16.96 -6.15
C GLU H 181 32.32 -18.16 -7.06
N LEU H 182 31.64 -19.25 -6.72
CA LEU H 182 31.65 -20.48 -7.51
C LEU H 182 31.01 -20.29 -8.88
N PHE H 183 30.01 -19.40 -8.96
CA PHE H 183 29.29 -19.10 -10.19
C PHE H 183 30.20 -18.44 -11.27
N LEU H 184 31.11 -17.57 -10.84
CA LEU H 184 32.05 -16.92 -11.75
C LEU H 184 32.89 -17.91 -12.58
N ARG H 185 32.96 -19.17 -12.13
CA ARG H 185 33.68 -20.20 -12.86
C ARG H 185 32.75 -20.96 -13.81
N ILE H 186 31.73 -21.59 -13.23
CA ILE H 186 30.76 -22.45 -13.97
C ILE H 186 30.03 -21.72 -15.10
N SER H 187 29.65 -20.46 -14.82
CA SER H 187 29.06 -19.59 -15.84
C SER H 187 29.98 -19.51 -17.04
N GLU H 188 31.24 -19.15 -16.78
CA GLU H 188 32.24 -18.90 -17.81
C GLU H 188 32.82 -20.15 -18.49
N ILE H 189 32.05 -21.24 -18.58
CA ILE H 189 32.52 -22.42 -19.33
C ILE H 189 31.50 -23.00 -20.35
N SER H 190 30.39 -23.58 -19.87
CA SER H 190 29.49 -24.38 -20.72
C SER H 190 28.53 -23.58 -21.60
N GLY H 198 24.45 -30.61 -33.52
CA GLY H 198 24.49 -31.78 -32.65
C GLY H 198 24.34 -31.45 -31.17
N ASN H 199 23.11 -31.51 -30.68
CA ASN H 199 22.83 -31.44 -29.24
C ASN H 199 22.42 -32.83 -28.75
N THR H 200 23.36 -33.78 -28.90
CA THR H 200 23.10 -35.22 -28.72
C THR H 200 22.68 -35.61 -27.30
N VAL H 201 22.36 -36.89 -27.14
CA VAL H 201 22.06 -37.50 -25.84
C VAL H 201 23.34 -37.50 -24.98
N GLU H 202 24.44 -37.91 -25.62
CA GLU H 202 25.77 -37.98 -25.00
C GLU H 202 26.36 -36.59 -24.80
N ASN H 203 26.09 -35.69 -25.75
CA ASN H 203 26.53 -34.30 -25.65
C ASN H 203 25.93 -33.57 -24.45
N VAL H 204 24.66 -33.85 -24.17
CA VAL H 204 23.98 -33.34 -22.98
C VAL H 204 24.57 -34.02 -21.74
N GLU H 205 24.74 -35.33 -21.80
CA GLU H 205 25.35 -36.08 -20.70
C GLU H 205 26.73 -35.54 -20.33
N GLY H 206 27.56 -35.30 -21.34
CA GLY H 206 28.91 -34.79 -21.14
C GLY H 206 28.99 -33.46 -20.42
N ASN H 207 28.06 -32.55 -20.72
CA ASN H 207 28.01 -31.25 -20.08
C ASN H 207 27.57 -31.30 -18.62
N VAL H 208 26.70 -32.26 -18.28
CA VAL H 208 26.30 -32.45 -16.89
C VAL H 208 27.52 -32.89 -16.06
N TYR H 209 28.29 -33.84 -16.57
CA TYR H 209 29.50 -34.32 -15.89
C TYR H 209 30.58 -33.24 -15.77
N LYS H 210 30.61 -32.32 -16.72
CA LYS H 210 31.57 -31.21 -16.69
C LYS H 210 31.28 -30.29 -15.50
N ILE H 211 30.05 -29.78 -15.42
CA ILE H 211 29.64 -28.91 -14.31
C ILE H 211 29.87 -29.60 -12.98
N LEU H 212 29.53 -30.89 -12.91
CA LEU H 212 29.80 -31.71 -11.71
C LEU H 212 31.28 -31.74 -11.34
N SER H 213 32.17 -31.76 -12.35
CA SER H 213 33.60 -31.81 -12.10
C SER H 213 34.10 -30.52 -11.45
N TYR H 214 33.42 -29.42 -11.74
CA TYR H 214 33.75 -28.15 -11.10
C TYR H 214 33.27 -28.12 -9.65
N LEU H 215 32.12 -28.75 -9.37
CA LEU H 215 31.63 -28.87 -8.00
C LEU H 215 32.49 -29.78 -7.15
N GLU H 216 33.04 -30.83 -7.76
CA GLU H 216 33.99 -31.71 -7.10
C GLU H 216 35.29 -30.96 -6.83
N GLN H 217 35.69 -30.12 -7.79
CA GLN H 217 36.89 -29.31 -7.68
C GLN H 217 36.72 -28.27 -6.58
N TYR H 218 35.50 -27.79 -6.42
CA TYR H 218 35.15 -26.79 -5.42
C TYR H 218 35.22 -27.36 -4.01
N ARG H 219 34.70 -28.57 -3.82
CA ARG H 219 34.65 -29.18 -2.50
C ARG H 219 36.01 -29.58 -1.97
N ARG H 220 36.93 -29.94 -2.86
CA ARG H 220 38.30 -30.24 -2.42
C ARG H 220 39.12 -28.96 -2.19
N GLY H 221 38.44 -27.82 -2.32
CA GLY H 221 38.98 -26.52 -1.96
C GLY H 221 40.03 -25.99 -2.91
N ASP H 222 39.76 -26.08 -4.20
CA ASP H 222 40.65 -25.50 -5.20
C ASP H 222 40.32 -24.03 -5.45
N PHE H 223 39.21 -23.56 -4.88
CA PHE H 223 38.77 -22.17 -5.03
C PHE H 223 38.57 -21.49 -3.68
N ARG I 6 -53.66 54.52 36.14
CA ARG I 6 -54.75 53.64 36.68
C ARG I 6 -54.84 53.68 38.21
N LYS I 7 -55.80 54.45 38.71
CA LYS I 7 -55.95 54.62 40.16
C LYS I 7 -56.76 53.48 40.79
N MET I 8 -56.58 53.28 42.09
CA MET I 8 -57.29 52.22 42.81
C MET I 8 -58.02 52.75 44.02
N TYR I 9 -59.24 52.25 44.22
CA TYR I 9 -60.07 52.74 45.31
C TYR I 9 -60.68 51.60 46.13
N SER I 10 -60.68 51.80 47.45
CA SER I 10 -61.42 50.96 48.38
C SER I 10 -62.80 51.61 48.57
N CYS I 11 -63.87 50.84 48.38
CA CYS I 11 -65.24 51.38 48.39
C CYS I 11 -66.21 50.61 49.28
N ALA I 12 -67.25 51.30 49.76
CA ALA I 12 -68.29 50.65 50.58
C ALA I 12 -69.65 51.31 50.38
N PHE I 13 -70.70 50.51 50.52
CA PHE I 13 -72.06 51.03 50.62
C PHE I 13 -72.65 50.77 51.99
N GLU I 14 -73.61 51.60 52.36
CA GLU I 14 -74.55 51.29 53.43
C GLU I 14 -75.94 51.34 52.82
N THR I 15 -76.74 50.32 53.09
CA THR I 15 -78.03 50.19 52.43
C THR I 15 -79.16 49.92 53.43
N THR I 16 -80.39 50.03 52.96
CA THR I 16 -81.57 49.82 53.80
C THR I 16 -81.91 48.34 53.87
N THR I 17 -82.74 47.96 54.84
CA THR I 17 -83.05 46.55 55.09
C THR I 17 -84.48 46.19 54.72
N LYS I 18 -85.21 47.13 54.12
CA LYS I 18 -86.63 46.92 53.82
C LYS I 18 -86.86 46.41 52.40
N VAL I 19 -87.68 45.36 52.31
CA VAL I 19 -88.01 44.71 51.03
C VAL I 19 -88.56 45.70 50.00
N GLU I 20 -89.45 46.59 50.45
CA GLU I 20 -90.15 47.53 49.57
C GLU I 20 -89.33 48.79 49.33
N ASP I 21 -88.44 49.11 50.27
CA ASP I 21 -87.61 50.32 50.20
C ASP I 21 -86.14 49.95 50.37
N CYS I 22 -85.54 49.48 49.28
CA CYS I 22 -84.17 49.02 49.28
C CYS I 22 -83.29 49.92 48.43
N ARG I 23 -82.41 50.66 49.09
CA ARG I 23 -81.55 51.65 48.43
C ARG I 23 -80.30 51.93 49.23
N VAL I 24 -79.25 52.42 48.55
CA VAL I 24 -78.02 52.89 49.17
C VAL I 24 -78.25 54.21 49.90
N TRP I 25 -77.93 54.26 51.20
CA TRP I 25 -78.06 55.50 51.96
C TRP I 25 -76.72 56.17 52.26
N ALA I 26 -75.63 55.48 51.95
CA ALA I 26 -74.28 56.01 52.15
C ALA I 26 -73.30 55.29 51.25
N TYR I 27 -72.34 56.03 50.72
CA TYR I 27 -71.23 55.45 49.99
C TYR I 27 -69.91 56.04 50.49
N GLY I 28 -68.82 55.36 50.24
CA GLY I 28 -67.52 55.91 50.53
C GLY I 28 -66.49 55.34 49.59
N TYR I 29 -65.48 56.14 49.26
CA TYR I 29 -64.35 55.65 48.51
C TYR I 29 -63.08 56.30 49.01
N MET I 30 -62.00 55.54 48.96
CA MET I 30 -60.69 56.03 49.38
C MET I 30 -59.66 55.56 48.39
N ASN I 31 -58.81 56.47 47.93
CA ASN I 31 -57.64 56.12 47.14
C ASN I 31 -56.72 55.20 47.93
N ILE I 32 -56.54 53.98 47.42
CA ILE I 32 -55.74 52.95 48.08
C ILE I 32 -54.28 53.37 48.28
N GLU I 33 -53.74 54.15 47.35
CA GLU I 33 -52.36 54.60 47.40
C GLU I 33 -52.18 55.94 48.14
N ASP I 34 -53.28 56.66 48.33
CA ASP I 34 -53.24 57.95 49.02
C ASP I 34 -54.45 58.10 49.92
N HIS I 35 -54.33 57.65 51.16
CA HIS I 35 -55.48 57.59 52.05
C HIS I 35 -56.04 58.96 52.48
N SER I 36 -55.43 60.04 52.01
CA SER I 36 -55.94 61.38 52.29
C SER I 36 -57.02 61.77 51.30
N GLU I 37 -57.12 61.01 50.20
CA GLU I 37 -58.11 61.25 49.16
C GLU I 37 -59.29 60.31 49.32
N TYR I 38 -60.32 60.79 50.00
CA TYR I 38 -61.53 60.01 50.22
C TYR I 38 -62.75 60.90 50.11
N LYS I 39 -63.90 60.29 49.91
CA LYS I 39 -65.15 61.03 49.87
C LYS I 39 -66.26 60.14 50.44
N ILE I 40 -67.11 60.73 51.28
CA ILE I 40 -68.27 60.04 51.83
C ILE I 40 -69.53 60.86 51.55
N GLY I 41 -70.46 60.26 50.82
CA GLY I 41 -71.70 60.93 50.44
C GLY I 41 -72.89 60.04 50.70
N ASN I 42 -74.10 60.59 50.51
CA ASN I 42 -75.33 59.88 50.86
C ASN I 42 -76.19 59.53 49.65
N SER I 43 -75.60 59.61 48.46
CA SER I 43 -76.35 59.43 47.22
C SER I 43 -75.69 58.43 46.29
N LEU I 44 -76.44 57.41 45.85
CA LEU I 44 -75.92 56.45 44.89
C LEU I 44 -75.69 57.09 43.50
N ASP I 45 -76.49 58.09 43.17
CA ASP I 45 -76.36 58.81 41.90
C ASP I 45 -75.07 59.61 41.84
N GLU I 46 -74.74 60.23 42.97
CA GLU I 46 -73.53 61.03 43.11
C GLU I 46 -72.31 60.13 42.97
N PHE I 47 -72.40 58.93 43.54
CA PHE I 47 -71.35 57.92 43.43
C PHE I 47 -71.21 57.41 41.99
N MET I 48 -72.29 56.90 41.42
CA MET I 48 -72.24 56.33 40.07
C MET I 48 -71.78 57.32 39.00
N ALA I 49 -72.03 58.60 39.24
CA ALA I 49 -71.56 59.65 38.34
C ALA I 49 -70.04 59.78 38.45
N TRP I 50 -69.52 59.61 39.67
CA TRP I 50 -68.08 59.58 39.91
C TRP I 50 -67.46 58.35 39.26
N VAL I 51 -68.11 57.19 39.40
CA VAL I 51 -67.66 55.91 38.82
C VAL I 51 -67.36 56.02 37.34
N LEU I 52 -68.28 56.64 36.60
CA LEU I 52 -68.15 56.82 35.16
C LEU I 52 -67.04 57.80 34.78
N LYS I 53 -66.59 58.61 35.72
CA LYS I 53 -65.55 59.61 35.46
C LYS I 53 -64.11 59.15 35.77
N VAL I 54 -63.93 58.45 36.90
CA VAL I 54 -62.58 58.13 37.41
C VAL I 54 -61.70 57.23 36.53
N GLN I 55 -62.32 56.40 35.70
CA GLN I 55 -61.59 55.47 34.82
C GLN I 55 -60.53 54.69 35.59
N ALA I 56 -60.98 54.08 36.69
CA ALA I 56 -60.11 53.49 37.69
C ALA I 56 -60.53 52.06 37.98
N ASP I 57 -59.80 51.40 38.88
CA ASP I 57 -60.18 50.08 39.36
C ASP I 57 -60.67 50.25 40.78
N LEU I 58 -61.93 49.89 41.01
CA LEU I 58 -62.53 50.05 42.33
C LEU I 58 -62.68 48.69 42.99
N TYR I 59 -62.52 48.67 44.32
CA TYR I 59 -62.68 47.44 45.08
C TYR I 59 -63.79 47.57 46.13
N PHE I 60 -64.63 46.56 46.22
CA PHE I 60 -65.63 46.46 47.28
C PHE I 60 -65.33 45.18 48.06
N HIS I 61 -65.52 45.22 49.38
CA HIS I 61 -65.33 44.01 50.18
C HIS I 61 -66.64 43.26 50.27
N ASN I 62 -66.79 42.24 49.41
CA ASN I 62 -68.02 41.46 49.21
C ASN I 62 -68.93 42.06 48.14
N LEU I 63 -68.46 41.95 46.89
CA LEU I 63 -69.09 42.56 45.73
C LEU I 63 -70.46 41.97 45.46
N LYS I 64 -70.63 40.68 45.78
CA LYS I 64 -71.91 40.00 45.64
C LYS I 64 -73.04 40.88 46.15
N PHE I 65 -72.79 41.55 47.27
CA PHE I 65 -73.80 42.39 47.90
C PHE I 65 -73.91 43.77 47.23
N ALA I 66 -72.84 44.54 47.25
CA ALA I 66 -72.84 45.89 46.67
C ALA I 66 -73.08 45.92 45.16
N GLY I 67 -72.59 44.90 44.46
CA GLY I 67 -72.74 44.82 43.01
C GLY I 67 -74.19 44.84 42.53
N ALA I 68 -75.08 44.20 43.29
CA ALA I 68 -76.50 44.18 42.95
C ALA I 68 -77.12 45.56 42.90
N PHE I 69 -76.64 46.47 43.75
CA PHE I 69 -77.11 47.85 43.74
C PHE I 69 -76.56 48.60 42.54
N ILE I 70 -75.33 48.27 42.16
CA ILE I 70 -74.68 48.90 41.02
C ILE I 70 -75.38 48.53 39.71
N ILE I 71 -75.51 47.22 39.45
CA ILE I 71 -76.19 46.70 38.25
C ILE I 71 -77.61 47.29 38.13
N ASN I 72 -78.34 47.30 39.25
CA ASN I 72 -79.64 47.96 39.36
C ASN I 72 -79.65 49.40 38.85
N TRP I 73 -78.58 50.14 39.15
CA TRP I 73 -78.47 51.50 38.68
C TRP I 73 -78.12 51.53 37.20
N LEU I 74 -77.27 50.59 36.77
CA LEU I 74 -76.81 50.56 35.38
C LEU I 74 -77.95 50.28 34.43
N GLU I 75 -78.76 49.27 34.76
CA GLU I 75 -79.89 48.88 33.92
C GLU I 75 -80.98 49.96 33.89
N ARG I 76 -81.03 50.77 34.94
CA ARG I 76 -81.96 51.90 35.01
C ARG I 76 -81.44 53.19 34.37
N ASN I 77 -80.16 53.21 34.00
CA ASN I 77 -79.55 54.39 33.38
C ASN I 77 -78.90 54.13 32.02
N GLY I 78 -79.62 53.40 31.16
CA GLY I 78 -79.23 53.21 29.76
C GLY I 78 -78.00 52.35 29.49
N PHE I 79 -77.74 51.40 30.38
CA PHE I 79 -76.69 50.41 30.14
C PHE I 79 -77.30 49.04 29.90
N LYS I 80 -76.65 48.26 29.03
CA LYS I 80 -77.06 46.88 28.77
C LYS I 80 -75.88 45.96 29.06
N TRP I 81 -76.16 44.69 29.30
CA TRP I 81 -75.08 43.72 29.50
C TRP I 81 -74.53 43.26 28.15
N SER I 82 -73.22 43.28 28.02
CA SER I 82 -72.53 42.81 26.83
C SER I 82 -71.14 42.30 27.17
N ALA I 83 -70.75 41.22 26.51
CA ALA I 83 -69.46 40.57 26.75
C ALA I 83 -68.34 41.15 25.89
N ASP I 84 -68.71 41.82 24.80
CA ASP I 84 -67.75 42.31 23.81
C ASP I 84 -67.23 43.73 24.10
N GLY I 85 -67.66 44.31 25.21
CA GLY I 85 -67.20 45.62 25.66
C GLY I 85 -67.54 46.77 24.73
N LEU I 86 -68.81 46.87 24.35
CA LEU I 86 -69.29 47.95 23.50
C LEU I 86 -69.55 49.23 24.31
N PRO I 87 -69.70 50.39 23.62
CA PRO I 87 -70.01 51.63 24.34
C PRO I 87 -71.36 51.59 25.04
N ASN I 88 -71.41 52.12 26.27
CA ASN I 88 -72.63 52.11 27.11
C ASN I 88 -73.14 50.72 27.48
N THR I 89 -72.22 49.76 27.60
CA THR I 89 -72.54 48.43 28.11
C THR I 89 -71.63 48.12 29.28
N TYR I 90 -71.99 47.06 30.03
CA TYR I 90 -71.12 46.55 31.08
C TYR I 90 -70.96 45.04 30.94
N ASN I 91 -69.89 44.52 31.50
CA ASN I 91 -69.60 43.10 31.44
C ASN I 91 -69.31 42.57 32.86
N THR I 92 -69.51 41.27 33.06
CA THR I 92 -69.39 40.69 34.40
C THR I 92 -68.63 39.37 34.44
N ILE I 93 -68.06 39.06 35.58
CA ILE I 93 -67.64 37.70 35.89
C ILE I 93 -68.44 37.23 37.11
N ILE I 94 -69.50 36.48 36.86
CA ILE I 94 -70.26 35.87 37.94
C ILE I 94 -70.27 34.36 37.73
N SER I 95 -69.72 33.63 38.68
CA SER I 95 -69.53 32.18 38.52
C SER I 95 -70.85 31.40 38.65
N ARG I 96 -70.82 30.11 38.29
CA ARG I 96 -71.96 29.21 38.50
C ARG I 96 -72.38 29.22 39.95
N MET I 97 -71.39 29.27 40.84
CA MET I 97 -71.61 29.22 42.28
C MET I 97 -72.23 30.51 42.80
N GLY I 98 -72.23 31.54 41.97
CA GLY I 98 -72.82 32.81 42.31
C GLY I 98 -71.84 33.80 42.90
N GLN I 99 -70.54 33.54 42.69
CA GLN I 99 -69.49 34.43 43.17
C GLN I 99 -69.28 35.57 42.16
N TRP I 100 -69.27 36.79 42.67
CA TRP I 100 -69.02 37.97 41.83
C TRP I 100 -67.53 38.28 41.82
N TYR I 101 -66.96 38.39 40.63
CA TYR I 101 -65.54 38.67 40.50
C TYR I 101 -65.23 40.06 39.99
N MET I 102 -66.03 40.53 39.05
CA MET I 102 -65.71 41.74 38.33
C MET I 102 -66.90 42.31 37.58
N ILE I 103 -67.10 43.61 37.72
CA ILE I 103 -68.02 44.37 36.86
C ILE I 103 -67.20 45.36 36.06
N ASP I 104 -67.25 45.26 34.74
CA ASP I 104 -66.49 46.17 33.90
C ASP I 104 -67.44 47.07 33.11
N ILE I 105 -67.52 48.33 33.55
CA ILE I 105 -68.41 49.33 32.94
C ILE I 105 -67.70 50.07 31.81
N CYS I 106 -68.16 49.83 30.58
CA CYS I 106 -67.52 50.40 29.40
C CYS I 106 -68.28 51.60 28.84
N LEU I 107 -67.58 52.73 28.74
CA LEU I 107 -68.17 53.97 28.27
C LEU I 107 -67.95 54.20 26.78
N GLY I 108 -66.77 53.84 26.30
CA GLY I 108 -66.44 53.99 24.88
C GLY I 108 -64.96 53.93 24.62
N TYR I 109 -64.55 54.58 23.54
CA TYR I 109 -63.17 54.49 23.05
C TYR I 109 -62.64 55.83 22.58
N LYS I 110 -61.42 56.15 23.01
CA LYS I 110 -60.63 57.22 22.41
C LYS I 110 -59.41 56.59 21.74
N GLY I 111 -59.42 56.58 20.40
CA GLY I 111 -58.46 55.82 19.63
C GLY I 111 -58.68 54.33 19.87
N LYS I 112 -57.62 53.64 20.28
CA LYS I 112 -57.71 52.22 20.63
C LYS I 112 -57.98 52.05 22.12
N ARG I 113 -57.68 53.09 22.90
CA ARG I 113 -57.83 53.06 24.35
C ARG I 113 -59.27 52.93 24.83
N LYS I 114 -59.57 51.81 25.48
CA LYS I 114 -60.88 51.56 26.08
C LYS I 114 -61.07 52.44 27.31
N ILE I 115 -62.12 53.25 27.29
CA ILE I 115 -62.49 54.04 28.47
C ILE I 115 -63.49 53.26 29.32
N HIS I 116 -63.09 52.97 30.55
CA HIS I 116 -63.88 52.10 31.43
C HIS I 116 -63.50 52.21 32.90
N THR I 117 -64.39 51.72 33.75
CA THR I 117 -64.13 51.57 35.18
C THR I 117 -64.44 50.12 35.52
N VAL I 118 -63.49 49.46 36.17
CA VAL I 118 -63.66 48.05 36.54
C VAL I 118 -63.84 47.96 38.05
N ILE I 119 -64.83 47.17 38.48
CA ILE I 119 -65.08 46.97 39.90
C ILE I 119 -64.78 45.54 40.33
N TYR I 120 -63.86 45.39 41.28
CA TYR I 120 -63.43 44.08 41.77
C TYR I 120 -63.90 43.80 43.19
N ASP I 121 -63.78 42.54 43.59
CA ASP I 121 -64.11 42.10 44.94
C ASP I 121 -62.83 41.83 45.74
N SER I 122 -62.57 42.67 46.73
CA SER I 122 -61.38 42.55 47.58
C SER I 122 -61.44 41.33 48.50
N LEU I 123 -62.62 40.72 48.63
CA LEU I 123 -62.77 39.49 49.38
C LEU I 123 -62.11 38.29 48.68
N LYS I 124 -61.78 38.45 47.40
CA LYS I 124 -61.03 37.43 46.66
C LYS I 124 -59.53 37.61 46.88
N LYS I 125 -59.11 38.86 47.12
CA LYS I 125 -57.73 39.18 47.47
C LYS I 125 -57.43 38.87 48.94
N LEU I 126 -58.41 39.12 49.80
CA LEU I 126 -58.25 39.00 51.24
C LEU I 126 -59.49 38.31 51.80
N PRO I 127 -59.50 36.97 51.78
CA PRO I 127 -60.70 36.21 52.15
C PRO I 127 -60.97 36.17 53.67
N PHE I 128 -61.26 37.34 54.23
CA PHE I 128 -61.62 37.47 55.65
C PHE I 128 -62.62 38.63 55.77
N PRO I 129 -63.41 38.64 56.87
CA PRO I 129 -64.21 39.83 57.17
C PRO I 129 -63.31 41.02 57.56
N VAL I 130 -63.85 42.24 57.44
CA VAL I 130 -63.10 43.47 57.73
C VAL I 130 -62.50 43.47 59.14
N LYS I 131 -63.31 43.19 60.16
CA LYS I 131 -62.84 43.15 61.55
C LYS I 131 -61.66 42.21 61.71
N LYS I 132 -61.82 41.01 61.15
CA LYS I 132 -60.79 39.98 61.16
C LYS I 132 -59.50 40.49 60.52
N ILE I 133 -59.64 41.11 59.34
CA ILE I 133 -58.50 41.73 58.67
C ILE I 133 -57.81 42.74 59.59
N ALA I 134 -58.59 43.68 60.12
CA ALA I 134 -58.07 44.72 61.00
C ALA I 134 -57.29 44.15 62.18
N LYS I 135 -57.87 43.15 62.85
CA LYS I 135 -57.24 42.53 64.01
C LYS I 135 -55.92 41.86 63.65
N ASP I 136 -55.94 41.09 62.55
CA ASP I 136 -54.78 40.32 62.14
C ASP I 136 -53.67 41.17 61.50
N PHE I 137 -54.07 42.18 60.76
CA PHE I 137 -53.11 43.03 60.07
C PHE I 137 -52.61 44.16 60.96
N LYS I 138 -53.01 44.15 62.23
CA LYS I 138 -52.66 45.19 63.21
C LYS I 138 -53.08 46.59 62.75
N LEU I 139 -54.36 46.76 62.45
CA LEU I 139 -54.88 48.03 61.92
C LEU I 139 -55.91 48.64 62.86
N THR I 140 -56.07 49.96 62.79
CA THR I 140 -57.01 50.67 63.66
C THR I 140 -58.45 50.33 63.30
N VAL I 141 -59.21 49.86 64.28
CA VAL I 141 -60.62 49.52 64.07
C VAL I 141 -61.48 50.07 65.20
N LEU I 142 -62.57 50.75 64.82
CA LEU I 142 -63.50 51.32 65.80
C LEU I 142 -64.36 50.23 66.42
N LYS I 143 -64.60 50.36 67.72
CA LYS I 143 -65.49 49.46 68.43
C LYS I 143 -66.92 49.75 68.04
N GLY I 144 -67.71 48.69 67.84
CA GLY I 144 -69.13 48.83 67.59
C GLY I 144 -69.48 48.92 66.12
N ASP I 145 -70.73 49.32 65.88
CA ASP I 145 -71.31 49.30 64.53
C ASP I 145 -72.36 50.37 64.33
N ILE I 146 -72.71 50.57 63.06
CA ILE I 146 -73.82 51.41 62.66
C ILE I 146 -75.12 50.73 63.03
N ASP I 147 -75.97 51.45 63.76
CA ASP I 147 -77.30 50.96 64.17
C ASP I 147 -78.21 50.83 62.95
N TYR I 148 -78.44 49.59 62.49
CA TYR I 148 -79.25 49.37 61.29
C TYR I 148 -80.75 49.37 61.55
N HIS I 149 -81.15 49.36 62.81
CA HIS I 149 -82.58 49.49 63.17
C HIS I 149 -83.00 50.95 63.27
N LYS I 150 -82.39 51.79 62.44
CA LYS I 150 -82.66 53.23 62.41
C LYS I 150 -83.25 53.60 61.06
N GLU I 151 -84.33 54.36 61.08
CA GLU I 151 -85.03 54.74 59.85
C GLU I 151 -84.34 55.92 59.18
N ARG I 152 -83.99 55.74 57.90
CA ARG I 152 -83.28 56.76 57.15
C ARG I 152 -83.94 57.03 55.80
N PRO I 153 -84.80 58.06 55.74
CA PRO I 153 -85.49 58.44 54.50
C PRO I 153 -84.52 58.93 53.43
N VAL I 154 -85.02 59.13 52.20
CA VAL I 154 -84.20 59.63 51.10
C VAL I 154 -83.62 61.00 51.43
N GLY I 155 -82.31 61.18 51.22
CA GLY I 155 -81.66 62.46 51.50
C GLY I 155 -81.09 62.55 52.91
N TYR I 156 -81.36 61.54 53.73
CA TYR I 156 -80.85 61.42 55.10
C TYR I 156 -79.38 61.83 55.18
N LYS I 157 -79.07 62.65 56.19
CA LYS I 157 -77.72 63.15 56.39
C LYS I 157 -76.97 62.26 57.37
N ILE I 158 -75.79 61.82 56.95
CA ILE I 158 -74.93 60.93 57.72
C ILE I 158 -74.42 61.61 58.98
N THR I 159 -74.63 60.97 60.14
CA THR I 159 -74.14 61.51 61.42
C THR I 159 -72.62 61.35 61.52
N PRO I 160 -71.96 62.24 62.28
CA PRO I 160 -70.51 62.19 62.45
C PRO I 160 -69.97 60.81 62.80
N GLU I 161 -70.68 60.07 63.64
CA GLU I 161 -70.23 58.74 64.10
C GLU I 161 -70.32 57.67 63.01
N GLU I 162 -71.38 57.75 62.21
CA GLU I 162 -71.58 56.86 61.07
C GLU I 162 -70.52 57.13 60.02
N TYR I 163 -70.20 58.41 59.82
CA TYR I 163 -69.14 58.85 58.93
C TYR I 163 -67.81 58.20 59.32
N ALA I 164 -67.50 58.23 60.62
CA ALA I 164 -66.29 57.63 61.16
C ALA I 164 -66.20 56.12 60.86
N TYR I 165 -67.32 55.43 61.02
CA TYR I 165 -67.41 53.99 60.80
C TYR I 165 -67.24 53.61 59.34
N ILE I 166 -67.92 54.35 58.45
CA ILE I 166 -67.81 54.13 57.02
C ILE I 166 -66.36 54.32 56.55
N LYS I 167 -65.75 55.42 56.99
CA LYS I 167 -64.36 55.72 56.69
C LYS I 167 -63.42 54.63 57.21
N ASN I 168 -63.69 54.13 58.42
CA ASN I 168 -62.86 53.06 58.99
C ASN I 168 -62.85 51.81 58.13
N ASP I 169 -64.03 51.44 57.64
CA ASP I 169 -64.22 50.27 56.78
C ASP I 169 -63.44 50.34 55.49
N ILE I 170 -63.57 51.45 54.77
CA ILE I 170 -62.88 51.58 53.49
C ILE I 170 -61.37 51.68 53.70
N GLN I 171 -60.97 52.24 54.84
CA GLN I 171 -59.55 52.48 55.11
C GLN I 171 -58.82 51.22 55.55
N ILE I 172 -59.48 50.40 56.38
CA ILE I 172 -58.92 49.12 56.81
C ILE I 172 -58.58 48.29 55.57
N ILE I 173 -59.47 48.33 54.58
CA ILE I 173 -59.26 47.62 53.34
C ILE I 173 -58.19 48.30 52.48
N ALA I 174 -58.22 49.63 52.43
CA ALA I 174 -57.19 50.38 51.69
C ALA I 174 -55.79 50.10 52.24
N GLU I 175 -55.67 50.04 53.57
CA GLU I 175 -54.39 49.75 54.22
C GLU I 175 -53.96 48.33 53.96
N ALA I 176 -54.90 47.39 53.97
CA ALA I 176 -54.57 45.99 53.78
C ALA I 176 -54.16 45.73 52.34
N LEU I 177 -54.94 46.25 51.39
CA LEU I 177 -54.62 46.10 49.98
C LEU I 177 -53.28 46.76 49.59
N LEU I 178 -53.03 47.95 50.11
CA LEU I 178 -51.80 48.67 49.79
C LEU I 178 -50.55 47.89 50.22
N ILE I 179 -50.59 47.33 51.42
CA ILE I 179 -49.52 46.46 51.92
C ILE I 179 -49.30 45.28 50.98
N GLN I 180 -50.41 44.76 50.45
CA GLN I 180 -50.35 43.66 49.51
C GLN I 180 -49.72 44.10 48.19
N PHE I 181 -50.23 45.20 47.61
CA PHE I 181 -49.72 45.72 46.34
C PHE I 181 -48.24 46.10 46.41
N LYS I 182 -47.79 46.53 47.59
CA LYS I 182 -46.39 46.86 47.82
C LYS I 182 -45.46 45.66 47.83
N GLN I 183 -46.00 44.44 47.94
CA GLN I 183 -45.22 43.21 47.77
C GLN I 183 -45.34 42.72 46.33
N GLY I 184 -45.92 43.55 45.47
CA GLY I 184 -46.10 43.21 44.06
C GLY I 184 -47.14 42.14 43.81
N LEU I 185 -48.09 42.00 44.73
CA LEU I 185 -49.20 41.05 44.58
C LEU I 185 -50.38 41.76 43.96
N ASP I 186 -50.43 41.76 42.62
CA ASP I 186 -51.35 42.57 41.82
C ASP I 186 -52.66 41.90 41.45
N ARG I 187 -52.61 40.60 41.20
CA ARG I 187 -53.67 39.90 40.49
C ARG I 187 -55.04 39.93 41.19
N MET I 188 -56.08 39.60 40.43
CA MET I 188 -57.49 39.67 40.87
C MET I 188 -57.78 38.87 42.14
N THR I 189 -57.19 37.68 42.26
CA THR I 189 -57.43 36.81 43.43
C THR I 189 -56.13 36.35 44.07
N ALA I 190 -56.23 35.97 45.35
CA ALA I 190 -55.10 35.51 46.16
C ALA I 190 -54.40 34.29 45.58
N GLY I 191 -55.20 33.39 45.00
CA GLY I 191 -54.66 32.24 44.28
C GLY I 191 -53.78 32.65 43.11
N SER I 192 -54.21 33.66 42.37
CA SER I 192 -53.48 34.16 41.21
C SER I 192 -52.19 34.84 41.61
N ASP I 193 -52.22 35.57 42.72
CA ASP I 193 -51.03 36.18 43.32
C ASP I 193 -50.06 35.11 43.79
N SER I 194 -50.61 33.99 44.22
CA SER I 194 -49.83 32.86 44.68
C SER I 194 -49.12 32.19 43.52
N LEU I 195 -49.86 31.94 42.43
CA LEU I 195 -49.29 31.30 41.25
C LEU I 195 -48.28 32.20 40.55
N LYS I 196 -48.59 33.48 40.42
CA LYS I 196 -47.68 34.45 39.79
C LYS I 196 -46.34 34.49 40.52
N GLY I 197 -46.39 34.43 41.85
CA GLY I 197 -45.19 34.40 42.69
C GLY I 197 -44.36 33.16 42.45
N PHE I 198 -45.02 32.02 42.34
CA PHE I 198 -44.37 30.76 42.01
C PHE I 198 -43.80 30.81 40.61
N LYS I 199 -44.52 31.48 39.72
CA LYS I 199 -44.14 31.58 38.32
C LYS I 199 -42.89 32.44 38.12
N ASP I 200 -42.78 33.52 38.90
CA ASP I 200 -41.62 34.41 38.86
C ASP I 200 -40.34 33.70 39.32
N ILE I 201 -40.45 32.89 40.36
CA ILE I 201 -39.31 32.11 40.88
C ILE I 201 -38.87 31.02 39.89
N ILE I 202 -39.81 30.24 39.38
CA ILE I 202 -39.54 29.17 38.42
C ILE I 202 -39.03 29.68 37.07
N THR I 203 -39.54 30.83 36.65
CA THR I 203 -39.34 31.40 35.29
C THR I 203 -40.43 30.88 34.34
N THR I 204 -41.06 31.81 33.63
CA THR I 204 -42.09 31.48 32.63
C THR I 204 -41.59 30.42 31.65
N LYS I 205 -40.32 30.54 31.25
CA LYS I 205 -39.70 29.60 30.33
C LYS I 205 -39.71 28.17 30.87
N LYS I 206 -39.36 28.01 32.14
CA LYS I 206 -39.32 26.69 32.77
C LYS I 206 -40.72 26.17 33.10
N PHE I 207 -41.59 27.08 33.50
CA PHE I 207 -42.97 26.77 33.87
C PHE I 207 -43.73 26.11 32.71
N LYS I 208 -43.62 26.70 31.53
CA LYS I 208 -44.28 26.16 30.33
C LYS I 208 -43.73 24.79 29.95
N LYS I 209 -42.47 24.54 30.30
CA LYS I 209 -41.85 23.24 30.03
C LYS I 209 -42.30 22.14 31.00
N VAL I 210 -42.34 22.47 32.30
CA VAL I 210 -42.71 21.47 33.32
C VAL I 210 -44.22 21.32 33.51
N PHE I 211 -44.98 22.36 33.16
CA PHE I 211 -46.44 22.29 33.19
C PHE I 211 -47.02 22.60 31.82
N PRO I 212 -46.93 21.65 30.87
CA PRO I 212 -47.50 21.93 29.57
C PRO I 212 -49.03 21.91 29.66
N THR I 213 -49.69 22.65 28.78
CA THR I 213 -51.14 22.60 28.71
C THR I 213 -51.50 21.28 28.01
N LEU I 214 -52.36 20.49 28.63
CA LEU I 214 -52.75 19.21 28.06
C LEU I 214 -53.98 19.38 27.17
N SER I 215 -54.21 18.41 26.29
CA SER I 215 -55.41 18.38 25.47
C SER I 215 -56.62 18.13 26.36
N LEU I 216 -57.76 18.69 25.98
CA LEU I 216 -59.01 18.56 26.75
C LEU I 216 -59.39 17.11 27.04
N GLY I 217 -59.14 16.21 26.08
CA GLY I 217 -59.39 14.79 26.25
C GLY I 217 -58.54 14.16 27.34
N LEU I 218 -57.26 14.52 27.39
CA LEU I 218 -56.32 14.01 28.39
C LEU I 218 -56.64 14.54 29.78
N ASP I 219 -56.93 15.84 29.84
CA ASP I 219 -57.25 16.53 31.07
C ASP I 219 -58.48 15.90 31.74
N LYS I 220 -59.52 15.66 30.96
CA LYS I 220 -60.74 15.01 31.44
C LYS I 220 -60.43 13.68 32.11
N GLU I 221 -59.59 12.86 31.46
CA GLU I 221 -59.15 11.59 32.02
C GLU I 221 -58.39 11.76 33.34
N VAL I 222 -57.39 12.64 33.35
CA VAL I 222 -56.63 12.92 34.56
C VAL I 222 -57.54 13.24 35.73
N ARG I 223 -58.56 14.06 35.49
CA ARG I 223 -59.40 14.50 36.59
C ARG I 223 -60.42 13.46 37.06
N TYR I 224 -60.53 12.34 36.38
CA TYR I 224 -61.29 11.22 36.92
C TYR I 224 -60.59 10.68 38.17
N ALA I 225 -59.30 10.92 38.27
CA ALA I 225 -58.51 10.44 39.40
C ALA I 225 -58.47 11.43 40.58
N TYR I 226 -59.08 12.60 40.39
CA TYR I 226 -59.15 13.60 41.47
C TYR I 226 -60.19 13.18 42.51
N ARG I 227 -59.84 13.27 43.78
CA ARG I 227 -60.75 12.80 44.84
C ARG I 227 -60.87 13.71 46.06
N GLY I 228 -60.03 14.73 46.15
CA GLY I 228 -60.17 15.71 47.24
C GLY I 228 -59.65 15.25 48.59
N GLY I 229 -60.46 15.39 49.63
CA GLY I 229 -60.00 15.13 50.99
C GLY I 229 -60.67 13.96 51.65
N PHE I 230 -59.94 13.26 52.52
CA PHE I 230 -60.48 12.08 53.18
C PHE I 230 -61.31 12.46 54.40
N THR I 231 -62.63 12.29 54.29
CA THR I 231 -63.54 12.59 55.39
C THR I 231 -64.37 11.37 55.70
N TRP I 232 -64.10 10.77 56.84
CA TRP I 232 -64.71 9.51 57.22
C TRP I 232 -65.04 9.47 58.71
N LEU I 233 -66.19 8.88 59.03
CA LEU I 233 -66.60 8.66 60.41
C LEU I 233 -66.76 7.17 60.67
N ASN I 234 -66.11 6.70 61.73
CA ASN I 234 -66.22 5.31 62.15
C ASN I 234 -67.63 4.97 62.64
N ASP I 235 -68.26 4.00 61.99
CA ASP I 235 -69.62 3.57 62.30
C ASP I 235 -69.84 3.28 63.77
N ARG I 236 -68.83 2.71 64.41
CA ARG I 236 -68.86 2.36 65.84
C ARG I 236 -69.32 3.53 66.72
N PHE I 237 -68.99 4.76 66.30
CA PHE I 237 -69.25 5.95 67.09
C PHE I 237 -70.45 6.80 66.64
N LYS I 238 -71.05 6.41 65.50
CA LYS I 238 -72.13 7.19 64.90
C LYS I 238 -73.32 7.40 65.83
N GLU I 239 -73.73 8.65 65.96
CA GLU I 239 -74.86 9.08 66.80
C GLU I 239 -74.79 8.52 68.23
N LYS I 240 -73.61 8.60 68.82
CA LYS I 240 -73.40 8.15 70.19
C LYS I 240 -72.63 9.19 70.97
N GLU I 241 -73.15 9.57 72.14
CA GLU I 241 -72.43 10.47 73.03
C GLU I 241 -71.25 9.70 73.63
N ILE I 242 -70.04 10.19 73.37
CA ILE I 242 -68.82 9.48 73.78
C ILE I 242 -68.05 10.28 74.83
N GLY I 243 -67.08 9.62 75.45
CA GLY I 243 -66.31 10.22 76.54
C GLY I 243 -65.14 11.07 76.06
N GLU I 244 -64.02 10.98 76.78
CA GLU I 244 -62.83 11.78 76.49
C GLU I 244 -62.14 11.36 75.20
N GLY I 245 -61.62 12.35 74.48
CA GLY I 245 -60.88 12.13 73.24
C GLY I 245 -60.00 13.31 72.89
N MET I 246 -59.14 13.14 71.89
CA MET I 246 -58.22 14.19 71.47
C MET I 246 -58.18 14.39 69.94
N VAL I 247 -57.69 15.54 69.51
CA VAL I 247 -57.64 15.90 68.10
C VAL I 247 -56.21 16.13 67.63
N PHE I 248 -55.89 15.71 66.41
CA PHE I 248 -54.57 15.96 65.81
C PHE I 248 -54.70 16.59 64.43
N ASP I 249 -53.94 17.67 64.21
CA ASP I 249 -53.91 18.36 62.92
C ASP I 249 -52.53 18.36 62.30
N VAL I 250 -52.44 18.14 60.98
CA VAL I 250 -51.17 18.25 60.28
C VAL I 250 -50.83 19.72 60.11
N ASN I 251 -49.58 20.07 60.36
CA ASN I 251 -49.11 21.42 60.10
C ASN I 251 -48.97 21.67 58.60
N SER I 252 -49.92 22.42 58.03
CA SER I 252 -49.93 22.76 56.60
C SER I 252 -49.87 21.53 55.68
N LEU I 253 -50.93 20.74 55.71
CA LEU I 253 -50.99 19.47 54.99
C LEU I 253 -50.55 19.57 53.52
N TYR I 254 -51.15 20.46 52.75
CA TYR I 254 -50.85 20.57 51.32
C TYR I 254 -49.47 21.17 51.01
N PRO I 255 -49.14 22.34 51.59
CA PRO I 255 -47.76 22.80 51.46
C PRO I 255 -46.74 21.73 51.84
N ALA I 256 -47.10 20.83 52.77
CA ALA I 256 -46.20 19.75 53.17
C ALA I 256 -45.97 18.72 52.07
N GLN I 257 -47.04 18.28 51.40
CA GLN I 257 -46.92 17.34 50.29
C GLN I 257 -46.09 17.94 49.17
N MET I 258 -46.34 19.21 48.87
CA MET I 258 -45.65 19.92 47.80
C MET I 258 -44.16 20.08 48.07
N TYR I 259 -43.79 20.07 49.35
CA TYR I 259 -42.41 20.32 49.73
C TYR I 259 -41.50 19.09 49.62
N SER I 260 -42.05 17.91 49.88
CA SER I 260 -41.25 16.70 50.11
C SER I 260 -41.60 15.51 49.22
N ARG I 261 -42.86 15.38 48.82
CA ARG I 261 -43.34 14.23 48.04
C ARG I 261 -42.88 14.24 46.59
N LEU I 262 -42.84 13.05 46.00
CA LEU I 262 -42.60 12.88 44.58
C LEU I 262 -43.87 13.30 43.81
N LEU I 263 -43.75 14.36 42.99
CA LEU I 263 -44.89 14.91 42.25
C LEU I 263 -44.63 14.93 40.74
N PRO I 264 -45.69 14.91 39.90
CA PRO I 264 -45.52 14.78 38.45
C PRO I 264 -45.25 16.09 37.72
N TYR I 265 -44.53 16.01 36.61
CA TYR I 265 -44.33 17.17 35.73
C TYR I 265 -44.17 16.75 34.27
N GLY I 266 -44.40 17.69 33.37
CA GLY I 266 -44.18 17.47 31.95
C GLY I 266 -45.24 16.71 31.19
N GLU I 267 -44.91 16.32 29.97
CA GLU I 267 -45.81 15.62 29.07
C GLU I 267 -46.05 14.18 29.53
N PRO I 268 -47.32 13.80 29.70
CA PRO I 268 -47.65 12.43 30.09
C PRO I 268 -47.46 11.49 28.90
N ILE I 269 -47.26 10.21 29.18
CA ILE I 269 -47.24 9.19 28.14
C ILE I 269 -48.41 8.22 28.33
N VAL I 270 -49.27 8.17 27.32
CA VAL I 270 -50.42 7.27 27.34
C VAL I 270 -49.90 5.84 27.19
N PHE I 271 -50.45 4.93 27.99
CA PHE I 271 -50.17 3.51 27.79
C PHE I 271 -51.44 2.69 27.84
N GLU I 272 -51.45 1.57 27.11
CA GLU I 272 -52.58 0.65 27.14
C GLU I 272 -52.30 -0.49 28.13
N GLY I 273 -53.34 -0.96 28.80
CA GLY I 273 -53.21 -2.06 29.76
C GLY I 273 -52.54 -1.66 31.05
N LYS I 274 -52.00 -2.65 31.76
CA LYS I 274 -51.32 -2.45 33.04
C LYS I 274 -50.04 -1.65 32.87
N TYR I 275 -49.73 -0.84 33.88
CA TYR I 275 -48.48 -0.09 33.93
C TYR I 275 -47.31 -1.00 34.29
N VAL I 276 -46.22 -0.88 33.54
CA VAL I 276 -44.94 -1.49 33.93
C VAL I 276 -44.00 -0.40 34.45
N TRP I 277 -43.32 -0.72 35.56
CA TRP I 277 -42.41 0.22 36.22
C TRP I 277 -41.39 0.84 35.26
N ASP I 278 -41.35 2.16 35.25
CA ASP I 278 -40.41 2.93 34.44
C ASP I 278 -39.77 3.95 35.37
N GLU I 279 -38.46 3.81 35.61
CA GLU I 279 -37.78 4.74 36.50
C GLU I 279 -37.83 6.20 36.04
N ASP I 280 -37.91 6.42 34.72
CA ASP I 280 -38.02 7.77 34.14
C ASP I 280 -39.46 8.34 34.19
N TYR I 281 -40.44 7.45 34.32
CA TYR I 281 -41.84 7.86 34.42
C TYR I 281 -42.50 7.11 35.60
N PRO I 282 -42.06 7.42 36.84
CA PRO I 282 -42.36 6.59 38.00
C PRO I 282 -43.76 6.81 38.59
N LEU I 283 -44.42 7.90 38.20
CA LEU I 283 -45.80 8.13 38.62
C LEU I 283 -46.78 7.81 37.49
N HIS I 284 -47.95 7.30 37.85
CA HIS I 284 -48.94 6.93 36.85
C HIS I 284 -50.36 6.99 37.38
N ILE I 285 -51.31 7.17 36.45
CA ILE I 285 -52.72 7.02 36.72
C ILE I 285 -53.20 5.80 35.93
N GLN I 286 -53.93 4.92 36.59
CA GLN I 286 -54.36 3.66 36.00
C GLN I 286 -55.88 3.55 35.96
N HIS I 287 -56.44 3.35 34.77
CA HIS I 287 -57.87 3.08 34.64
C HIS I 287 -58.12 1.58 34.79
N ILE I 288 -58.56 1.20 35.99
CA ILE I 288 -58.67 -0.18 36.43
C ILE I 288 -60.16 -0.54 36.50
N ARG I 289 -60.47 -1.83 36.51
CA ARG I 289 -61.81 -2.32 36.77
C ARG I 289 -61.71 -3.55 37.67
N CYS I 290 -62.69 -3.75 38.55
CA CYS I 290 -62.65 -4.90 39.47
C CYS I 290 -63.77 -4.97 40.50
N GLU I 291 -63.65 -5.97 41.36
CA GLU I 291 -64.47 -6.12 42.56
C GLU I 291 -63.55 -6.12 43.77
N PHE I 292 -64.08 -5.76 44.93
CA PHE I 292 -63.28 -5.70 46.15
C PHE I 292 -64.06 -5.99 47.43
N GLU I 293 -63.33 -6.44 48.45
CA GLU I 293 -63.81 -6.53 49.82
C GLU I 293 -62.80 -5.89 50.75
N LEU I 294 -63.28 -5.05 51.65
CA LEU I 294 -62.40 -4.40 52.64
C LEU I 294 -61.80 -5.46 53.57
N LYS I 295 -60.47 -5.38 53.77
CA LYS I 295 -59.77 -6.24 54.73
C LYS I 295 -60.21 -5.92 56.13
N GLU I 296 -60.35 -6.94 56.98
CA GLU I 296 -60.84 -6.71 58.32
C GLU I 296 -59.79 -5.97 59.15
N GLY I 297 -60.26 -4.99 59.92
CA GLY I 297 -59.36 -4.17 60.72
C GLY I 297 -58.75 -3.02 59.93
N TYR I 298 -59.34 -2.72 58.78
CA TYR I 298 -58.87 -1.62 57.93
C TYR I 298 -59.95 -0.56 57.67
N ILE I 299 -59.49 0.67 57.46
CA ILE I 299 -60.36 1.79 57.12
C ILE I 299 -60.66 1.74 55.60
N PRO I 300 -61.94 1.97 55.22
CA PRO I 300 -62.29 2.05 53.80
C PRO I 300 -61.65 3.25 53.10
N THR I 301 -61.26 3.06 51.85
CA THR I 301 -60.51 4.05 51.09
C THR I 301 -61.21 4.46 49.80
N ILE I 302 -61.79 3.49 49.10
CA ILE I 302 -62.38 3.71 47.79
C ILE I 302 -63.74 4.37 47.88
N GLN I 303 -63.97 5.29 46.95
CA GLN I 303 -65.23 6.00 46.82
C GLN I 303 -65.54 6.07 45.32
N ILE I 304 -66.76 5.70 44.92
CA ILE I 304 -67.08 5.74 43.49
C ILE I 304 -68.13 6.79 43.21
N LYS I 305 -67.73 7.82 42.45
CA LYS I 305 -68.62 8.96 42.16
C LYS I 305 -69.61 8.63 41.05
N ARG I 306 -69.17 8.72 39.78
CA ARG I 306 -70.07 8.45 38.66
C ARG I 306 -70.30 6.95 38.44
N SER I 307 -71.47 6.47 38.85
CA SER I 307 -71.84 5.07 38.68
C SER I 307 -73.35 4.85 38.67
N ARG I 308 -73.74 3.77 38.00
CA ARG I 308 -75.12 3.27 38.06
C ARG I 308 -75.48 2.94 39.52
N PHE I 309 -74.54 2.30 40.21
CA PHE I 309 -74.76 1.76 41.54
C PHE I 309 -73.96 2.56 42.56
N TYR I 310 -74.01 3.88 42.37
CA TYR I 310 -73.29 4.85 43.19
C TYR I 310 -73.94 5.05 44.56
N LYS I 311 -73.09 5.31 45.56
CA LYS I 311 -73.52 5.96 46.80
C LYS I 311 -72.35 6.80 47.30
N GLY I 312 -71.45 7.13 46.37
CA GLY I 312 -70.13 7.71 46.62
C GLY I 312 -69.96 8.97 47.45
N ASN I 313 -70.73 9.09 48.52
CA ASN I 313 -70.42 10.04 49.57
C ASN I 313 -69.76 9.31 50.73
N GLU I 314 -70.22 8.08 50.96
CA GLU I 314 -69.61 7.17 51.92
C GLU I 314 -68.46 6.45 51.25
N TYR I 315 -67.52 5.97 52.08
CA TYR I 315 -66.44 5.13 51.58
C TYR I 315 -66.88 3.68 51.64
N LEU I 316 -66.50 2.92 50.62
CA LEU I 316 -67.06 1.59 50.37
C LEU I 316 -66.39 0.43 51.09
N LYS I 317 -67.22 -0.40 51.71
CA LYS I 317 -66.78 -1.61 52.37
C LYS I 317 -66.64 -2.76 51.35
N SER I 318 -67.44 -2.73 50.28
CA SER I 318 -67.57 -3.84 49.34
C SER I 318 -68.00 -3.38 47.95
N SER I 319 -67.80 -4.24 46.95
CA SER I 319 -68.19 -3.95 45.56
C SER I 319 -69.69 -4.03 45.32
N GLY I 320 -70.39 -4.70 46.21
CA GLY I 320 -71.84 -4.85 46.11
C GLY I 320 -72.25 -5.97 45.17
N GLY I 321 -71.28 -6.64 44.57
CA GLY I 321 -71.56 -7.70 43.60
C GLY I 321 -71.72 -7.18 42.18
N GLU I 322 -71.40 -5.90 42.00
CA GLU I 322 -71.25 -5.32 40.68
C GLU I 322 -69.83 -4.73 40.54
N ILE I 323 -69.45 -4.38 39.31
CA ILE I 323 -68.05 -4.10 38.98
C ILE I 323 -67.66 -2.63 39.07
N ALA I 324 -66.72 -2.33 39.96
CA ALA I 324 -66.17 -0.98 40.12
C ALA I 324 -65.31 -0.58 38.94
N ASP I 325 -65.42 0.68 38.52
CA ASP I 325 -64.70 1.21 37.38
C ASP I 325 -64.07 2.53 37.78
N LEU I 326 -62.76 2.51 38.07
CA LEU I 326 -62.09 3.69 38.63
C LEU I 326 -60.76 4.05 37.97
N TRP I 327 -60.38 5.31 38.16
CA TRP I 327 -59.08 5.84 37.75
C TRP I 327 -58.36 6.19 39.04
N LEU I 328 -57.18 5.61 39.25
CA LEU I 328 -56.42 5.80 40.48
C LEU I 328 -54.99 6.21 40.21
N SER I 329 -54.48 7.14 41.02
CA SER I 329 -53.05 7.39 41.04
C SER I 329 -52.39 6.18 41.69
N ASN I 330 -51.10 5.96 41.41
CA ASN I 330 -50.38 4.87 42.04
C ASN I 330 -50.37 4.97 43.56
N VAL I 331 -50.36 6.19 44.07
CA VAL I 331 -50.52 6.43 45.50
C VAL I 331 -51.85 5.86 46.02
N ASP I 332 -52.93 6.16 45.33
CA ASP I 332 -54.27 5.65 45.69
C ASP I 332 -54.37 4.14 45.57
N LEU I 333 -53.80 3.61 44.49
CA LEU I 333 -53.86 2.18 44.17
C LEU I 333 -53.08 1.32 45.16
N GLU I 334 -51.86 1.75 45.50
CA GLU I 334 -51.01 1.01 46.44
C GLU I 334 -51.67 0.94 47.80
N LEU I 335 -52.31 2.05 48.16
CA LEU I 335 -53.08 2.17 49.38
C LEU I 335 -54.31 1.26 49.35
N MET I 336 -54.97 1.19 48.20
CA MET I 336 -56.15 0.35 48.01
C MET I 336 -55.80 -1.12 48.18
N LYS I 337 -54.69 -1.54 47.55
CA LYS I 337 -54.22 -2.92 47.62
C LYS I 337 -53.96 -3.39 49.06
N GLU I 338 -53.47 -2.49 49.90
CA GLU I 338 -53.24 -2.83 51.31
C GLU I 338 -54.55 -2.96 52.09
N HIS I 339 -55.52 -2.11 51.80
CA HIS I 339 -56.76 -2.03 52.59
C HIS I 339 -57.84 -3.00 52.13
N TYR I 340 -57.74 -3.46 50.88
CA TYR I 340 -58.77 -4.28 50.27
C TYR I 340 -58.25 -5.61 49.75
N ASP I 341 -59.18 -6.56 49.59
CA ASP I 341 -58.94 -7.77 48.83
C ASP I 341 -59.48 -7.44 47.46
N LEU I 342 -58.66 -7.60 46.42
CA LEU I 342 -59.11 -7.33 45.06
C LEU I 342 -59.43 -8.61 44.27
N TYR I 343 -60.53 -8.59 43.54
CA TYR I 343 -60.92 -9.72 42.70
C TYR I 343 -61.13 -9.24 41.27
N ASN I 344 -60.83 -10.12 40.32
CA ASN I 344 -61.03 -9.88 38.90
C ASN I 344 -60.54 -8.52 38.41
N VAL I 345 -59.32 -8.15 38.82
CA VAL I 345 -58.76 -6.87 38.40
C VAL I 345 -58.46 -6.90 36.91
N GLU I 346 -58.98 -5.90 36.20
CA GLU I 346 -58.78 -5.76 34.76
C GLU I 346 -58.12 -4.41 34.51
N TYR I 347 -57.03 -4.39 33.76
CA TYR I 347 -56.30 -3.13 33.49
C TYR I 347 -56.59 -2.62 32.08
N ILE I 348 -57.23 -1.45 31.98
CA ILE I 348 -57.70 -0.95 30.68
C ILE I 348 -56.66 -0.07 29.98
N SER I 349 -56.16 0.94 30.69
CA SER I 349 -55.13 1.81 30.16
C SER I 349 -54.71 2.81 31.24
N GLY I 350 -53.85 3.76 30.89
CA GLY I 350 -53.38 4.73 31.86
C GLY I 350 -52.50 5.83 31.31
N LEU I 351 -51.92 6.61 32.23
CA LEU I 351 -50.99 7.69 31.92
C LEU I 351 -49.82 7.65 32.90
N LYS I 352 -48.61 7.79 32.38
CA LYS I 352 -47.43 7.88 33.25
C LYS I 352 -46.74 9.23 33.11
N PHE I 353 -46.04 9.64 34.17
CA PHE I 353 -45.49 10.99 34.29
C PHE I 353 -44.05 10.98 34.80
N LYS I 354 -43.23 11.89 34.27
CA LYS I 354 -41.95 12.20 34.90
C LYS I 354 -42.25 12.72 36.31
N ALA I 355 -41.35 12.49 37.25
CA ALA I 355 -41.58 12.95 38.62
C ALA I 355 -40.36 13.60 39.24
N THR I 356 -40.60 14.37 40.30
CA THR I 356 -39.55 15.09 41.02
C THR I 356 -40.03 15.53 42.40
N THR I 357 -39.09 15.90 43.28
CA THR I 357 -39.43 16.34 44.62
C THR I 357 -39.11 17.82 44.85
N GLY I 358 -38.34 18.41 43.94
CA GLY I 358 -37.84 19.78 44.16
C GLY I 358 -38.55 20.94 43.50
N LEU I 359 -39.78 20.74 43.03
CA LEU I 359 -40.48 21.77 42.26
C LEU I 359 -40.93 22.98 43.08
N PHE I 360 -41.28 22.76 44.35
CA PHE I 360 -41.88 23.81 45.16
C PHE I 360 -40.98 24.39 46.27
N LYS I 361 -39.81 23.80 46.45
CA LYS I 361 -38.94 24.12 47.58
C LYS I 361 -38.59 25.60 47.72
N ASP I 362 -38.15 26.22 46.63
CA ASP I 362 -37.79 27.66 46.67
C ASP I 362 -38.96 28.55 47.03
N PHE I 363 -40.12 28.29 46.41
CA PHE I 363 -41.33 29.07 46.70
C PHE I 363 -41.77 28.94 48.15
N ILE I 364 -41.76 27.72 48.67
CA ILE I 364 -42.12 27.47 50.06
C ILE I 364 -41.09 28.08 51.02
N ASP I 365 -39.80 27.83 50.77
CA ASP I 365 -38.72 28.40 51.58
C ASP I 365 -38.83 29.91 51.69
N LYS I 366 -38.96 30.59 50.55
CA LYS I 366 -39.09 32.05 50.52
C LYS I 366 -40.15 32.53 51.50
N TRP I 367 -41.34 31.96 51.39
CA TRP I 367 -42.49 32.45 52.14
C TRP I 367 -42.57 31.94 53.57
N THR I 368 -42.12 30.71 53.79
CA THR I 368 -42.01 30.19 55.15
C THR I 368 -41.05 31.08 55.94
N TYR I 369 -39.96 31.47 55.29
CA TYR I 369 -39.00 32.39 55.90
C TYR I 369 -39.70 33.68 56.31
N ILE I 370 -40.30 34.37 55.34
CA ILE I 370 -41.04 35.61 55.59
C ILE I 370 -42.08 35.45 56.71
N LYS I 371 -42.82 34.34 56.68
CA LYS I 371 -43.81 34.05 57.72
C LYS I 371 -43.19 34.07 59.13
N THR I 372 -42.14 33.28 59.34
CA THR I 372 -41.54 33.14 60.67
C THR I 372 -40.71 34.36 61.05
N THR I 373 -40.10 35.00 60.04
CA THR I 373 -39.30 36.21 60.22
C THR I 373 -40.17 37.42 60.59
N SER I 374 -41.45 37.39 60.23
CA SER I 374 -42.26 38.58 60.30
C SER I 374 -43.43 38.50 61.28
N GLU I 375 -44.21 39.60 61.35
CA GLU I 375 -45.41 39.67 62.18
C GLU I 375 -46.50 40.50 61.49
N GLY I 376 -47.73 40.39 61.99
CA GLY I 376 -48.84 41.19 61.51
C GLY I 376 -49.20 40.95 60.06
N ALA I 377 -49.48 42.05 59.36
CA ALA I 377 -49.91 42.00 57.96
C ALA I 377 -49.01 41.12 57.11
N ILE I 378 -47.71 41.43 57.08
CA ILE I 378 -46.77 40.67 56.25
C ILE I 378 -46.84 39.17 56.56
N LYS I 379 -47.04 38.84 57.83
CA LYS I 379 -47.16 37.45 58.27
C LYS I 379 -48.41 36.79 57.69
N GLN I 380 -49.51 37.55 57.65
CA GLN I 380 -50.76 37.03 57.09
C GLN I 380 -50.69 36.86 55.58
N LEU I 381 -50.08 37.82 54.90
CA LEU I 381 -49.86 37.71 53.47
C LEU I 381 -48.98 36.51 53.14
N ALA I 382 -47.96 36.28 53.96
CA ALA I 382 -47.07 35.13 53.80
C ALA I 382 -47.86 33.83 53.89
N LYS I 383 -48.78 33.76 54.85
CA LYS I 383 -49.61 32.58 55.01
C LYS I 383 -50.46 32.36 53.77
N LEU I 384 -51.18 33.40 53.34
CA LEU I 384 -51.99 33.38 52.12
C LEU I 384 -51.23 32.85 50.92
N MET I 385 -50.01 33.35 50.74
CA MET I 385 -49.17 32.96 49.62
C MET I 385 -48.90 31.46 49.63
N LEU I 386 -48.75 30.90 50.82
CA LEU I 386 -48.49 29.48 50.97
C LEU I 386 -49.75 28.66 50.78
N ASN I 387 -50.87 29.14 51.28
CA ASN I 387 -52.09 28.35 51.27
C ASN I 387 -52.96 28.50 50.02
N SER I 388 -52.65 29.47 49.18
CA SER I 388 -53.46 29.74 47.99
C SER I 388 -52.95 29.04 46.73
N LEU I 389 -51.70 28.56 46.77
CA LEU I 389 -51.05 28.01 45.58
C LEU I 389 -51.66 26.70 45.11
N TYR I 390 -51.70 25.71 46.00
CA TYR I 390 -52.21 24.39 45.66
C TYR I 390 -53.52 24.44 44.86
N GLY I 391 -54.49 25.19 45.37
CA GLY I 391 -55.82 25.31 44.74
C GLY I 391 -55.77 25.56 43.25
N LYS I 392 -54.77 26.32 42.81
CA LYS I 392 -54.66 26.71 41.41
C LYS I 392 -54.47 25.54 40.45
N PHE I 393 -53.81 24.49 40.91
CA PHE I 393 -53.60 23.28 40.12
C PHE I 393 -54.84 22.38 40.05
N ALA I 394 -55.61 22.38 41.14
CA ALA I 394 -56.82 21.57 41.26
C ALA I 394 -58.09 22.36 40.97
N SER I 395 -58.28 22.75 39.72
CA SER I 395 -59.53 23.38 39.34
C SER I 395 -60.06 22.77 38.06
N ASN I 396 -61.36 22.92 37.83
CA ASN I 396 -61.98 22.44 36.61
C ASN I 396 -62.10 23.59 35.58
N PRO I 397 -62.07 23.25 34.28
CA PRO I 397 -61.87 24.27 33.24
C PRO I 397 -63.14 25.03 32.86
N ASP I 398 -64.24 24.80 33.58
CA ASP I 398 -65.51 25.45 33.28
C ASP I 398 -65.50 26.85 33.85
N VAL I 399 -65.79 27.81 32.99
CA VAL I 399 -65.80 29.22 33.36
C VAL I 399 -67.11 29.87 32.89
N THR I 400 -68.15 29.05 32.81
CA THR I 400 -69.48 29.50 32.40
C THR I 400 -70.04 30.45 33.45
N GLY I 401 -70.49 31.62 33.00
CA GLY I 401 -70.95 32.66 33.91
C GLY I 401 -72.45 32.87 33.94
N LYS I 402 -72.91 33.55 34.98
CA LYS I 402 -74.30 33.99 35.08
C LYS I 402 -74.46 35.38 34.49
N VAL I 403 -75.55 35.61 33.78
CA VAL I 403 -75.82 36.88 33.13
C VAL I 403 -76.97 37.62 33.84
N PRO I 404 -76.70 38.85 34.32
CA PRO I 404 -77.76 39.63 34.96
C PRO I 404 -78.70 40.25 33.94
N TYR I 405 -79.96 40.43 34.34
CA TYR I 405 -80.93 41.16 33.54
C TYR I 405 -81.92 41.79 34.52
N LEU I 406 -82.49 42.92 34.14
CA LEU I 406 -83.49 43.56 34.99
C LEU I 406 -84.81 42.84 34.79
N LYS I 407 -85.33 42.30 35.89
CA LYS I 407 -86.54 41.49 35.90
C LYS I 407 -87.75 42.35 35.59
N GLU I 408 -88.87 41.69 35.30
CA GLU I 408 -90.11 42.35 34.95
C GLU I 408 -90.55 43.34 36.06
N ASN I 409 -90.33 42.94 37.31
CA ASN I 409 -90.78 43.71 38.49
C ASN I 409 -89.75 44.66 39.10
N GLY I 410 -88.62 44.84 38.42
CA GLY I 410 -87.61 45.80 38.86
C GLY I 410 -86.50 45.24 39.73
N ALA I 411 -86.61 43.95 40.08
CA ALA I 411 -85.57 43.24 40.81
C ALA I 411 -84.52 42.69 39.84
N LEU I 412 -83.43 42.15 40.37
CA LEU I 412 -82.39 41.54 39.53
C LEU I 412 -82.62 40.06 39.29
N GLY I 413 -82.46 39.64 38.04
CA GLY I 413 -82.51 38.24 37.68
C GLY I 413 -81.20 37.78 37.06
N PHE I 414 -80.93 36.48 37.13
CA PHE I 414 -79.71 35.89 36.57
C PHE I 414 -80.02 34.63 35.77
N ARG I 415 -79.46 34.54 34.56
CA ARG I 415 -79.60 33.39 33.67
C ARG I 415 -78.23 32.88 33.26
N LEU I 416 -78.10 31.56 33.10
CA LEU I 416 -76.85 30.95 32.67
C LEU I 416 -76.44 31.39 31.27
N GLY I 417 -75.22 31.89 31.13
CA GLY I 417 -74.72 32.39 29.85
C GLY I 417 -74.18 31.32 28.92
N GLU I 418 -73.33 31.74 27.99
CA GLU I 418 -72.70 30.85 27.02
C GLU I 418 -71.77 29.87 27.73
N GLU I 419 -71.74 28.63 27.27
CA GLU I 419 -70.77 27.63 27.69
C GLU I 419 -69.37 28.16 27.41
N GLU I 420 -68.50 28.10 28.42
CA GLU I 420 -67.18 28.73 28.34
C GLU I 420 -66.12 27.87 29.01
N THR I 421 -64.92 27.83 28.40
CA THR I 421 -63.84 26.94 28.84
C THR I 421 -62.49 27.63 28.97
N LYS I 422 -61.78 27.31 30.05
CA LYS I 422 -60.43 27.80 30.35
C LYS I 422 -59.42 26.65 30.25
N ASP I 423 -58.21 26.93 29.78
CA ASP I 423 -57.13 25.95 29.82
C ASP I 423 -56.80 25.65 31.28
N PRO I 424 -56.68 24.36 31.62
CA PRO I 424 -56.27 23.95 32.98
C PRO I 424 -54.78 24.20 33.15
N VAL I 425 -54.34 24.51 34.38
CA VAL I 425 -52.92 24.81 34.60
C VAL I 425 -52.06 23.54 34.49
N TYR I 426 -52.38 22.53 35.30
CA TYR I 426 -51.73 21.22 35.24
C TYR I 426 -52.37 20.26 36.23
N THR I 427 -53.46 19.62 35.79
CA THR I 427 -54.27 18.78 36.68
C THR I 427 -53.57 17.59 37.33
N PRO I 428 -52.62 16.92 36.63
CA PRO I 428 -51.86 15.85 37.28
C PRO I 428 -51.35 16.24 38.68
N MET I 429 -50.87 17.48 38.78
CA MET I 429 -50.36 18.02 40.04
C MET I 429 -51.46 18.07 41.11
N GLY I 430 -52.66 18.49 40.70
CA GLY I 430 -53.81 18.57 41.60
C GLY I 430 -54.14 17.19 42.11
N VAL I 431 -54.03 16.20 41.23
CA VAL I 431 -54.38 14.81 41.54
C VAL I 431 -53.41 14.21 42.55
N PHE I 432 -52.10 14.38 42.33
CA PHE I 432 -51.11 13.77 43.20
C PHE I 432 -50.89 14.48 44.54
N ILE I 433 -51.10 15.79 44.59
CA ILE I 433 -51.00 16.51 45.86
C ILE I 433 -52.09 16.04 46.83
N THR I 434 -53.33 15.93 46.36
CA THR I 434 -54.41 15.50 47.23
C THR I 434 -54.30 14.03 47.56
N ALA I 435 -53.74 13.24 46.64
CA ALA I 435 -53.54 11.81 46.87
C ALA I 435 -52.49 11.60 47.95
N TRP I 436 -51.39 12.35 47.87
CA TRP I 436 -50.38 12.30 48.91
C TRP I 436 -50.93 12.77 50.25
N ALA I 437 -51.83 13.75 50.21
CA ALA I 437 -52.51 14.22 51.42
C ALA I 437 -53.38 13.13 52.05
N ARG I 438 -54.20 12.46 51.24
CA ARG I 438 -55.03 11.35 51.72
C ARG I 438 -54.15 10.27 52.33
N TYR I 439 -53.08 9.91 51.61
CA TYR I 439 -52.12 8.93 52.07
C TYR I 439 -51.62 9.28 53.46
N THR I 440 -51.26 10.55 53.65
CA THR I 440 -50.71 11.03 54.91
C THR I 440 -51.69 10.80 56.06
N THR I 441 -52.94 11.18 55.83
CA THR I 441 -53.99 11.11 56.85
C THR I 441 -54.46 9.68 57.10
N ILE I 442 -54.72 8.92 56.04
CA ILE I 442 -55.22 7.56 56.20
C ILE I 442 -54.18 6.69 56.90
N THR I 443 -52.91 6.87 56.57
CA THR I 443 -51.83 6.09 57.19
C THR I 443 -51.83 6.28 58.70
N ALA I 444 -51.76 7.53 59.14
CA ALA I 444 -51.82 7.86 60.55
C ALA I 444 -53.08 7.31 61.23
N ALA I 445 -54.22 7.52 60.58
CA ALA I 445 -55.51 7.03 61.08
C ALA I 445 -55.52 5.52 61.23
N GLN I 446 -55.00 4.81 60.22
CA GLN I 446 -54.93 3.35 60.24
C GLN I 446 -54.05 2.87 61.37
N ALA I 447 -52.94 3.58 61.59
CA ALA I 447 -52.00 3.29 62.67
C ALA I 447 -52.67 3.37 64.04
N CYS I 448 -53.74 4.16 64.14
CA CYS I 448 -54.49 4.30 65.38
C CYS I 448 -55.88 3.67 65.24
N TYR I 449 -55.95 2.54 64.53
CA TYR I 449 -57.23 1.95 64.16
C TYR I 449 -58.16 1.69 65.34
N ASP I 450 -57.61 1.18 66.43
CA ASP I 450 -58.41 0.81 67.61
C ASP I 450 -58.99 2.01 68.37
N ARG I 451 -58.48 3.20 68.05
CA ARG I 451 -58.88 4.43 68.75
C ARG I 451 -59.48 5.49 67.84
N ILE I 452 -59.43 5.27 66.53
CA ILE I 452 -59.90 6.25 65.53
C ILE I 452 -61.43 6.49 65.57
N ILE I 453 -61.81 7.76 65.60
CA ILE I 453 -63.23 8.14 65.60
C ILE I 453 -63.62 8.74 64.26
N TYR I 454 -62.79 9.64 63.74
CA TYR I 454 -63.18 10.53 62.66
C TYR I 454 -61.94 11.10 61.97
N CYS I 455 -62.01 11.22 60.65
CA CYS I 455 -60.98 11.94 59.91
C CYS I 455 -61.62 13.06 59.13
N ASP I 456 -60.92 14.18 59.02
CA ASP I 456 -61.35 15.21 58.10
C ASP I 456 -60.16 15.89 57.44
N THR I 457 -59.85 15.44 56.24
CA THR I 457 -58.79 16.00 55.41
C THR I 457 -57.45 15.99 56.12
N ASP I 458 -57.24 16.95 57.03
CA ASP I 458 -55.96 17.11 57.69
C ASP I 458 -56.02 16.96 59.21
N SER I 459 -57.06 16.31 59.71
CA SER I 459 -57.12 16.05 61.14
C SER I 459 -57.66 14.66 61.49
N ILE I 460 -57.32 14.23 62.70
CA ILE I 460 -57.69 12.91 63.21
C ILE I 460 -58.30 13.06 64.60
N HIS I 461 -59.37 12.32 64.85
CA HIS I 461 -60.03 12.32 66.14
C HIS I 461 -59.92 10.94 66.79
N LEU I 462 -59.35 10.89 67.98
CA LEU I 462 -59.10 9.64 68.68
C LEU I 462 -59.83 9.53 70.01
N THR I 463 -60.04 8.28 70.44
CA THR I 463 -60.50 7.96 71.78
C THR I 463 -59.33 8.10 72.75
N GLY I 464 -59.61 8.56 73.97
CA GLY I 464 -58.58 8.67 75.03
C GLY I 464 -57.91 10.03 75.08
N THR I 465 -56.94 10.18 75.98
CA THR I 465 -56.25 11.46 76.15
C THR I 465 -54.72 11.36 76.04
N GLU I 466 -54.22 10.16 75.84
CA GLU I 466 -52.78 9.92 75.76
C GLU I 466 -52.35 9.74 74.30
N ILE I 467 -51.27 10.41 73.91
CA ILE I 467 -50.74 10.26 72.55
C ILE I 467 -50.32 8.80 72.32
N PRO I 468 -50.84 8.16 71.25
CA PRO I 468 -50.50 6.76 70.97
C PRO I 468 -49.04 6.62 70.57
N ASP I 469 -48.38 5.60 71.14
CA ASP I 469 -46.96 5.32 70.87
C ASP I 469 -46.57 5.38 69.40
N VAL I 470 -47.37 4.71 68.56
CA VAL I 470 -47.06 4.57 67.14
C VAL I 470 -46.89 5.89 66.38
N ILE I 471 -47.57 6.93 66.83
CA ILE I 471 -47.48 8.23 66.16
C ILE I 471 -46.71 9.27 66.97
N LYS I 472 -46.19 8.86 68.12
CA LYS I 472 -45.43 9.76 68.98
C LYS I 472 -44.29 10.44 68.22
N ASP I 473 -43.59 9.66 67.40
CA ASP I 473 -42.43 10.17 66.69
C ASP I 473 -42.77 11.10 65.53
N ILE I 474 -44.06 11.19 65.19
CA ILE I 474 -44.52 12.10 64.14
C ILE I 474 -45.43 13.22 64.65
N VAL I 475 -45.50 13.36 65.98
CA VAL I 475 -46.22 14.46 66.61
C VAL I 475 -45.27 15.62 66.91
N ASP I 476 -45.60 16.79 66.39
CA ASP I 476 -44.85 18.02 66.66
C ASP I 476 -45.79 19.21 66.56
N PRO I 477 -45.69 20.15 67.53
CA PRO I 477 -46.48 21.38 67.54
C PRO I 477 -46.28 22.28 66.32
N LYS I 478 -45.07 22.33 65.77
CA LYS I 478 -44.75 23.28 64.69
C LYS I 478 -44.29 22.69 63.33
N LYS I 479 -43.40 21.71 63.36
CA LYS I 479 -42.78 21.17 62.14
C LYS I 479 -43.75 20.91 60.99
N LEU I 480 -43.36 21.36 59.80
CA LEU I 480 -44.14 21.19 58.58
C LEU I 480 -44.38 19.73 58.28
N GLY I 481 -45.65 19.38 58.05
CA GLY I 481 -46.01 18.03 57.68
C GLY I 481 -46.34 17.12 58.85
N TYR I 482 -45.88 17.52 60.04
CA TYR I 482 -46.08 16.73 61.25
C TYR I 482 -47.47 16.96 61.83
N TRP I 483 -47.85 16.08 62.76
CA TRP I 483 -49.13 16.19 63.44
C TRP I 483 -48.97 16.98 64.72
N ALA I 484 -49.81 18.01 64.89
CA ALA I 484 -49.86 18.77 66.12
C ALA I 484 -51.03 18.30 66.98
N HIS I 485 -50.80 18.17 68.28
CA HIS I 485 -51.86 17.87 69.24
C HIS I 485 -52.71 19.13 69.46
N GLU I 486 -53.86 19.15 68.80
CA GLU I 486 -54.72 20.32 68.66
C GLU I 486 -55.52 20.64 69.93
N SER I 487 -56.33 19.68 70.35
CA SER I 487 -57.25 19.88 71.46
C SER I 487 -57.65 18.55 72.07
N THR I 488 -58.25 18.61 73.26
CA THR I 488 -58.73 17.45 73.98
C THR I 488 -60.13 17.78 74.45
N PHE I 489 -61.05 16.84 74.29
CA PHE I 489 -62.43 17.07 74.71
C PHE I 489 -62.94 16.11 75.79
N LYS I 490 -63.81 16.64 76.64
CA LYS I 490 -64.42 15.89 77.73
C LYS I 490 -65.44 14.90 77.18
N ARG I 491 -66.21 15.33 76.18
CA ARG I 491 -67.21 14.49 75.53
C ARG I 491 -67.52 14.98 74.11
N ALA I 492 -68.10 14.10 73.30
CA ALA I 492 -68.46 14.43 71.92
C ALA I 492 -69.64 13.62 71.40
N LYS I 493 -70.21 14.07 70.29
CA LYS I 493 -71.29 13.35 69.61
C LYS I 493 -71.19 13.62 68.12
N TYR I 494 -71.04 12.55 67.34
CA TYR I 494 -70.90 12.65 65.91
C TYR I 494 -72.14 12.09 65.22
N LEU I 495 -72.76 12.89 64.36
CA LEU I 495 -73.96 12.48 63.64
C LEU I 495 -73.63 11.87 62.28
N ARG I 496 -72.61 12.43 61.63
CA ARG I 496 -72.08 11.95 60.35
C ARG I 496 -70.93 12.85 59.90
N GLN I 497 -70.33 12.54 58.76
CA GLN I 497 -69.31 13.40 58.17
C GLN I 497 -69.64 14.88 58.35
N LYS I 498 -68.64 15.65 58.78
CA LYS I 498 -68.75 17.11 58.91
C LYS I 498 -69.87 17.59 59.83
N THR I 499 -70.43 16.68 60.63
CA THR I 499 -71.55 17.03 61.52
C THR I 499 -71.37 16.43 62.90
N TYR I 500 -70.85 17.25 63.81
CA TYR I 500 -70.59 16.83 65.18
C TYR I 500 -70.44 18.00 66.16
N ILE I 501 -70.44 17.68 67.46
CA ILE I 501 -70.23 18.68 68.53
C ILE I 501 -69.23 18.18 69.58
N GLN I 502 -68.52 19.11 70.22
CA GLN I 502 -67.47 18.76 71.21
C GLN I 502 -67.45 19.69 72.44
N ASP I 503 -66.99 19.14 73.56
CA ASP I 503 -66.72 19.92 74.78
C ASP I 503 -65.21 19.96 75.07
N ILE I 504 -64.55 21.01 74.56
CA ILE I 504 -63.09 21.15 74.62
C ILE I 504 -62.62 21.62 76.02
N TYR I 505 -61.47 21.10 76.45
CA TYR I 505 -60.84 21.58 77.68
C TYR I 505 -60.10 22.89 77.41
N MET I 506 -60.35 23.91 78.24
CA MET I 506 -59.74 25.21 78.05
C MET I 506 -59.02 25.73 79.29
N LYS I 507 -57.91 26.44 79.05
CA LYS I 507 -57.06 26.98 80.10
C LYS I 507 -56.78 28.46 79.81
N GLU I 508 -56.81 29.28 80.86
CA GLU I 508 -56.49 30.71 80.73
C GLU I 508 -54.97 30.93 80.83
N VAL I 509 -54.42 31.65 79.85
CA VAL I 509 -52.99 31.96 79.83
C VAL I 509 -52.71 33.41 80.22
N ASP I 510 -53.31 34.36 79.52
CA ASP I 510 -53.16 35.78 79.87
C ASP I 510 -54.53 36.33 80.27
N GLY I 511 -55.16 37.10 79.38
CA GLY I 511 -56.59 37.35 79.48
C GLY I 511 -57.26 36.29 78.61
N LYS I 512 -56.53 35.86 77.59
CA LYS I 512 -57.02 34.91 76.60
C LYS I 512 -57.18 33.49 77.14
N LEU I 513 -57.92 32.67 76.40
CA LEU I 513 -58.26 31.32 76.81
C LEU I 513 -57.81 30.32 75.74
N VAL I 514 -56.89 29.43 76.10
CA VAL I 514 -56.29 28.46 75.15
C VAL I 514 -56.62 27.00 75.50
N GLU I 515 -56.25 26.08 74.61
CA GLU I 515 -56.55 24.66 74.79
C GLU I 515 -55.73 24.03 75.92
N GLY I 516 -56.42 23.36 76.84
CA GLY I 516 -55.78 22.71 77.99
C GLY I 516 -55.97 21.21 78.02
N SER I 517 -55.35 20.57 79.01
CA SER I 517 -55.45 19.12 79.21
C SER I 517 -56.55 18.79 80.24
N PRO I 518 -56.88 17.50 80.44
CA PRO I 518 -57.89 17.14 81.43
C PRO I 518 -57.47 17.41 82.88
N ASP I 519 -56.19 17.68 83.11
CA ASP I 519 -55.69 18.08 84.43
C ASP I 519 -55.56 19.60 84.50
N ASP I 520 -54.93 20.14 83.46
CA ASP I 520 -54.60 21.56 83.37
C ASP I 520 -55.67 22.26 82.53
N TYR I 521 -56.76 22.69 83.18
CA TYR I 521 -57.87 23.39 82.51
C TYR I 521 -58.79 24.11 83.50
N THR I 522 -59.43 25.18 83.03
CA THR I 522 -60.35 25.96 83.85
C THR I 522 -61.77 26.09 83.25
N ASP I 523 -61.88 25.96 81.93
CA ASP I 523 -63.16 26.20 81.23
C ASP I 523 -63.50 25.15 80.17
N ILE I 524 -64.74 25.20 79.69
CA ILE I 524 -65.20 24.32 78.60
C ILE I 524 -65.70 25.14 77.40
N LYS I 525 -65.03 24.96 76.27
CA LYS I 525 -65.43 25.57 75.00
C LYS I 525 -66.31 24.60 74.24
N PHE I 526 -67.54 25.01 73.95
CA PHE I 526 -68.47 24.21 73.17
C PHE I 526 -68.28 24.52 71.68
N SER I 527 -67.95 23.48 70.91
CA SER I 527 -67.65 23.63 69.49
C SER I 527 -68.64 22.85 68.61
N VAL I 528 -69.06 23.46 67.50
CA VAL I 528 -70.08 22.89 66.63
C VAL I 528 -69.62 22.91 65.18
N LYS I 529 -69.65 21.76 64.52
CA LYS I 529 -69.42 21.70 63.07
C LYS I 529 -70.64 21.08 62.40
N CYS I 530 -71.21 21.82 61.45
CA CYS I 530 -72.39 21.39 60.72
C CYS I 530 -72.58 22.23 59.48
N ALA I 531 -72.57 21.60 58.31
CA ALA I 531 -72.64 22.31 57.04
C ALA I 531 -73.87 23.22 56.92
N GLY I 532 -73.65 24.47 56.55
CA GLY I 532 -74.73 25.42 56.33
C GLY I 532 -75.16 26.21 57.56
N MET I 533 -74.80 25.71 58.74
CA MET I 533 -75.17 26.34 60.00
C MET I 533 -74.31 27.58 60.28
N THR I 534 -74.97 28.72 60.45
CA THR I 534 -74.29 29.98 60.72
C THR I 534 -73.80 30.03 62.16
N ASP I 535 -72.93 31.00 62.46
CA ASP I 535 -72.42 31.21 63.81
C ASP I 535 -73.53 31.45 64.83
N LYS I 536 -74.49 32.28 64.45
CA LYS I 536 -75.61 32.62 65.32
C LYS I 536 -76.39 31.38 65.74
N ILE I 537 -76.71 30.52 64.78
CA ILE I 537 -77.46 29.29 65.05
C ILE I 537 -76.67 28.31 65.91
N LYS I 538 -75.37 28.22 65.68
CA LYS I 538 -74.47 27.34 66.46
C LYS I 538 -74.57 27.58 67.96
N LYS I 539 -74.77 28.84 68.35
CA LYS I 539 -74.90 29.19 69.76
C LYS I 539 -76.21 28.69 70.37
N GLU I 540 -77.16 28.33 69.51
CA GLU I 540 -78.42 27.75 69.95
C GLU I 540 -78.25 26.27 70.31
N VAL I 541 -77.29 25.63 69.67
CA VAL I 541 -77.05 24.20 69.83
C VAL I 541 -76.54 23.84 71.23
N THR I 542 -77.14 22.79 71.81
CA THR I 542 -76.64 22.17 73.04
C THR I 542 -76.53 20.68 72.79
N PHE I 543 -76.00 19.94 73.78
CA PHE I 543 -75.87 18.49 73.64
C PHE I 543 -77.20 17.78 73.47
N GLU I 544 -78.24 18.30 74.12
CA GLU I 544 -79.56 17.69 74.11
C GLU I 544 -80.26 17.83 72.76
N ASN I 545 -80.19 19.02 72.17
CA ASN I 545 -80.94 19.32 70.95
C ASN I 545 -80.23 19.04 69.63
N PHE I 546 -78.97 18.60 69.70
CA PHE I 546 -78.18 18.35 68.50
C PHE I 546 -78.53 17.00 67.84
N LYS I 547 -79.60 17.02 67.07
CA LYS I 547 -80.14 15.82 66.45
C LYS I 547 -80.65 16.17 65.07
N VAL I 548 -80.82 15.15 64.23
CA VAL I 548 -81.48 15.34 62.95
C VAL I 548 -82.86 15.90 63.25
N GLY I 549 -83.17 17.04 62.62
CA GLY I 549 -84.45 17.70 62.85
C GLY I 549 -84.31 19.06 63.51
N PHE I 550 -83.21 19.28 64.23
CA PHE I 550 -82.91 20.57 64.85
C PHE I 550 -83.14 21.71 63.87
N SER I 551 -83.96 22.68 64.25
CA SER I 551 -84.37 23.75 63.35
C SER I 551 -84.40 25.12 64.01
N ARG I 552 -83.87 26.13 63.31
CA ARG I 552 -83.97 27.53 63.71
C ARG I 552 -84.25 28.43 62.50
N LYS I 553 -85.10 29.43 62.68
CA LYS I 553 -85.43 30.36 61.59
C LYS I 553 -84.61 31.64 61.68
N MET I 554 -83.30 31.51 61.78
CA MET I 554 -82.41 32.66 61.91
C MET I 554 -81.18 32.55 61.00
N LYS I 555 -81.40 32.01 59.80
CA LYS I 555 -80.37 31.99 58.76
C LYS I 555 -80.71 33.02 57.70
N PRO I 556 -79.80 33.98 57.45
CA PRO I 556 -80.03 35.01 56.44
C PRO I 556 -80.06 34.43 55.03
N LYS I 557 -81.11 34.73 54.27
CA LYS I 557 -81.11 34.44 52.84
C LYS I 557 -81.17 35.74 52.04
N PRO I 558 -80.40 35.81 50.94
CA PRO I 558 -80.41 37.01 50.10
C PRO I 558 -81.64 37.02 49.20
N VAL I 559 -82.29 38.17 49.12
CA VAL I 559 -83.46 38.32 48.26
C VAL I 559 -83.26 39.52 47.35
N GLN I 560 -83.30 39.29 46.05
CA GLN I 560 -83.27 40.36 45.06
C GLN I 560 -84.61 41.10 45.07
N VAL I 561 -84.55 42.41 45.27
CA VAL I 561 -85.73 43.28 45.27
C VAL I 561 -85.42 44.53 44.45
N PRO I 562 -86.47 45.24 43.97
CA PRO I 562 -86.21 46.46 43.20
C PRO I 562 -85.26 47.41 43.92
N GLY I 563 -84.06 47.58 43.37
CA GLY I 563 -83.05 48.47 43.93
C GLY I 563 -81.77 47.77 44.34
N GLY I 564 -81.90 46.58 44.93
CA GLY I 564 -80.74 45.84 45.42
C GLY I 564 -81.08 44.53 46.10
N VAL I 565 -80.26 44.15 47.08
CA VAL I 565 -80.47 42.92 47.84
C VAL I 565 -80.82 43.23 49.28
N VAL I 566 -81.63 42.35 49.88
CA VAL I 566 -81.93 42.42 51.30
C VAL I 566 -81.77 41.02 51.88
N LEU I 567 -81.24 40.95 53.10
CA LEU I 567 -81.17 39.68 53.82
C LEU I 567 -82.47 39.45 54.59
N VAL I 568 -82.95 38.21 54.56
CA VAL I 568 -84.22 37.84 55.20
C VAL I 568 -84.03 36.53 55.96
N ASP I 569 -84.64 36.45 57.14
CA ASP I 569 -84.57 35.25 57.96
C ASP I 569 -85.17 34.03 57.26
N ASP I 570 -84.47 32.90 57.38
CA ASP I 570 -84.84 31.67 56.71
C ASP I 570 -84.70 30.49 57.68
N THR I 571 -85.59 29.52 57.54
CA THR I 571 -85.56 28.31 58.36
C THR I 571 -84.43 27.40 57.91
N PHE I 572 -83.51 27.12 58.83
CA PHE I 572 -82.44 26.16 58.61
C PHE I 572 -82.76 24.90 59.41
N THR I 573 -82.46 23.73 58.84
CA THR I 573 -82.75 22.46 59.50
C THR I 573 -81.64 21.46 59.20
N ILE I 574 -81.25 20.69 60.21
CA ILE I 574 -80.31 19.59 60.01
C ILE I 574 -81.04 18.42 59.36
N LYS I 575 -80.72 18.15 58.10
CA LYS I 575 -81.26 16.99 57.40
C LYS I 575 -80.48 15.74 57.73
N UNK J 1 -92.29 -40.40 67.20
CA UNK J 1 -92.97 -40.80 65.97
C UNK J 1 -92.31 -40.23 64.71
N UNK J 2 -92.02 -38.93 64.72
CA UNK J 2 -91.45 -38.24 63.55
C UNK J 2 -89.94 -37.99 63.66
N UNK J 3 -89.35 -38.35 64.80
CA UNK J 3 -87.90 -38.21 65.02
C UNK J 3 -87.11 -39.38 64.41
N UNK J 4 -87.83 -40.33 63.82
CA UNK J 4 -87.22 -41.47 63.12
C UNK J 4 -86.56 -41.05 61.80
N UNK J 5 -87.35 -40.45 60.91
CA UNK J 5 -86.85 -40.00 59.60
C UNK J 5 -85.99 -38.73 59.70
N UNK J 6 -86.13 -38.01 60.81
CA UNK J 6 -85.36 -36.78 61.05
C UNK J 6 -83.88 -37.04 61.40
N UNK J 7 -83.59 -38.24 61.89
CA UNK J 7 -82.23 -38.62 62.28
C UNK J 7 -81.48 -39.33 61.16
N UNK J 8 -82.20 -40.17 60.39
CA UNK J 8 -81.61 -40.90 59.26
C UNK J 8 -81.18 -39.96 58.13
N UNK J 9 -81.74 -38.76 58.10
CA UNK J 9 -81.39 -37.73 57.12
C UNK J 9 -80.10 -37.00 57.52
N UNK J 10 -80.04 -36.54 58.77
CA UNK J 10 -78.86 -35.82 59.30
C UNK J 10 -77.60 -36.70 59.38
N UNK J 11 -77.68 -37.89 58.80
CA UNK J 11 -76.53 -38.81 58.72
C UNK J 11 -76.27 -39.25 57.27
N UNK J 12 -77.16 -38.83 56.35
CA UNK J 12 -77.01 -39.14 54.93
C UNK J 12 -76.26 -38.02 54.20
N UNK J 13 -81.83 -46.36 70.62
CA UNK J 13 -81.82 -44.99 70.13
C UNK J 13 -80.80 -44.85 68.99
N UNK J 14 -81.07 -43.89 68.10
CA UNK J 14 -80.19 -43.58 66.97
C UNK J 14 -79.26 -42.41 67.29
N UNK J 15 -79.01 -42.20 68.59
CA UNK J 15 -78.11 -41.14 69.06
C UNK J 15 -76.64 -41.44 68.78
N UNK J 16 -76.37 -42.67 68.31
CA UNK J 16 -75.01 -43.13 67.99
C UNK J 16 -74.44 -42.44 66.75
N UNK J 17 -75.15 -42.56 65.63
CA UNK J 17 -74.73 -41.94 64.36
C UNK J 17 -75.04 -40.44 64.31
N UNK J 18 -75.87 -39.97 65.24
CA UNK J 18 -76.23 -38.55 65.38
C UNK J 18 -75.15 -37.75 66.12
N UNK J 19 -74.61 -38.34 67.18
CA UNK J 19 -73.51 -37.72 67.95
C UNK J 19 -72.18 -37.77 67.18
N UNK J 20 -72.03 -38.79 66.34
CA UNK J 20 -70.81 -39.00 65.55
C UNK J 20 -70.57 -37.90 64.51
N UNK J 21 -71.62 -37.53 63.78
CA UNK J 21 -71.56 -36.45 62.78
C UNK J 21 -71.56 -35.07 63.43
N UNK J 22 -72.32 -34.90 64.53
CA UNK J 22 -72.39 -33.62 65.25
C UNK J 22 -71.06 -33.23 65.91
N UNK J 23 -70.11 -34.15 65.92
CA UNK J 23 -68.77 -33.93 66.46
C UNK J 23 -67.69 -33.93 65.38
N UNK J 24 -67.87 -34.76 64.35
CA UNK J 24 -66.95 -34.84 63.21
C UNK J 24 -66.97 -33.56 62.36
N UNK J 25 -68.17 -33.02 62.16
CA UNK J 25 -68.35 -31.75 61.45
C UNK J 25 -67.96 -30.56 62.34
N UNK J 26 -67.95 -30.78 63.64
CA UNK J 26 -67.52 -29.76 64.60
C UNK J 26 -65.99 -29.64 64.65
N UNK J 27 -65.31 -30.70 64.24
CA UNK J 27 -63.84 -30.79 64.37
C UNK J 27 -63.09 -30.67 63.03
N UNK J 28 -63.77 -30.91 61.92
CA UNK J 28 -63.12 -30.84 60.61
C UNK J 28 -63.40 -29.53 59.90
N UNK J 29 -64.66 -29.09 59.95
CA UNK J 29 -65.10 -27.86 59.28
C UNK J 29 -65.61 -26.81 60.30
N UNK J 30 -65.79 -27.23 61.56
CA UNK J 30 -66.15 -26.36 62.69
C UNK J 30 -67.54 -25.69 62.65
N UNK J 31 -68.57 -26.43 63.07
CA UNK J 31 -69.95 -25.92 63.10
C UNK J 31 -70.85 -26.61 64.14
N UNK J 32 -71.98 -25.97 64.46
CA UNK J 32 -72.87 -26.39 65.56
C UNK J 32 -73.68 -27.68 65.30
N UNK J 33 -74.40 -28.11 66.34
CA UNK J 33 -75.13 -29.38 66.33
C UNK J 33 -76.64 -29.23 66.58
N UNK J 34 -77.43 -29.70 65.60
CA UNK J 34 -78.91 -29.76 65.67
C UNK J 34 -79.62 -28.40 65.76
N ALA J 35 -74.82 -37.60 51.23
CA ALA J 35 -76.09 -37.70 50.46
C ALA J 35 -77.01 -36.50 50.70
N ASN J 36 -77.27 -36.20 51.96
CA ASN J 36 -77.99 -34.97 52.36
C ASN J 36 -77.02 -33.80 52.34
N MET J 37 -77.00 -33.08 51.22
CA MET J 37 -76.00 -32.04 50.99
C MET J 37 -76.18 -30.75 51.81
N ARG J 38 -77.18 -30.73 52.69
CA ARG J 38 -77.37 -29.60 53.60
C ARG J 38 -76.35 -29.64 54.72
N TYR J 39 -75.90 -30.85 55.08
CA TYR J 39 -74.91 -31.04 56.13
C TYR J 39 -73.63 -31.71 55.59
N GLN J 40 -73.34 -31.46 54.32
CA GLN J 40 -72.06 -31.80 53.71
C GLN J 40 -71.37 -30.47 53.45
N PHE J 41 -70.14 -30.34 53.93
CA PHE J 41 -69.45 -29.04 53.91
C PHE J 41 -68.21 -29.03 53.00
N GLU J 42 -67.64 -27.85 52.81
CA GLU J 42 -66.39 -27.71 52.06
C GLU J 42 -65.52 -26.59 52.62
N LYS J 43 -64.25 -26.91 52.86
CA LYS J 43 -63.28 -25.93 53.34
C LYS J 43 -62.42 -25.43 52.19
N ASN J 44 -62.22 -24.11 52.17
CA ASN J 44 -61.46 -23.42 51.16
C ASN J 44 -59.96 -23.50 51.41
N ALA J 45 -59.16 -23.11 50.43
CA ALA J 45 -57.73 -22.91 50.64
C ALA J 45 -57.48 -21.70 51.55
N TYR J 46 -58.53 -20.89 51.75
CA TYR J 46 -58.48 -19.71 52.61
C TYR J 46 -59.29 -19.93 53.89
N GLY J 47 -59.67 -21.19 54.13
CA GLY J 47 -60.39 -21.56 55.34
C GLY J 47 -61.81 -21.04 55.41
N VAL J 48 -62.41 -20.74 54.25
CA VAL J 48 -63.81 -20.35 54.18
C VAL J 48 -64.67 -21.62 54.07
N VAL J 49 -65.69 -21.73 54.94
CA VAL J 49 -66.51 -22.94 55.03
C VAL J 49 -67.98 -22.66 54.74
N ALA J 50 -68.55 -23.42 53.81
CA ALA J 50 -69.99 -23.37 53.53
C ALA J 50 -70.50 -24.74 53.12
N SER J 51 -71.77 -25.00 53.42
CA SER J 51 -72.40 -26.28 53.04
C SER J 51 -72.48 -26.44 51.53
N LYS J 52 -72.43 -27.68 51.07
CA LYS J 52 -72.47 -27.98 49.63
C LYS J 52 -73.81 -27.58 48.98
N ALA J 53 -74.87 -27.51 49.79
CA ALA J 53 -76.16 -27.03 49.32
C ALA J 53 -76.12 -25.53 49.02
N LYS J 54 -75.58 -24.76 49.96
CA LYS J 54 -75.47 -23.31 49.82
C LYS J 54 -74.63 -22.95 48.60
N ILE J 55 -73.52 -23.66 48.40
CA ILE J 55 -72.69 -23.48 47.19
C ILE J 55 -73.52 -23.66 45.91
N ALA J 56 -74.29 -24.75 45.85
CA ALA J 56 -75.12 -25.05 44.69
C ALA J 56 -76.19 -23.99 44.44
N GLU J 57 -76.74 -23.42 45.52
CA GLU J 57 -77.70 -22.30 45.43
C GLU J 57 -77.05 -21.11 44.74
N ILE J 58 -75.85 -20.76 45.17
CA ILE J 58 -75.13 -19.63 44.61
C ILE J 58 -74.77 -19.90 43.16
N GLU J 59 -74.43 -21.16 42.86
CA GLU J 59 -74.12 -21.54 41.48
C GLU J 59 -75.33 -21.34 40.58
N ARG J 60 -76.47 -21.92 40.97
CA ARG J 60 -77.72 -21.77 40.22
C ARG J 60 -78.07 -20.31 40.00
N ASN J 61 -78.04 -19.52 41.07
CA ASN J 61 -78.36 -18.10 40.96
C ASN J 61 -77.46 -17.36 39.98
N THR J 62 -76.16 -17.69 40.03
CA THR J 62 -75.19 -17.09 39.14
C THR J 62 -75.52 -17.45 37.70
N LYS J 63 -75.89 -18.70 37.48
CA LYS J 63 -76.24 -19.19 36.14
C LYS J 63 -77.48 -18.45 35.65
N GLU J 64 -78.42 -18.23 36.57
CA GLU J 64 -79.65 -17.51 36.30
C GLU J 64 -79.36 -16.05 35.97
N VAL J 65 -78.36 -15.48 36.64
CA VAL J 65 -77.98 -14.09 36.39
C VAL J 65 -77.36 -13.97 35.01
N GLN J 66 -76.58 -14.97 34.62
CA GLN J 66 -75.98 -15.00 33.28
C GLN J 66 -77.08 -15.03 32.21
N ARG J 67 -78.10 -15.86 32.43
CA ARG J 67 -79.23 -15.98 31.51
C ARG J 67 -79.88 -14.63 31.24
N LEU J 68 -80.19 -13.90 32.32
CA LEU J 68 -80.89 -12.63 32.23
C LEU J 68 -80.05 -11.58 31.51
N VAL J 69 -78.76 -11.51 31.85
CA VAL J 69 -77.81 -10.60 31.21
C VAL J 69 -77.76 -10.83 29.70
N ASP J 70 -77.70 -12.10 29.29
CA ASP J 70 -77.70 -12.45 27.88
C ASP J 70 -79.03 -12.07 27.21
N GLU J 71 -80.15 -12.38 27.86
CA GLU J 71 -81.44 -11.96 27.34
C GLU J 71 -81.42 -10.46 27.10
N LYS J 72 -80.95 -9.71 28.11
CA LYS J 72 -81.01 -8.26 28.07
C LYS J 72 -80.12 -7.66 27.00
N ILE J 73 -78.99 -8.31 26.72
CA ILE J 73 -78.06 -7.82 25.71
C ILE J 73 -78.65 -8.03 24.31
N LYS J 74 -79.17 -9.23 24.09
CA LYS J 74 -79.78 -9.63 22.83
C LYS J 74 -80.96 -8.71 22.54
N ALA J 75 -81.87 -8.62 23.51
CA ALA J 75 -83.00 -7.69 23.47
C ALA J 75 -82.64 -6.27 23.04
N MET J 76 -81.51 -5.75 23.53
CA MET J 76 -81.05 -4.39 23.23
C MET J 76 -80.59 -4.25 21.78
N LYS J 77 -79.82 -5.24 21.31
CA LYS J 77 -79.35 -5.30 19.94
C LYS J 77 -80.51 -5.26 18.98
N ASP J 78 -81.62 -5.87 19.38
CA ASP J 78 -82.76 -6.05 18.49
C ASP J 78 -83.63 -4.80 18.40
N LYS J 79 -83.83 -4.15 19.53
CA LYS J 79 -84.56 -2.89 19.56
C LYS J 79 -83.94 -1.93 18.55
N GLU J 80 -82.61 -1.82 18.54
CA GLU J 80 -81.90 -0.94 17.60
C GLU J 80 -82.19 -1.33 16.15
N TYR J 81 -82.17 -2.63 15.89
CA TYR J 81 -82.29 -3.18 14.54
C TYR J 81 -83.72 -3.22 14.03
N TYR J 82 -84.62 -3.83 14.80
CA TYR J 82 -86.01 -4.02 14.40
C TYR J 82 -86.92 -2.85 14.71
N ALA J 83 -86.85 -2.33 15.94
CA ALA J 83 -87.74 -1.26 16.37
C ALA J 83 -87.03 0.09 16.38
N THR J 104 -72.62 1.05 29.63
CA THR J 104 -73.71 0.34 30.30
C THR J 104 -73.14 -0.73 31.24
N GLY J 105 -73.35 -0.54 32.54
CA GLY J 105 -72.88 -1.48 33.58
C GLY J 105 -73.66 -2.79 33.65
N ILE J 106 -73.95 -3.37 32.47
CA ILE J 106 -74.52 -4.70 32.37
C ILE J 106 -73.36 -5.70 32.30
N ASN J 107 -73.00 -6.27 33.44
CA ASN J 107 -71.86 -7.17 33.51
C ASN J 107 -72.30 -8.61 33.75
N ARG J 108 -71.89 -9.49 32.85
CA ARG J 108 -72.13 -10.92 32.98
C ARG J 108 -71.13 -11.52 34.00
N PRO J 109 -71.65 -12.19 35.04
CA PRO J 109 -70.78 -12.75 36.06
C PRO J 109 -70.10 -14.01 35.56
N HIS J 110 -68.86 -14.25 36.01
CA HIS J 110 -68.18 -15.52 35.78
C HIS J 110 -68.85 -16.63 36.61
N ASP J 111 -68.76 -17.87 36.12
CA ASP J 111 -69.26 -19.04 36.85
C ASP J 111 -68.77 -19.01 38.30
N PHE J 112 -69.66 -19.34 39.25
CA PHE J 112 -69.29 -19.25 40.66
C PHE J 112 -68.24 -20.29 41.07
N ASP J 113 -67.11 -19.79 41.53
CA ASP J 113 -65.98 -20.62 41.94
C ASP J 113 -65.69 -20.43 43.43
N PHE J 114 -66.12 -21.39 44.23
CA PHE J 114 -65.99 -21.31 45.68
C PHE J 114 -64.54 -21.27 46.15
N SER J 115 -63.64 -21.88 45.38
CA SER J 115 -62.24 -21.93 45.74
C SER J 115 -61.57 -20.56 45.72
N LYS J 116 -62.20 -19.62 45.02
CA LYS J 116 -61.65 -18.28 44.83
C LYS J 116 -62.18 -17.26 45.84
N VAL J 117 -63.02 -17.71 46.78
CA VAL J 117 -63.60 -16.83 47.79
C VAL J 117 -62.63 -16.72 48.96
N ARG J 118 -62.10 -15.52 49.20
CA ARG J 118 -60.97 -15.37 50.14
C ARG J 118 -61.35 -14.90 51.54
N SER J 119 -62.64 -14.65 51.76
CA SER J 119 -63.14 -14.20 53.06
C SER J 119 -64.63 -14.47 53.15
N TYR J 120 -65.16 -14.44 54.37
CA TYR J 120 -66.59 -14.65 54.56
C TYR J 120 -67.42 -13.50 54.00
N SER J 121 -66.89 -12.27 54.11
CA SER J 121 -67.54 -11.08 53.56
C SER J 121 -67.73 -11.19 52.05
N ARG J 122 -66.78 -11.84 51.38
CA ARG J 122 -66.85 -12.07 49.94
C ARG J 122 -67.94 -13.10 49.60
N LEU J 123 -68.02 -14.16 50.38
CA LEU J 123 -69.04 -15.19 50.21
C LEU J 123 -70.42 -14.58 50.40
N ARG J 124 -70.55 -13.76 51.45
CA ARG J 124 -71.82 -13.12 51.78
C ARG J 124 -72.26 -12.12 50.70
N THR J 125 -71.30 -11.37 50.16
CA THR J 125 -71.57 -10.40 49.09
C THR J 125 -72.09 -11.09 47.84
N LEU J 126 -71.49 -12.22 47.50
CA LEU J 126 -71.89 -12.96 46.30
C LEU J 126 -73.22 -13.67 46.53
N GLU J 127 -73.36 -14.35 47.66
CA GLU J 127 -74.63 -14.97 48.00
C GLU J 127 -75.79 -13.99 47.80
N GLU J 128 -75.69 -12.83 48.44
CA GLU J 128 -76.75 -11.81 48.42
C GLU J 128 -76.99 -11.23 47.05
N SER J 129 -75.97 -10.62 46.46
CA SER J 129 -76.16 -9.93 45.18
C SER J 129 -76.49 -10.87 44.03
N MET J 130 -75.99 -12.10 44.08
CA MET J 130 -76.33 -13.07 43.04
C MET J 130 -77.80 -13.43 43.08
N GLU J 131 -78.37 -13.58 44.27
CA GLU J 131 -79.79 -13.87 44.36
C GLU J 131 -80.60 -12.62 44.08
N MET J 132 -80.06 -11.47 44.49
CA MET J 132 -80.72 -10.19 44.28
C MET J 132 -80.77 -9.82 42.80
N ARG J 133 -79.79 -10.27 42.03
CA ARG J 133 -79.74 -9.95 40.61
C ARG J 133 -80.55 -10.90 39.75
N THR J 134 -81.33 -11.78 40.39
CA THR J 134 -82.22 -12.65 39.63
C THR J 134 -83.58 -11.99 39.50
N ASP J 135 -83.77 -10.88 40.22
CA ASP J 135 -85.02 -10.13 40.19
C ASP J 135 -85.24 -9.58 38.79
N PRO J 136 -86.44 -9.82 38.23
CA PRO J 136 -86.71 -9.39 36.87
C PRO J 136 -86.76 -7.87 36.74
N GLN J 137 -86.83 -7.15 37.85
CA GLN J 137 -86.86 -5.70 37.81
C GLN J 137 -85.63 -5.05 38.43
N TYR J 138 -84.52 -5.80 38.45
CA TYR J 138 -83.29 -5.39 39.12
C TYR J 138 -82.72 -4.08 38.63
N TYR J 139 -82.56 -3.95 37.31
CA TYR J 139 -82.02 -2.72 36.72
C TYR J 139 -82.99 -1.56 36.84
N GLU J 140 -84.28 -1.83 36.72
CA GLU J 140 -85.34 -0.84 36.91
C GLU J 140 -85.34 -0.30 38.33
N LYS J 141 -85.11 -1.18 39.30
CA LYS J 141 -85.02 -0.80 40.71
C LYS J 141 -83.78 0.05 41.00
N LYS J 142 -82.62 -0.37 40.49
CA LYS J 142 -81.36 0.36 40.68
C LYS J 142 -81.41 1.80 40.19
N MET J 143 -82.06 2.01 39.05
CA MET J 143 -82.25 3.33 38.47
C MET J 143 -83.05 4.25 39.39
N ILE J 144 -84.10 3.71 39.99
CA ILE J 144 -84.92 4.45 40.94
C ILE J 144 -84.13 4.69 42.21
N GLN J 145 -83.44 3.65 42.66
CA GLN J 145 -82.60 3.70 43.84
C GLN J 145 -81.49 4.75 43.73
N LEU J 146 -80.97 4.92 42.51
CA LEU J 146 -79.91 5.89 42.24
C LEU J 146 -80.35 7.32 42.51
N GLN J 147 -81.49 7.71 41.94
CA GLN J 147 -82.05 9.04 42.13
C GLN J 147 -82.37 9.31 43.60
N LEU J 148 -82.84 8.28 44.31
CA LEU J 148 -83.12 8.41 45.74
C LEU J 148 -81.84 8.59 46.55
N ASN J 149 -80.80 7.85 46.17
CA ASN J 149 -79.49 7.96 46.81
C ASN J 149 -78.79 9.28 46.54
N PHE J 150 -79.00 9.84 45.35
CA PHE J 150 -78.38 11.12 45.03
C PHE J 150 -79.00 12.25 45.83
N ILE J 151 -80.31 12.17 46.01
CA ILE J 151 -81.04 13.16 46.79
C ILE J 151 -80.65 13.09 48.26
N LYS J 152 -80.53 11.87 48.78
CA LYS J 152 -80.06 11.68 50.17
C LYS J 152 -78.68 12.29 50.38
N SER J 153 -77.83 12.17 49.37
CA SER J 153 -76.46 12.63 49.45
C SER J 153 -76.39 14.16 49.43
N VAL J 154 -77.27 14.78 48.65
CA VAL J 154 -77.37 16.24 48.57
C VAL J 154 -77.87 16.79 49.90
N GLU J 155 -78.95 16.17 50.41
CA GLU J 155 -79.53 16.54 51.68
C GLU J 155 -78.52 16.44 52.81
N GLY J 156 -77.71 15.38 52.77
CA GLY J 156 -76.71 15.12 53.79
C GLY J 156 -75.57 16.13 53.77
N SER J 157 -75.15 16.54 52.57
CA SER J 157 -73.99 17.41 52.45
C SER J 157 -74.28 18.90 52.56
N PHE J 158 -75.54 19.31 52.31
CA PHE J 158 -75.93 20.73 52.36
C PHE J 158 -76.94 21.07 53.45
N ASN J 159 -77.65 20.04 53.95
CA ASN J 159 -78.74 20.23 54.90
C ASN J 159 -79.91 20.97 54.28
N SER J 160 -80.59 21.80 55.05
CA SER J 160 -81.84 22.39 54.60
C SER J 160 -81.94 23.90 54.79
N PHE J 161 -82.05 24.61 53.68
CA PHE J 161 -82.41 26.02 53.64
C PHE J 161 -83.03 26.33 52.28
N ASP J 162 -83.56 27.53 52.12
CA ASP J 162 -84.32 27.90 50.91
C ASP J 162 -83.76 27.33 49.59
N ALA J 163 -82.57 27.79 49.20
CA ALA J 163 -81.95 27.38 47.92
C ALA J 163 -81.73 25.87 47.84
N ALA J 164 -81.26 25.29 48.95
CA ALA J 164 -81.00 23.86 49.05
C ALA J 164 -82.27 23.02 48.98
N ASP J 165 -83.36 23.55 49.53
CA ASP J 165 -84.68 22.92 49.47
C ASP J 165 -85.27 22.96 48.07
N GLU J 166 -84.94 24.02 47.33
CA GLU J 166 -85.38 24.15 45.96
C GLU J 166 -84.65 23.15 45.08
N LEU J 167 -83.35 22.96 45.35
CA LEU J 167 -82.56 21.96 44.62
C LEU J 167 -83.18 20.56 44.76
N ILE J 168 -83.48 20.15 45.98
CA ILE J 168 -84.03 18.82 46.25
C ILE J 168 -85.39 18.64 45.57
N GLU J 169 -86.22 19.68 45.61
CA GLU J 169 -87.54 19.62 45.00
C GLU J 169 -87.42 19.53 43.47
N GLU J 170 -86.47 20.29 42.92
CA GLU J 170 -86.22 20.29 41.50
C GLU J 170 -85.74 18.91 41.03
N LEU J 171 -84.87 18.29 41.83
CA LEU J 171 -84.32 16.96 41.53
C LEU J 171 -85.39 15.88 41.51
N LYS J 172 -86.34 15.97 42.44
CA LYS J 172 -87.43 15.01 42.52
C LYS J 172 -88.34 15.05 41.31
N LYS J 173 -88.40 16.20 40.63
CA LYS J 173 -89.31 16.39 39.50
C LYS J 173 -88.77 15.85 38.17
N ILE J 174 -87.57 15.28 38.20
CA ILE J 174 -86.97 14.69 37.02
C ILE J 174 -87.33 13.20 36.92
N PRO J 175 -87.90 12.77 35.76
CA PRO J 175 -88.22 11.36 35.53
C PRO J 175 -87.00 10.48 35.76
N PRO J 176 -87.15 9.37 36.50
CA PRO J 176 -86.00 8.57 36.97
C PRO J 176 -85.08 8.06 35.84
N ASP J 177 -85.65 7.64 34.72
CA ASP J 177 -84.85 7.19 33.58
C ASP J 177 -84.13 8.35 32.90
N ASP J 178 -84.77 9.52 32.94
CA ASP J 178 -84.22 10.73 32.34
C ASP J 178 -83.06 11.21 33.20
N PHE J 179 -83.24 11.07 34.51
CA PHE J 179 -82.24 11.45 35.51
C PHE J 179 -80.93 10.73 35.28
N TYR J 180 -81.02 9.48 34.84
CA TYR J 180 -79.87 8.64 34.58
C TYR J 180 -78.80 9.34 33.76
N GLU J 181 -79.16 9.77 32.55
CA GLU J 181 -78.22 10.45 31.66
C GLU J 181 -77.74 11.75 32.29
N LEU J 182 -78.66 12.48 32.90
CA LEU J 182 -78.36 13.72 33.60
C LEU J 182 -77.33 13.53 34.73
N PHE J 183 -77.29 12.33 35.32
CA PHE J 183 -76.41 12.05 36.46
C PHE J 183 -74.93 11.94 36.08
N LEU J 184 -74.65 11.48 34.86
CA LEU J 184 -73.27 11.34 34.39
C LEU J 184 -72.50 12.68 34.36
N ARG J 185 -73.24 13.79 34.34
CA ARG J 185 -72.64 15.13 34.36
C ARG J 185 -72.42 15.60 35.81
N ILE J 186 -73.54 15.79 36.53
CA ILE J 186 -73.60 16.43 37.86
C ILE J 186 -72.71 15.80 38.96
N SER J 187 -72.68 14.47 39.01
CA SER J 187 -71.84 13.76 39.95
C SER J 187 -70.38 14.06 39.65
N GLU J 188 -70.02 13.92 38.37
CA GLU J 188 -68.64 14.06 37.91
C GLU J 188 -68.16 15.52 37.81
N ILE J 189 -68.70 16.39 38.67
CA ILE J 189 -68.22 17.77 38.75
C ILE J 189 -67.97 18.27 40.19
N SER J 190 -68.95 18.14 41.09
CA SER J 190 -68.85 18.74 42.43
C SER J 190 -68.40 17.76 43.53
N GLY J 198 -61.80 24.70 54.27
CA GLY J 198 -62.80 25.76 54.41
C GLY J 198 -64.13 25.37 53.77
N ASN J 199 -65.01 24.79 54.59
CA ASN J 199 -66.37 24.48 54.15
C ASN J 199 -67.38 25.49 54.72
N THR J 200 -67.21 26.76 54.33
CA THR J 200 -68.01 27.90 54.81
C THR J 200 -69.50 27.78 54.45
N VAL J 201 -70.30 28.70 54.99
CA VAL J 201 -71.70 28.82 54.64
C VAL J 201 -71.83 29.32 53.19
N GLU J 202 -70.94 30.23 52.80
CA GLU J 202 -70.87 30.73 51.43
C GLU J 202 -70.43 29.62 50.47
N ASN J 203 -69.54 28.76 50.95
CA ASN J 203 -69.01 27.66 50.16
C ASN J 203 -70.03 26.55 49.96
N VAL J 204 -70.91 26.36 50.95
CA VAL J 204 -72.01 25.41 50.85
C VAL J 204 -73.07 25.92 49.88
N GLU J 205 -73.44 27.19 50.03
CA GLU J 205 -74.41 27.85 49.14
C GLU J 205 -73.93 27.87 47.69
N GLY J 206 -72.62 28.06 47.51
CA GLY J 206 -72.01 28.00 46.20
C GLY J 206 -72.28 26.69 45.51
N ASN J 207 -72.09 25.59 46.24
CA ASN J 207 -72.31 24.24 45.71
C ASN J 207 -73.76 24.01 45.29
N VAL J 208 -74.69 24.53 46.07
CA VAL J 208 -76.11 24.40 45.76
C VAL J 208 -76.44 25.14 44.46
N TYR J 209 -75.94 26.36 44.33
CA TYR J 209 -76.13 27.17 43.13
C TYR J 209 -75.48 26.52 41.90
N LYS J 210 -74.33 25.88 42.11
CA LYS J 210 -73.60 25.19 41.05
C LYS J 210 -74.39 24.01 40.47
N ILE J 211 -74.99 23.21 41.34
CA ILE J 211 -75.80 22.07 40.90
C ILE J 211 -77.10 22.56 40.23
N LEU J 212 -77.64 23.68 40.72
CA LEU J 212 -78.83 24.28 40.10
C LEU J 212 -78.56 24.76 38.67
N SER J 213 -77.35 25.23 38.41
CA SER J 213 -77.00 25.75 37.09
C SER J 213 -76.91 24.64 36.06
N TYR J 214 -76.65 23.42 36.53
CA TYR J 214 -76.63 22.27 35.65
C TYR J 214 -78.04 21.81 35.29
N LEU J 215 -78.95 21.92 36.25
CA LEU J 215 -80.37 21.61 36.00
C LEU J 215 -81.00 22.65 35.08
N GLU J 216 -80.59 23.90 35.23
CA GLU J 216 -81.05 24.99 34.36
C GLU J 216 -80.52 24.76 32.95
N GLN J 217 -79.31 24.22 32.88
CA GLN J 217 -78.67 23.90 31.61
C GLN J 217 -79.31 22.66 30.98
N TYR J 218 -79.84 21.79 31.82
CA TYR J 218 -80.56 20.60 31.38
C TYR J 218 -81.88 20.96 30.73
N ARG J 219 -82.65 21.82 31.40
CA ARG J 219 -83.95 22.27 30.91
C ARG J 219 -83.84 23.11 29.65
N ARG J 220 -82.67 23.67 29.41
CA ARG J 220 -82.35 24.37 28.17
C ARG J 220 -82.18 23.41 27.00
N GLY J 221 -82.09 22.11 27.31
CA GLY J 221 -81.87 21.09 26.31
C GLY J 221 -80.46 21.14 25.75
N ASP J 222 -79.49 21.36 26.64
CA ASP J 222 -78.09 21.33 26.25
C ASP J 222 -77.55 19.90 26.27
N PHE J 223 -78.33 18.99 26.86
CA PHE J 223 -77.94 17.58 26.95
C PHE J 223 -78.87 16.65 26.15
N ARG K 6 87.10 -15.68 13.46
CA ARG K 6 86.79 -14.24 13.62
C ARG K 6 86.18 -13.91 14.98
N LYS K 7 87.01 -13.38 15.88
CA LYS K 7 86.55 -12.97 17.21
C LYS K 7 85.79 -11.63 17.14
N MET K 8 85.02 -11.34 18.19
CA MET K 8 84.21 -10.12 18.22
C MET K 8 84.36 -9.42 19.57
N TYR K 9 84.51 -8.10 19.54
CA TYR K 9 84.74 -7.35 20.77
C TYR K 9 83.82 -6.15 20.94
N SER K 10 83.38 -5.93 22.18
CA SER K 10 82.65 -4.74 22.56
C SER K 10 83.67 -3.75 23.14
N CYS K 11 83.71 -2.52 22.61
CA CYS K 11 84.74 -1.56 23.00
C CYS K 11 84.22 -0.18 23.38
N ALA K 12 85.04 0.57 24.13
CA ALA K 12 84.70 1.95 24.55
C ALA K 12 85.94 2.82 24.81
N PHE K 13 85.77 4.12 24.58
CA PHE K 13 86.76 5.12 25.00
C PHE K 13 86.16 6.06 26.03
N GLU K 14 87.01 6.55 26.92
CA GLU K 14 86.70 7.73 27.70
C GLU K 14 87.66 8.82 27.25
N THR K 15 87.15 10.02 27.06
CA THR K 15 87.91 11.08 26.43
C THR K 15 87.82 12.39 27.21
N THR K 16 88.74 13.31 26.91
CA THR K 16 88.81 14.60 27.58
C THR K 16 87.92 15.61 26.85
N THR K 17 87.56 16.70 27.52
CA THR K 17 86.57 17.65 27.01
C THR K 17 87.15 19.00 26.55
N LYS K 18 88.47 19.15 26.64
CA LYS K 18 89.11 20.41 26.30
C LYS K 18 89.43 20.49 24.80
N VAL K 19 89.18 21.66 24.24
CA VAL K 19 89.39 21.92 22.81
C VAL K 19 90.86 21.75 22.41
N GLU K 20 91.76 22.24 23.27
CA GLU K 20 93.21 22.24 23.00
C GLU K 20 93.91 20.96 23.48
N ASP K 21 93.26 20.24 24.40
CA ASP K 21 93.81 19.01 24.97
C ASP K 21 92.80 17.88 24.85
N CYS K 22 92.78 17.25 23.68
CA CYS K 22 91.77 16.25 23.36
C CYS K 22 92.39 14.87 23.07
N ARG K 23 92.08 13.90 23.91
CA ARG K 23 92.69 12.56 23.85
C ARG K 23 91.90 11.51 24.62
N VAL K 24 92.15 10.24 24.27
CA VAL K 24 91.59 9.10 25.00
C VAL K 24 92.35 8.93 26.31
N TRP K 25 91.63 8.92 27.44
CA TRP K 25 92.28 8.63 28.73
C TRP K 25 91.98 7.24 29.26
N ALA K 26 91.01 6.56 28.64
CA ALA K 26 90.68 5.18 29.00
C ALA K 26 90.08 4.42 27.82
N TYR K 27 90.43 3.14 27.72
CA TYR K 27 89.81 2.25 26.76
C TYR K 27 89.39 0.96 27.42
N GLY K 28 88.47 0.25 26.79
CA GLY K 28 88.04 -1.06 27.24
C GLY K 28 87.58 -1.91 26.09
N TYR K 29 88.05 -3.17 26.04
CA TYR K 29 87.49 -4.15 25.12
C TYR K 29 87.10 -5.43 25.85
N MET K 30 86.03 -6.07 25.39
CA MET K 30 85.56 -7.32 25.97
C MET K 30 85.10 -8.26 24.86
N ASN K 31 85.52 -9.52 24.95
CA ASN K 31 85.10 -10.54 24.01
C ASN K 31 83.61 -10.76 24.14
N ILE K 32 82.88 -10.51 23.05
CA ILE K 32 81.43 -10.64 23.01
C ILE K 32 80.96 -12.07 23.29
N GLU K 33 81.73 -13.05 22.83
CA GLU K 33 81.41 -14.46 23.06
C GLU K 33 81.94 -15.00 24.39
N ASP K 34 82.82 -14.24 25.03
CA ASP K 34 83.45 -14.69 26.28
C ASP K 34 83.75 -13.50 27.19
N HIS K 35 82.80 -13.15 28.04
CA HIS K 35 82.90 -11.91 28.83
C HIS K 35 84.00 -11.94 29.90
N SER K 36 84.68 -13.08 30.06
CA SER K 36 85.78 -13.15 31.00
C SER K 36 87.07 -12.60 30.39
N GLU K 37 87.07 -12.45 29.06
CA GLU K 37 88.22 -11.93 28.33
C GLU K 37 87.99 -10.47 27.99
N TYR K 38 88.56 -9.61 28.82
CA TYR K 38 88.42 -8.16 28.69
C TYR K 38 89.69 -7.49 29.20
N LYS K 39 89.96 -6.28 28.72
CA LYS K 39 91.10 -5.50 29.19
C LYS K 39 90.69 -4.03 29.27
N ILE K 40 91.11 -3.37 30.34
CA ILE K 40 90.92 -1.93 30.48
C ILE K 40 92.26 -1.22 30.72
N GLY K 41 92.58 -0.26 29.86
CA GLY K 41 93.83 0.48 29.95
C GLY K 41 93.66 1.98 29.79
N ASN K 42 94.77 2.72 29.91
CA ASN K 42 94.71 4.18 29.85
C ASN K 42 95.50 4.81 28.70
N SER K 43 95.82 4.02 27.68
CA SER K 43 96.60 4.49 26.55
C SER K 43 96.00 4.09 25.20
N LEU K 44 95.71 5.08 24.36
CA LEU K 44 95.24 4.81 23.01
C LEU K 44 96.29 4.04 22.20
N ASP K 45 97.57 4.38 22.39
CA ASP K 45 98.67 3.69 21.73
C ASP K 45 98.68 2.21 22.09
N GLU K 46 98.44 1.90 23.37
CA GLU K 46 98.35 0.52 23.84
C GLU K 46 97.20 -0.18 23.13
N PHE K 47 96.05 0.49 23.10
CA PHE K 47 94.86 -0.04 22.45
C PHE K 47 95.06 -0.26 20.95
N MET K 48 95.50 0.78 20.25
CA MET K 48 95.69 0.72 18.79
C MET K 48 96.65 -0.39 18.37
N ALA K 49 97.68 -0.62 19.17
CA ALA K 49 98.61 -1.71 18.94
C ALA K 49 97.86 -3.04 18.96
N TRP K 50 96.96 -3.19 19.92
CA TRP K 50 96.13 -4.39 20.04
C TRP K 50 95.20 -4.50 18.84
N VAL K 51 94.58 -3.39 18.46
CA VAL K 51 93.68 -3.33 17.29
C VAL K 51 94.35 -3.95 16.06
N LEU K 52 95.60 -3.55 15.82
CA LEU K 52 96.33 -4.02 14.66
C LEU K 52 96.68 -5.51 14.73
N LYS K 53 96.63 -6.09 15.92
CA LYS K 53 97.04 -7.49 16.10
C LYS K 53 95.89 -8.52 16.12
N VAL K 54 94.73 -8.15 16.67
CA VAL K 54 93.62 -9.10 16.86
C VAL K 54 92.92 -9.61 15.60
N GLN K 55 93.06 -8.90 14.49
CA GLN K 55 92.38 -9.27 13.25
C GLN K 55 90.95 -9.73 13.56
N ALA K 56 90.18 -8.85 14.16
CA ALA K 56 88.85 -9.20 14.61
C ALA K 56 87.84 -8.11 14.24
N ASP K 57 86.60 -8.31 14.66
CA ASP K 57 85.55 -7.31 14.47
C ASP K 57 85.27 -6.66 15.82
N LEU K 58 85.46 -5.33 15.86
CA LEU K 58 85.22 -4.57 17.07
C LEU K 58 83.94 -3.76 16.93
N TYR K 59 83.23 -3.59 18.05
CA TYR K 59 82.02 -2.77 18.07
C TYR K 59 82.14 -1.66 19.09
N PHE K 60 81.85 -0.44 18.65
CA PHE K 60 81.77 0.70 19.53
C PHE K 60 80.32 1.13 19.54
N HIS K 61 79.86 1.63 20.68
CA HIS K 61 78.48 2.11 20.75
C HIS K 61 78.43 3.61 20.52
N ASN K 62 78.12 3.98 19.27
CA ASN K 62 78.28 5.33 18.73
C ASN K 62 79.71 5.57 18.20
N LEU K 63 79.94 5.09 16.98
CA LEU K 63 81.24 5.12 16.33
C LEU K 63 81.60 6.51 15.83
N LYS K 64 80.57 7.30 15.52
CA LYS K 64 80.73 8.68 15.10
C LYS K 64 81.72 9.43 16.00
N PHE K 65 81.67 9.10 17.29
CA PHE K 65 82.49 9.75 18.31
C PHE K 65 83.86 9.06 18.45
N ALA K 66 83.86 7.80 18.89
CA ALA K 66 85.11 7.08 19.07
C ALA K 66 85.94 7.02 17.79
N GLY K 67 85.25 6.91 16.65
CA GLY K 67 85.88 6.79 15.34
C GLY K 67 86.86 7.91 15.04
N ALA K 68 86.45 9.14 15.33
CA ALA K 68 87.29 10.32 15.13
C ALA K 68 88.64 10.19 15.83
N PHE K 69 88.64 9.51 16.97
CA PHE K 69 89.87 9.30 17.73
C PHE K 69 90.78 8.26 17.09
N ILE K 70 90.18 7.26 16.46
CA ILE K 70 90.94 6.21 15.77
C ILE K 70 91.55 6.74 14.47
N ILE K 71 90.73 7.41 13.65
CA ILE K 71 91.18 8.01 12.40
C ILE K 71 92.32 9.01 12.66
N ASN K 72 92.16 9.83 13.69
CA ASN K 72 93.21 10.74 14.13
C ASN K 72 94.53 10.04 14.46
N TRP K 73 94.44 8.87 15.08
CA TRP K 73 95.61 8.06 15.39
C TRP K 73 96.16 7.39 14.13
N LEU K 74 95.26 6.90 13.29
CA LEU K 74 95.68 6.18 12.08
C LEU K 74 96.52 7.07 11.15
N GLU K 75 96.05 8.29 10.93
CA GLU K 75 96.73 9.22 10.04
C GLU K 75 98.09 9.66 10.58
N ARG K 76 98.23 9.65 11.90
CA ARG K 76 99.48 10.01 12.56
C ARG K 76 100.48 8.86 12.63
N ASN K 77 100.02 7.66 12.33
CA ASN K 77 100.86 6.47 12.46
C ASN K 77 101.03 5.68 11.16
N GLY K 78 101.17 6.41 10.06
CA GLY K 78 101.50 5.83 8.75
C GLY K 78 100.38 5.13 8.02
N PHE K 79 99.14 5.59 8.24
CA PHE K 79 97.99 5.07 7.50
C PHE K 79 97.36 6.16 6.64
N LYS K 80 96.92 5.78 5.44
CA LYS K 80 96.20 6.70 4.56
C LYS K 80 94.83 6.11 4.19
N TRP K 81 93.92 6.94 3.73
CA TRP K 81 92.60 6.44 3.33
C TRP K 81 92.65 5.82 1.95
N SER K 82 92.13 4.60 1.82
CA SER K 82 92.03 3.92 0.52
C SER K 82 90.81 3.01 0.44
N ALA K 83 90.09 3.13 -0.68
CA ALA K 83 88.90 2.34 -0.95
C ALA K 83 89.25 0.91 -1.37
N ASP K 84 90.43 0.72 -1.93
CA ASP K 84 90.81 -0.54 -2.56
C ASP K 84 91.44 -1.56 -1.62
N GLY K 85 91.59 -1.19 -0.35
CA GLY K 85 92.12 -2.09 0.67
C GLY K 85 93.58 -2.50 0.45
N LEU K 86 94.43 -1.50 0.19
CA LEU K 86 95.87 -1.70 0.03
C LEU K 86 96.53 -1.92 1.40
N PRO K 87 97.81 -2.33 1.42
CA PRO K 87 98.48 -2.49 2.71
C PRO K 87 98.72 -1.14 3.38
N ASN K 88 98.66 -1.11 4.70
CA ASN K 88 98.83 0.12 5.50
C ASN K 88 97.83 1.24 5.19
N THR K 89 96.63 0.85 4.78
CA THR K 89 95.55 1.80 4.52
C THR K 89 94.30 1.42 5.28
N TYR K 90 93.35 2.34 5.38
CA TYR K 90 92.05 2.04 5.95
C TYR K 90 90.91 2.48 5.02
N ASN K 91 89.76 1.87 5.21
CA ASN K 91 88.55 2.19 4.45
C ASN K 91 87.44 2.60 5.41
N THR K 92 86.47 3.37 4.92
CA THR K 92 85.33 3.79 5.76
C THR K 92 83.98 3.66 5.05
N ILE K 93 82.91 3.64 5.84
CA ILE K 93 81.57 3.91 5.37
C ILE K 93 81.01 5.03 6.23
N ILE K 94 81.16 6.26 5.75
CA ILE K 94 80.55 7.41 6.40
C ILE K 94 79.58 8.01 5.39
N SER K 95 78.28 7.91 5.67
CA SER K 95 77.25 8.33 4.74
C SER K 95 77.13 9.84 4.65
N ARG K 96 76.39 10.32 3.63
CA ARG K 96 76.13 11.75 3.39
C ARG K 96 75.64 12.47 4.64
N MET K 97 74.92 11.75 5.50
CA MET K 97 74.31 12.34 6.68
C MET K 97 75.31 12.45 7.82
N GLY K 98 76.48 11.86 7.64
CA GLY K 98 77.49 11.86 8.66
C GLY K 98 77.38 10.68 9.60
N GLN K 99 76.66 9.64 9.18
CA GLN K 99 76.55 8.38 9.93
C GLN K 99 77.78 7.52 9.70
N TRP K 100 78.36 6.99 10.76
CA TRP K 100 79.53 6.13 10.64
C TRP K 100 79.11 4.67 10.75
N TYR K 101 79.44 3.87 9.75
CA TYR K 101 79.07 2.47 9.77
C TYR K 101 80.24 1.54 10.01
N MET K 102 81.39 1.90 9.46
CA MET K 102 82.51 0.98 9.42
C MET K 102 83.86 1.66 9.25
N ILE K 103 84.86 1.18 9.97
CA ILE K 103 86.26 1.51 9.68
C ILE K 103 87.03 0.21 9.49
N ASP K 104 87.60 0.02 8.30
CA ASP K 104 88.29 -1.22 7.96
C ASP K 104 89.78 -0.96 7.79
N ILE K 105 90.55 -1.40 8.78
CA ILE K 105 91.98 -1.14 8.81
C ILE K 105 92.76 -2.32 8.21
N CYS K 106 93.41 -2.07 7.09
CA CYS K 106 94.09 -3.13 6.33
C CYS K 106 95.61 -3.16 6.56
N LEU K 107 96.10 -4.31 6.99
CA LEU K 107 97.51 -4.48 7.33
C LEU K 107 98.33 -5.05 6.17
N GLY K 108 97.72 -5.96 5.41
CA GLY K 108 98.40 -6.61 4.30
C GLY K 108 97.75 -7.92 3.95
N TYR K 109 98.50 -8.80 3.28
CA TYR K 109 97.96 -10.06 2.78
C TYR K 109 98.88 -11.24 3.04
N LYS K 110 98.30 -12.31 3.57
CA LYS K 110 98.96 -13.61 3.63
C LYS K 110 98.21 -14.56 2.69
N GLY K 111 98.83 -14.84 1.55
CA GLY K 111 98.16 -15.55 0.46
C GLY K 111 97.15 -14.64 -0.22
N LYS K 112 95.90 -15.10 -0.25
CA LYS K 112 94.81 -14.30 -0.77
C LYS K 112 93.96 -13.75 0.38
N ARG K 113 94.16 -14.31 1.58
CA ARG K 113 93.42 -13.94 2.78
C ARG K 113 93.87 -12.58 3.31
N LYS K 114 92.92 -11.65 3.41
CA LYS K 114 93.18 -10.27 3.83
C LYS K 114 93.36 -10.16 5.35
N ILE K 115 94.47 -9.55 5.76
CA ILE K 115 94.78 -9.32 7.19
C ILE K 115 94.26 -7.94 7.61
N HIS K 116 93.20 -7.94 8.43
CA HIS K 116 92.53 -6.68 8.79
C HIS K 116 91.70 -6.75 10.05
N THR K 117 91.42 -5.56 10.60
CA THR K 117 90.52 -5.40 11.74
C THR K 117 89.40 -4.46 11.30
N VAL K 118 88.16 -4.92 11.44
CA VAL K 118 87.00 -4.11 11.05
C VAL K 118 86.36 -3.54 12.29
N ILE K 119 85.98 -2.27 12.24
CA ILE K 119 85.33 -1.61 13.36
C ILE K 119 83.93 -1.20 12.97
N TYR K 120 82.95 -1.63 13.75
CA TYR K 120 81.54 -1.36 13.48
C TYR K 120 80.90 -0.51 14.57
N ASP K 121 79.71 0.00 14.25
CA ASP K 121 78.88 0.76 15.19
C ASP K 121 77.73 -0.12 15.68
N SER K 122 77.74 -0.45 16.96
CA SER K 122 76.71 -1.31 17.53
C SER K 122 75.41 -0.56 17.70
N LEU K 123 75.46 0.76 17.60
CA LEU K 123 74.26 1.58 17.65
C LEU K 123 73.36 1.31 16.44
N LYS K 124 73.93 0.81 15.34
CA LYS K 124 73.13 0.41 14.18
C LYS K 124 72.48 -0.96 14.40
N LYS K 125 73.17 -1.83 15.13
CA LYS K 125 72.59 -3.11 15.57
C LYS K 125 71.51 -2.89 16.61
N LEU K 126 71.77 -1.99 17.56
CA LEU K 126 70.89 -1.71 18.70
C LEU K 126 70.71 -0.20 18.87
N PRO K 127 69.66 0.38 18.25
CA PRO K 127 69.51 1.83 18.22
C PRO K 127 68.94 2.46 19.49
N PHE K 128 69.62 2.27 20.62
CA PHE K 128 69.25 2.87 21.89
C PHE K 128 70.51 3.25 22.65
N PRO K 129 70.41 4.21 23.59
CA PRO K 129 71.55 4.49 24.47
C PRO K 129 71.80 3.33 25.45
N VAL K 130 73.03 3.19 25.90
CA VAL K 130 73.42 2.08 26.78
C VAL K 130 72.48 1.86 27.96
N LYS K 131 72.19 2.90 28.72
CA LYS K 131 71.30 2.75 29.87
C LYS K 131 69.96 2.15 29.47
N LYS K 132 69.39 2.70 28.40
CA LYS K 132 68.09 2.27 27.86
C LYS K 132 68.09 0.78 27.53
N ILE K 133 69.16 0.33 26.86
CA ILE K 133 69.36 -1.09 26.58
C ILE K 133 69.34 -1.90 27.88
N ALA K 134 70.24 -1.56 28.80
CA ALA K 134 70.36 -2.28 30.07
C ALA K 134 69.03 -2.39 30.81
N LYS K 135 68.29 -1.30 30.83
CA LYS K 135 66.98 -1.23 31.49
C LYS K 135 65.97 -2.18 30.84
N ASP K 136 66.01 -2.27 29.51
CA ASP K 136 65.03 -3.07 28.75
C ASP K 136 65.44 -4.51 28.51
N PHE K 137 66.75 -4.75 28.45
CA PHE K 137 67.27 -6.08 28.24
C PHE K 137 67.47 -6.79 29.57
N LYS K 138 67.03 -6.14 30.65
CA LYS K 138 67.12 -6.66 32.01
C LYS K 138 68.56 -7.00 32.32
N LEU K 139 69.43 -6.01 32.17
CA LEU K 139 70.86 -6.21 32.34
C LEU K 139 71.43 -5.37 33.48
N THR K 140 72.48 -5.89 34.11
CA THR K 140 73.12 -5.23 35.24
C THR K 140 73.69 -3.87 34.82
N VAL K 141 73.26 -2.82 35.51
CA VAL K 141 73.76 -1.47 35.24
C VAL K 141 74.05 -0.73 36.54
N LEU K 142 75.18 -0.05 36.57
CA LEU K 142 75.61 0.70 37.75
C LEU K 142 74.91 2.05 37.81
N LYS K 143 74.56 2.46 39.02
CA LYS K 143 74.00 3.80 39.24
C LYS K 143 75.10 4.85 39.17
N GLY K 144 74.78 5.99 38.60
CA GLY K 144 75.71 7.10 38.54
C GLY K 144 76.54 7.15 37.27
N ASP K 145 77.57 7.99 37.29
CA ASP K 145 78.36 8.27 36.10
C ASP K 145 79.78 8.68 36.46
N ILE K 146 80.68 8.55 35.49
CA ILE K 146 82.06 9.02 35.64
C ILE K 146 82.08 10.54 35.69
N ASP K 147 82.77 11.07 36.70
CA ASP K 147 82.92 12.51 36.90
C ASP K 147 83.77 13.13 35.78
N TYR K 148 83.13 13.77 34.80
CA TYR K 148 83.87 14.37 33.70
C TYR K 148 84.43 15.76 34.05
N HIS K 149 83.93 16.36 35.12
CA HIS K 149 84.49 17.61 35.63
C HIS K 149 85.71 17.32 36.52
N LYS K 150 86.62 16.49 36.02
CA LYS K 150 87.83 16.09 36.76
C LYS K 150 89.03 16.09 35.83
N GLU K 151 90.12 16.68 36.29
CA GLU K 151 91.31 16.84 35.45
C GLU K 151 92.16 15.57 35.43
N ARG K 152 92.42 15.06 34.23
CA ARG K 152 93.19 13.83 34.07
C ARG K 152 94.34 14.03 33.09
N PRO K 153 95.54 14.35 33.61
CA PRO K 153 96.74 14.50 32.78
C PRO K 153 97.11 13.20 32.05
N VAL K 154 98.11 13.26 31.18
CA VAL K 154 98.54 12.09 30.43
C VAL K 154 99.16 11.06 31.39
N GLY K 155 98.75 9.81 31.27
CA GLY K 155 99.24 8.74 32.13
C GLY K 155 98.40 8.55 33.38
N TYR K 156 97.33 9.32 33.50
CA TYR K 156 96.36 9.23 34.61
C TYR K 156 95.97 7.78 34.90
N LYS K 157 96.06 7.37 36.16
CA LYS K 157 95.68 6.01 36.57
C LYS K 157 94.21 5.96 36.93
N ILE K 158 93.48 5.07 36.25
CA ILE K 158 92.04 4.91 36.41
C ILE K 158 91.70 4.40 37.80
N THR K 159 90.80 5.09 38.49
CA THR K 159 90.35 4.66 39.82
C THR K 159 89.49 3.39 39.71
N PRO K 160 89.35 2.63 40.81
CA PRO K 160 88.56 1.39 40.78
C PRO K 160 87.10 1.60 40.34
N GLU K 161 86.49 2.71 40.79
CA GLU K 161 85.11 3.04 40.44
C GLU K 161 84.95 3.31 38.96
N GLU K 162 85.92 4.00 38.38
CA GLU K 162 85.93 4.33 36.97
C GLU K 162 86.08 3.06 36.14
N TYR K 163 86.97 2.19 36.61
CA TYR K 163 87.19 0.88 36.03
C TYR K 163 85.86 0.10 35.96
N ALA K 164 85.13 0.09 37.08
CA ALA K 164 83.84 -0.58 37.18
C ALA K 164 82.84 -0.06 36.16
N TYR K 165 82.75 1.27 36.01
CA TYR K 165 81.85 1.90 35.05
C TYR K 165 82.19 1.50 33.61
N ILE K 166 83.44 1.65 33.23
CA ILE K 166 83.89 1.30 31.89
C ILE K 166 83.54 -0.16 31.53
N LYS K 167 83.87 -1.08 32.43
CA LYS K 167 83.58 -2.49 32.24
C LYS K 167 82.08 -2.69 32.07
N ASN K 168 81.29 -2.03 32.91
CA ASN K 168 79.84 -2.14 32.84
C ASN K 168 79.33 -1.74 31.48
N ASP K 169 79.89 -0.66 30.94
CA ASP K 169 79.51 -0.17 29.61
C ASP K 169 79.79 -1.18 28.51
N ILE K 170 81.02 -1.65 28.42
CA ILE K 170 81.36 -2.62 27.38
C ILE K 170 80.62 -3.93 27.55
N GLN K 171 80.32 -4.28 28.80
CA GLN K 171 79.66 -5.55 29.10
C GLN K 171 78.16 -5.53 28.80
N ILE K 172 77.50 -4.40 29.06
CA ILE K 172 76.09 -4.26 28.74
C ILE K 172 75.87 -4.50 27.24
N ILE K 173 76.73 -3.91 26.42
CA ILE K 173 76.71 -4.10 24.97
C ILE K 173 77.11 -5.53 24.61
N ALA K 174 78.15 -6.04 25.26
CA ALA K 174 78.56 -7.43 25.08
C ALA K 174 77.40 -8.40 25.30
N GLU K 175 76.62 -8.18 26.36
CA GLU K 175 75.51 -9.07 26.69
C GLU K 175 74.41 -8.98 25.64
N ALA K 176 74.07 -7.75 25.26
CA ALA K 176 73.01 -7.49 24.27
C ALA K 176 73.37 -8.08 22.91
N LEU K 177 74.58 -7.80 22.44
CA LEU K 177 75.01 -8.23 21.12
C LEU K 177 75.06 -9.75 21.00
N LEU K 178 75.51 -10.42 22.07
CA LEU K 178 75.60 -11.88 22.08
C LEU K 178 74.21 -12.51 21.93
N ILE K 179 73.27 -12.07 22.77
CA ILE K 179 71.89 -12.55 22.71
C ILE K 179 71.38 -12.47 21.29
N GLN K 180 71.79 -11.42 20.59
CA GLN K 180 71.40 -11.21 19.21
C GLN K 180 72.11 -12.19 18.26
N PHE K 181 73.43 -12.36 18.44
CA PHE K 181 74.19 -13.30 17.61
C PHE K 181 73.70 -14.74 17.78
N LYS K 182 73.24 -15.07 18.98
CA LYS K 182 72.71 -16.39 19.27
C LYS K 182 71.37 -16.67 18.59
N GLN K 183 70.68 -15.61 18.14
CA GLN K 183 69.48 -15.79 17.30
C GLN K 183 69.89 -15.85 15.83
N GLY K 184 71.20 -15.81 15.59
CA GLY K 184 71.74 -15.83 14.23
C GLY K 184 71.64 -14.49 13.54
N LEU K 185 71.35 -13.44 14.32
CA LEU K 185 71.24 -12.09 13.79
C LEU K 185 72.62 -11.44 13.83
N ASP K 186 73.31 -11.48 12.69
CA ASP K 186 74.74 -11.18 12.65
C ASP K 186 75.17 -10.10 11.65
N ARG K 187 74.21 -9.52 10.93
CA ARG K 187 74.53 -8.50 9.93
C ARG K 187 74.90 -7.15 10.57
N MET K 188 75.26 -6.18 9.74
CA MET K 188 75.78 -4.89 10.20
C MET K 188 74.73 -4.03 10.91
N THR K 189 73.51 -4.02 10.40
CA THR K 189 72.45 -3.17 10.94
C THR K 189 71.19 -3.96 11.29
N ALA K 190 70.40 -3.40 12.21
CA ALA K 190 69.13 -3.99 12.63
C ALA K 190 68.27 -4.30 11.44
N GLY K 191 68.21 -3.36 10.49
CA GLY K 191 67.47 -3.54 9.25
C GLY K 191 67.93 -4.75 8.46
N SER K 192 69.24 -4.96 8.39
CA SER K 192 69.80 -6.07 7.65
C SER K 192 69.51 -7.40 8.33
N ASP K 193 69.68 -7.43 9.66
CA ASP K 193 69.26 -8.57 10.47
C ASP K 193 67.81 -8.92 10.16
N SER K 194 66.98 -7.89 10.12
CA SER K 194 65.55 -8.03 9.85
C SER K 194 65.30 -8.67 8.48
N LEU K 195 65.94 -8.12 7.47
CA LEU K 195 65.85 -8.62 6.10
C LEU K 195 66.37 -10.05 5.97
N LYS K 196 67.48 -10.34 6.65
CA LYS K 196 68.07 -11.69 6.63
C LYS K 196 67.10 -12.74 7.16
N GLY K 197 66.46 -12.42 8.29
CA GLY K 197 65.42 -13.28 8.86
C GLY K 197 64.26 -13.51 7.90
N PHE K 198 63.79 -12.45 7.26
CA PHE K 198 62.71 -12.55 6.29
C PHE K 198 63.09 -13.43 5.10
N LYS K 199 64.34 -13.28 4.66
CA LYS K 199 64.88 -14.00 3.51
C LYS K 199 65.01 -15.48 3.83
N ASP K 200 65.42 -15.78 5.07
CA ASP K 200 65.56 -17.15 5.56
C ASP K 200 64.24 -17.92 5.54
N ILE K 201 63.16 -17.23 5.92
CA ILE K 201 61.81 -17.82 5.91
C ILE K 201 61.26 -17.96 4.48
N ILE K 202 61.33 -16.89 3.69
CA ILE K 202 60.80 -16.88 2.33
C ILE K 202 61.59 -17.74 1.33
N THR K 203 62.91 -17.89 1.58
CA THR K 203 63.86 -18.60 0.71
C THR K 203 64.52 -17.67 -0.30
N THR K 204 65.86 -17.63 -0.27
CA THR K 204 66.64 -16.85 -1.25
C THR K 204 66.16 -17.07 -2.68
N LYS K 205 65.82 -18.32 -3.00
CA LYS K 205 65.22 -18.67 -4.30
C LYS K 205 63.93 -17.89 -4.55
N LYS K 206 62.99 -17.93 -3.59
CA LYS K 206 61.71 -17.23 -3.74
C LYS K 206 61.86 -15.72 -3.65
N PHE K 207 62.75 -15.27 -2.75
CA PHE K 207 63.01 -13.85 -2.54
C PHE K 207 63.39 -13.16 -3.83
N LYS K 208 64.33 -13.74 -4.57
CA LYS K 208 64.81 -13.16 -5.81
C LYS K 208 63.74 -13.15 -6.89
N LYS K 209 62.80 -14.10 -6.82
CA LYS K 209 61.70 -14.16 -7.78
C LYS K 209 60.63 -13.11 -7.49
N VAL K 210 60.20 -13.00 -6.23
CA VAL K 210 59.17 -12.02 -5.88
C VAL K 210 59.69 -10.57 -5.83
N PHE K 211 60.97 -10.40 -5.51
CA PHE K 211 61.59 -9.07 -5.53
C PHE K 211 62.79 -9.04 -6.48
N PRO K 212 62.53 -8.97 -7.80
CA PRO K 212 63.63 -8.91 -8.75
C PRO K 212 64.20 -7.51 -8.73
N THR K 213 65.48 -7.37 -9.07
CA THR K 213 66.08 -6.03 -9.07
C THR K 213 65.69 -5.30 -10.36
N LEU K 214 65.15 -4.08 -10.20
CA LEU K 214 64.68 -3.28 -11.34
C LEU K 214 65.81 -2.40 -11.87
N SER K 215 65.78 -2.11 -13.17
CA SER K 215 66.72 -1.17 -13.79
C SER K 215 66.65 0.18 -13.06
N LEU K 216 67.76 0.92 -13.09
CA LEU K 216 67.82 2.22 -12.38
C LEU K 216 66.77 3.21 -12.87
N GLY K 217 66.48 3.17 -14.17
CA GLY K 217 65.42 3.99 -14.78
C GLY K 217 64.03 3.74 -14.23
N LEU K 218 63.71 2.48 -13.95
CA LEU K 218 62.41 2.13 -13.37
C LEU K 218 62.34 2.49 -11.91
N ASP K 219 63.39 2.14 -11.16
CA ASP K 219 63.51 2.45 -9.75
C ASP K 219 63.27 3.94 -9.50
N LYS K 220 63.93 4.78 -10.30
CA LYS K 220 63.75 6.23 -10.25
C LYS K 220 62.30 6.67 -10.44
N GLU K 221 61.61 6.07 -11.42
CA GLU K 221 60.19 6.34 -11.64
C GLU K 221 59.32 5.84 -10.49
N VAL K 222 59.61 4.65 -9.97
CA VAL K 222 58.87 4.10 -8.83
C VAL K 222 58.98 5.04 -7.62
N ARG K 223 60.17 5.57 -7.37
CA ARG K 223 60.38 6.35 -6.17
C ARG K 223 59.84 7.79 -6.23
N TYR K 224 59.32 8.19 -7.39
CA TYR K 224 58.58 9.44 -7.51
C TYR K 224 57.26 9.34 -6.74
N ALA K 225 56.77 8.12 -6.59
CA ALA K 225 55.48 7.88 -5.96
C ALA K 225 55.62 7.77 -4.44
N TYR K 226 56.86 7.76 -3.96
CA TYR K 226 57.16 7.64 -2.53
C TYR K 226 56.86 8.94 -1.79
N ARG K 227 56.14 8.85 -0.66
CA ARG K 227 55.70 10.05 0.06
C ARG K 227 55.95 10.04 1.57
N GLY K 228 56.06 8.86 2.17
CA GLY K 228 56.44 8.81 3.58
C GLY K 228 55.25 8.77 4.53
N GLY K 229 55.16 9.78 5.40
CA GLY K 229 54.09 9.80 6.40
C GLY K 229 53.17 10.99 6.27
N PHE K 230 51.96 10.87 6.78
CA PHE K 230 51.03 12.00 6.77
C PHE K 230 51.16 12.80 8.05
N THR K 231 51.73 14.00 7.93
CA THR K 231 51.83 14.91 9.07
C THR K 231 51.17 16.24 8.72
N TRP K 232 50.05 16.51 9.36
CA TRP K 232 49.22 17.66 9.03
C TRP K 232 48.64 18.29 10.29
N LEU K 233 48.62 19.61 10.32
CA LEU K 233 47.97 20.34 11.40
C LEU K 233 46.79 21.11 10.85
N ASN K 234 45.67 21.02 11.55
CA ASN K 234 44.46 21.74 11.17
C ASN K 234 44.65 23.24 11.37
N ASP K 235 44.53 24.00 10.27
CA ASP K 235 44.64 25.47 10.33
C ASP K 235 43.83 26.09 11.46
N ARG K 236 42.69 25.49 11.75
CA ARG K 236 41.77 25.95 12.76
C ARG K 236 42.44 26.08 14.14
N PHE K 237 43.42 25.23 14.38
CA PHE K 237 44.05 25.15 15.70
C PHE K 237 45.44 25.78 15.79
N LYS K 238 45.94 26.30 14.67
CA LYS K 238 47.30 26.84 14.60
C LYS K 238 47.55 27.96 15.63
N GLU K 239 48.63 27.83 16.39
CA GLU K 239 49.08 28.81 17.38
C GLU K 239 48.01 29.26 18.39
N LYS K 240 47.13 28.32 18.75
CA LYS K 240 46.07 28.56 19.72
C LYS K 240 46.23 27.65 20.93
N GLU K 241 46.05 28.20 22.13
CA GLU K 241 45.96 27.39 23.32
C GLU K 241 44.57 26.73 23.36
N ILE K 242 44.54 25.42 23.20
CA ILE K 242 43.27 24.67 23.18
C ILE K 242 42.99 23.97 24.51
N GLY K 243 41.76 23.44 24.62
CA GLY K 243 41.31 22.81 25.87
C GLY K 243 41.63 21.34 25.94
N GLU K 244 40.66 20.57 26.42
CA GLU K 244 40.82 19.12 26.57
C GLU K 244 40.81 18.38 25.25
N GLY K 245 41.66 17.37 25.16
CA GLY K 245 41.74 16.54 23.96
C GLY K 245 42.33 15.18 24.26
N MET K 246 42.41 14.35 23.23
CA MET K 246 42.94 12.99 23.39
C MET K 246 43.78 12.54 22.18
N VAL K 247 44.61 11.53 22.38
CA VAL K 247 45.51 11.04 21.34
C VAL K 247 45.20 9.57 21.01
N PHE K 248 45.25 9.23 19.72
CA PHE K 248 45.13 7.83 19.29
C PHE K 248 46.37 7.38 18.51
N ASP K 249 46.74 6.11 18.65
CA ASP K 249 47.95 5.54 18.06
C ASP K 249 47.69 4.17 17.48
N VAL K 250 48.10 3.95 16.24
CA VAL K 250 47.97 2.63 15.62
C VAL K 250 48.97 1.67 16.24
N ASN K 251 48.52 0.47 16.57
CA ASN K 251 49.42 -0.56 17.06
C ASN K 251 50.22 -1.16 15.91
N SER K 252 51.48 -0.75 15.80
CA SER K 252 52.37 -1.19 14.72
C SER K 252 51.80 -0.92 13.34
N LEU K 253 51.68 0.36 12.99
CA LEU K 253 51.11 0.80 11.72
C LEU K 253 51.71 0.08 10.53
N TYR K 254 53.04 0.08 10.44
CA TYR K 254 53.70 -0.49 9.27
C TYR K 254 53.62 -2.02 9.19
N PRO K 255 54.00 -2.72 10.27
CA PRO K 255 53.75 -4.17 10.28
C PRO K 255 52.27 -4.54 9.99
N ALA K 256 51.34 -3.72 10.45
CA ALA K 256 49.91 -3.96 10.19
C ALA K 256 49.63 -3.95 8.71
N GLN K 257 50.16 -2.94 8.00
CA GLN K 257 49.97 -2.84 6.55
C GLN K 257 50.60 -4.03 5.84
N MET K 258 51.78 -4.44 6.31
CA MET K 258 52.51 -5.55 5.72
C MET K 258 51.81 -6.89 5.91
N TYR K 259 50.98 -6.97 6.94
CA TYR K 259 50.31 -8.21 7.29
C TYR K 259 49.04 -8.46 6.50
N SER K 260 48.27 -7.39 6.24
CA SER K 260 46.90 -7.54 5.74
C SER K 260 46.64 -6.94 4.36
N ARG K 261 47.35 -5.86 4.04
CA ARG K 261 47.12 -5.14 2.77
C ARG K 261 47.62 -5.88 1.52
N LEU K 262 46.98 -5.57 0.38
CA LEU K 262 47.42 -6.04 -0.92
C LEU K 262 48.67 -5.30 -1.39
N LEU K 263 49.79 -6.03 -1.52
CA LEU K 263 51.10 -5.43 -1.81
C LEU K 263 51.76 -5.98 -3.08
N PRO K 264 52.59 -5.16 -3.76
CA PRO K 264 53.15 -5.52 -5.06
C PRO K 264 54.29 -6.54 -4.96
N TYR K 265 54.41 -7.39 -5.97
CA TYR K 265 55.57 -8.26 -6.12
C TYR K 265 55.92 -8.47 -7.58
N GLY K 266 57.17 -8.84 -7.85
CA GLY K 266 57.60 -9.27 -9.16
C GLY K 266 57.92 -8.17 -10.16
N GLU K 267 58.04 -8.57 -11.42
CA GLU K 267 58.34 -7.65 -12.50
C GLU K 267 57.13 -6.77 -12.81
N PRO K 268 57.33 -5.44 -12.77
CA PRO K 268 56.30 -4.49 -13.20
C PRO K 268 56.10 -4.50 -14.71
N ILE K 269 54.96 -4.01 -15.17
CA ILE K 269 54.73 -3.84 -16.60
C ILE K 269 54.44 -2.38 -16.92
N VAL K 270 55.26 -1.83 -17.80
CA VAL K 270 55.13 -0.45 -18.27
C VAL K 270 53.91 -0.33 -19.17
N PHE K 271 53.04 0.64 -18.88
CA PHE K 271 51.96 1.01 -19.79
C PHE K 271 51.98 2.50 -20.12
N GLU K 272 51.65 2.84 -21.36
CA GLU K 272 51.44 4.24 -21.75
C GLU K 272 49.98 4.58 -21.50
N GLY K 273 49.72 5.86 -21.19
CA GLY K 273 48.35 6.35 -20.99
C GLY K 273 47.71 5.93 -19.68
N LYS K 274 46.38 5.91 -19.67
CA LYS K 274 45.62 5.51 -18.49
C LYS K 274 45.69 4.02 -18.22
N TYR K 275 45.68 3.65 -16.95
CA TYR K 275 45.62 2.26 -16.52
C TYR K 275 44.21 1.71 -16.74
N VAL K 276 44.11 0.53 -17.36
CA VAL K 276 42.86 -0.25 -17.39
C VAL K 276 42.95 -1.45 -16.47
N TRP K 277 41.87 -1.71 -15.74
CA TRP K 277 41.81 -2.78 -14.74
C TRP K 277 42.35 -4.10 -15.28
N ASP K 278 43.25 -4.70 -14.52
CA ASP K 278 43.84 -5.97 -14.85
C ASP K 278 43.84 -6.76 -13.55
N GLU K 279 43.02 -7.81 -13.48
CA GLU K 279 42.87 -8.57 -12.25
C GLU K 279 44.18 -9.21 -11.80
N ASP K 280 45.05 -9.55 -12.75
CA ASP K 280 46.37 -10.13 -12.45
C ASP K 280 47.44 -9.09 -12.11
N TYR K 281 47.17 -7.84 -12.50
CA TYR K 281 48.04 -6.72 -12.17
C TYR K 281 47.25 -5.61 -11.49
N PRO K 282 46.69 -5.89 -10.30
CA PRO K 282 45.67 -5.01 -9.73
C PRO K 282 46.21 -3.74 -9.10
N LEU K 283 47.51 -3.67 -8.84
CA LEU K 283 48.13 -2.48 -8.28
C LEU K 283 48.93 -1.78 -9.36
N HIS K 284 48.95 -0.45 -9.32
CA HIS K 284 49.66 0.33 -10.33
C HIS K 284 50.09 1.71 -9.80
N ILE K 285 51.10 2.28 -10.45
CA ILE K 285 51.55 3.64 -10.21
C ILE K 285 51.27 4.41 -11.50
N GLN K 286 50.72 5.61 -11.36
CA GLN K 286 50.26 6.39 -12.51
C GLN K 286 50.86 7.79 -12.55
N HIS K 287 51.62 8.07 -13.59
CA HIS K 287 52.11 9.43 -13.84
C HIS K 287 51.00 10.25 -14.49
N ILE K 288 50.47 11.19 -13.70
CA ILE K 288 49.28 11.95 -14.02
C ILE K 288 49.66 13.43 -14.15
N ARG K 289 48.74 14.22 -14.69
CA ARG K 289 48.90 15.67 -14.76
C ARG K 289 47.50 16.25 -14.63
N CYS K 290 47.34 17.33 -13.90
CA CYS K 290 45.98 17.85 -13.63
C CYS K 290 45.91 19.07 -12.73
N GLU K 291 44.72 19.65 -12.69
CA GLU K 291 44.38 20.68 -11.71
C GLU K 291 43.39 20.09 -10.70
N PHE K 292 43.35 20.67 -9.50
CA PHE K 292 42.51 20.14 -8.43
C PHE K 292 42.07 21.19 -7.43
N GLU K 293 40.90 20.96 -6.82
CA GLU K 293 40.39 21.78 -5.73
C GLU K 293 39.92 20.86 -4.63
N LEU K 294 40.34 21.14 -3.41
CA LEU K 294 39.92 20.36 -2.25
C LEU K 294 38.40 20.49 -2.11
N LYS K 295 37.74 19.35 -1.89
CA LYS K 295 36.31 19.32 -1.60
C LYS K 295 36.05 19.92 -0.22
N GLU K 296 34.84 20.45 0.00
CA GLU K 296 34.53 21.09 1.27
C GLU K 296 34.35 20.07 2.37
N GLY K 297 34.99 20.32 3.51
CA GLY K 297 34.90 19.42 4.64
C GLY K 297 35.81 18.21 4.57
N TYR K 298 36.77 18.23 3.64
CA TYR K 298 37.78 17.19 3.55
C TYR K 298 39.18 17.63 3.96
N ILE K 299 40.00 16.67 4.35
CA ILE K 299 41.40 16.90 4.73
C ILE K 299 42.27 16.91 3.47
N PRO K 300 43.24 17.83 3.38
CA PRO K 300 44.15 17.87 2.23
C PRO K 300 45.07 16.64 2.18
N THR K 301 45.30 16.11 0.99
CA THR K 301 46.00 14.85 0.79
C THR K 301 47.30 15.02 0.03
N ILE K 302 47.28 15.88 -0.99
CA ILE K 302 48.37 16.00 -1.95
C ILE K 302 49.45 16.96 -1.50
N GLN K 303 50.68 16.54 -1.74
CA GLN K 303 51.87 17.34 -1.52
C GLN K 303 52.68 17.27 -2.79
N ILE K 304 53.02 18.42 -3.36
CA ILE K 304 53.80 18.42 -4.60
C ILE K 304 55.29 18.67 -4.34
N LYS K 305 56.09 17.66 -4.69
CA LYS K 305 57.51 17.60 -4.35
C LYS K 305 58.37 18.52 -5.20
N ARG K 306 58.70 18.11 -6.42
CA ARG K 306 59.53 18.96 -7.27
C ARG K 306 58.71 19.72 -8.32
N SER K 307 58.30 20.93 -7.94
CA SER K 307 57.62 21.85 -8.83
C SER K 307 58.03 23.27 -8.48
N ARG K 308 58.16 24.10 -9.51
CA ARG K 308 58.55 25.49 -9.30
C ARG K 308 57.40 26.39 -8.82
N PHE K 309 56.20 25.82 -8.73
CA PHE K 309 55.02 26.61 -8.41
C PHE K 309 54.37 26.27 -7.07
N TYR K 310 54.99 25.35 -6.32
CA TYR K 310 54.42 24.92 -5.05
C TYR K 310 55.39 24.90 -3.88
N LYS K 311 54.85 25.12 -2.69
CA LYS K 311 55.56 24.83 -1.45
C LYS K 311 55.54 23.33 -1.28
N GLY K 312 56.54 22.81 -0.58
CA GLY K 312 56.74 21.35 -0.49
C GLY K 312 56.26 20.73 0.80
N ASN K 313 56.31 21.48 1.89
CA ASN K 313 55.99 20.94 3.21
C ASN K 313 54.50 20.86 3.53
N GLU K 314 53.69 21.58 2.77
CA GLU K 314 52.26 21.68 3.08
C GLU K 314 51.39 20.84 2.15
N TYR K 315 50.32 20.30 2.72
CA TYR K 315 49.31 19.59 1.96
C TYR K 315 48.39 20.62 1.31
N LEU K 316 48.08 20.41 0.03
CA LEU K 316 47.50 21.48 -0.77
C LEU K 316 45.99 21.50 -0.86
N LYS K 317 45.46 22.72 -0.79
CA LYS K 317 44.04 22.99 -0.93
C LYS K 317 43.65 23.11 -2.40
N SER K 318 44.60 23.55 -3.23
CA SER K 318 44.33 23.93 -4.62
C SER K 318 45.57 23.85 -5.51
N SER K 319 45.36 23.78 -6.82
CA SER K 319 46.44 23.82 -7.83
C SER K 319 47.03 25.21 -8.01
N GLY K 320 46.32 26.23 -7.54
CA GLY K 320 46.79 27.61 -7.65
C GLY K 320 46.74 28.14 -9.06
N GLY K 321 46.01 27.45 -9.94
CA GLY K 321 45.88 27.89 -11.33
C GLY K 321 47.04 27.47 -12.20
N GLU K 322 47.88 26.59 -11.65
CA GLU K 322 48.98 25.99 -12.39
C GLU K 322 48.78 24.47 -12.39
N ILE K 323 49.39 23.79 -13.37
CA ILE K 323 49.18 22.35 -13.56
C ILE K 323 50.07 21.48 -12.68
N ALA K 324 49.46 20.64 -11.86
CA ALA K 324 50.17 19.66 -11.04
C ALA K 324 50.60 18.44 -11.86
N ASP K 325 51.78 17.91 -11.54
CA ASP K 325 52.39 16.80 -12.25
C ASP K 325 52.84 15.79 -11.19
N LEU K 326 52.13 14.67 -11.07
CA LEU K 326 52.40 13.72 -9.97
C LEU K 326 52.46 12.26 -10.39
N TRP K 327 53.16 11.48 -9.56
CA TRP K 327 53.18 10.03 -9.64
C TRP K 327 52.46 9.48 -8.42
N LEU K 328 51.38 8.73 -8.65
CA LEU K 328 50.55 8.24 -7.56
C LEU K 328 50.35 6.73 -7.65
N SER K 329 50.45 6.06 -6.50
CA SER K 329 49.98 4.71 -6.37
C SER K 329 48.45 4.76 -6.47
N ASN K 330 47.83 3.62 -6.77
CA ASN K 330 46.36 3.59 -6.89
C ASN K 330 45.68 3.91 -5.58
N VAL K 331 46.33 3.56 -4.47
CA VAL K 331 45.84 3.90 -3.14
C VAL K 331 45.80 5.43 -2.99
N ASP K 332 46.90 6.09 -3.32
CA ASP K 332 47.00 7.55 -3.22
C ASP K 332 45.97 8.23 -4.11
N LEU K 333 45.80 7.70 -5.32
CA LEU K 333 44.97 8.31 -6.33
C LEU K 333 43.48 8.17 -6.01
N GLU K 334 43.10 7.02 -5.46
CA GLU K 334 41.70 6.77 -5.11
C GLU K 334 41.32 7.65 -3.94
N LEU K 335 42.27 7.86 -3.04
CA LEU K 335 42.14 8.77 -1.92
C LEU K 335 42.04 10.22 -2.41
N MET K 336 42.82 10.57 -3.42
CA MET K 336 42.80 11.91 -3.97
C MET K 336 41.44 12.21 -4.56
N LYS K 337 40.95 11.29 -5.38
CA LYS K 337 39.65 11.41 -6.04
C LYS K 337 38.52 11.67 -5.03
N GLU K 338 38.59 11.01 -3.89
CA GLU K 338 37.57 11.15 -2.86
C GLU K 338 37.58 12.54 -2.22
N HIS K 339 38.77 13.10 -2.04
CA HIS K 339 38.97 14.35 -1.31
C HIS K 339 39.01 15.62 -2.17
N TYR K 340 39.20 15.45 -3.48
CA TYR K 340 39.41 16.59 -4.38
C TYR K 340 38.45 16.54 -5.56
N ASP K 341 38.18 17.71 -6.13
CA ASP K 341 37.58 17.81 -7.45
C ASP K 341 38.75 17.92 -8.39
N LEU K 342 38.88 16.95 -9.30
CA LEU K 342 39.94 17.00 -10.31
C LEU K 342 39.46 17.69 -11.59
N TYR K 343 40.36 18.43 -12.24
CA TYR K 343 40.08 19.06 -13.53
C TYR K 343 41.22 18.78 -14.49
N ASN K 344 40.87 18.61 -15.77
CA ASN K 344 41.83 18.42 -16.85
C ASN K 344 42.88 17.34 -16.62
N VAL K 345 42.43 16.19 -16.15
CA VAL K 345 43.35 15.09 -15.84
C VAL K 345 43.92 14.51 -17.13
N GLU K 346 45.25 14.44 -17.21
CA GLU K 346 45.93 13.80 -18.33
C GLU K 346 46.74 12.61 -17.85
N TYR K 347 46.53 11.45 -18.47
CA TYR K 347 47.25 10.25 -18.09
C TYR K 347 48.45 10.02 -19.02
N ILE K 348 49.66 10.18 -18.48
CA ILE K 348 50.87 10.08 -19.30
C ILE K 348 51.29 8.64 -19.53
N SER K 349 51.51 7.91 -18.43
CA SER K 349 52.02 6.55 -18.46
C SER K 349 52.01 6.00 -17.03
N GLY K 350 52.67 4.85 -16.82
CA GLY K 350 52.71 4.21 -15.50
C GLY K 350 53.16 2.76 -15.51
N LEU K 351 53.09 2.13 -14.33
CA LEU K 351 53.53 0.74 -14.12
C LEU K 351 52.46 -0.02 -13.38
N LYS K 352 52.29 -1.30 -13.71
CA LYS K 352 51.35 -2.15 -12.99
C LYS K 352 52.07 -3.36 -12.42
N PHE K 353 51.57 -3.84 -11.28
CA PHE K 353 52.25 -4.86 -10.49
C PHE K 353 51.36 -6.04 -10.17
N LYS K 354 51.94 -7.24 -10.15
CA LYS K 354 51.28 -8.39 -9.52
C LYS K 354 51.13 -8.07 -8.04
N ALA K 355 50.11 -8.62 -7.40
CA ALA K 355 49.81 -8.24 -6.01
C ALA K 355 49.31 -9.40 -5.18
N THR K 356 49.52 -9.31 -3.87
CA THR K 356 49.16 -10.37 -2.93
C THR K 356 49.10 -9.86 -1.49
N THR K 357 48.56 -10.69 -0.60
CA THR K 357 48.41 -10.30 0.80
C THR K 357 49.22 -11.19 1.76
N GLY K 358 49.72 -12.31 1.25
CA GLY K 358 50.39 -13.29 2.11
C GLY K 358 51.89 -13.13 2.35
N LEU K 359 52.49 -12.13 1.71
CA LEU K 359 53.95 -12.03 1.65
C LEU K 359 54.72 -11.95 2.96
N PHE K 360 54.10 -11.41 4.01
CA PHE K 360 54.80 -11.17 5.28
C PHE K 360 54.28 -11.96 6.49
N LYS K 361 53.21 -12.73 6.31
CA LYS K 361 52.50 -13.40 7.40
C LYS K 361 53.42 -14.25 8.27
N ASP K 362 54.16 -15.16 7.63
CA ASP K 362 55.07 -16.07 8.34
C ASP K 362 56.08 -15.33 9.23
N PHE K 363 56.74 -14.33 8.64
CA PHE K 363 57.70 -13.52 9.36
C PHE K 363 57.08 -12.82 10.58
N ILE K 364 55.94 -12.17 10.36
CA ILE K 364 55.25 -11.45 11.42
C ILE K 364 54.69 -12.40 12.50
N ASP K 365 54.06 -13.49 12.08
CA ASP K 365 53.62 -14.51 13.02
C ASP K 365 54.78 -15.00 13.86
N LYS K 366 55.89 -15.37 13.21
CA LYS K 366 57.05 -15.86 13.94
C LYS K 366 57.47 -14.91 15.06
N TRP K 367 57.62 -13.63 14.73
CA TRP K 367 58.18 -12.68 15.68
C TRP K 367 57.17 -12.07 16.66
N THR K 368 55.92 -11.97 16.24
CA THR K 368 54.83 -11.56 17.14
C THR K 368 54.63 -12.61 18.22
N TYR K 369 54.76 -13.89 17.84
CA TYR K 369 54.73 -14.98 18.81
C TYR K 369 55.85 -14.79 19.83
N ILE K 370 57.09 -14.73 19.37
CA ILE K 370 58.25 -14.54 20.25
C ILE K 370 58.09 -13.30 21.16
N LYS K 371 57.51 -12.24 20.63
CA LYS K 371 57.34 -11.00 21.40
C LYS K 371 56.37 -11.15 22.57
N THR K 372 55.20 -11.74 22.32
CA THR K 372 54.23 -11.97 23.38
C THR K 372 54.61 -13.12 24.33
N THR K 373 55.28 -14.13 23.78
CA THR K 373 55.77 -15.30 24.53
C THR K 373 56.86 -14.95 25.53
N SER K 374 57.61 -13.89 25.24
CA SER K 374 58.86 -13.63 25.94
C SER K 374 58.87 -12.35 26.76
N GLU K 375 60.02 -12.09 27.40
CA GLU K 375 60.26 -10.84 28.12
C GLU K 375 61.74 -10.44 28.05
N GLY K 376 62.00 -9.17 28.36
CA GLY K 376 63.36 -8.66 28.43
C GLY K 376 64.01 -8.55 27.06
N ALA K 377 65.27 -8.97 27.00
CA ALA K 377 66.08 -8.88 25.79
C ALA K 377 65.39 -9.47 24.56
N ILE K 378 64.98 -10.73 24.67
CA ILE K 378 64.35 -11.45 23.55
C ILE K 378 63.14 -10.70 23.04
N LYS K 379 62.31 -10.19 23.95
CA LYS K 379 61.13 -9.43 23.55
C LYS K 379 61.50 -8.17 22.78
N GLN K 380 62.52 -7.46 23.24
CA GLN K 380 62.96 -6.23 22.60
C GLN K 380 63.52 -6.52 21.23
N LEU K 381 64.25 -7.62 21.11
CA LEU K 381 64.82 -8.03 19.84
C LEU K 381 63.75 -8.52 18.88
N ALA K 382 62.66 -9.05 19.43
CA ALA K 382 61.52 -9.45 18.61
C ALA K 382 60.87 -8.21 18.04
N LYS K 383 60.71 -7.19 18.89
CA LYS K 383 60.17 -5.89 18.48
C LYS K 383 61.03 -5.28 17.38
N LEU K 384 62.34 -5.27 17.60
CA LEU K 384 63.31 -4.71 16.67
C LEU K 384 63.25 -5.39 15.30
N MET K 385 62.98 -6.70 15.29
CA MET K 385 62.87 -7.49 14.06
C MET K 385 61.65 -7.11 13.26
N LEU K 386 60.55 -6.83 13.95
CA LEU K 386 59.30 -6.46 13.32
C LEU K 386 59.38 -5.04 12.77
N ASN K 387 60.02 -4.15 13.51
CA ASN K 387 60.01 -2.74 13.15
C ASN K 387 61.12 -2.33 12.18
N SER K 388 62.16 -3.14 12.05
CA SER K 388 63.29 -2.81 11.18
C SER K 388 63.15 -3.31 9.74
N LEU K 389 62.18 -4.19 9.48
CA LEU K 389 62.05 -4.78 8.16
C LEU K 389 61.64 -3.75 7.11
N TYR K 390 60.48 -3.12 7.31
CA TYR K 390 59.93 -2.16 6.32
C TYR K 390 60.97 -1.19 5.73
N GLY K 391 61.77 -0.56 6.58
CA GLY K 391 62.76 0.43 6.14
C GLY K 391 63.71 -0.03 5.05
N LYS K 392 63.92 -1.34 4.98
CA LYS K 392 64.83 -1.91 4.00
C LYS K 392 64.30 -1.84 2.56
N PHE K 393 62.98 -1.74 2.41
CA PHE K 393 62.35 -1.57 1.09
C PHE K 393 62.25 -0.10 0.68
N ALA K 394 62.14 0.78 1.68
CA ALA K 394 62.06 2.22 1.47
C ALA K 394 63.43 2.89 1.64
N SER K 395 64.35 2.60 0.72
CA SER K 395 65.67 3.24 0.72
C SER K 395 66.05 3.67 -0.69
N ASN K 396 66.83 4.74 -0.79
CA ASN K 396 67.31 5.22 -2.10
C ASN K 396 68.63 4.53 -2.46
N PRO K 397 69.04 4.59 -3.74
CA PRO K 397 70.19 3.78 -4.12
C PRO K 397 71.53 4.50 -3.94
N ASP K 398 71.51 5.68 -3.33
CA ASP K 398 72.72 6.47 -3.16
C ASP K 398 73.51 6.08 -1.91
N VAL K 399 74.78 5.74 -2.13
CA VAL K 399 75.65 5.28 -1.05
C VAL K 399 76.97 6.06 -1.10
N THR K 400 76.90 7.27 -1.66
CA THR K 400 78.04 8.16 -1.72
C THR K 400 78.51 8.48 -0.31
N GLY K 401 79.78 8.24 -0.06
CA GLY K 401 80.35 8.40 1.28
C GLY K 401 81.18 9.65 1.44
N LYS K 402 81.49 9.99 2.69
CA LYS K 402 82.42 11.06 3.00
C LYS K 402 83.78 10.46 3.25
N VAL K 403 84.81 11.19 2.89
CA VAL K 403 86.19 10.72 3.03
C VAL K 403 86.91 11.56 4.08
N PRO K 404 87.49 10.91 5.10
CA PRO K 404 88.27 11.65 6.08
C PRO K 404 89.62 12.08 5.52
N TYR K 405 90.12 13.22 5.99
CA TYR K 405 91.50 13.60 5.75
C TYR K 405 91.97 14.38 6.97
N LEU K 406 93.25 14.23 7.31
CA LEU K 406 93.84 14.99 8.40
C LEU K 406 94.05 16.41 7.92
N LYS K 407 93.32 17.34 8.56
CA LYS K 407 93.33 18.75 8.20
C LYS K 407 94.69 19.39 8.54
N GLU K 408 94.90 20.59 8.02
CA GLU K 408 96.16 21.33 8.16
C GLU K 408 96.58 21.52 9.63
N ASN K 409 95.59 21.79 10.49
CA ASN K 409 95.81 22.13 11.89
C ASN K 409 95.76 20.95 12.88
N GLY K 410 95.62 19.73 12.36
CA GLY K 410 95.61 18.52 13.19
C GLY K 410 94.24 17.99 13.54
N ALA K 411 93.19 18.72 13.16
CA ALA K 411 91.81 18.26 13.35
C ALA K 411 91.37 17.40 12.17
N LEU K 412 90.19 16.79 12.26
CA LEU K 412 89.70 15.95 11.18
C LEU K 412 88.79 16.68 10.22
N GLY K 413 89.06 16.50 8.94
CA GLY K 413 88.21 17.05 7.88
C GLY K 413 87.56 15.95 7.06
N PHE K 414 86.42 16.28 6.46
CA PHE K 414 85.68 15.36 5.61
C PHE K 414 85.35 16.00 4.27
N ARG K 415 85.54 15.25 3.19
CA ARG K 415 85.10 15.66 1.85
C ARG K 415 84.24 14.56 1.21
N LEU K 416 83.20 14.96 0.49
CA LEU K 416 82.38 14.02 -0.27
C LEU K 416 83.24 13.22 -1.24
N GLY K 417 83.02 11.91 -1.28
CA GLY K 417 83.78 11.03 -2.15
C GLY K 417 83.17 10.82 -3.53
N GLU K 418 83.55 9.70 -4.14
CA GLU K 418 83.02 9.25 -5.42
C GLU K 418 81.51 9.03 -5.34
N GLU K 419 80.80 9.46 -6.37
CA GLU K 419 79.39 9.09 -6.56
C GLU K 419 79.31 7.57 -6.59
N GLU K 420 78.40 7.00 -5.81
CA GLU K 420 78.32 5.55 -5.66
C GLU K 420 76.88 5.07 -5.56
N THR K 421 76.58 3.94 -6.19
CA THR K 421 75.21 3.41 -6.29
C THR K 421 75.10 1.95 -5.82
N LYS K 422 74.05 1.67 -5.05
CA LYS K 422 73.70 0.30 -4.64
C LYS K 422 72.41 -0.13 -5.35
N ASP K 423 72.22 -1.44 -5.48
CA ASP K 423 70.96 -1.99 -5.99
C ASP K 423 69.83 -1.75 -4.99
N PRO K 424 68.69 -1.24 -5.46
CA PRO K 424 67.53 -1.07 -4.59
C PRO K 424 66.96 -2.44 -4.26
N VAL K 425 66.37 -2.62 -3.08
CA VAL K 425 65.87 -3.95 -2.68
C VAL K 425 64.56 -4.32 -3.40
N TYR K 426 63.56 -3.44 -3.28
CA TYR K 426 62.33 -3.50 -4.08
C TYR K 426 61.48 -2.30 -3.73
N THR K 427 61.69 -1.21 -4.45
CA THR K 427 61.06 0.07 -4.12
C THR K 427 59.52 0.14 -4.22
N PRO K 428 58.90 -0.60 -5.17
CA PRO K 428 57.43 -0.61 -5.18
C PRO K 428 56.83 -1.00 -3.83
N MET K 429 57.45 -1.98 -3.18
CA MET K 429 57.04 -2.44 -1.86
C MET K 429 57.07 -1.28 -0.86
N GLY K 430 58.18 -0.55 -0.84
CA GLY K 430 58.31 0.66 -0.02
C GLY K 430 57.22 1.68 -0.33
N VAL K 431 56.93 1.85 -1.61
CA VAL K 431 55.91 2.80 -2.05
C VAL K 431 54.51 2.45 -1.52
N PHE K 432 54.13 1.18 -1.62
CA PHE K 432 52.76 0.77 -1.25
C PHE K 432 52.52 0.61 0.26
N ILE K 433 53.54 0.17 1.00
CA ILE K 433 53.43 0.06 2.46
C ILE K 433 53.12 1.42 3.10
N THR K 434 53.82 2.46 2.68
CA THR K 434 53.59 3.81 3.20
C THR K 434 52.27 4.39 2.69
N ALA K 435 51.96 4.13 1.42
CA ALA K 435 50.69 4.52 0.82
C ALA K 435 49.49 3.98 1.60
N TRP K 436 49.54 2.70 1.99
CA TRP K 436 48.49 2.09 2.80
C TRP K 436 48.44 2.68 4.20
N ALA K 437 49.61 2.91 4.79
CA ALA K 437 49.74 3.57 6.09
C ALA K 437 49.04 4.94 6.07
N ARG K 438 49.29 5.71 5.03
CA ARG K 438 48.65 6.99 4.87
C ARG K 438 47.16 6.84 4.71
N TYR K 439 46.75 5.81 3.97
CA TYR K 439 45.33 5.51 3.79
C TYR K 439 44.68 5.25 5.14
N THR K 440 45.38 4.49 5.99
CA THR K 440 44.87 4.14 7.32
C THR K 440 44.65 5.39 8.16
N THR K 441 45.67 6.23 8.24
CA THR K 441 45.63 7.43 9.09
C THR K 441 44.68 8.51 8.60
N ILE K 442 44.72 8.82 7.30
CA ILE K 442 43.86 9.85 6.73
C ILE K 442 42.40 9.44 6.80
N THR K 443 42.13 8.16 6.56
CA THR K 443 40.75 7.63 6.60
C THR K 443 40.12 7.86 7.96
N ALA K 444 40.83 7.44 9.02
CA ALA K 444 40.37 7.59 10.39
C ALA K 444 40.23 9.06 10.75
N ALA K 445 41.24 9.85 10.39
CA ALA K 445 41.23 11.30 10.59
C ALA K 445 39.98 11.94 9.95
N GLN K 446 39.74 11.63 8.67
CA GLN K 446 38.60 12.18 7.94
C GLN K 446 37.28 11.86 8.65
N ALA K 447 37.14 10.61 9.10
CA ALA K 447 35.97 10.15 9.86
C ALA K 447 35.72 10.97 11.12
N CYS K 448 36.76 11.64 11.61
CA CYS K 448 36.66 12.50 12.79
C CYS K 448 36.88 13.98 12.45
N TYR K 449 36.53 14.35 11.21
CA TYR K 449 36.82 15.69 10.69
C TYR K 449 36.39 16.83 11.62
N ASP K 450 35.20 16.73 12.21
CA ASP K 450 34.69 17.79 13.07
C ASP K 450 35.48 17.96 14.38
N ARG K 451 36.39 17.02 14.66
CA ARG K 451 37.14 17.03 15.92
C ARG K 451 38.66 16.89 15.74
N ILE K 452 39.11 16.75 14.49
CA ILE K 452 40.53 16.52 14.21
C ILE K 452 41.40 17.76 14.44
N ILE K 453 42.51 17.58 15.15
CA ILE K 453 43.47 18.64 15.39
C ILE K 453 44.75 18.42 14.59
N TYR K 454 45.27 17.20 14.62
CA TYR K 454 46.62 16.93 14.16
C TYR K 454 46.82 15.44 13.86
N CYS K 455 47.54 15.16 12.78
CA CYS K 455 47.92 13.79 12.44
C CYS K 455 49.41 13.74 12.29
N ASP K 456 50.01 12.67 12.77
CA ASP K 456 51.43 12.44 12.52
C ASP K 456 51.69 10.97 12.28
N THR K 457 51.80 10.61 11.01
CA THR K 457 52.12 9.25 10.57
C THR K 457 51.12 8.21 11.06
N ASP K 458 51.25 7.83 12.33
CA ASP K 458 50.44 6.76 12.91
C ASP K 458 49.53 7.25 14.03
N SER K 459 49.44 8.56 14.23
CA SER K 459 48.68 9.09 15.36
C SER K 459 47.73 10.24 15.04
N ILE K 460 46.65 10.30 15.80
CA ILE K 460 45.56 11.25 15.61
C ILE K 460 45.40 12.03 16.90
N HIS K 461 45.26 13.36 16.80
CA HIS K 461 44.98 14.19 17.96
C HIS K 461 43.59 14.80 17.80
N LEU K 462 42.73 14.58 18.81
CA LEU K 462 41.32 14.99 18.73
C LEU K 462 40.90 15.97 19.81
N THR K 463 39.90 16.79 19.48
CA THR K 463 39.21 17.64 20.44
C THR K 463 38.27 16.78 21.28
N GLY K 464 38.19 17.05 22.57
CA GLY K 464 37.28 16.34 23.47
C GLY K 464 37.92 15.16 24.16
N THR K 465 37.14 14.48 25.01
CA THR K 465 37.66 13.38 25.82
C THR K 465 36.97 12.04 25.56
N GLU K 466 35.82 12.07 24.89
CA GLU K 466 35.06 10.85 24.58
C GLU K 466 35.55 10.20 23.29
N ILE K 467 35.55 8.87 23.25
CA ILE K 467 35.87 8.14 22.02
C ILE K 467 34.69 8.26 21.05
N PRO K 468 34.96 8.77 19.81
CA PRO K 468 33.90 8.99 18.82
C PRO K 468 33.35 7.68 18.28
N ASP K 469 32.02 7.62 18.16
CA ASP K 469 31.31 6.43 17.67
C ASP K 469 31.94 5.87 16.40
N VAL K 470 32.09 6.74 15.41
CA VAL K 470 32.62 6.36 14.10
C VAL K 470 33.90 5.52 14.16
N ILE K 471 34.69 5.68 15.22
CA ILE K 471 35.93 4.91 15.33
C ILE K 471 35.93 3.93 16.50
N LYS K 472 34.88 3.94 17.30
CA LYS K 472 34.77 3.05 18.46
C LYS K 472 35.07 1.60 18.10
N ASP K 473 34.57 1.18 16.93
CA ASP K 473 34.69 -0.20 16.49
C ASP K 473 36.09 -0.57 16.00
N ILE K 474 36.95 0.44 15.81
CA ILE K 474 38.36 0.21 15.45
C ILE K 474 39.35 0.66 16.53
N VAL K 475 38.85 0.90 17.74
CA VAL K 475 39.71 1.23 18.87
C VAL K 475 40.01 -0.01 19.69
N ASP K 476 41.29 -0.32 19.86
CA ASP K 476 41.75 -1.43 20.69
C ASP K 476 43.13 -1.14 21.25
N PRO K 477 43.34 -1.39 22.55
CA PRO K 477 44.64 -1.20 23.20
C PRO K 477 45.78 -2.03 22.60
N LYS K 478 45.48 -3.23 22.11
CA LYS K 478 46.52 -4.20 21.72
C LYS K 478 46.51 -4.72 20.27
N LYS K 479 45.33 -4.91 19.68
CA LYS K 479 45.21 -5.50 18.35
C LYS K 479 46.07 -4.83 17.29
N LEU K 480 46.73 -5.64 16.47
CA LEU K 480 47.54 -5.15 15.36
C LEU K 480 46.67 -4.35 14.42
N GLY K 481 47.14 -3.16 14.08
CA GLY K 481 46.46 -2.30 13.10
C GLY K 481 45.40 -1.40 13.68
N TYR K 482 44.91 -1.74 14.87
CA TYR K 482 43.87 -0.98 15.53
C TYR K 482 44.43 0.25 16.21
N TRP K 483 43.53 1.19 16.52
CA TRP K 483 43.89 2.41 17.22
C TRP K 483 43.73 2.24 18.72
N ALA K 484 44.75 2.66 19.46
CA ALA K 484 44.73 2.60 20.92
C ALA K 484 44.62 4.00 21.49
N HIS K 485 43.79 4.14 22.53
CA HIS K 485 43.65 5.40 23.24
C HIS K 485 44.94 5.69 24.02
N GLU K 486 45.79 6.52 23.41
CA GLU K 486 47.14 6.79 23.91
C GLU K 486 47.14 7.57 25.22
N SER K 487 46.58 8.78 25.17
CA SER K 487 46.55 9.67 26.32
C SER K 487 45.45 10.72 26.17
N THR K 488 45.28 11.54 27.20
CA THR K 488 44.31 12.63 27.22
C THR K 488 44.99 13.84 27.83
N PHE K 489 44.86 14.99 27.17
CA PHE K 489 45.47 16.22 27.69
C PHE K 489 44.47 17.27 28.18
N LYS K 490 44.86 17.98 29.23
CA LYS K 490 44.10 19.08 29.82
C LYS K 490 44.08 20.28 28.88
N ARG K 491 45.24 20.61 28.32
CA ARG K 491 45.39 21.71 27.39
C ARG K 491 46.61 21.51 26.48
N ALA K 492 46.57 22.12 25.30
CA ALA K 492 47.64 21.98 24.32
C ALA K 492 47.82 23.24 23.48
N LYS K 493 48.97 23.33 22.80
CA LYS K 493 49.26 24.43 21.89
C LYS K 493 50.16 23.94 20.75
N TYR K 494 49.65 24.04 19.52
CA TYR K 494 50.39 23.57 18.35
C TYR K 494 50.88 24.76 17.51
N LEU K 495 52.17 24.78 17.21
CA LEU K 495 52.76 25.87 16.43
C LEU K 495 52.77 25.55 14.93
N ARG K 496 52.85 24.26 14.61
CA ARG K 496 52.87 23.77 13.24
C ARG K 496 53.21 22.28 13.25
N GLN K 497 53.39 21.71 12.06
CA GLN K 497 53.84 20.33 11.92
C GLN K 497 54.98 20.04 12.88
N LYS K 498 54.81 18.96 13.64
CA LYS K 498 55.84 18.39 14.54
C LYS K 498 56.33 19.36 15.62
N THR K 499 55.57 20.43 15.84
CA THR K 499 55.95 21.44 16.84
C THR K 499 54.77 21.77 17.76
N TYR K 500 54.74 21.11 18.92
CA TYR K 500 53.65 21.29 19.88
C TYR K 500 53.99 20.89 21.31
N ILE K 501 53.15 21.35 22.25
CA ILE K 501 53.27 21.02 23.67
C ILE K 501 51.90 20.60 24.25
N GLN K 502 51.93 19.70 25.24
CA GLN K 502 50.71 19.16 25.85
C GLN K 502 50.82 19.00 27.37
N ASP K 503 49.68 19.12 28.05
CA ASP K 503 49.56 18.81 29.49
C ASP K 503 48.76 17.51 29.68
N ILE K 504 49.48 16.41 29.81
CA ILE K 504 48.87 15.07 29.86
C ILE K 504 48.37 14.68 31.27
N TYR K 505 47.20 14.06 31.33
CA TYR K 505 46.65 13.53 32.59
C TYR K 505 47.40 12.27 33.02
N MET K 506 47.94 12.26 34.22
CA MET K 506 48.71 11.12 34.73
C MET K 506 48.14 10.53 36.01
N LYS K 507 48.32 9.21 36.15
CA LYS K 507 47.79 8.44 37.27
C LYS K 507 48.89 7.53 37.79
N GLU K 508 49.03 7.45 39.11
CA GLU K 508 50.05 6.59 39.72
C GLU K 508 49.52 5.18 40.00
N VAL K 509 50.13 4.19 39.36
CA VAL K 509 49.82 2.79 39.61
C VAL K 509 51.08 2.03 40.08
N ASP K 510 51.28 1.97 41.40
CA ASP K 510 52.44 1.30 42.03
C ASP K 510 53.74 2.07 41.84
N GLY K 511 53.91 3.18 42.54
CA GLY K 511 55.14 3.98 42.44
C GLY K 511 55.32 4.69 41.10
N LYS K 512 55.19 3.94 40.01
CA LYS K 512 55.33 4.47 38.65
C LYS K 512 54.11 5.25 38.19
N LEU K 513 54.30 6.13 37.21
CA LEU K 513 53.26 7.03 36.76
C LEU K 513 52.82 6.65 35.35
N VAL K 514 51.52 6.46 35.16
CA VAL K 514 50.94 6.10 33.85
C VAL K 514 49.82 7.05 33.40
N GLU K 515 49.33 6.85 32.18
CA GLU K 515 48.31 7.73 31.58
C GLU K 515 46.95 7.55 32.23
N GLY K 516 46.34 8.66 32.66
CA GLY K 516 45.04 8.65 33.30
C GLY K 516 43.96 9.45 32.59
N SER K 517 42.73 9.35 33.08
CA SER K 517 41.58 10.03 32.48
C SER K 517 41.33 11.39 33.15
N PRO K 518 40.37 12.19 32.64
CA PRO K 518 40.00 13.46 33.28
C PRO K 518 39.44 13.31 34.69
N ASP K 519 38.86 12.15 35.00
CA ASP K 519 38.32 11.88 36.34
C ASP K 519 39.38 11.19 37.19
N ASP K 520 40.02 10.19 36.59
CA ASP K 520 41.01 9.37 37.26
C ASP K 520 42.41 9.86 36.91
N TYR K 521 42.92 10.79 37.72
CA TYR K 521 44.28 11.32 37.56
C TYR K 521 44.78 12.01 38.82
N THR K 522 46.09 12.10 38.95
CA THR K 522 46.72 12.72 40.13
C THR K 522 47.80 13.74 39.78
N ASP K 523 48.40 13.62 38.60
CA ASP K 523 49.49 14.52 38.18
C ASP K 523 49.37 14.96 36.73
N ILE K 524 50.19 15.95 36.35
CA ILE K 524 50.24 16.46 34.99
C ILE K 524 51.64 16.29 34.39
N LYS K 525 51.74 15.48 33.33
CA LYS K 525 52.99 15.34 32.58
C LYS K 525 53.03 16.36 31.45
N PHE K 526 54.05 17.20 31.47
CA PHE K 526 54.26 18.19 30.43
C PHE K 526 55.16 17.58 29.35
N SER K 527 54.67 17.59 28.11
CA SER K 527 55.40 16.97 26.99
C SER K 527 55.63 17.96 25.86
N VAL K 528 56.87 17.99 25.35
CA VAL K 528 57.26 18.91 24.28
C VAL K 528 57.71 18.13 23.04
N LYS K 529 57.23 18.54 21.88
CA LYS K 529 57.71 18.01 20.61
C LYS K 529 58.17 19.15 19.71
N CYS K 530 59.44 19.12 19.34
CA CYS K 530 60.03 20.17 18.50
C CYS K 530 61.31 19.66 17.85
N ALA K 531 61.39 19.79 16.52
CA ALA K 531 62.52 19.24 15.76
C ALA K 531 63.85 19.86 16.17
N GLY K 532 64.81 19.01 16.52
CA GLY K 532 66.15 19.46 16.88
C GLY K 532 66.33 19.80 18.35
N MET K 533 65.23 19.88 19.09
CA MET K 533 65.27 20.23 20.51
C MET K 533 65.66 19.04 21.36
N THR K 534 66.71 19.23 22.16
CA THR K 534 67.24 18.16 23.02
C THR K 534 66.35 17.93 24.23
N ASP K 535 66.63 16.85 24.97
CA ASP K 535 65.91 16.56 26.20
C ASP K 535 66.12 17.66 27.24
N LYS K 536 67.35 18.17 27.29
CA LYS K 536 67.73 19.22 28.24
C LYS K 536 66.96 20.53 27.99
N ILE K 537 66.86 20.93 26.73
CA ILE K 537 66.16 22.17 26.36
C ILE K 537 64.64 22.08 26.53
N LYS K 538 64.09 20.88 26.36
CA LYS K 538 62.65 20.65 26.55
C LYS K 538 62.17 20.98 27.98
N LYS K 539 63.04 20.74 28.96
CA LYS K 539 62.74 21.04 30.36
C LYS K 539 62.69 22.56 30.65
N GLU K 540 63.25 23.36 29.73
CA GLU K 540 63.22 24.81 29.84
C GLU K 540 61.90 25.37 29.37
N VAL K 541 61.21 24.63 28.51
CA VAL K 541 59.97 25.05 27.88
C VAL K 541 58.79 25.10 28.86
N THR K 542 58.03 26.19 28.80
CA THR K 542 56.78 26.32 29.53
C THR K 542 55.68 26.70 28.53
N PHE K 543 54.43 26.74 29.00
CA PHE K 543 53.31 27.18 28.16
C PHE K 543 53.43 28.63 27.70
N GLU K 544 54.13 29.43 28.50
CA GLU K 544 54.28 30.85 28.24
C GLU K 544 55.35 31.17 27.20
N ASN K 545 56.48 30.44 27.25
CA ASN K 545 57.62 30.72 26.39
C ASN K 545 57.65 29.96 25.05
N PHE K 546 56.74 29.01 24.87
CA PHE K 546 56.72 28.20 23.64
C PHE K 546 56.23 29.01 22.43
N LYS K 547 57.17 29.72 21.83
CA LYS K 547 56.89 30.68 20.77
C LYS K 547 57.94 30.53 19.69
N VAL K 548 57.64 31.05 18.50
CA VAL K 548 58.66 31.27 17.50
C VAL K 548 59.64 32.30 18.08
N GLY K 549 60.91 31.92 18.22
CA GLY K 549 61.90 32.79 18.83
C GLY K 549 62.55 32.23 20.08
N PHE K 550 61.88 31.27 20.73
CA PHE K 550 62.39 30.60 21.93
C PHE K 550 63.80 30.11 21.66
N SER K 551 64.72 30.47 22.54
CA SER K 551 66.14 30.20 22.34
C SER K 551 66.88 29.85 23.63
N ARG K 552 67.69 28.79 23.56
CA ARG K 552 68.59 28.37 24.65
C ARG K 552 69.95 27.97 24.08
N LYS K 553 71.02 28.46 24.70
CA LYS K 553 72.37 28.06 24.31
C LYS K 553 72.83 26.88 25.15
N MET K 554 72.19 25.72 24.92
CA MET K 554 72.55 24.49 25.63
C MET K 554 72.29 23.25 24.76
N LYS K 555 72.55 23.40 23.46
CA LYS K 555 72.54 22.27 22.53
C LYS K 555 73.97 21.91 22.15
N PRO K 556 74.41 20.69 22.52
CA PRO K 556 75.78 20.27 22.18
C PRO K 556 75.99 20.18 20.67
N LYS K 557 77.02 20.86 20.18
CA LYS K 557 77.50 20.68 18.81
C LYS K 557 78.88 20.02 18.85
N PRO K 558 79.12 19.10 17.91
CA PRO K 558 80.41 18.41 17.88
C PRO K 558 81.46 19.22 17.11
N VAL K 559 82.66 19.32 17.67
CA VAL K 559 83.72 20.10 17.05
C VAL K 559 84.95 19.24 16.85
N GLN K 560 85.38 19.10 15.60
CA GLN K 560 86.61 18.39 15.32
C GLN K 560 87.77 19.24 15.79
N VAL K 561 88.61 18.65 16.64
CA VAL K 561 89.81 19.32 17.17
C VAL K 561 90.98 18.34 17.15
N PRO K 562 92.23 18.86 17.19
CA PRO K 562 93.42 18.01 17.20
C PRO K 562 93.33 16.91 18.27
N GLY K 563 93.09 15.67 17.82
CA GLY K 563 92.97 14.51 18.69
C GLY K 563 91.69 13.71 18.51
N GLY K 564 90.57 14.42 18.37
CA GLY K 564 89.27 13.79 18.23
C GLY K 564 88.15 14.82 18.20
N VAL K 565 87.07 14.54 18.94
CA VAL K 565 85.90 15.41 18.94
C VAL K 565 85.57 15.88 20.35
N VAL K 566 85.16 17.14 20.45
CA VAL K 566 84.66 17.70 21.71
C VAL K 566 83.26 18.24 21.50
N LEU K 567 82.38 18.07 22.49
CA LEU K 567 81.06 18.68 22.46
C LEU K 567 81.09 20.10 23.05
N VAL K 568 80.51 21.06 22.32
CA VAL K 568 80.48 22.46 22.73
C VAL K 568 79.04 22.99 22.70
N ASP K 569 78.69 23.85 23.65
CA ASP K 569 77.35 24.44 23.70
C ASP K 569 77.08 25.33 22.49
N ASP K 570 75.87 25.20 21.96
CA ASP K 570 75.44 25.97 20.79
C ASP K 570 74.03 26.53 21.03
N THR K 571 73.72 27.65 20.40
CA THR K 571 72.41 28.25 20.50
C THR K 571 71.40 27.53 19.59
N PHE K 572 70.36 26.99 20.21
CA PHE K 572 69.22 26.42 19.49
C PHE K 572 68.04 27.39 19.53
N THR K 573 67.33 27.52 18.41
CA THR K 573 66.22 28.47 18.32
C THR K 573 65.10 27.90 17.49
N ILE K 574 63.86 28.11 17.94
CA ILE K 574 62.69 27.70 17.15
C ILE K 574 62.46 28.71 16.03
N LYS K 575 62.74 28.28 14.79
CA LYS K 575 62.48 29.12 13.63
C LYS K 575 61.04 28.98 13.17
N UNK L 1 19.87 64.65 -7.79
CA UNK L 1 20.34 65.10 -9.09
C UNK L 1 21.00 63.95 -9.90
N UNK L 2 21.87 63.19 -9.24
CA UNK L 2 22.64 62.11 -9.89
C UNK L 2 22.10 60.69 -9.63
N UNK L 3 20.98 60.60 -8.93
CA UNK L 3 20.31 59.31 -8.69
C UNK L 3 19.29 58.99 -9.81
N UNK L 4 19.29 59.82 -10.85
CA UNK L 4 18.44 59.62 -12.02
C UNK L 4 19.06 58.57 -12.97
N UNK L 5 20.29 58.83 -13.40
CA UNK L 5 21.03 57.90 -14.27
C UNK L 5 21.55 56.67 -13.52
N UNK L 6 21.64 56.78 -12.19
CA UNK L 6 22.14 55.69 -11.34
C UNK L 6 21.14 54.52 -11.22
N UNK L 7 19.87 54.78 -11.51
CA UNK L 7 18.80 53.78 -11.40
C UNK L 7 18.40 53.18 -12.76
N UNK L 8 18.49 53.97 -13.81
CA UNK L 8 18.23 53.51 -15.18
C UNK L 8 19.26 52.46 -15.60
N UNK L 9 20.47 52.55 -15.05
CA UNK L 9 21.54 51.59 -15.29
C UNK L 9 21.25 50.22 -14.68
N UNK L 10 21.01 50.19 -13.36
CA UNK L 10 20.75 48.94 -12.62
C UNK L 10 19.45 48.24 -13.03
N UNK L 11 18.79 48.75 -14.07
CA UNK L 11 17.60 48.12 -14.66
C UNK L 11 17.89 47.65 -16.09
N UNK L 12 18.92 48.22 -16.72
CA UNK L 12 19.32 47.85 -18.08
C UNK L 12 20.22 46.61 -18.06
N UNK L 13 8.82 58.41 -8.51
CA UNK L 13 10.04 57.72 -8.13
C UNK L 13 10.26 56.50 -9.01
N UNK L 14 11.53 56.15 -9.22
CA UNK L 14 11.94 54.99 -10.00
C UNK L 14 12.28 53.78 -9.12
N UNK L 15 11.73 53.78 -7.89
CA UNK L 15 11.92 52.67 -6.96
C UNK L 15 11.17 51.41 -7.39
N UNK L 16 10.25 51.58 -8.35
CA UNK L 16 9.44 50.48 -8.89
C UNK L 16 10.26 49.49 -9.75
N UNK L 17 11.01 50.03 -10.71
CA UNK L 17 11.86 49.18 -11.57
C UNK L 17 13.16 48.73 -10.88
N UNK L 18 13.57 49.44 -9.84
CA UNK L 18 14.76 49.11 -9.06
C UNK L 18 14.49 48.06 -7.97
N UNK L 19 13.24 48.02 -7.48
CA UNK L 19 12.83 47.00 -6.50
C UNK L 19 12.56 45.65 -7.18
N UNK L 20 12.11 45.70 -8.43
CA UNK L 20 11.75 44.51 -9.20
C UNK L 20 12.96 43.64 -9.58
N UNK L 21 14.07 44.28 -9.94
CA UNK L 21 15.32 43.56 -10.22
C UNK L 21 16.02 43.12 -8.94
N UNK L 22 15.96 43.96 -7.90
CA UNK L 22 16.56 43.67 -6.59
C UNK L 22 15.98 42.41 -5.94
N UNK L 23 14.78 42.02 -6.37
CA UNK L 23 14.09 40.83 -5.85
C UNK L 23 14.12 39.67 -6.84
N UNK L 24 13.95 39.96 -8.14
CA UNK L 24 14.00 38.94 -9.19
C UNK L 24 15.36 38.22 -9.22
N UNK L 25 16.44 38.99 -9.09
CA UNK L 25 17.81 38.47 -9.06
C UNK L 25 18.22 37.96 -7.67
N UNK L 26 17.35 38.16 -6.68
CA UNK L 26 17.58 37.62 -5.32
C UNK L 26 16.92 36.25 -5.16
N UNK L 27 16.02 35.91 -6.07
CA UNK L 27 15.28 34.65 -6.02
C UNK L 27 15.66 33.68 -7.14
N UNK L 28 16.18 34.20 -8.25
CA UNK L 28 16.58 33.37 -9.38
C UNK L 28 18.04 32.91 -9.27
N UNK L 29 18.91 33.84 -8.89
CA UNK L 29 20.34 33.57 -8.81
C UNK L 29 20.91 33.84 -7.40
N UNK L 30 20.05 34.34 -6.51
CA UNK L 30 20.39 34.62 -5.09
C UNK L 30 21.53 35.62 -4.87
N UNK L 31 21.20 36.92 -4.89
CA UNK L 31 22.18 38.00 -4.66
C UNK L 31 21.54 39.24 -4.01
N UNK L 32 22.35 40.01 -3.28
CA UNK L 32 21.89 41.18 -2.51
C UNK L 32 21.58 42.43 -3.36
N UNK L 33 21.07 43.47 -2.71
CA UNK L 33 20.52 44.65 -3.41
C UNK L 33 21.14 45.99 -3.01
N UNK L 34 21.59 46.74 -4.02
CA UNK L 34 22.15 48.11 -3.91
C UNK L 34 23.48 48.23 -3.13
N ALA L 35 21.37 44.47 -20.64
CA ALA L 35 22.20 45.56 -21.25
C ALA L 35 23.42 45.92 -20.38
N ASN L 36 23.20 46.05 -19.07
CA ASN L 36 24.26 46.26 -18.08
C ASN L 36 24.65 44.92 -17.45
N MET L 37 25.74 44.34 -17.94
CA MET L 37 26.11 42.97 -17.58
C MET L 37 26.84 42.81 -16.23
N ARG L 38 26.90 43.89 -15.46
CA ARG L 38 27.37 43.84 -14.08
C ARG L 38 26.30 43.20 -13.22
N TYR L 39 25.04 43.35 -13.64
CA TYR L 39 23.88 42.79 -12.94
C TYR L 39 23.08 41.82 -13.80
N GLN L 40 23.74 41.21 -14.78
CA GLN L 40 23.22 40.04 -15.48
C GLN L 40 24.04 38.83 -15.03
N PHE L 41 23.36 37.84 -14.46
CA PHE L 41 24.04 36.73 -13.82
C PHE L 41 23.93 35.42 -14.60
N GLU L 42 24.68 34.40 -14.18
CA GLU L 42 24.59 33.08 -14.79
C GLU L 42 24.82 31.96 -13.78
N LYS L 43 23.85 31.03 -13.74
CA LYS L 43 23.90 29.90 -12.83
C LYS L 43 24.34 28.64 -13.57
N ASN L 44 25.26 27.91 -12.93
CA ASN L 44 25.91 26.75 -13.52
C ASN L 44 25.01 25.53 -13.55
N ALA L 45 25.56 24.40 -14.01
CA ALA L 45 24.94 23.10 -13.80
C ALA L 45 25.21 22.65 -12.37
N TYR L 46 26.26 23.19 -11.76
CA TYR L 46 26.68 22.86 -10.41
C TYR L 46 26.28 23.97 -9.44
N GLY L 47 25.42 24.87 -9.90
CA GLY L 47 24.85 25.92 -9.05
C GLY L 47 25.79 27.06 -8.72
N VAL L 48 26.93 27.13 -9.40
CA VAL L 48 27.86 28.25 -9.26
C VAL L 48 27.31 29.47 -10.00
N VAL L 49 27.31 30.61 -9.33
CA VAL L 49 26.73 31.84 -9.88
C VAL L 49 27.77 32.94 -9.97
N ALA L 50 27.90 33.52 -11.15
CA ALA L 50 28.78 34.66 -11.37
C ALA L 50 28.15 35.65 -12.34
N SER L 51 28.40 36.94 -12.15
CA SER L 51 27.91 37.96 -13.07
C SER L 51 28.53 37.78 -14.46
N LYS L 52 27.80 38.21 -15.49
CA LYS L 52 28.24 38.08 -16.88
C LYS L 52 29.50 38.90 -17.15
N ALA L 53 29.66 40.01 -16.42
CA ALA L 53 30.83 40.88 -16.53
C ALA L 53 32.08 40.21 -15.95
N LYS L 54 31.94 39.53 -14.82
CA LYS L 54 33.05 38.84 -14.19
C LYS L 54 33.53 37.65 -15.02
N ILE L 55 32.58 36.93 -15.62
CA ILE L 55 32.89 35.84 -16.55
C ILE L 55 33.67 36.39 -17.76
N ALA L 56 33.23 37.52 -18.29
CA ALA L 56 33.89 38.15 -19.43
C ALA L 56 35.32 38.59 -19.09
N GLU L 57 35.52 39.04 -17.84
CA GLU L 57 36.84 39.44 -17.36
C GLU L 57 37.79 38.25 -17.35
N ILE L 58 37.33 37.13 -16.80
CA ILE L 58 38.16 35.94 -16.71
C ILE L 58 38.48 35.39 -18.12
N GLU L 59 37.53 35.53 -19.04
CA GLU L 59 37.74 35.17 -20.44
C GLU L 59 38.89 35.97 -21.09
N ARG L 60 38.81 37.30 -20.98
CA ARG L 60 39.83 38.19 -21.52
C ARG L 60 41.19 37.91 -20.91
N ASN L 61 41.22 37.79 -19.59
CA ASN L 61 42.46 37.49 -18.87
C ASN L 61 43.07 36.19 -19.36
N THR L 62 42.22 35.18 -19.59
CA THR L 62 42.69 33.87 -20.06
C THR L 62 43.33 34.01 -21.44
N LYS L 63 42.63 34.65 -22.36
CA LYS L 63 43.16 34.93 -23.68
C LYS L 63 44.51 35.63 -23.60
N GLU L 64 44.67 36.53 -22.61
CA GLU L 64 45.92 37.27 -22.40
C GLU L 64 47.05 36.33 -21.97
N VAL L 65 46.79 35.51 -20.96
CA VAL L 65 47.76 34.50 -20.51
C VAL L 65 48.17 33.62 -21.69
N GLN L 66 47.19 33.23 -22.52
CA GLN L 66 47.45 32.44 -23.71
C GLN L 66 48.43 33.18 -24.62
N ARG L 67 48.14 34.46 -24.86
CA ARG L 67 48.98 35.29 -25.72
C ARG L 67 50.42 35.36 -25.20
N LEU L 68 50.55 35.57 -23.89
CA LEU L 68 51.86 35.66 -23.26
C LEU L 68 52.64 34.37 -23.42
N VAL L 69 51.99 33.25 -23.11
CA VAL L 69 52.63 31.93 -23.17
C VAL L 69 53.07 31.61 -24.60
N ASP L 70 52.26 32.02 -25.57
CA ASP L 70 52.64 31.88 -26.97
C ASP L 70 53.90 32.72 -27.27
N GLU L 71 53.88 34.01 -26.92
CA GLU L 71 55.03 34.89 -27.14
C GLU L 71 56.30 34.27 -26.57
N LYS L 72 56.19 33.70 -25.38
CA LYS L 72 57.33 33.18 -24.64
C LYS L 72 57.87 31.88 -25.24
N ILE L 73 56.98 31.03 -25.73
CA ILE L 73 57.41 29.79 -26.32
C ILE L 73 58.17 30.09 -27.61
N LYS L 74 57.63 31.01 -28.41
CA LYS L 74 58.26 31.45 -29.64
C LYS L 74 59.63 32.07 -29.38
N ALA L 75 59.69 32.98 -28.41
CA ALA L 75 60.95 33.59 -28.01
C ALA L 75 62.05 32.57 -27.69
N MET L 76 61.69 31.46 -27.04
CA MET L 76 62.67 30.45 -26.64
C MET L 76 63.24 29.72 -27.85
N LYS L 77 62.36 29.40 -28.80
CA LYS L 77 62.72 28.75 -30.05
C LYS L 77 63.74 29.56 -30.85
N ASP L 78 63.60 30.88 -30.79
CA ASP L 78 64.38 31.78 -31.62
C ASP L 78 65.75 32.07 -31.06
N LYS L 79 65.83 32.25 -29.75
CA LYS L 79 67.11 32.37 -29.08
C LYS L 79 67.97 31.15 -29.40
N GLU L 80 67.38 29.95 -29.35
CA GLU L 80 68.08 28.73 -29.74
C GLU L 80 68.58 28.86 -31.16
N TYR L 81 67.70 29.32 -32.05
CA TYR L 81 67.99 29.37 -33.48
C TYR L 81 68.92 30.51 -33.87
N TYR L 82 68.49 31.74 -33.61
CA TYR L 82 69.22 32.95 -34.02
C TYR L 82 70.40 33.26 -33.13
N ALA L 83 70.17 33.39 -31.82
CA ALA L 83 71.19 33.83 -30.88
C ALA L 83 71.90 32.68 -30.16
N THR L 104 60.23 22.13 -18.24
CA THR L 104 59.81 23.51 -18.41
C THR L 104 58.27 23.64 -18.34
N GLY L 105 57.76 23.85 -17.11
CA GLY L 105 56.31 23.99 -16.84
C GLY L 105 55.71 25.32 -17.30
N ILE L 106 55.76 25.55 -18.61
CA ILE L 106 55.08 26.68 -19.25
C ILE L 106 53.79 26.17 -19.88
N ASN L 107 52.68 26.39 -19.20
CA ASN L 107 51.40 25.81 -19.61
C ASN L 107 50.39 26.83 -20.15
N ARG L 108 49.95 26.58 -21.37
CA ARG L 108 48.95 27.40 -22.03
C ARG L 108 47.55 27.01 -21.56
N PRO L 109 46.86 27.92 -20.85
CA PRO L 109 45.54 27.59 -20.33
C PRO L 109 44.56 27.28 -21.44
N HIS L 110 43.57 26.44 -21.14
CA HIS L 110 42.44 26.24 -22.05
C HIS L 110 41.52 27.45 -21.94
N ASP L 111 40.75 27.68 -22.99
CA ASP L 111 39.73 28.73 -22.99
C ASP L 111 38.84 28.59 -21.76
N PHE L 112 38.49 29.72 -21.14
CA PHE L 112 37.65 29.70 -19.94
C PHE L 112 36.23 29.28 -20.27
N ASP L 113 35.78 28.22 -19.62
CA ASP L 113 34.46 27.65 -19.85
C ASP L 113 33.74 27.61 -18.50
N PHE L 114 32.89 28.61 -18.25
CA PHE L 114 32.21 28.76 -16.97
C PHE L 114 31.35 27.55 -16.58
N SER L 115 30.81 26.88 -17.60
CA SER L 115 29.99 25.68 -17.42
C SER L 115 30.75 24.55 -16.74
N LYS L 116 32.08 24.61 -16.78
CA LYS L 116 32.94 23.56 -16.24
C LYS L 116 33.42 23.81 -14.81
N VAL L 117 33.05 24.96 -14.24
CA VAL L 117 33.45 25.30 -12.87
C VAL L 117 32.49 24.64 -11.88
N ARG L 118 33.02 23.77 -11.02
CA ARG L 118 32.18 22.91 -10.17
C ARG L 118 32.01 23.40 -8.74
N SER L 119 32.72 24.48 -8.39
CA SER L 119 32.67 25.05 -7.05
C SER L 119 33.13 26.49 -7.06
N TYR L 120 32.82 27.23 -5.99
CA TYR L 120 33.25 28.63 -5.87
C TYR L 120 34.75 28.79 -5.69
N SER L 121 35.36 27.84 -4.98
CA SER L 121 36.81 27.85 -4.77
C SER L 121 37.54 27.71 -6.09
N ARG L 122 36.99 26.91 -6.99
CA ARG L 122 37.52 26.76 -8.34
C ARG L 122 37.43 28.08 -9.10
N LEU L 123 36.25 28.71 -9.05
CA LEU L 123 36.02 29.97 -9.74
C LEU L 123 36.94 31.06 -9.20
N ARG L 124 37.17 31.04 -7.89
CA ARG L 124 38.05 31.99 -7.24
C ARG L 124 39.52 31.75 -7.61
N THR L 125 39.91 30.49 -7.77
CA THR L 125 41.28 30.13 -8.14
C THR L 125 41.59 30.50 -9.58
N LEU L 126 40.62 30.28 -10.48
CA LEU L 126 40.77 30.71 -11.86
C LEU L 126 40.83 32.24 -11.96
N GLU L 127 39.85 32.91 -11.34
CA GLU L 127 39.80 34.38 -11.33
C GLU L 127 41.14 34.98 -10.93
N GLU L 128 41.65 34.58 -9.77
CA GLU L 128 42.88 35.14 -9.23
C GLU L 128 44.12 34.83 -10.05
N SER L 129 44.30 33.57 -10.44
CA SER L 129 45.52 33.15 -11.14
C SER L 129 45.57 33.66 -12.59
N MET L 130 44.44 33.62 -13.29
CA MET L 130 44.39 34.14 -14.65
C MET L 130 44.76 35.61 -14.68
N GLU L 131 44.30 36.35 -13.68
CA GLU L 131 44.72 37.74 -13.52
C GLU L 131 46.21 37.84 -13.22
N MET L 132 46.64 37.14 -12.17
CA MET L 132 48.01 37.16 -11.70
C MET L 132 49.02 36.77 -12.78
N ARG L 133 48.59 35.91 -13.70
CA ARG L 133 49.46 35.42 -14.77
C ARG L 133 49.51 36.33 -15.99
N THR L 134 48.83 37.48 -15.93
CA THR L 134 48.97 38.49 -16.97
C THR L 134 50.13 39.42 -16.64
N ASP L 135 50.64 39.32 -15.41
CA ASP L 135 51.82 40.07 -15.00
C ASP L 135 52.97 39.78 -15.95
N PRO L 136 53.64 40.84 -16.45
CA PRO L 136 54.76 40.62 -17.36
C PRO L 136 55.93 39.89 -16.68
N GLN L 137 56.07 40.07 -15.36
CA GLN L 137 57.20 39.51 -14.62
C GLN L 137 56.85 38.25 -13.85
N TYR L 138 55.88 37.49 -14.35
CA TYR L 138 55.33 36.35 -13.62
C TYR L 138 56.36 35.27 -13.30
N TYR L 139 57.04 34.76 -14.33
CA TYR L 139 58.00 33.67 -14.15
C TYR L 139 59.29 34.12 -13.45
N GLU L 140 59.59 35.41 -13.56
CA GLU L 140 60.72 36.01 -12.86
C GLU L 140 60.42 36.03 -11.37
N LYS L 141 59.19 36.41 -11.00
CA LYS L 141 58.75 36.43 -9.61
C LYS L 141 58.63 35.04 -8.98
N LYS L 142 58.16 34.07 -9.78
CA LYS L 142 58.06 32.68 -9.33
C LYS L 142 59.43 32.08 -8.98
N MET L 143 60.43 32.33 -9.82
CA MET L 143 61.79 31.88 -9.56
C MET L 143 62.30 32.36 -8.20
N ILE L 144 62.12 33.65 -7.92
CA ILE L 144 62.54 34.23 -6.66
C ILE L 144 61.73 33.66 -5.50
N GLN L 145 60.42 33.56 -5.70
CA GLN L 145 59.52 33.05 -4.66
C GLN L 145 59.82 31.59 -4.32
N LEU L 146 60.26 30.81 -5.30
CA LEU L 146 60.59 29.40 -5.10
C LEU L 146 61.74 29.25 -4.11
N GLN L 147 62.81 30.01 -4.33
CA GLN L 147 63.99 29.94 -3.48
C GLN L 147 63.68 30.45 -2.07
N LEU L 148 62.84 31.49 -1.99
CA LEU L 148 62.42 32.01 -0.70
C LEU L 148 61.59 30.98 0.05
N ASN L 149 60.71 30.30 -0.69
CA ASN L 149 59.87 29.27 -0.12
C ASN L 149 60.68 28.09 0.37
N PHE L 150 61.62 27.63 -0.45
CA PHE L 150 62.45 26.48 -0.10
C PHE L 150 63.24 26.73 1.17
N ILE L 151 63.78 27.95 1.30
CA ILE L 151 64.51 28.36 2.49
C ILE L 151 63.64 28.33 3.75
N LYS L 152 62.40 28.82 3.65
CA LYS L 152 61.45 28.75 4.76
C LYS L 152 61.12 27.30 5.11
N SER L 153 61.02 26.45 4.10
CA SER L 153 60.72 25.04 4.30
C SER L 153 61.82 24.34 5.10
N VAL L 154 63.07 24.70 4.79
CA VAL L 154 64.24 24.21 5.52
C VAL L 154 64.22 24.72 6.96
N GLU L 155 64.06 26.04 7.13
CA GLU L 155 63.97 26.66 8.45
C GLU L 155 62.89 26.04 9.31
N GLY L 156 61.75 25.73 8.70
CA GLY L 156 60.63 25.11 9.40
C GLY L 156 60.93 23.72 9.91
N SER L 157 61.43 22.86 9.02
CA SER L 157 61.63 21.46 9.35
C SER L 157 62.85 21.15 10.25
N PHE L 158 63.82 22.06 10.31
CA PHE L 158 65.05 21.83 11.08
C PHE L 158 65.28 22.80 12.25
N ASN L 159 64.59 23.92 12.23
CA ASN L 159 64.83 25.02 13.18
C ASN L 159 66.26 25.55 13.10
N SER L 160 66.70 26.24 14.15
CA SER L 160 67.97 26.96 14.10
C SER L 160 69.04 26.42 15.05
N PHE L 161 70.14 26.00 14.46
CA PHE L 161 71.37 25.67 15.18
C PHE L 161 72.55 25.76 14.21
N ASP L 162 73.77 25.73 14.74
CA ASP L 162 75.00 25.89 13.95
C ASP L 162 74.91 25.38 12.50
N ALA L 163 74.84 24.07 12.33
CA ALA L 163 74.82 23.45 11.00
C ALA L 163 73.62 23.88 10.15
N ALA L 164 72.44 23.92 10.75
CA ALA L 164 71.23 24.35 10.05
C ALA L 164 71.35 25.79 9.56
N ASP L 165 71.88 26.67 10.42
CA ASP L 165 72.06 28.10 10.11
C ASP L 165 73.03 28.31 8.98
N GLU L 166 74.00 27.41 8.85
CA GLU L 166 74.97 27.51 7.78
C GLU L 166 74.37 27.06 6.46
N LEU L 167 73.57 26.00 6.48
CA LEU L 167 72.83 25.55 5.30
C LEU L 167 71.93 26.66 4.77
N ILE L 168 71.21 27.32 5.68
CA ILE L 168 70.33 28.43 5.32
C ILE L 168 71.08 29.60 4.69
N GLU L 169 72.21 29.98 5.29
CA GLU L 169 73.02 31.06 4.72
C GLU L 169 73.70 30.63 3.43
N GLU L 170 73.97 29.33 3.31
CA GLU L 170 74.58 28.77 2.10
C GLU L 170 73.61 28.75 0.93
N LEU L 171 72.35 28.44 1.20
CA LEU L 171 71.31 28.42 0.17
C LEU L 171 71.00 29.83 -0.34
N LYS L 172 71.06 30.82 0.55
CA LYS L 172 70.81 32.21 0.20
C LYS L 172 71.80 32.75 -0.82
N LYS L 173 73.02 32.21 -0.80
CA LYS L 173 74.10 32.74 -1.64
C LYS L 173 74.10 32.22 -3.07
N ILE L 174 73.16 31.34 -3.40
CA ILE L 174 72.99 30.87 -4.78
C ILE L 174 72.07 31.83 -5.54
N PRO L 175 72.52 32.32 -6.72
CA PRO L 175 71.68 33.19 -7.58
C PRO L 175 70.34 32.52 -7.94
N PRO L 176 69.21 33.25 -7.74
CA PRO L 176 67.85 32.70 -7.78
C PRO L 176 67.47 31.90 -9.03
N ASP L 177 68.03 32.26 -10.18
CA ASP L 177 67.78 31.51 -11.41
C ASP L 177 68.65 30.26 -11.50
N ASP L 178 69.87 30.36 -11.00
CA ASP L 178 70.80 29.23 -10.96
C ASP L 178 70.35 28.19 -9.92
N PHE L 179 69.63 28.67 -8.90
CA PHE L 179 69.04 27.80 -7.87
C PHE L 179 68.02 26.87 -8.49
N TYR L 180 67.25 27.38 -9.44
CA TYR L 180 66.13 26.64 -10.01
C TYR L 180 66.51 25.25 -10.56
N GLU L 181 67.60 25.18 -11.32
CA GLU L 181 68.04 23.89 -11.87
C GLU L 181 68.58 22.99 -10.75
N LEU L 182 69.30 23.58 -9.82
CA LEU L 182 69.86 22.89 -8.67
C LEU L 182 68.76 22.32 -7.75
N PHE L 183 67.58 22.93 -7.80
CA PHE L 183 66.44 22.53 -6.97
C PHE L 183 65.82 21.19 -7.41
N LEU L 184 65.93 20.88 -8.71
CA LEU L 184 65.42 19.61 -9.24
C LEU L 184 66.04 18.37 -8.58
N ARG L 185 67.27 18.51 -8.08
CA ARG L 185 67.94 17.46 -7.34
C ARG L 185 67.45 17.41 -5.89
N ILE L 186 67.75 18.47 -5.14
CA ILE L 186 67.59 18.55 -3.67
C ILE L 186 66.17 18.34 -3.13
N SER L 187 65.18 18.76 -3.93
CA SER L 187 63.79 18.50 -3.62
C SER L 187 63.56 16.99 -3.60
N GLU L 188 63.85 16.35 -4.73
CA GLU L 188 63.55 14.93 -4.97
C GLU L 188 64.50 13.95 -4.26
N ILE L 189 64.98 14.32 -3.07
CA ILE L 189 65.80 13.43 -2.24
C ILE L 189 65.35 13.32 -0.78
N SER L 190 65.25 14.46 -0.08
CA SER L 190 64.93 14.46 1.36
C SER L 190 63.44 14.52 1.64
N GLY L 198 60.87 7.81 14.26
CA GLY L 198 61.64 8.69 15.12
C GLY L 198 62.26 9.85 14.36
N ASN L 199 61.79 11.07 14.66
CA ASN L 199 62.44 12.27 14.16
C ASN L 199 63.41 12.83 15.21
N THR L 200 64.47 12.07 15.46
CA THR L 200 65.46 12.35 16.52
C THR L 200 66.22 13.65 16.28
N VAL L 201 67.08 14.01 17.24
CA VAL L 201 67.96 15.16 17.11
C VAL L 201 69.09 14.81 16.14
N GLU L 202 69.60 13.58 16.24
CA GLU L 202 70.63 13.07 15.32
C GLU L 202 70.06 12.88 13.92
N ASN L 203 68.79 12.52 13.85
CA ASN L 203 68.06 12.33 12.60
C ASN L 203 67.82 13.64 11.84
N VAL L 204 67.62 14.72 12.59
CA VAL L 204 67.48 16.06 12.01
C VAL L 204 68.84 16.57 11.53
N GLU L 205 69.85 16.50 12.41
CA GLU L 205 71.23 16.84 12.04
C GLU L 205 71.65 16.13 10.76
N GLY L 206 71.32 14.85 10.66
CA GLY L 206 71.65 14.03 9.50
C GLY L 206 71.08 14.56 8.21
N ASN L 207 69.84 15.01 8.26
CA ASN L 207 69.18 15.63 7.11
C ASN L 207 69.85 16.94 6.67
N VAL L 208 70.31 17.72 7.64
CA VAL L 208 70.97 18.98 7.33
C VAL L 208 72.30 18.70 6.63
N TYR L 209 73.06 17.74 7.14
CA TYR L 209 74.31 17.32 6.52
C TYR L 209 74.11 16.77 5.11
N LYS L 210 72.98 16.10 4.90
CA LYS L 210 72.61 15.52 3.62
C LYS L 210 72.41 16.58 2.54
N ILE L 211 71.60 17.61 2.82
CA ILE L 211 71.37 18.69 1.86
C ILE L 211 72.69 19.43 1.58
N LEU L 212 73.45 19.68 2.64
CA LEU L 212 74.77 20.31 2.53
C LEU L 212 75.70 19.56 1.58
N SER L 213 75.61 18.23 1.59
CA SER L 213 76.45 17.40 0.75
C SER L 213 76.11 17.57 -0.73
N TYR L 214 74.85 17.93 -1.01
CA TYR L 214 74.43 18.21 -2.37
C TYR L 214 74.91 19.57 -2.85
N LEU L 215 74.91 20.55 -1.94
CA LEU L 215 75.45 21.87 -2.22
C LEU L 215 76.95 21.83 -2.43
N GLU L 216 77.64 20.98 -1.67
CA GLU L 216 79.07 20.75 -1.86
C GLU L 216 79.32 20.11 -3.21
N GLN L 217 78.46 19.14 -3.56
CA GLN L 217 78.55 18.44 -4.83
C GLN L 217 78.26 19.37 -5.99
N TYR L 218 77.48 20.42 -5.73
CA TYR L 218 77.13 21.42 -6.72
C TYR L 218 78.29 22.38 -7.01
N ARG L 219 79.02 22.76 -5.97
CA ARG L 219 80.08 23.76 -6.10
C ARG L 219 81.36 23.24 -6.75
N ARG L 220 81.53 21.93 -6.77
CA ARG L 220 82.61 21.30 -7.53
C ARG L 220 82.13 20.95 -8.95
N GLY L 221 80.96 21.48 -9.32
CA GLY L 221 80.46 21.44 -10.69
C GLY L 221 80.08 20.07 -11.24
N ASP L 222 79.43 19.26 -10.41
CA ASP L 222 78.96 17.93 -10.84
C ASP L 222 77.63 18.03 -11.58
N PHE L 223 77.01 19.21 -11.57
CA PHE L 223 75.72 19.41 -12.22
C PHE L 223 75.76 20.49 -13.30
PB PB M . 11.51 -2.57 13.83
PB PB N . 13.09 0.14 15.90
PB PB O . -40.26 -0.31 29.41
PB PB P . 86.22 20.50 -71.83
PB PB Q . 85.76 17.35 -73.95
PB PB R . 51.20 1.05 -34.43
PB PB S . -78.70 -4.84 -31.00
PB PB T . -81.81 -4.78 -28.37
PB PB U . -49.05 -5.65 15.95
PB PB V . 26.42 -54.54 -36.06
PB PB W . 27.20 -56.04 -32.64
PB PB X . 43.94 -5.84 -20.79
PB PB Y . -66.97 48.16 60.51
PB PB Z . -70.06 49.37 57.89
PB PB AA . 81.04 5.26 30.43
PB PB BA . 77.34 3.98 31.73
#